data_5OEJ
#
_entry.id   5OEJ
#
_entity_poly.entity_id   1
_entity_poly.type   'polypeptide(L)'
_entity_poly.pdbx_seq_one_letter_code
;MLHVVQLDDFATRLKAAEDYQSKHSVLSEICDSLETFNAAQDYEYFLKSLIPLFIDVLKEVPVSFVANSPENKLRNITLE
ILHRIPANDALQAYSNEIVDTLMDLLKVENELNGILCMKAITTLHKTFKASLQEKVHPFIDIVIEIYSNIPQVVEEQFNG
NQIDSKENVDSTSRPNSPSFSSQSDDSKQLAQAMFSFKTLAESPITMVSLYSSYKELAASSLGNFIPHVMKVLSLEVAKQ
AEARKAAEEKGIILVNVCKEITNRANYGEFIIGQVKAASFLAYLFIRRQAQTFLEPYQQAIPDIIIRLLQDCPSELSAAR
KELLHATRHILSTDFRKMFIPKIDLLFDLRVLIGEGFTAYETLRPLAYSTVADFIHNVRDHLTPAQLWKSVSIYCKNLQD
DSLALTVQIMSAKLLLNLIEKIMRSESKTESRQLLMVIIDAYTKRFKMLNSRYNGIMKQHATYEKEKQEKQNQERLLTNK
LDGTTPSPSDDKKVELIDEDQDVKMEDPTPEISDQETIKGDNDASTEPQDSEQQLADFMSLQEYLPIQVSVPPEIDLLKD
SRYLFKTLMTFLKTIMIGLKNSNPPSSQNHFNAQNWNETARGFSNEDINILKSLFRECILALRFFSTSKTSLPASSMKQS
FDITGPNLPITSTKEEKDLMEIFATMFIHIDPASFNEIVREELPFMYKQMLDFASLLHIPQFFLASVITSSSFSGILITF
LKSKLVDLGEVNIIKSNILIRLFKLCFMSVSLFPAANESVILPHLNELILKSLKLSTTAKEPLVYFYLIRTLFRSIGGGR
FENLYKEIMPLLQVLLESLSKLIHEARRPQERDIYVELCLTVPVRLSVLVPHLSYLMKPLVYALNGSQESVSQGLRTLEL
CVDNLTAEYFDPIIEPVIDDVMEALSKHLKPLPYYHQHSHTTLRILGKLGGRNRTFIKPVDNLKTDSELFQNVEAMFKIH
GLPNEVPLSITPGLSAAFSLLTDPRPRIHYRINSFKYISGIFQLFLGATQLPDDYANRLKESMDIILEDTIAPDEPLNKL
HHFPVKDIAKYDSQMELLVKLLESIFYAVSLQEVREESKALIRGTCNHFILLYFNKMVIDKRKFVRKFSVDNHEGNLFLN
ENCIFDAIIYALSSDNSAVRSMGLESVQLIYDSCVELFGNIDCALKFAPLNVMCSKFIHCCFEEPYHKKLAGCIGLEMML
NSLDIPMKYFNARQLEIIRALFYVLRDTAPELPCEVTNTAKRLILNSLKEWNKELTRNDVFSSVFQNLVSSLIVDLPNAN
EIVRATAQEALRTLSETTQVPIATMISPCKHILLAPIFGKPLRALPFQMQIGNIDAITFCMGLENSFLEYNEELNRLVQE
ALALVDAEDESLVSAHRISEHKTSEQLVRLRVVCIQLLSLAITKPEFAAAQQRSNIRVKILVVFFKSLCGRSIEIIRAAH
GGLKAVIDLKMKLPKELLQNGLRPMLMNLSDHKKLTVASLEALSGLLKLFISYFKVGIGSKLLDHLLAWAQPRTLQQLGS
QDLENNSTVQIIVAILDVFHLLPPTAHKFMNDLMNALLYLENNLHRCQYSPFREPLAKFLDRFPDESFEYFFNEFSKREI
TTRFVYFVGLDSCSSLRAKVLESLPRVRGLLHQEGSAEEKCVRFSNLVDLCESLAASDKEWIKDKEELLGELLDAGSVCL
TLKRSSNVVSPLYFQVDQGFETLQLLYIEYFKSQPLGHEKVFNFIDKISKEGLPFVLEFDDFIFNEVVKCQDIPTVQQTL
DTIIRMTPQVSSLDARVYLYKRIFLPICIYESEMHGDLSRLSQTENNELPAWLKSFDSDVWKATGPLVDDYTSTLEDRYR
LELMQLTALLIKGAPTALTDMRKDIIKFSWNYIKLDDNTSKQAAYVVTAYFISRFDTPSELTTRIFVALLRCHQIDTRYL
VKQALELLAPVLSERTNSELDWLKWPRRVLSEDGFNITQVANIYQLIVKFPDLFYPARDHFIPNIITAMGKLTVMSNTSL
ENQQLAIDLAELILKWETKLPKSEKLGSAEETEKEKSVSEDKMDIDVKEETKEDIAERPKAEDQIGGDDSDSSNILTSED
YEVSFAQREACVTFLIRYICISTQRPSENELGKRALNILYELLGPKYWSEVTVKLQFFERFLMSSDLNQPSLLGYCLNAL
EVLAVALKWKPTTWIIENVSYLQKLLEKCLRSDNQDIQEILQKVLGIILEAINKETQGSEEDEPEEVTNFISLIVNIIGE
DLSNMTSVAAGVSLCWTLSLYRPNALDSLLPSIMRTFNKLCRDHIAISLQGNQPQSGDFANIEFEAKVTTNLLEKILNLC
AARISSLDDQRRVFLSLLAQLIDRSVDKDMLLKVINIVTEWIFKTDFYPTTKEKAGILGKMMIFDLRGEPELSKKFNQVI
VDIFESKELAHTELTARMETAFLFGTRLSDVSIRKKLMSILSDSLELDIDKRLFYIIKDQNWEYLSDYPWLNQALQLLYG
SFHLDSPIRLSPEENTLSPLQSITEGLAREKSPVEKAPQNIIDFVAKHNEFLDSVRSLTAGDILNPLIDISYQSAETIHN
AWVVVFPVAYSAIESRYELEFTRALVKLLFKDYHIRQQDARPNVIKSLLDGVGKCPGLHLPPHLVKYLGSNYNAWYGAIK
LLEELSEGQGIDNQKISDANQDALLEVYMSLQEDDMFYGTWRRRAKYFETNAALSYEQIGIWDKALQLYEAAQIKARSGV
FPFGESEYSLWEDHWIYCAEKLQHWEILTELAKHEGFTDLLLECGWRGADWIADREPLEQSVKTVMDIPTPRRQIFQTFL
ALQGFSQQKDTLQDVSRLCDEGIQLTLRKWNALPQRVTRAHIGLLHTFQQYVELMEASQVYSSLVTTNAQNLDVKSQELK
RVLQAWRERLPNVWDDINIWNDLVTWRQHVFGVINRVYMPFVPVLQQSNGTNNGNSYAYRGYHEMAWVINRFAHVARKHE
MPEVCINQLTKIYTLPNIEIQEAFLKLREQAKCHYQNSSELNTGLDVISNTNLVYFATQQKAEFFTLKGMFLAKLNAKDE
ANQAFATAVQIDLNLPKAWAEWGFFNDRRFKENPEEIFHAKNAISCYLQAAGLYKDGKTRKLLCRILWLISLDDAAGSLA
KTFEDHHGESPVWYWITFVPQLLTSLSHKEAKIVRHILIQIAKSYPQSLHFQLRTTKEDYQAIQRQAMAVNRAEEQSSNK
QDTADSVLKNTNTPQPQTRTETSGTTAESDKKPSIPPKEEQGSPQPSRPATTQASPQAQSQENGESSQKHPPEIPTTDSR
QPWQDVEEIMGILKTAYPLLALSLESLVDQLNQRFKCNADEDAYRLVIVLYNDGVQQMNRVANPREEVKLPAATEASISR
FADSVLPKNIREVFEQDIIACNPNLETYISKLRKWRDCLEEKLDRSYGKADLERVSLHLSLFHHQKFEDIEIPGQYLLHK
DNNNHFIKIERFLPTLDLVRGSNGCYKRMTIRGNDGSLHPFAVQFPAARHCRREERIFQLFRIFDDALSRKVQSRRRNIS
LTLPIAVPLSPHIRILNDDKRYTTLMGIYEEFCRRKGQSRDEPFAYTIQKLRAAFDPRLPKPDIVSVRAEVLASIQSTLV
PSTLLKDYYTEKFSNYENYWLFRKQFTAQYASFIFMTYIMCINSRQPQKIHINEGSGNIWTSEMLPTKVATGKTHSTAYN
NSTLDPAVKAGAPIFYNTESVPFRLTPNIQKFIGEAGLEGILSVYILVIANSLSDSEFDMEQYLSLFVRDEVISWFAQQH
RASAQTNQLREIVRVNVELLTKRVLQLNHIPNSQNVATQFVLNLISQAVNPRNLAYTDSAWMAYL
;
_entity_poly.pdbx_strand_id   B
#
# COMPACT_ATOMS: atom_id res chain seq x y z
N HIS A 3 50.61 39.61 -69.63
CA HIS A 3 49.29 40.15 -69.96
C HIS A 3 48.68 39.38 -71.13
N VAL A 4 49.15 39.70 -72.35
CA VAL A 4 48.65 39.04 -73.55
C VAL A 4 49.35 37.72 -73.85
N VAL A 5 50.43 37.40 -73.12
CA VAL A 5 51.13 36.15 -73.37
C VAL A 5 50.36 34.96 -72.78
N GLN A 6 49.61 35.18 -71.71
CA GLN A 6 48.86 34.08 -71.09
C GLN A 6 47.62 33.74 -71.92
N LEU A 7 46.86 34.76 -72.34
CA LEU A 7 45.66 34.52 -73.14
C LEU A 7 46.01 34.17 -74.58
N ASP A 8 47.04 34.81 -75.13
CA ASP A 8 47.44 34.52 -76.51
C ASP A 8 48.17 33.20 -76.62
N ASP A 9 49.08 32.91 -75.69
CA ASP A 9 49.81 31.65 -75.73
C ASP A 9 48.95 30.48 -75.27
N PHE A 10 48.10 30.69 -74.26
CA PHE A 10 47.25 29.62 -73.77
C PHE A 10 46.07 29.38 -74.71
N ALA A 11 45.47 30.44 -75.25
CA ALA A 11 44.35 30.28 -76.16
C ALA A 11 44.81 29.84 -77.55
N THR A 12 45.93 30.38 -78.03
CA THR A 12 46.43 30.01 -79.34
C THR A 12 47.11 28.64 -79.32
N ARG A 13 47.79 28.32 -78.22
CA ARG A 13 48.46 27.03 -78.12
C ARG A 13 47.52 25.92 -77.68
N LEU A 14 46.45 26.25 -76.95
CA LEU A 14 45.50 25.27 -76.49
C LEU A 14 44.29 25.12 -77.40
N LYS A 15 44.01 26.11 -78.26
CA LYS A 15 42.88 26.04 -79.15
C LYS A 15 43.12 25.13 -80.35
N ALA A 16 44.39 24.88 -80.69
CA ALA A 16 44.71 24.01 -81.82
C ALA A 16 45.12 22.62 -81.35
N GLN A 21 57.52 17.29 -81.93
CA GLN A 21 56.55 17.39 -83.01
C GLN A 21 56.33 18.85 -83.41
N SER A 22 55.22 19.10 -84.10
CA SER A 22 54.91 20.46 -84.54
C SER A 22 54.31 21.30 -83.41
N LYS A 23 53.64 20.66 -82.45
CA LYS A 23 53.04 21.40 -81.35
C LYS A 23 54.10 21.85 -80.35
N HIS A 24 55.11 21.00 -80.11
CA HIS A 24 56.17 21.35 -79.17
C HIS A 24 57.13 22.38 -79.76
N SER A 25 57.46 22.26 -81.04
CA SER A 25 58.36 23.21 -81.67
C SER A 25 57.66 24.52 -82.01
N VAL A 26 56.39 24.45 -82.39
CA VAL A 26 55.65 25.66 -82.74
C VAL A 26 55.22 26.40 -81.47
N LEU A 27 54.76 25.66 -80.46
CA LEU A 27 54.33 26.29 -79.22
C LEU A 27 55.51 26.74 -78.37
N SER A 28 56.57 25.91 -78.30
CA SER A 28 57.74 26.28 -77.52
C SER A 28 58.58 27.33 -78.24
N GLU A 29 58.65 27.26 -79.56
CA GLU A 29 59.42 28.23 -80.32
C GLU A 29 58.69 29.56 -80.46
N ILE A 30 57.36 29.50 -80.65
CA ILE A 30 56.58 30.73 -80.78
C ILE A 30 56.37 31.39 -79.42
N CYS A 31 56.13 30.59 -78.38
CA CYS A 31 55.92 31.14 -77.05
C CYS A 31 57.23 31.59 -76.42
N ASP A 32 58.31 30.81 -76.60
CA ASP A 32 59.59 31.17 -76.03
C ASP A 32 60.26 32.29 -76.82
N SER A 33 60.10 32.29 -78.15
CA SER A 33 60.70 33.32 -78.98
C SER A 33 59.87 34.60 -78.99
N LEU A 34 58.56 34.50 -78.77
CA LEU A 34 57.69 35.67 -78.76
C LEU A 34 57.46 36.24 -77.37
N GLU A 35 57.70 35.45 -76.32
CA GLU A 35 57.50 35.90 -74.95
C GLU A 35 58.79 36.43 -74.31
N THR A 36 59.84 36.61 -75.09
CA THR A 36 61.11 37.11 -74.57
C THR A 36 61.13 38.63 -74.57
N GLU A 44 62.08 29.14 -65.14
CA GLU A 44 60.67 29.28 -64.79
C GLU A 44 59.78 28.91 -65.96
N TYR A 45 60.36 28.86 -67.16
CA TYR A 45 59.63 28.51 -68.37
C TYR A 45 59.60 27.02 -68.64
N PHE A 46 60.31 26.21 -67.85
CA PHE A 46 60.32 24.77 -68.08
C PHE A 46 59.02 24.12 -67.60
N LEU A 47 58.49 24.58 -66.46
CA LEU A 47 57.25 24.00 -65.94
C LEU A 47 56.04 24.50 -66.72
N LYS A 48 56.02 25.78 -67.07
CA LYS A 48 54.89 26.33 -67.83
C LYS A 48 54.94 25.92 -69.29
N SER A 49 56.14 25.83 -69.87
CA SER A 49 56.28 25.43 -71.27
C SER A 49 56.25 23.92 -71.46
N LEU A 50 56.57 23.14 -70.42
CA LEU A 50 56.57 21.70 -70.52
C LEU A 50 55.32 21.05 -69.94
N ILE A 51 54.59 21.76 -69.07
CA ILE A 51 53.37 21.22 -68.47
C ILE A 51 52.23 21.34 -69.47
N PRO A 52 52.29 22.28 -70.41
CA PRO A 52 51.20 22.41 -71.39
C PRO A 52 51.28 21.35 -72.48
N LEU A 53 52.48 20.84 -72.73
CA LEU A 53 52.67 19.81 -73.76
C LEU A 53 52.19 18.44 -73.30
N PHE A 54 52.12 18.19 -72.00
CA PHE A 54 51.67 16.91 -71.47
C PHE A 54 50.36 16.97 -70.72
N ILE A 55 49.92 18.17 -70.32
CA ILE A 55 48.66 18.28 -69.59
C ILE A 55 47.45 18.21 -70.50
N ASP A 56 47.62 18.48 -71.79
CA ASP A 56 46.51 18.42 -72.75
C ASP A 56 46.45 17.07 -73.45
N PRO A 70 58.55 11.19 -83.38
CA PRO A 70 59.60 12.13 -83.80
C PRO A 70 59.65 13.37 -82.94
N GLU A 71 59.23 13.25 -81.67
CA GLU A 71 59.23 14.38 -80.75
C GLU A 71 60.50 14.45 -79.91
N ASN A 72 61.04 13.29 -79.52
CA ASN A 72 62.26 13.29 -78.72
C ASN A 72 63.49 13.61 -79.55
N LYS A 73 63.47 13.29 -80.84
CA LYS A 73 64.61 13.58 -81.71
C LYS A 73 64.68 15.05 -82.06
N LEU A 74 63.54 15.65 -82.45
CA LEU A 74 63.53 17.06 -82.79
C LEU A 74 63.59 17.94 -81.55
N ARG A 75 62.94 17.52 -80.47
CA ARG A 75 62.95 18.31 -79.23
C ARG A 75 64.29 18.19 -78.51
N ASN A 76 64.87 16.99 -78.48
CA ASN A 76 66.16 16.80 -77.82
C ASN A 76 67.31 17.33 -78.66
N ILE A 77 67.23 17.17 -79.99
CA ILE A 77 68.28 17.65 -80.86
C ILE A 77 68.21 19.16 -81.02
N THR A 78 67.00 19.71 -81.14
CA THR A 78 66.84 21.15 -81.30
C THR A 78 67.06 21.88 -79.97
N LEU A 79 66.54 21.33 -78.88
CA LEU A 79 66.71 21.96 -77.58
C LEU A 79 68.11 21.76 -77.02
N GLU A 80 68.75 20.62 -77.31
CA GLU A 80 70.10 20.37 -76.81
C GLU A 80 71.16 20.96 -77.72
N ILE A 81 70.85 21.14 -79.01
CA ILE A 81 71.81 21.70 -79.95
C ILE A 81 71.62 23.20 -80.16
N LEU A 82 70.46 23.74 -79.81
CA LEU A 82 70.18 25.17 -79.98
C LEU A 82 70.22 25.91 -78.65
N HIS A 83 70.95 25.39 -77.68
CA HIS A 83 71.06 26.02 -76.37
C HIS A 83 72.14 27.10 -76.36
N SER A 95 69.65 25.78 -69.11
CA SER A 95 69.21 25.04 -70.28
C SER A 95 69.87 23.67 -70.34
N ASN A 96 70.11 23.07 -69.17
CA ASN A 96 70.74 21.76 -69.11
C ASN A 96 69.88 20.80 -68.31
N GLU A 97 69.99 20.85 -66.97
CA GLU A 97 69.21 19.95 -66.13
C GLU A 97 67.71 20.18 -66.30
N ILE A 98 67.31 21.42 -66.57
CA ILE A 98 65.89 21.70 -66.80
C ILE A 98 65.40 20.97 -68.04
N VAL A 99 66.30 20.69 -68.99
CA VAL A 99 65.92 19.92 -70.17
C VAL A 99 65.48 18.51 -69.78
N ASP A 100 66.02 18.00 -68.66
CA ASP A 100 65.57 16.70 -68.17
C ASP A 100 64.09 16.71 -67.81
N THR A 101 63.56 17.88 -67.43
CA THR A 101 62.13 17.98 -67.17
C THR A 101 61.31 17.65 -68.41
N LEU A 102 61.87 17.89 -69.59
CA LEU A 102 61.18 17.52 -70.83
C LEU A 102 60.95 16.02 -70.90
N MET A 103 61.81 15.23 -70.26
CA MET A 103 61.60 13.78 -70.20
C MET A 103 60.32 13.42 -69.47
N ASP A 104 59.83 14.31 -68.60
CA ASP A 104 58.56 14.10 -67.92
C ASP A 104 57.36 14.57 -68.72
N LEU A 105 57.59 15.10 -69.92
CA LEU A 105 56.50 15.59 -70.76
C LEU A 105 56.21 14.60 -71.90
N LEU A 106 56.96 14.72 -72.98
CA LEU A 106 56.77 13.83 -74.13
C LEU A 106 57.43 12.48 -73.88
N GLY A 114 60.72 4.19 -80.97
CA GLY A 114 61.71 4.14 -82.02
C GLY A 114 62.61 5.36 -82.06
N ILE A 115 62.10 6.49 -81.59
CA ILE A 115 62.83 7.74 -81.57
C ILE A 115 62.96 8.32 -80.17
N LEU A 116 62.43 7.64 -79.15
CA LEU A 116 62.50 8.13 -77.78
C LEU A 116 63.81 7.78 -77.09
N CYS A 117 64.59 6.85 -77.64
CA CYS A 117 65.85 6.46 -77.02
C CYS A 117 66.81 7.63 -76.93
N MET A 118 66.77 8.53 -77.91
CA MET A 118 67.62 9.73 -77.86
C MET A 118 67.30 10.57 -76.64
N LYS A 119 66.05 10.52 -76.16
CA LYS A 119 65.69 11.25 -74.94
C LYS A 119 66.50 10.75 -73.75
N ALA A 120 66.91 9.49 -73.76
CA ALA A 120 67.76 8.97 -72.70
C ALA A 120 69.09 9.71 -72.63
N ILE A 121 69.55 10.26 -73.77
CA ILE A 121 70.76 11.07 -73.77
C ILE A 121 70.59 12.29 -72.89
N THR A 122 69.36 12.79 -72.76
CA THR A 122 69.10 13.92 -71.86
C THR A 122 69.40 13.56 -70.41
N THR A 123 69.38 12.28 -70.06
CA THR A 123 69.74 11.84 -68.72
C THR A 123 71.23 11.61 -68.55
N LEU A 124 72.03 11.85 -69.59
CA LEU A 124 73.47 11.67 -69.53
C LEU A 124 74.21 12.99 -69.29
N HIS A 125 73.93 14.02 -70.08
CA HIS A 125 74.58 15.31 -69.92
C HIS A 125 73.96 16.10 -68.78
N GLU A 134 73.91 0.97 -69.08
CA GLU A 134 73.08 -0.22 -69.07
C GLU A 134 71.91 -0.06 -68.09
N LYS A 135 71.86 1.09 -67.42
CA LYS A 135 70.80 1.38 -66.46
C LYS A 135 70.23 2.79 -66.59
N VAL A 136 70.70 3.58 -67.56
CA VAL A 136 70.20 4.94 -67.75
C VAL A 136 70.01 5.19 -69.23
N HIS A 137 70.03 4.13 -70.04
CA HIS A 137 69.85 4.24 -71.47
C HIS A 137 69.16 3.00 -72.02
N PRO A 138 69.14 1.90 -71.26
CA PRO A 138 68.47 0.68 -71.77
C PRO A 138 66.98 0.67 -71.55
N PHE A 139 66.44 1.53 -70.67
CA PHE A 139 65.01 1.55 -70.43
C PHE A 139 64.26 2.26 -71.57
N ILE A 140 64.83 3.35 -72.08
CA ILE A 140 64.17 4.07 -73.17
C ILE A 140 64.34 3.35 -74.49
N ASP A 141 65.50 2.72 -74.71
CA ASP A 141 65.75 2.00 -75.95
C ASP A 141 65.04 0.64 -75.95
N ILE A 142 65.06 -0.07 -74.83
CA ILE A 142 64.40 -1.37 -74.77
C ILE A 142 62.89 -1.21 -74.63
N VAL A 143 62.43 -0.18 -73.93
CA VAL A 143 61.00 0.05 -73.77
C VAL A 143 60.39 0.82 -74.92
N ILE A 144 61.18 1.54 -75.70
CA ILE A 144 60.68 2.31 -76.84
C ILE A 144 61.04 1.70 -78.17
N GLU A 145 61.87 0.66 -78.21
CA GLU A 145 62.24 0.03 -79.46
C GLU A 145 61.15 -0.88 -80.02
N ILE A 146 60.23 -1.34 -79.17
CA ILE A 146 59.15 -2.21 -79.61
C ILE A 146 57.81 -1.55 -79.32
N TYR A 147 57.81 -0.21 -79.33
CA TYR A 147 56.59 0.55 -79.07
C TYR A 147 55.70 0.58 -80.32
N LYS A 188 47.07 -8.81 -82.55
CA LYS A 188 48.36 -8.16 -82.74
C LYS A 188 49.49 -9.08 -82.31
N GLN A 189 50.22 -9.62 -83.28
CA GLN A 189 51.34 -10.52 -83.00
C GLN A 189 52.61 -9.76 -82.66
N LEU A 190 52.69 -8.47 -82.96
CA LEU A 190 53.89 -7.69 -82.64
C LEU A 190 54.00 -7.41 -81.15
N ALA A 191 52.87 -7.21 -80.47
CA ALA A 191 52.91 -6.94 -79.04
C ALA A 191 53.20 -8.19 -78.23
N GLN A 192 52.58 -9.32 -78.60
CA GLN A 192 52.81 -10.57 -77.87
C GLN A 192 54.16 -11.17 -78.23
N ALA A 193 54.57 -11.08 -79.49
CA ALA A 193 55.86 -11.63 -79.91
C ALA A 193 57.02 -10.75 -79.46
N MET A 194 56.87 -9.43 -79.59
CA MET A 194 57.94 -8.52 -79.18
C MET A 194 58.01 -8.40 -77.66
N PHE A 195 56.85 -8.39 -76.99
CA PHE A 195 56.84 -8.30 -75.54
C PHE A 195 57.23 -9.62 -74.88
N SER A 196 56.79 -10.73 -75.45
CA SER A 196 57.14 -12.04 -74.88
C SER A 196 58.57 -12.42 -75.19
N PHE A 197 59.03 -12.14 -76.41
CA PHE A 197 60.41 -12.48 -76.78
C PHE A 197 61.41 -11.51 -76.17
N LYS A 198 61.08 -10.21 -76.16
CA LYS A 198 61.99 -9.23 -75.58
C LYS A 198 61.97 -9.28 -74.05
N THR A 199 60.80 -9.53 -73.46
CA THR A 199 60.70 -9.59 -72.01
C THR A 199 61.14 -10.94 -71.46
N LEU A 200 61.03 -12.01 -72.25
CA LEU A 200 61.44 -13.34 -71.81
C LEU A 200 62.86 -13.69 -72.21
N ALA A 201 63.43 -12.98 -73.18
CA ALA A 201 64.80 -13.25 -73.63
C ALA A 201 65.84 -12.46 -72.85
N GLU A 202 65.42 -11.65 -71.88
CA GLU A 202 66.36 -10.86 -71.09
C GLU A 202 66.41 -11.36 -69.65
N SER A 220 53.44 -2.47 -70.42
CA SER A 220 52.70 -1.33 -69.91
C SER A 220 52.09 -0.52 -71.04
N SER A 221 52.47 -0.85 -72.29
CA SER A 221 51.95 -0.14 -73.45
C SER A 221 50.54 -0.59 -73.81
N LEU A 222 50.20 -1.86 -73.54
CA LEU A 222 48.88 -2.35 -73.86
C LEU A 222 47.83 -1.84 -72.87
N GLY A 223 48.19 -1.72 -71.60
CA GLY A 223 47.24 -1.24 -70.61
C GLY A 223 47.00 0.25 -70.70
N ASN A 224 48.05 1.01 -71.03
CA ASN A 224 47.94 2.45 -71.14
C ASN A 224 47.52 2.91 -72.53
N PHE A 225 47.68 2.06 -73.55
CA PHE A 225 47.31 2.41 -74.91
C PHE A 225 45.99 1.77 -75.36
N ILE A 226 45.56 0.71 -74.69
CA ILE A 226 44.31 0.03 -75.04
C ILE A 226 43.14 0.77 -74.40
N PRO A 227 43.38 1.57 -73.37
CA PRO A 227 42.27 2.30 -72.74
C PRO A 227 41.82 3.49 -73.56
N HIS A 228 42.75 4.09 -74.31
CA HIS A 228 42.42 5.25 -75.13
C HIS A 228 41.65 4.84 -76.38
N VAL A 229 42.10 3.78 -77.05
CA VAL A 229 41.42 3.33 -78.26
C VAL A 229 40.17 2.51 -77.91
N MET A 230 40.18 1.82 -76.77
CA MET A 230 39.04 1.02 -76.36
C MET A 230 37.99 1.82 -75.60
N LYS A 231 38.36 2.99 -75.06
CA LYS A 231 37.44 3.83 -74.32
C LYS A 231 37.07 5.13 -75.04
N VAL A 232 37.82 5.51 -76.08
CA VAL A 232 37.53 6.74 -76.81
C VAL A 232 36.61 6.50 -78.00
N LEU A 233 36.15 5.26 -78.21
CA LEU A 233 35.26 4.96 -79.32
C LEU A 233 33.84 4.71 -78.83
N GLN A 240 39.89 -8.57 -80.80
CA GLN A 240 39.58 -9.82 -80.13
C GLN A 240 40.85 -10.67 -79.98
N ALA A 241 41.71 -10.64 -81.00
CA ALA A 241 42.94 -11.42 -80.96
C ALA A 241 44.01 -10.78 -80.08
N GLU A 242 43.94 -9.46 -79.88
CA GLU A 242 44.95 -8.79 -79.04
C GLU A 242 44.72 -9.06 -77.56
N ALA A 243 43.47 -9.18 -77.12
CA ALA A 243 43.19 -9.44 -75.72
C ALA A 243 43.47 -10.88 -75.35
N ARG A 244 43.06 -11.83 -76.20
CA ARG A 244 43.30 -13.24 -75.93
C ARG A 244 44.75 -13.62 -76.17
N LYS A 245 45.37 -13.07 -77.21
CA LYS A 245 46.77 -13.39 -77.50
C LYS A 245 47.71 -12.68 -76.55
N ALA A 246 47.44 -11.40 -76.24
CA ALA A 246 48.31 -10.67 -75.34
C ALA A 246 48.07 -11.06 -73.88
N ALA A 247 46.83 -11.39 -73.51
CA ALA A 247 46.54 -11.78 -72.14
C ALA A 247 46.85 -13.26 -71.88
N GLU A 248 46.76 -14.10 -72.92
CA GLU A 248 47.04 -15.52 -72.77
C GLU A 248 48.49 -15.88 -73.07
N GLU A 249 49.19 -15.06 -73.83
CA GLU A 249 50.59 -15.31 -74.18
C GLU A 249 51.56 -14.69 -73.19
N LYS A 250 51.08 -14.03 -72.15
CA LYS A 250 51.95 -13.42 -71.17
C LYS A 250 52.26 -14.37 -70.02
N ARG A 264 62.07 -9.74 -63.02
CA ARG A 264 60.86 -10.37 -62.52
C ARG A 264 59.66 -9.43 -62.66
N ALA A 265 59.94 -8.17 -63.02
CA ALA A 265 58.89 -7.18 -63.20
C ALA A 265 58.17 -7.29 -64.53
N ASN A 266 58.73 -8.04 -65.48
CA ASN A 266 58.08 -8.18 -66.79
C ASN A 266 56.85 -9.08 -66.70
N TYR A 267 56.91 -10.12 -65.87
CA TYR A 267 55.77 -11.02 -65.72
C TYR A 267 54.65 -10.37 -64.93
N GLY A 268 54.99 -9.63 -63.87
CA GLY A 268 53.96 -8.96 -63.08
C GLY A 268 53.39 -7.75 -63.78
N GLU A 269 54.23 -6.99 -64.48
CA GLU A 269 53.76 -5.80 -65.18
C GLU A 269 53.00 -6.17 -66.45
N PHE A 270 53.50 -7.16 -67.20
CA PHE A 270 52.82 -7.58 -68.42
C PHE A 270 51.56 -8.38 -68.10
N ILE A 271 51.61 -9.21 -67.07
CA ILE A 271 50.44 -10.00 -66.70
C ILE A 271 49.39 -9.12 -66.02
N ILE A 272 49.82 -8.14 -65.23
CA ILE A 272 48.87 -7.25 -64.56
C ILE A 272 48.28 -6.26 -65.55
N GLY A 273 49.09 -5.76 -66.49
CA GLY A 273 48.57 -4.83 -67.47
C GLY A 273 47.70 -5.49 -68.52
N GLN A 274 48.11 -6.67 -68.98
CA GLN A 274 47.32 -7.38 -69.99
C GLN A 274 46.08 -8.00 -69.37
N VAL A 275 46.18 -8.50 -68.13
CA VAL A 275 45.02 -9.09 -67.47
C VAL A 275 44.05 -8.01 -67.02
N LYS A 276 44.58 -6.86 -66.58
CA LYS A 276 43.71 -5.77 -66.14
C LYS A 276 43.07 -5.06 -67.33
N ALA A 277 43.81 -4.88 -68.42
CA ALA A 277 43.25 -4.22 -69.60
C ALA A 277 42.30 -5.15 -70.35
N ALA A 278 42.64 -6.43 -70.45
CA ALA A 278 41.76 -7.38 -71.13
C ALA A 278 40.53 -7.71 -70.30
N SER A 279 40.69 -7.80 -68.98
CA SER A 279 39.56 -8.10 -68.11
C SER A 279 38.65 -6.88 -67.94
N PHE A 280 39.23 -5.68 -67.87
CA PHE A 280 38.44 -4.48 -67.74
C PHE A 280 37.76 -4.09 -69.04
N LEU A 281 38.47 -4.25 -70.17
CA LEU A 281 37.87 -3.92 -71.46
C LEU A 281 36.87 -4.98 -71.90
N ALA A 282 37.18 -6.25 -71.69
CA ALA A 282 36.25 -7.31 -72.07
C ALA A 282 35.07 -7.40 -71.12
N TYR A 283 35.28 -7.11 -69.84
CA TYR A 283 34.19 -7.16 -68.86
C TYR A 283 33.36 -5.89 -68.84
N LEU A 284 33.94 -4.76 -69.27
CA LEU A 284 33.22 -3.49 -69.29
C LEU A 284 32.69 -3.12 -70.67
N PHE A 285 33.12 -3.82 -71.72
CA PHE A 285 32.67 -3.54 -73.08
C PHE A 285 31.41 -4.29 -73.46
N ILE A 286 30.87 -5.10 -72.55
CA ILE A 286 29.66 -5.86 -72.84
C ILE A 286 28.43 -5.05 -72.46
N PHE A 293 39.52 -20.52 -69.28
CA PHE A 293 39.88 -19.11 -69.34
C PHE A 293 40.33 -18.60 -67.97
N LEU A 294 39.64 -19.06 -66.93
CA LEU A 294 39.96 -18.65 -65.56
C LEU A 294 41.12 -19.42 -64.97
N GLU A 295 41.53 -20.53 -65.59
CA GLU A 295 42.65 -21.33 -65.09
C GLU A 295 43.96 -20.61 -65.37
N PRO A 296 44.04 -19.83 -66.45
CA PRO A 296 45.30 -19.13 -66.75
C PRO A 296 45.54 -17.94 -65.83
N TYR A 297 44.50 -17.13 -65.61
CA TYR A 297 44.63 -15.98 -64.74
C TYR A 297 44.64 -16.38 -63.27
N GLN A 298 43.83 -17.38 -62.91
CA GLN A 298 43.79 -17.82 -61.51
C GLN A 298 45.03 -18.63 -61.16
N GLN A 299 45.48 -19.49 -62.08
CA GLN A 299 46.67 -20.30 -61.84
C GLN A 299 47.96 -19.53 -62.06
N ALA A 300 47.93 -18.43 -62.81
CA ALA A 300 49.11 -17.64 -63.06
C ALA A 300 49.22 -16.40 -62.19
N ILE A 301 48.13 -15.98 -61.56
CA ILE A 301 48.12 -14.80 -60.70
C ILE A 301 48.80 -15.16 -59.37
N PRO A 302 48.67 -16.41 -58.91
CA PRO A 302 49.30 -16.76 -57.63
C PRO A 302 50.82 -16.91 -57.74
N ASP A 303 51.32 -17.30 -58.90
CA ASP A 303 52.77 -17.45 -59.07
C ASP A 303 53.46 -16.10 -59.18
N ILE A 304 52.88 -15.17 -59.94
CA ILE A 304 53.48 -13.86 -60.09
C ILE A 304 53.21 -12.98 -58.86
N ILE A 305 52.04 -13.13 -58.25
CA ILE A 305 51.72 -12.33 -57.07
C ILE A 305 52.45 -12.85 -55.85
N ILE A 306 52.53 -14.17 -55.69
CA ILE A 306 53.23 -14.74 -54.54
C ILE A 306 54.74 -14.67 -54.74
N ARG A 307 55.21 -14.86 -55.97
CA ARG A 307 56.65 -14.81 -56.24
C ARG A 307 57.16 -13.38 -56.30
N LEU A 308 56.29 -12.41 -56.66
CA LEU A 308 56.69 -11.01 -56.75
C LEU A 308 56.38 -10.23 -55.48
N LEU A 309 55.49 -10.71 -54.63
CA LEU A 309 55.14 -10.03 -53.39
C LEU A 309 56.02 -10.43 -52.23
N GLN A 310 56.97 -11.35 -52.43
CA GLN A 310 57.85 -11.79 -51.36
C GLN A 310 59.26 -11.24 -51.54
N PRO A 313 47.53 -2.76 -56.14
CA PRO A 313 46.97 -3.44 -57.32
C PRO A 313 45.96 -4.53 -56.95
N SER A 314 45.46 -4.48 -55.71
CA SER A 314 44.49 -5.47 -55.26
C SER A 314 43.09 -5.21 -55.78
N GLU A 315 42.79 -3.97 -56.20
CA GLU A 315 41.46 -3.66 -56.72
C GLU A 315 41.23 -4.26 -58.10
N LEU A 316 42.27 -4.27 -58.95
CA LEU A 316 42.13 -4.84 -60.29
C LEU A 316 42.07 -6.35 -60.25
N SER A 317 42.88 -6.99 -59.40
CA SER A 317 42.87 -8.44 -59.31
C SER A 317 41.64 -8.95 -58.57
N ALA A 318 41.22 -8.23 -57.52
CA ALA A 318 40.04 -8.65 -56.76
C ALA A 318 38.75 -8.37 -57.53
N ALA A 319 38.66 -7.21 -58.19
CA ALA A 319 37.46 -6.88 -58.94
C ALA A 319 37.39 -7.67 -60.24
N ARG A 320 38.52 -7.87 -60.92
CA ARG A 320 38.52 -8.63 -62.15
C ARG A 320 38.36 -10.11 -61.90
N LYS A 321 38.98 -10.63 -60.83
CA LYS A 321 38.85 -12.04 -60.51
C LYS A 321 37.49 -12.37 -59.92
N GLU A 322 36.94 -11.46 -59.12
CA GLU A 322 35.62 -11.70 -58.52
C GLU A 322 34.51 -11.49 -59.55
N LEU A 323 34.65 -10.48 -60.42
CA LEU A 323 33.63 -10.23 -61.43
C LEU A 323 33.71 -11.27 -62.55
N LEU A 324 34.92 -11.65 -62.95
CA LEU A 324 35.08 -12.63 -64.02
C LEU A 324 34.76 -14.04 -63.52
N HIS A 325 35.12 -14.34 -62.28
CA HIS A 325 34.82 -15.67 -61.72
C HIS A 325 33.35 -15.80 -61.35
N ALA A 326 32.75 -14.71 -60.86
CA ALA A 326 31.34 -14.77 -60.48
C ALA A 326 30.44 -14.71 -61.72
N THR A 327 30.81 -13.90 -62.71
CA THR A 327 30.00 -13.80 -63.92
C THR A 327 30.21 -15.02 -64.82
N ARG A 328 31.44 -15.51 -64.92
CA ARG A 328 31.71 -16.66 -65.76
C ARG A 328 31.25 -17.96 -65.09
N HIS A 329 31.35 -18.02 -63.75
CA HIS A 329 30.92 -19.22 -63.03
C HIS A 329 29.43 -19.23 -62.78
N ILE A 330 28.79 -18.05 -62.73
CA ILE A 330 27.35 -17.97 -62.50
C ILE A 330 26.56 -17.82 -63.79
N LEU A 331 27.20 -17.51 -64.91
CA LEU A 331 26.52 -17.35 -66.18
C LEU A 331 26.43 -18.64 -66.97
N SER A 332 26.90 -19.75 -66.42
CA SER A 332 26.84 -21.03 -67.11
C SER A 332 25.63 -21.84 -66.68
N ASP A 334 34.96 -27.43 -57.90
CA ASP A 334 36.29 -26.93 -58.23
C ASP A 334 36.44 -25.46 -57.83
N PHE A 335 35.44 -24.94 -57.13
CA PHE A 335 35.48 -23.55 -56.70
C PHE A 335 36.32 -23.36 -55.44
N ARG A 336 36.45 -24.41 -54.62
CA ARG A 336 37.23 -24.29 -53.39
C ARG A 336 38.73 -24.33 -53.68
N LYS A 337 39.16 -25.16 -54.64
CA LYS A 337 40.57 -25.24 -54.98
C LYS A 337 41.03 -24.04 -55.78
N MET A 338 40.17 -23.53 -56.67
CA MET A 338 40.52 -22.38 -57.49
C MET A 338 40.28 -21.05 -56.77
N PHE A 339 39.42 -21.04 -55.76
CA PHE A 339 39.12 -19.82 -55.01
C PHE A 339 39.84 -19.74 -53.68
N ILE A 340 40.40 -20.86 -53.19
CA ILE A 340 41.11 -20.87 -51.92
C ILE A 340 42.52 -20.33 -52.13
N PRO A 341 43.05 -20.39 -53.36
CA PRO A 341 44.41 -19.87 -53.58
C PRO A 341 44.45 -18.35 -53.62
N LYS A 342 43.38 -17.73 -54.09
CA LYS A 342 43.33 -16.27 -54.16
C LYS A 342 43.10 -15.66 -52.79
N ILE A 343 42.19 -16.22 -52.00
CA ILE A 343 41.93 -15.68 -50.67
C ILE A 343 43.01 -16.13 -49.67
N ASP A 344 43.59 -17.30 -49.88
CA ASP A 344 44.63 -17.81 -48.99
C ASP A 344 46.02 -17.33 -49.36
N LEU A 345 46.20 -16.81 -50.59
CA LEU A 345 47.50 -16.33 -51.04
C LEU A 345 47.53 -14.82 -51.25
N LEU A 346 46.39 -14.15 -51.31
CA LEU A 346 46.33 -12.71 -51.50
C LEU A 346 46.27 -11.93 -50.19
N PHE A 347 46.46 -12.60 -49.06
CA PHE A 347 46.42 -11.94 -47.76
C PHE A 347 47.81 -11.89 -47.13
N THR A 358 45.49 -5.49 -45.81
CA THR A 358 44.94 -6.77 -46.25
C THR A 358 43.46 -6.88 -45.87
N ALA A 359 42.73 -5.79 -46.03
CA ALA A 359 41.31 -5.76 -45.70
C ALA A 359 40.42 -5.97 -46.92
N TYR A 360 40.88 -5.56 -48.10
CA TYR A 360 40.08 -5.73 -49.31
C TYR A 360 40.09 -7.19 -49.78
N GLU A 361 41.25 -7.85 -49.66
CA GLU A 361 41.34 -9.23 -50.10
C GLU A 361 40.63 -10.16 -49.12
N THR A 362 40.73 -9.88 -47.81
CA THR A 362 40.08 -10.70 -46.80
C THR A 362 38.60 -10.37 -46.65
N LEU A 363 38.18 -9.18 -47.03
CA LEU A 363 36.77 -8.78 -46.91
C LEU A 363 35.99 -9.04 -48.19
N ARG A 364 36.65 -9.00 -49.35
CA ARG A 364 35.97 -9.24 -50.62
C ARG A 364 35.81 -10.74 -50.84
N PRO A 365 36.57 -11.58 -50.15
CA PRO A 365 36.42 -13.03 -50.35
C PRO A 365 35.15 -13.59 -49.72
N LEU A 366 34.57 -12.93 -48.73
CA LEU A 366 33.35 -13.42 -48.10
C LEU A 366 32.14 -13.19 -49.01
N ALA A 367 31.99 -11.96 -49.52
CA ALA A 367 30.87 -11.66 -50.39
C ALA A 367 31.08 -12.23 -51.80
N TYR A 368 32.33 -12.21 -52.28
CA TYR A 368 32.61 -12.74 -53.61
C TYR A 368 32.55 -14.27 -53.63
N SER A 369 33.16 -14.90 -52.62
CA SER A 369 33.13 -16.36 -52.55
C SER A 369 31.78 -16.89 -52.13
N THR A 370 31.05 -16.13 -51.30
CA THR A 370 29.72 -16.57 -50.86
C THR A 370 28.68 -16.35 -51.93
N VAL A 371 28.76 -15.24 -52.66
CA VAL A 371 27.80 -14.97 -53.73
C VAL A 371 28.10 -15.80 -54.96
N ALA A 372 29.39 -15.94 -55.31
CA ALA A 372 29.75 -16.74 -56.47
C ALA A 372 29.60 -18.22 -56.20
N ASP A 373 29.99 -18.67 -55.01
CA ASP A 373 29.87 -20.09 -54.67
C ASP A 373 28.43 -20.47 -54.38
N PHE A 374 27.66 -19.56 -53.78
CA PHE A 374 26.26 -19.86 -53.49
C PHE A 374 25.38 -19.76 -54.73
N ILE A 375 25.65 -18.78 -55.60
CA ILE A 375 24.86 -18.63 -56.82
C ILE A 375 25.26 -19.68 -57.85
N HIS A 376 26.56 -19.95 -57.98
CA HIS A 376 27.01 -20.95 -58.94
C HIS A 376 26.73 -22.36 -58.46
N ASN A 377 26.90 -22.62 -57.16
CA ASN A 377 26.64 -23.95 -56.62
C ASN A 377 25.16 -24.22 -56.42
N VAL A 378 24.37 -23.17 -56.19
CA VAL A 378 22.93 -23.34 -55.99
C VAL A 378 22.13 -23.20 -57.29
N ARG A 379 22.71 -22.60 -58.32
CA ARG A 379 22.04 -22.43 -59.60
C ARG A 379 22.22 -23.62 -60.53
N ASP A 380 22.99 -24.62 -60.13
CA ASP A 380 23.22 -25.80 -60.97
C ASP A 380 22.42 -26.99 -60.46
N PRO A 384 29.55 -33.19 -52.10
CA PRO A 384 29.48 -33.00 -50.64
C PRO A 384 30.69 -32.29 -50.07
N ALA A 385 31.79 -32.29 -50.83
CA ALA A 385 33.02 -31.63 -50.39
C ALA A 385 32.96 -30.12 -50.53
N GLN A 386 32.12 -29.60 -51.42
CA GLN A 386 32.03 -28.16 -51.59
C GLN A 386 31.26 -27.50 -50.45
N LEU A 387 30.26 -28.19 -49.91
CA LEU A 387 29.49 -27.61 -48.81
C LEU A 387 30.27 -27.68 -47.49
N TRP A 388 30.96 -28.79 -47.24
CA TRP A 388 31.74 -28.91 -46.01
C TRP A 388 33.02 -28.10 -46.08
N LYS A 389 33.68 -28.08 -47.23
CA LYS A 389 34.92 -27.32 -47.38
C LYS A 389 34.65 -25.82 -47.47
N SER A 390 33.62 -25.42 -48.22
CA SER A 390 33.30 -24.01 -48.36
C SER A 390 32.63 -23.46 -47.10
N VAL A 391 31.77 -24.26 -46.46
CA VAL A 391 31.10 -23.82 -45.25
C VAL A 391 32.04 -23.86 -44.05
N SER A 392 32.93 -24.85 -44.01
CA SER A 392 33.87 -24.96 -42.91
C SER A 392 35.01 -23.96 -43.05
N ILE A 393 35.52 -23.76 -44.26
CA ILE A 393 36.61 -22.81 -44.47
C ILE A 393 36.09 -21.38 -44.43
N TYR A 394 34.92 -21.13 -45.01
CA TYR A 394 34.36 -19.79 -45.00
C TYR A 394 33.79 -19.42 -43.64
N CYS A 395 33.17 -20.37 -42.94
CA CYS A 395 32.61 -20.11 -41.63
C CYS A 395 33.65 -20.16 -40.53
N LYS A 396 34.76 -20.87 -40.74
CA LYS A 396 35.81 -20.98 -39.73
C LYS A 396 36.98 -20.02 -39.98
N ASN A 397 37.10 -19.47 -41.19
CA ASN A 397 38.18 -18.55 -41.51
C ASN A 397 37.85 -17.11 -41.18
N LEU A 398 36.63 -16.83 -40.71
CA LEU A 398 36.24 -15.47 -40.37
C LEU A 398 36.37 -15.22 -38.86
N ALA A 404 34.61 -3.46 -39.94
CA ALA A 404 33.30 -3.42 -40.58
C ALA A 404 33.04 -4.68 -41.40
N LEU A 405 34.01 -5.60 -41.39
CA LEU A 405 33.90 -6.85 -42.12
C LEU A 405 33.15 -7.92 -41.36
N THR A 406 32.82 -7.69 -40.08
CA THR A 406 32.11 -8.69 -39.30
C THR A 406 30.65 -8.79 -39.71
N VAL A 407 30.03 -7.69 -40.12
CA VAL A 407 28.63 -7.73 -40.53
C VAL A 407 28.49 -8.36 -41.90
N GLN A 408 29.39 -8.05 -42.82
CA GLN A 408 29.32 -8.64 -44.16
C GLN A 408 29.78 -10.09 -44.16
N ILE A 409 30.80 -10.41 -43.38
CA ILE A 409 31.28 -11.79 -43.32
C ILE A 409 30.32 -12.67 -42.54
N MET A 410 29.77 -12.15 -41.45
CA MET A 410 28.82 -12.93 -40.64
C MET A 410 27.47 -13.06 -41.34
N SER A 411 27.01 -11.99 -41.99
CA SER A 411 25.74 -12.04 -42.69
C SER A 411 25.83 -12.86 -43.98
N ALA A 412 26.94 -12.72 -44.71
CA ALA A 412 27.10 -13.47 -45.95
C ALA A 412 27.40 -14.94 -45.67
N LYS A 413 28.20 -15.21 -44.64
CA LYS A 413 28.54 -16.59 -44.30
C LYS A 413 27.36 -17.30 -43.64
N LEU A 414 26.61 -16.58 -42.80
CA LEU A 414 25.46 -17.18 -42.13
C LEU A 414 24.29 -17.34 -43.09
N LEU A 415 24.08 -16.37 -43.97
CA LEU A 415 22.98 -16.46 -44.93
C LEU A 415 23.30 -17.44 -46.04
N LEU A 416 24.56 -17.48 -46.50
CA LEU A 416 24.93 -18.41 -47.56
C LEU A 416 25.05 -19.83 -47.02
N ASN A 417 25.55 -19.98 -45.79
CA ASN A 417 25.69 -21.31 -45.21
C ASN A 417 24.34 -21.85 -44.75
N LEU A 418 23.47 -20.97 -44.23
CA LEU A 418 22.15 -21.41 -43.78
C LEU A 418 21.21 -21.65 -44.95
N ILE A 419 21.28 -20.81 -45.99
CA ILE A 419 20.42 -21.00 -47.15
C ILE A 419 20.91 -22.14 -48.01
N GLU A 420 22.24 -22.27 -48.16
CA GLU A 420 22.78 -23.36 -48.97
C GLU A 420 22.69 -24.70 -48.24
N LYS A 421 22.86 -24.69 -46.91
CA LYS A 421 22.78 -25.92 -46.15
C LYS A 421 21.34 -26.32 -45.81
N ILE A 422 20.41 -25.37 -45.78
CA ILE A 422 19.02 -25.66 -45.48
C ILE A 422 18.15 -25.77 -46.72
N MET A 423 18.65 -25.33 -47.87
CA MET A 423 17.89 -25.39 -49.12
C MET A 423 18.04 -26.73 -49.84
N ARG A 424 18.87 -27.63 -49.32
CA ARG A 424 19.08 -28.93 -49.95
C ARG A 424 18.03 -29.93 -49.48
N SER A 431 18.82 -36.59 -41.52
CA SER A 431 19.44 -35.29 -41.78
C SER A 431 19.86 -34.61 -40.48
N ARG A 432 20.34 -35.40 -39.52
CA ARG A 432 20.78 -34.87 -38.24
C ARG A 432 22.19 -34.30 -38.29
N GLN A 433 22.95 -34.62 -39.34
CA GLN A 433 24.31 -34.09 -39.43
C GLN A 433 24.31 -32.60 -39.77
N LEU A 434 23.38 -32.17 -40.63
CA LEU A 434 23.33 -30.76 -40.99
C LEU A 434 22.77 -29.91 -39.85
N LEU A 435 21.77 -30.43 -39.13
CA LEU A 435 21.21 -29.70 -38.01
C LEU A 435 22.15 -29.70 -36.81
N MET A 436 22.87 -30.80 -36.59
CA MET A 436 23.79 -30.87 -35.48
C MET A 436 25.07 -30.07 -35.75
N VAL A 437 25.58 -30.12 -36.98
CA VAL A 437 26.78 -29.37 -37.32
C VAL A 437 26.46 -27.88 -37.44
N ILE A 438 25.28 -27.55 -37.98
CA ILE A 438 24.90 -26.15 -38.11
C ILE A 438 24.54 -25.57 -36.75
N ILE A 439 23.93 -26.37 -35.88
CA ILE A 439 23.58 -25.89 -34.55
C ILE A 439 24.82 -25.78 -33.67
N ASP A 440 25.79 -26.69 -33.85
CA ASP A 440 27.01 -26.63 -33.04
C ASP A 440 27.92 -25.50 -33.53
N ALA A 441 28.03 -25.32 -34.84
CA ALA A 441 28.87 -24.24 -35.37
C ALA A 441 28.24 -22.88 -35.13
N TYR A 442 26.92 -22.78 -35.30
CA TYR A 442 26.25 -21.50 -35.07
C TYR A 442 26.18 -21.18 -33.58
N THR A 443 26.04 -22.21 -32.73
CA THR A 443 26.00 -21.97 -31.30
C THR A 443 27.38 -21.64 -30.76
N LYS A 444 28.43 -22.27 -31.31
CA LYS A 444 29.79 -21.98 -30.86
C LYS A 444 30.26 -20.61 -31.36
N ARG A 445 29.95 -20.29 -32.62
CA ARG A 445 30.35 -18.99 -33.16
C ARG A 445 29.54 -17.86 -32.53
N PHE A 446 28.25 -18.08 -32.32
CA PHE A 446 27.42 -17.05 -31.69
C PHE A 446 27.73 -16.91 -30.21
N LYS A 447 28.11 -18.00 -29.55
CA LYS A 447 28.46 -17.92 -28.14
C LYS A 447 29.83 -17.28 -27.94
N MET A 448 30.78 -17.56 -28.85
CA MET A 448 32.10 -16.96 -28.73
C MET A 448 32.07 -15.49 -29.13
N LEU A 449 31.35 -15.16 -30.19
CA LEU A 449 31.26 -13.76 -30.61
C LEU A 449 30.42 -12.94 -29.63
N ASN A 450 29.35 -13.54 -29.10
CA ASN A 450 28.52 -12.83 -28.13
C ASN A 450 29.23 -12.69 -26.78
N SER A 451 30.01 -13.69 -26.40
CA SER A 451 30.74 -13.61 -25.13
C SER A 451 31.92 -12.65 -25.23
N ARG A 452 32.61 -12.65 -26.38
CA ARG A 452 33.74 -11.74 -26.56
C ARG A 452 33.25 -10.30 -26.73
N TYR A 453 32.18 -10.09 -27.48
CA TYR A 453 31.66 -8.75 -27.68
C TYR A 453 30.99 -8.23 -26.40
N ASN A 454 30.33 -9.12 -25.65
CA ASN A 454 29.70 -8.69 -24.41
C ASN A 454 30.73 -8.43 -23.32
N GLY A 455 31.80 -9.23 -23.28
CA GLY A 455 32.83 -9.02 -22.29
C GLY A 455 33.71 -7.82 -22.61
N ILE A 456 34.02 -7.61 -23.89
CA ILE A 456 34.83 -6.47 -24.28
C ILE A 456 34.02 -5.19 -24.18
N MET A 457 32.74 -5.24 -24.54
CA MET A 457 31.90 -4.04 -24.45
C MET A 457 31.56 -3.71 -23.00
N LYS A 458 31.37 -4.74 -22.17
CA LYS A 458 31.05 -4.50 -20.77
C LYS A 458 32.29 -4.04 -19.99
N GLN A 459 33.46 -4.61 -20.31
CA GLN A 459 34.68 -4.20 -19.63
C GLN A 459 35.16 -2.84 -20.10
N HIS A 460 35.05 -2.58 -21.40
CA HIS A 460 35.47 -1.27 -21.92
C HIS A 460 34.49 -0.17 -21.56
N ALA A 461 33.19 -0.50 -21.50
CA ALA A 461 32.18 0.49 -21.15
C ALA A 461 32.05 0.69 -19.65
N THR A 462 32.43 -0.30 -18.84
CA THR A 462 32.35 -0.21 -17.40
C THR A 462 33.68 0.16 -16.74
N TYR A 463 34.78 0.09 -17.49
CA TYR A 463 36.10 0.43 -16.93
C TYR A 463 36.36 1.92 -16.90
N GLU A 464 35.51 2.74 -17.54
CA GLU A 464 35.70 4.18 -17.56
C GLU A 464 35.15 4.82 -16.28
N LEU A 557 31.41 3.82 -29.68
CA LEU A 557 31.17 2.92 -30.80
C LEU A 557 30.37 1.70 -30.35
N LEU A 558 29.54 1.89 -29.33
CA LEU A 558 28.72 0.79 -28.81
C LEU A 558 27.45 0.57 -29.64
N LYS A 559 27.07 1.53 -30.48
CA LYS A 559 25.87 1.37 -31.29
C LYS A 559 26.11 0.39 -32.43
N ASP A 560 27.31 0.39 -33.01
CA ASP A 560 27.61 -0.52 -34.10
C ASP A 560 27.81 -1.94 -33.59
N SER A 561 28.44 -2.09 -32.42
CA SER A 561 28.66 -3.43 -31.88
C SER A 561 27.38 -3.99 -31.28
N ARG A 562 26.57 -3.14 -30.65
CA ARG A 562 25.32 -3.60 -30.06
C ARG A 562 24.27 -3.88 -31.14
N TYR A 563 24.18 -3.00 -32.14
CA TYR A 563 23.21 -3.20 -33.20
C TYR A 563 23.64 -4.33 -34.14
N LEU A 564 24.93 -4.44 -34.41
CA LEU A 564 25.41 -5.50 -35.29
C LEU A 564 25.40 -6.84 -34.58
N PHE A 565 25.71 -6.86 -33.28
CA PHE A 565 25.69 -8.12 -32.53
C PHE A 565 24.27 -8.57 -32.24
N LYS A 566 23.37 -7.62 -31.95
CA LYS A 566 21.98 -7.99 -31.69
C LYS A 566 21.24 -8.36 -32.97
N THR A 567 21.51 -7.64 -34.05
CA THR A 567 20.86 -7.97 -35.33
C THR A 567 21.43 -9.24 -35.93
N LEU A 568 22.74 -9.45 -35.79
CA LEU A 568 23.36 -10.67 -36.33
C LEU A 568 23.00 -11.88 -35.49
N MET A 569 22.93 -11.71 -34.16
CA MET A 569 22.58 -12.83 -33.30
C MET A 569 21.10 -13.17 -33.39
N THR A 570 20.24 -12.14 -33.51
CA THR A 570 18.81 -12.40 -33.63
C THR A 570 18.46 -12.93 -35.02
N PHE A 571 19.11 -12.42 -36.06
CA PHE A 571 18.84 -12.89 -37.41
C PHE A 571 19.42 -14.28 -37.64
N LEU A 572 20.60 -14.55 -37.05
CA LEU A 572 21.20 -15.88 -37.21
C LEU A 572 20.48 -16.91 -36.36
N LYS A 573 20.06 -16.53 -35.16
CA LYS A 573 19.34 -17.48 -34.30
C LYS A 573 17.93 -17.71 -34.80
N THR A 574 17.28 -16.68 -35.33
CA THR A 574 15.92 -16.83 -35.86
C THR A 574 15.92 -17.56 -37.20
N ILE A 575 16.92 -17.29 -38.05
CA ILE A 575 16.99 -17.95 -39.34
C ILE A 575 17.43 -19.40 -39.17
N MET A 576 18.38 -19.65 -38.26
CA MET A 576 18.84 -21.02 -38.03
C MET A 576 17.81 -21.84 -37.27
N ILE A 577 17.06 -21.21 -36.35
CA ILE A 577 16.05 -21.92 -35.60
C ILE A 577 14.82 -22.18 -36.46
N GLY A 578 14.39 -21.19 -37.23
CA GLY A 578 13.24 -21.37 -38.09
C GLY A 578 13.52 -22.23 -39.31
N LEU A 579 14.76 -22.23 -39.78
CA LEU A 579 15.14 -23.03 -40.93
C LEU A 579 15.63 -24.43 -40.56
N LYS A 580 16.07 -24.63 -39.32
CA LYS A 580 16.55 -25.92 -38.87
C LYS A 580 15.55 -26.65 -37.96
N ASN A 581 14.51 -25.97 -37.51
CA ASN A 581 13.50 -26.57 -36.64
C ASN A 581 12.40 -27.30 -37.41
N SER A 582 12.42 -27.23 -38.74
CA SER A 582 11.41 -27.91 -39.54
C SER A 582 11.72 -29.39 -39.71
N THR A 653 25.70 -31.25 -25.14
CA THR A 653 25.86 -30.46 -23.91
C THR A 653 26.28 -29.03 -24.24
N LYS A 654 26.74 -28.82 -25.48
CA LYS A 654 27.19 -27.49 -25.90
C LYS A 654 26.01 -26.57 -26.25
N GLU A 655 24.83 -27.13 -26.51
CA GLU A 655 23.68 -26.30 -26.86
C GLU A 655 23.12 -25.56 -25.64
N GLU A 656 23.15 -26.19 -24.47
CA GLU A 656 22.63 -25.54 -23.27
C GLU A 656 23.58 -24.46 -22.77
N LYS A 657 24.89 -24.73 -22.80
CA LYS A 657 25.87 -23.76 -22.34
C LYS A 657 26.04 -22.63 -23.35
N ASP A 658 26.02 -22.95 -24.65
CA ASP A 658 26.18 -21.92 -25.67
C ASP A 658 24.92 -21.08 -25.82
N LEU A 659 23.74 -21.72 -25.77
CA LEU A 659 22.50 -20.97 -25.90
C LEU A 659 22.17 -20.20 -24.63
N MET A 660 22.43 -20.80 -23.46
CA MET A 660 22.14 -20.11 -22.20
C MET A 660 23.17 -19.02 -21.93
N GLU A 661 24.44 -19.27 -22.26
CA GLU A 661 25.48 -18.26 -22.03
C GLU A 661 25.41 -17.16 -23.08
N ILE A 662 25.04 -17.49 -24.32
CA ILE A 662 24.94 -16.47 -25.36
C ILE A 662 23.66 -15.65 -25.20
N PHE A 663 22.56 -16.29 -24.80
CA PHE A 663 21.30 -15.58 -24.62
C PHE A 663 21.31 -14.77 -23.32
N ALA A 664 21.86 -15.33 -22.25
CA ALA A 664 21.91 -14.61 -20.98
C ALA A 664 23.00 -13.54 -20.98
N THR A 665 24.16 -13.84 -21.56
CA THR A 665 25.24 -12.88 -21.61
C THR A 665 24.98 -11.79 -22.65
N MET A 666 24.36 -12.16 -23.78
CA MET A 666 24.06 -11.19 -24.82
C MET A 666 22.78 -10.42 -24.57
N PHE A 667 21.86 -10.98 -23.77
CA PHE A 667 20.59 -10.32 -23.47
C PHE A 667 20.59 -9.64 -22.11
N ILE A 668 21.56 -9.94 -21.24
CA ILE A 668 21.61 -9.33 -19.91
C ILE A 668 22.36 -8.00 -19.91
N HIS A 669 22.94 -7.60 -21.03
CA HIS A 669 23.66 -6.33 -21.11
C HIS A 669 22.75 -5.21 -21.57
N PRO A 672 12.46 1.07 -27.34
CA PRO A 672 11.70 0.06 -28.07
C PRO A 672 12.54 -1.15 -28.46
N ALA A 673 13.84 -1.09 -28.17
CA ALA A 673 14.74 -2.18 -28.50
C ALA A 673 14.71 -3.30 -27.47
N SER A 674 14.16 -3.05 -26.28
CA SER A 674 14.10 -4.08 -25.26
C SER A 674 13.00 -5.10 -25.56
N PHE A 675 11.89 -4.64 -26.16
CA PHE A 675 10.80 -5.55 -26.48
C PHE A 675 11.12 -6.40 -27.70
N ASN A 676 11.70 -5.79 -28.74
CA ASN A 676 12.04 -6.54 -29.94
C ASN A 676 13.29 -7.39 -29.72
N GLU A 677 14.27 -6.85 -28.99
CA GLU A 677 15.49 -7.61 -28.72
C GLU A 677 15.25 -8.72 -27.70
N ILE A 678 14.41 -8.45 -26.70
CA ILE A 678 14.13 -9.45 -25.69
C ILE A 678 13.15 -10.50 -26.21
N VAL A 679 12.20 -10.10 -27.06
CA VAL A 679 11.24 -11.05 -27.61
C VAL A 679 11.89 -11.89 -28.69
N ARG A 680 12.63 -11.26 -29.59
CA ARG A 680 13.29 -12.00 -30.66
C ARG A 680 14.46 -12.83 -30.12
N GLU A 681 15.17 -12.33 -29.11
CA GLU A 681 16.29 -13.07 -28.54
C GLU A 681 15.84 -14.10 -27.51
N GLU A 682 14.62 -13.97 -26.99
CA GLU A 682 14.11 -14.91 -26.01
C GLU A 682 13.15 -15.95 -26.60
N LEU A 683 12.64 -15.70 -27.80
CA LEU A 683 11.73 -16.64 -28.45
C LEU A 683 12.50 -17.79 -29.07
N PRO A 684 13.82 -17.66 -29.23
CA PRO A 684 14.59 -18.76 -29.82
C PRO A 684 14.77 -19.96 -28.90
N PHE A 685 14.60 -19.78 -27.59
CA PHE A 685 14.74 -20.91 -26.67
C PHE A 685 13.53 -21.84 -26.76
N MET A 686 12.33 -21.29 -26.64
CA MET A 686 11.12 -22.10 -26.73
C MET A 686 10.82 -22.49 -28.18
N TYR A 687 11.08 -21.60 -29.13
CA TYR A 687 10.82 -21.90 -30.53
C TYR A 687 11.83 -22.93 -31.06
N LYS A 688 13.11 -22.75 -30.73
CA LYS A 688 14.12 -23.70 -31.18
C LYS A 688 14.10 -25.00 -30.39
N GLN A 689 13.64 -24.95 -29.14
CA GLN A 689 13.56 -26.16 -28.31
C GLN A 689 12.30 -26.95 -28.63
N MET A 690 11.14 -26.39 -28.28
CA MET A 690 9.84 -27.01 -28.51
C MET A 690 9.77 -28.41 -27.89
N LEU A 691 10.23 -29.42 -28.63
CA LEU A 691 10.19 -30.80 -28.15
C LEU A 691 11.30 -31.01 -27.12
N ASP A 692 10.92 -31.59 -25.98
CA ASP A 692 11.84 -31.89 -24.88
C ASP A 692 12.49 -30.58 -24.42
N PHE A 693 13.74 -30.65 -23.94
CA PHE A 693 14.49 -29.50 -23.46
C PHE A 693 13.73 -28.75 -22.37
N ALA A 694 13.29 -29.51 -21.35
CA ALA A 694 12.54 -28.96 -20.23
C ALA A 694 13.33 -28.98 -18.93
N SER A 695 14.54 -29.53 -18.92
CA SER A 695 15.37 -29.59 -17.73
C SER A 695 16.67 -28.84 -17.89
N LEU A 696 17.47 -29.16 -18.92
CA LEU A 696 18.73 -28.46 -19.12
C LEU A 696 18.51 -27.07 -19.67
N LEU A 697 17.52 -26.91 -20.55
CA LEU A 697 17.22 -25.60 -21.13
C LEU A 697 16.48 -24.69 -20.16
N HIS A 698 15.82 -25.25 -19.14
CA HIS A 698 15.09 -24.46 -18.16
C HIS A 698 15.86 -24.21 -16.88
N ILE A 699 16.76 -25.11 -16.51
CA ILE A 699 17.56 -24.96 -15.29
C ILE A 699 18.65 -23.92 -15.54
N PRO A 700 19.25 -23.88 -16.74
CA PRO A 700 20.30 -22.89 -16.98
C PRO A 700 19.76 -21.47 -17.14
N GLN A 701 18.52 -21.32 -17.63
CA GLN A 701 17.95 -19.99 -17.79
C GLN A 701 17.54 -19.39 -16.44
N PHE A 702 16.92 -20.19 -15.57
CA PHE A 702 16.51 -19.69 -14.27
C PHE A 702 17.70 -19.60 -13.31
N PHE A 703 18.64 -20.53 -13.40
CA PHE A 703 19.80 -20.50 -12.53
C PHE A 703 20.79 -19.42 -12.95
N LEU A 704 21.04 -19.29 -14.26
CA LEU A 704 21.96 -18.26 -14.74
C LEU A 704 21.33 -16.88 -14.71
N ALA A 705 20.04 -16.78 -15.02
CA ALA A 705 19.36 -15.49 -15.01
C ALA A 705 19.02 -15.04 -13.59
N SER A 706 18.81 -15.98 -12.67
CA SER A 706 18.49 -15.64 -11.30
C SER A 706 19.71 -15.56 -10.39
N VAL A 707 20.84 -16.16 -10.80
CA VAL A 707 22.05 -16.13 -9.99
C VAL A 707 22.91 -14.92 -10.27
N ILE A 708 22.53 -14.07 -11.22
CA ILE A 708 23.30 -12.88 -11.56
C ILE A 708 22.65 -11.62 -11.00
N THR A 709 21.31 -11.54 -11.04
CA THR A 709 20.56 -10.40 -10.54
C THR A 709 21.02 -9.10 -11.20
N SER A 710 21.94 -8.40 -10.55
CA SER A 710 22.50 -7.12 -11.04
C SER A 710 21.33 -6.15 -11.20
N SER A 711 21.21 -5.45 -12.33
CA SER A 711 20.13 -4.50 -12.57
C SER A 711 19.44 -4.87 -13.88
N SER A 712 18.37 -5.65 -13.78
CA SER A 712 17.62 -6.08 -14.95
C SER A 712 16.16 -6.24 -14.58
N PHE A 713 15.27 -5.92 -15.52
CA PHE A 713 13.83 -6.04 -15.28
C PHE A 713 13.11 -6.35 -16.59
N SER A 714 13.68 -5.95 -17.72
CA SER A 714 13.05 -6.20 -19.01
C SER A 714 13.25 -7.65 -19.46
N GLY A 715 14.41 -8.23 -19.17
CA GLY A 715 14.66 -9.60 -19.57
C GLY A 715 13.92 -10.62 -18.72
N ILE A 716 13.69 -10.31 -17.45
CA ILE A 716 12.98 -11.23 -16.58
C ILE A 716 11.48 -11.20 -16.86
N LEU A 717 10.92 -10.02 -17.09
CA LEU A 717 9.50 -9.91 -17.38
C LEU A 717 9.17 -10.32 -18.81
N ILE A 718 10.05 -9.97 -19.75
CA ILE A 718 9.82 -10.33 -21.15
C ILE A 718 10.12 -11.80 -21.39
N THR A 719 11.19 -12.31 -20.78
CA THR A 719 11.54 -13.72 -20.96
C THR A 719 10.61 -14.63 -20.16
N PHE A 720 10.22 -14.19 -18.96
CA PHE A 720 9.32 -14.99 -18.14
C PHE A 720 7.88 -14.93 -18.65
N LEU A 721 7.45 -13.76 -19.11
CA LEU A 721 6.08 -13.63 -19.62
C LEU A 721 5.95 -14.24 -21.01
N LYS A 722 6.96 -14.06 -21.87
CA LYS A 722 6.90 -14.61 -23.21
C LYS A 722 7.17 -16.11 -23.22
N SER A 723 8.13 -16.56 -22.40
CA SER A 723 8.44 -17.98 -22.33
C SER A 723 7.39 -18.75 -21.55
N LYS A 724 6.85 -18.15 -20.48
CA LYS A 724 5.84 -18.82 -19.68
C LYS A 724 4.45 -18.72 -20.30
N LEU A 725 4.20 -17.69 -21.11
CA LEU A 725 2.91 -17.51 -21.75
C LEU A 725 2.86 -18.06 -23.17
N VAL A 726 4.02 -18.32 -23.79
CA VAL A 726 4.06 -18.86 -25.15
C VAL A 726 3.99 -20.38 -25.18
N ASP A 727 4.00 -21.04 -24.03
CA ASP A 727 3.93 -22.49 -23.99
C ASP A 727 2.49 -22.97 -23.83
N ILE A 734 7.09 -24.03 -17.94
CA ILE A 734 6.59 -22.93 -17.12
C ILE A 734 6.60 -23.32 -15.64
N LYS A 735 6.61 -24.62 -15.38
CA LYS A 735 6.63 -25.11 -14.00
C LYS A 735 8.02 -25.04 -13.39
N SER A 736 9.07 -25.08 -14.22
CA SER A 736 10.42 -25.03 -13.69
C SER A 736 10.79 -23.61 -13.27
N ASN A 737 10.30 -22.60 -13.98
CA ASN A 737 10.60 -21.22 -13.62
C ASN A 737 9.80 -20.77 -12.41
N ILE A 738 8.54 -21.19 -12.32
CA ILE A 738 7.71 -20.81 -11.18
C ILE A 738 8.07 -21.63 -9.95
N LEU A 739 8.43 -22.90 -10.14
CA LEU A 739 8.80 -23.75 -9.01
C LEU A 739 10.20 -23.44 -8.51
N ILE A 740 11.15 -23.21 -9.43
CA ILE A 740 12.52 -22.90 -9.03
C ILE A 740 12.62 -21.46 -8.53
N ARG A 741 11.88 -20.55 -9.16
CA ARG A 741 11.92 -19.15 -8.75
C ARG A 741 11.13 -18.94 -7.45
N LEU A 742 9.99 -19.61 -7.32
CA LEU A 742 9.19 -19.48 -6.11
C LEU A 742 9.81 -20.23 -4.94
N PHE A 743 10.38 -21.41 -5.19
CA PHE A 743 11.00 -22.18 -4.12
C PHE A 743 12.34 -21.60 -3.71
N LYS A 744 13.15 -21.16 -4.68
CA LYS A 744 14.45 -20.58 -4.37
C LYS A 744 14.31 -19.17 -3.80
N LEU A 745 13.40 -18.37 -4.35
CA LEU A 745 13.20 -17.01 -3.86
C LEU A 745 12.46 -17.00 -2.53
N CYS A 746 11.43 -17.84 -2.38
CA CYS A 746 10.68 -17.89 -1.14
C CYS A 746 11.44 -18.61 -0.04
N PHE A 747 12.27 -19.59 -0.39
CA PHE A 747 13.05 -20.33 0.60
C PHE A 747 14.39 -19.68 0.92
N MET A 748 14.91 -18.82 0.03
CA MET A 748 16.17 -18.16 0.25
C MET A 748 16.02 -16.69 0.63
N SER A 749 14.86 -16.09 0.41
CA SER A 749 14.64 -14.69 0.74
C SER A 749 14.40 -14.48 2.23
N VAL A 750 13.97 -15.51 2.95
CA VAL A 750 13.69 -15.43 4.38
C VAL A 750 12.69 -14.32 4.70
N GLU A 758 17.18 -2.68 -2.92
CA GLU A 758 17.45 -3.24 -4.24
C GLU A 758 17.28 -4.75 -4.24
N SER A 759 17.63 -5.39 -3.12
CA SER A 759 17.50 -6.83 -3.01
C SER A 759 16.07 -7.28 -2.71
N VAL A 760 15.22 -6.37 -2.23
CA VAL A 760 13.83 -6.72 -1.92
C VAL A 760 12.91 -6.52 -3.10
N ILE A 761 13.42 -6.09 -4.25
CA ILE A 761 12.59 -5.88 -5.44
C ILE A 761 12.39 -7.15 -6.25
N LEU A 762 13.13 -8.22 -5.97
CA LEU A 762 12.99 -9.47 -6.70
C LEU A 762 11.88 -10.30 -6.10
N PRO A 763 11.54 -10.11 -4.83
CA PRO A 763 10.46 -10.90 -4.22
C PRO A 763 9.09 -10.44 -4.67
N HIS A 764 8.90 -9.11 -4.77
CA HIS A 764 7.61 -8.59 -5.21
C HIS A 764 7.40 -8.81 -6.70
N LEU A 765 8.44 -8.60 -7.51
CA LEU A 765 8.30 -8.79 -8.95
C LEU A 765 8.24 -10.28 -9.29
N ASN A 766 9.00 -11.11 -8.57
CA ASN A 766 8.97 -12.54 -8.83
C ASN A 766 7.67 -13.18 -8.35
N GLU A 767 7.17 -12.73 -7.20
CA GLU A 767 5.91 -13.26 -6.67
C GLU A 767 4.71 -12.76 -7.46
N LEU A 768 4.75 -11.50 -7.89
CA LEU A 768 3.65 -10.95 -8.67
C LEU A 768 3.64 -11.48 -10.10
N ILE A 769 4.82 -11.63 -10.70
CA ILE A 769 4.89 -12.15 -12.06
C ILE A 769 4.63 -13.64 -12.09
N LEU A 770 5.13 -14.38 -11.09
CA LEU A 770 4.90 -15.81 -11.04
C LEU A 770 3.46 -16.14 -10.64
N LYS A 771 2.89 -15.36 -9.73
CA LYS A 771 1.51 -15.59 -9.31
C LYS A 771 0.53 -15.14 -10.37
N SER A 772 0.84 -14.05 -11.08
CA SER A 772 -0.04 -13.55 -12.12
C SER A 772 0.05 -14.41 -13.38
N LEU A 773 1.26 -14.85 -13.73
CA LEU A 773 1.43 -15.68 -14.91
C LEU A 773 0.95 -17.11 -14.67
N LYS A 774 1.28 -17.68 -13.51
CA LYS A 774 0.84 -19.04 -13.20
C LYS A 774 -0.65 -19.09 -12.88
N LEU A 775 -1.18 -18.06 -12.23
CA LEU A 775 -2.61 -18.03 -11.91
C LEU A 775 -3.46 -17.60 -13.09
N SER A 776 -2.90 -16.82 -14.01
CA SER A 776 -3.62 -16.35 -15.18
C SER A 776 -3.34 -17.19 -16.42
N THR A 777 -2.46 -18.18 -16.33
CA THR A 777 -2.16 -19.04 -17.48
C THR A 777 -3.24 -20.07 -17.74
N THR A 778 -4.11 -20.34 -16.76
CA THR A 778 -5.20 -21.31 -16.87
C THR A 778 -4.66 -22.69 -17.28
N ALA A 779 -4.04 -23.34 -16.29
CA ALA A 779 -3.46 -24.67 -16.48
C ALA A 779 -3.73 -25.50 -15.23
N LYS A 780 -3.40 -26.79 -15.33
CA LYS A 780 -3.60 -27.71 -14.22
C LYS A 780 -2.52 -27.53 -13.17
N GLU A 781 -1.52 -28.43 -13.18
CA GLU A 781 -0.40 -28.38 -12.24
C GLU A 781 -0.86 -28.37 -10.80
N PRO A 782 -1.24 -27.19 -10.30
CA PRO A 782 -1.71 -27.00 -8.92
C PRO A 782 -0.61 -27.44 -7.97
N LEU A 783 -0.98 -27.92 -6.78
CA LEU A 783 -0.04 -28.38 -5.76
C LEU A 783 0.96 -27.28 -5.39
N VAL A 784 0.47 -26.04 -5.32
CA VAL A 784 1.32 -24.90 -4.99
C VAL A 784 0.69 -23.93 -4.02
N TYR A 785 -0.64 -23.92 -3.87
CA TYR A 785 -1.28 -23.00 -2.93
C TYR A 785 -1.11 -23.45 -1.49
N PHE A 786 -1.04 -24.75 -1.24
CA PHE A 786 -0.87 -25.25 0.11
C PHE A 786 0.56 -25.08 0.60
N TYR A 787 1.54 -25.41 -0.25
CA TYR A 787 2.94 -25.25 0.14
C TYR A 787 3.39 -23.81 0.09
N LEU A 788 2.89 -23.04 -0.88
CA LEU A 788 3.26 -21.63 -0.99
C LEU A 788 2.53 -20.78 0.05
N ILE A 789 1.24 -21.04 0.27
CA ILE A 789 0.49 -20.27 1.24
C ILE A 789 0.84 -20.71 2.66
N ARG A 790 1.08 -22.00 2.87
CA ARG A 790 1.44 -22.48 4.20
C ARG A 790 2.88 -22.15 4.56
N THR A 791 3.79 -22.23 3.59
CA THR A 791 5.19 -21.93 3.84
C THR A 791 5.43 -20.43 3.91
N LEU A 792 4.79 -19.66 3.01
CA LEU A 792 4.96 -18.21 3.02
C LEU A 792 4.19 -17.56 4.16
N PHE A 793 3.00 -18.09 4.49
CA PHE A 793 2.19 -17.53 5.55
C PHE A 793 2.60 -18.05 6.93
N ARG A 794 3.25 -19.21 7.00
CA ARG A 794 3.68 -19.77 8.27
C ARG A 794 5.17 -19.55 8.56
N SER A 795 5.96 -19.18 7.55
CA SER A 795 7.38 -18.96 7.74
C SER A 795 7.69 -17.56 8.28
N ILE A 796 6.71 -16.67 8.31
CA ILE A 796 6.92 -15.32 8.82
C ILE A 796 6.68 -15.26 10.32
N GLU A 802 11.83 -6.34 6.92
CA GLU A 802 11.79 -7.71 6.43
C GLU A 802 10.36 -8.25 6.46
N ASN A 803 9.51 -7.64 7.28
CA ASN A 803 8.11 -8.05 7.38
C ASN A 803 7.22 -7.43 6.32
N LEU A 804 7.73 -6.48 5.54
CA LEU A 804 6.92 -5.85 4.50
C LEU A 804 6.74 -6.76 3.30
N TYR A 805 7.77 -7.51 2.93
CA TYR A 805 7.67 -8.41 1.79
C TYR A 805 6.88 -9.67 2.13
N LYS A 806 7.12 -10.23 3.31
CA LYS A 806 6.39 -11.44 3.72
C LYS A 806 4.96 -11.11 4.12
N GLU A 807 4.75 -9.98 4.79
CA GLU A 807 3.41 -9.59 5.20
C GLU A 807 2.60 -8.99 4.05
N ILE A 808 3.27 -8.40 3.06
CA ILE A 808 2.58 -7.81 1.92
C ILE A 808 2.51 -8.74 0.72
N MET A 809 3.23 -9.87 0.75
CA MET A 809 3.20 -10.82 -0.36
C MET A 809 1.91 -11.64 -0.31
N PRO A 810 1.27 -11.75 0.86
CA PRO A 810 0.02 -12.53 0.92
C PRO A 810 -1.16 -11.84 0.28
N LEU A 811 -1.15 -10.51 0.17
CA LEU A 811 -2.27 -9.81 -0.45
C LEU A 811 -2.26 -10.00 -1.95
N LEU A 812 -1.12 -9.74 -2.61
CA LEU A 812 -1.04 -9.91 -4.06
C LEU A 812 -0.95 -11.38 -4.46
N GLN A 813 -0.26 -12.19 -3.65
CA GLN A 813 -0.15 -13.62 -3.97
C GLN A 813 -1.45 -14.37 -3.69
N VAL A 814 -2.11 -14.07 -2.57
CA VAL A 814 -3.35 -14.75 -2.25
C VAL A 814 -4.52 -14.18 -3.07
N LEU A 815 -4.48 -12.88 -3.39
CA LEU A 815 -5.55 -12.29 -4.17
C LEU A 815 -5.41 -12.64 -5.65
N LEU A 816 -4.20 -12.55 -6.19
CA LEU A 816 -3.99 -12.88 -7.60
C LEU A 816 -4.04 -14.39 -7.82
N GLU A 817 -3.53 -15.17 -6.87
CA GLU A 817 -3.55 -16.63 -7.01
C GLU A 817 -4.92 -17.20 -6.69
N SER A 818 -5.67 -16.57 -5.80
CA SER A 818 -7.00 -17.04 -5.42
C SER A 818 -8.11 -16.35 -6.20
N LEU A 819 -7.79 -15.42 -7.09
CA LEU A 819 -8.78 -14.72 -7.88
C LEU A 819 -9.18 -15.47 -9.15
N SER A 820 -8.63 -16.65 -9.38
CA SER A 820 -8.94 -17.44 -10.56
C SER A 820 -10.04 -18.46 -10.31
N LYS A 821 -10.73 -18.38 -9.17
CA LYS A 821 -11.81 -19.29 -8.80
C LYS A 821 -11.32 -20.75 -8.82
N LEU A 822 -10.57 -21.09 -7.78
CA LEU A 822 -10.02 -22.43 -7.64
C LEU A 822 -10.50 -23.07 -6.34
N ILE A 823 -9.59 -23.75 -5.63
CA ILE A 823 -9.93 -24.40 -4.38
C ILE A 823 -8.90 -24.08 -3.30
N HIS A 824 -8.35 -25.11 -2.67
CA HIS A 824 -7.33 -24.98 -1.62
C HIS A 824 -7.86 -24.11 -0.48
N GLU A 825 -8.70 -24.73 0.36
CA GLU A 825 -9.29 -24.05 1.50
C GLU A 825 -9.24 -24.94 2.74
N ALA A 826 -10.40 -25.10 3.40
CA ALA A 826 -10.54 -25.92 4.59
C ALA A 826 -9.55 -25.48 5.67
N ARG A 827 -8.51 -26.27 5.89
CA ARG A 827 -7.52 -25.93 6.91
C ARG A 827 -6.66 -24.74 6.48
N ARG A 828 -6.47 -24.55 5.17
CA ARG A 828 -5.68 -23.42 4.70
C ARG A 828 -6.44 -22.11 4.83
N PRO A 829 -7.68 -21.99 4.36
CA PRO A 829 -8.40 -20.72 4.51
C PRO A 829 -8.91 -20.51 5.92
N GLN A 830 -9.28 -21.59 6.60
CA GLN A 830 -9.75 -21.48 7.98
C GLN A 830 -8.61 -21.16 8.93
N GLU A 831 -7.52 -21.91 8.84
CA GLU A 831 -6.36 -21.66 9.70
C GLU A 831 -5.65 -20.36 9.33
N ARG A 832 -5.63 -20.03 8.03
CA ARG A 832 -4.99 -18.79 7.60
C ARG A 832 -5.82 -17.57 7.97
N ASP A 833 -7.15 -17.70 7.93
CA ASP A 833 -8.01 -16.57 8.30
C ASP A 833 -8.09 -16.39 9.81
N ILE A 834 -8.16 -17.50 10.55
CA ILE A 834 -8.21 -17.40 12.01
C ILE A 834 -6.86 -16.96 12.57
N TYR A 835 -5.78 -17.55 12.07
CA TYR A 835 -4.46 -17.17 12.54
C TYR A 835 -4.06 -15.78 12.05
N VAL A 836 -4.53 -15.39 10.86
CA VAL A 836 -4.21 -14.05 10.36
C VAL A 836 -5.03 -12.99 11.08
N GLU A 837 -6.27 -13.31 11.45
CA GLU A 837 -7.10 -12.35 12.17
C GLU A 837 -6.68 -12.23 13.63
N LEU A 838 -6.35 -13.35 14.26
CA LEU A 838 -5.93 -13.31 15.67
C LEU A 838 -4.53 -12.73 15.80
N CYS A 839 -3.61 -13.12 14.91
CA CYS A 839 -2.25 -12.60 14.97
C CYS A 839 -2.18 -11.16 14.50
N LEU A 840 -3.00 -10.79 13.51
CA LEU A 840 -3.00 -9.42 13.00
C LEU A 840 -3.77 -8.49 13.92
N THR A 841 -4.75 -9.00 14.67
CA THR A 841 -5.55 -8.19 15.58
C THR A 841 -5.02 -8.20 17.01
N VAL A 842 -4.09 -9.10 17.33
CA VAL A 842 -3.53 -9.19 18.68
C VAL A 842 -2.37 -8.20 18.81
N PRO A 843 -1.85 -7.68 17.70
CA PRO A 843 -0.74 -6.72 17.80
C PRO A 843 -1.17 -5.30 17.48
N VAL A 844 -2.41 -4.96 17.83
CA VAL A 844 -2.94 -3.62 17.60
C VAL A 844 -3.07 -2.86 18.91
N VAL A 848 -0.07 1.96 10.21
CA VAL A 848 -1.31 2.01 9.45
C VAL A 848 -1.30 0.94 8.35
N LEU A 849 -0.14 0.35 8.12
CA LEU A 849 -0.01 -0.68 7.09
C LEU A 849 -0.56 -2.03 7.54
N VAL A 850 -0.59 -2.28 8.85
CA VAL A 850 -1.09 -3.55 9.38
C VAL A 850 -2.61 -3.56 9.28
N PRO A 851 -3.29 -2.43 9.50
CA PRO A 851 -4.75 -2.42 9.40
C PRO A 851 -5.23 -2.44 7.96
N HIS A 852 -4.53 -1.73 7.07
CA HIS A 852 -4.92 -1.71 5.66
C HIS A 852 -4.54 -3.00 4.97
N LEU A 853 -3.36 -3.54 5.27
CA LEU A 853 -2.93 -4.79 4.64
C LEU A 853 -3.65 -6.00 5.22
N SER A 854 -3.88 -5.99 6.54
CA SER A 854 -4.57 -7.11 7.17
C SER A 854 -6.08 -7.07 6.87
N TYR A 855 -6.69 -5.88 6.93
CA TYR A 855 -8.12 -5.78 6.66
C TYR A 855 -8.40 -5.92 5.16
N LEU A 856 -7.52 -5.39 4.32
CA LEU A 856 -7.70 -5.49 2.87
C LEU A 856 -7.26 -6.83 2.31
N MET A 857 -6.43 -7.57 3.04
CA MET A 857 -5.96 -8.88 2.58
C MET A 857 -6.70 -10.04 3.22
N LYS A 858 -7.36 -9.83 4.36
CA LYS A 858 -8.08 -10.89 5.03
C LYS A 858 -9.41 -11.14 4.33
N PRO A 859 -9.97 -10.14 3.64
CA PRO A 859 -11.25 -10.35 2.95
C PRO A 859 -11.08 -11.13 1.65
N LEU A 860 -9.92 -10.98 1.01
CA LEU A 860 -9.68 -11.70 -0.24
C LEU A 860 -9.39 -13.17 0.02
N VAL A 861 -8.71 -13.48 1.12
CA VAL A 861 -8.40 -14.87 1.44
C VAL A 861 -9.48 -15.54 2.28
N TYR A 862 -10.30 -14.76 3.00
CA TYR A 862 -11.37 -15.31 3.82
C TYR A 862 -12.73 -15.30 3.13
N ALA A 863 -12.93 -14.45 2.14
CA ALA A 863 -14.19 -14.36 1.42
C ALA A 863 -14.22 -15.21 0.16
N LEU A 864 -13.18 -16.03 -0.07
CA LEU A 864 -13.13 -16.87 -1.25
C LEU A 864 -13.01 -18.34 -0.86
N ASN A 865 -13.92 -18.82 -0.01
CA ASN A 865 -13.90 -20.20 0.43
C ASN A 865 -15.05 -20.99 -0.19
N GLY A 866 -15.97 -21.48 0.65
CA GLY A 866 -17.10 -22.25 0.16
C GLY A 866 -18.31 -22.07 1.07
N SER A 867 -18.23 -22.58 2.29
CA SER A 867 -19.31 -22.48 3.25
C SER A 867 -19.21 -21.16 4.01
N GLN A 868 -20.17 -20.94 4.93
CA GLN A 868 -20.22 -19.72 5.74
C GLN A 868 -20.55 -20.13 7.18
N GLU A 869 -19.56 -20.71 7.86
CA GLU A 869 -19.75 -21.14 9.24
C GLU A 869 -19.10 -20.15 10.21
N SER A 870 -18.16 -20.63 11.03
CA SER A 870 -17.48 -19.77 11.99
C SER A 870 -16.37 -18.95 11.35
N VAL A 871 -15.84 -19.39 10.20
CA VAL A 871 -14.77 -18.64 9.54
C VAL A 871 -15.31 -17.38 8.90
N SER A 872 -16.54 -17.42 8.38
CA SER A 872 -17.13 -16.23 7.77
C SER A 872 -17.60 -15.23 8.81
N GLN A 873 -18.14 -15.71 9.93
CA GLN A 873 -18.61 -14.80 10.97
C GLN A 873 -17.43 -14.22 11.76
N GLY A 874 -16.44 -15.05 12.06
CA GLY A 874 -15.29 -14.56 12.80
C GLY A 874 -14.36 -13.71 11.94
N LEU A 875 -14.08 -14.19 10.73
CA LEU A 875 -13.20 -13.44 9.83
C LEU A 875 -13.88 -12.18 9.31
N ARG A 876 -15.17 -12.27 8.97
CA ARG A 876 -15.89 -11.10 8.49
C ARG A 876 -16.19 -10.13 9.62
N THR A 877 -16.38 -10.63 10.84
CA THR A 877 -16.66 -9.76 11.98
C THR A 877 -15.39 -9.06 12.47
N LEU A 878 -14.26 -9.76 12.45
CA LEU A 878 -13.00 -9.16 12.87
C LEU A 878 -12.44 -8.23 11.81
N GLU A 879 -12.43 -8.68 10.55
CA GLU A 879 -11.92 -7.84 9.47
C GLU A 879 -12.85 -6.67 9.20
N LEU A 880 -14.16 -6.90 9.24
CA LEU A 880 -15.11 -5.82 9.03
C LEU A 880 -15.21 -4.90 10.23
N CYS A 881 -14.93 -5.41 11.43
CA CYS A 881 -14.99 -4.57 12.62
C CYS A 881 -13.71 -3.76 12.80
N VAL A 882 -12.58 -4.25 12.31
CA VAL A 882 -11.33 -3.52 12.43
C VAL A 882 -11.29 -2.35 11.45
N ASP A 883 -11.86 -2.53 10.27
CA ASP A 883 -11.89 -1.48 9.26
C ASP A 883 -13.08 -1.72 8.34
N LEU A 885 -13.95 -0.73 8.23
CA LEU A 885 -15.15 -0.83 7.39
C LEU A 885 -15.30 0.46 6.60
N THR A 886 -15.40 0.33 5.27
CA THR A 886 -15.57 1.45 4.35
C THR A 886 -14.45 2.47 4.52
N ALA A 887 -13.27 2.07 4.04
CA ALA A 887 -12.09 2.92 4.10
C ALA A 887 -11.12 2.48 3.02
N GLU A 888 -10.04 3.25 2.87
CA GLU A 888 -8.96 2.99 1.92
C GLU A 888 -9.45 2.91 0.48
N TYR A 889 -10.61 3.50 0.19
CA TYR A 889 -11.17 3.56 -1.16
C TYR A 889 -11.38 2.17 -1.76
N PHE A 890 -10.28 1.49 -2.09
CA PHE A 890 -10.38 0.19 -2.73
C PHE A 890 -11.00 -0.85 -1.79
N ASP A 891 -10.68 -0.77 -0.51
CA ASP A 891 -11.22 -1.72 0.46
C ASP A 891 -12.71 -1.47 0.66
N PRO A 892 -13.17 -0.23 0.50
CA PRO A 892 -14.62 0.02 0.64
C PRO A 892 -15.44 -0.54 -0.51
N ILE A 893 -14.97 -0.37 -1.75
CA ILE A 893 -15.70 -0.91 -2.89
C ILE A 893 -15.44 -2.40 -3.08
N ILE A 894 -14.38 -2.94 -2.47
CA ILE A 894 -14.05 -4.36 -2.59
C ILE A 894 -14.58 -5.18 -1.42
N GLU A 895 -14.96 -4.54 -0.32
CA GLU A 895 -15.47 -5.25 0.85
C GLU A 895 -17.00 -5.29 0.80
N PRO A 896 -17.64 -4.27 0.24
CA PRO A 896 -19.11 -4.28 0.19
C PRO A 896 -19.67 -5.26 -0.83
N VAL A 897 -18.96 -5.51 -1.93
CA VAL A 897 -19.44 -6.45 -2.93
C VAL A 897 -19.32 -7.88 -2.43
N ILE A 898 -18.18 -8.21 -1.80
CA ILE A 898 -17.99 -9.55 -1.28
C ILE A 898 -18.82 -9.78 -0.02
N ASP A 899 -19.02 -8.73 0.79
CA ASP A 899 -19.81 -8.88 2.00
C ASP A 899 -21.30 -8.97 1.69
N ASP A 900 -21.78 -8.15 0.76
CA ASP A 900 -23.20 -8.17 0.41
C ASP A 900 -23.53 -9.38 -0.46
N VAL A 901 -22.63 -9.74 -1.38
CA VAL A 901 -22.88 -10.90 -2.24
C VAL A 901 -22.72 -12.19 -1.45
N MET A 902 -21.75 -12.24 -0.55
CA MET A 902 -21.55 -13.44 0.26
C MET A 902 -22.61 -13.58 1.34
N GLU A 903 -23.06 -12.47 1.91
CA GLU A 903 -24.09 -12.52 2.94
C GLU A 903 -25.47 -12.79 2.34
N ALA A 904 -25.78 -12.17 1.20
CA ALA A 904 -27.08 -12.39 0.57
C ALA A 904 -27.14 -13.75 -0.11
N LEU A 905 -26.06 -14.15 -0.78
CA LEU A 905 -26.06 -15.46 -1.45
C LEU A 905 -25.94 -16.59 -0.45
N SER A 906 -25.14 -16.41 0.60
CA SER A 906 -24.97 -17.44 1.62
C SER A 906 -26.14 -17.49 2.60
N LYS A 907 -26.89 -16.39 2.74
CA LYS A 907 -28.03 -16.36 3.65
C LYS A 907 -29.37 -16.59 2.95
N HIS A 908 -29.41 -16.46 1.63
CA HIS A 908 -30.65 -16.67 0.89
C HIS A 908 -30.97 -18.16 0.75
N SER A 919 -30.74 -19.08 9.29
CA SER A 919 -30.35 -18.86 10.68
C SER A 919 -29.06 -18.06 10.77
N HIS A 920 -28.33 -17.99 9.65
CA HIS A 920 -27.07 -17.25 9.62
C HIS A 920 -27.27 -15.75 9.52
N THR A 921 -28.42 -15.30 9.01
CA THR A 921 -28.66 -13.87 8.89
C THR A 921 -29.00 -13.25 10.24
N THR A 922 -29.69 -13.98 11.11
CA THR A 922 -30.03 -13.44 12.43
C THR A 922 -28.83 -13.42 13.36
N LEU A 923 -28.03 -14.48 13.36
CA LEU A 923 -26.86 -14.54 14.23
C LEU A 923 -25.72 -13.69 13.68
N ARG A 924 -25.55 -13.66 12.35
CA ARG A 924 -24.49 -12.87 11.76
C ARG A 924 -24.83 -11.39 11.73
N ILE A 925 -26.10 -11.06 11.42
CA ILE A 925 -26.50 -9.65 11.38
C ILE A 925 -26.70 -9.10 12.79
N LEU A 926 -27.30 -9.90 13.68
CA LEU A 926 -27.52 -9.44 15.05
C LEU A 926 -26.25 -9.49 15.89
N GLY A 927 -25.32 -10.39 15.55
CA GLY A 927 -24.08 -10.51 16.29
C GLY A 927 -22.95 -9.69 15.68
N LYS A 928 -23.13 -9.26 14.43
CA LYS A 928 -22.12 -8.46 13.74
C LYS A 928 -22.66 -7.10 13.31
N LEU A 929 -23.82 -6.69 13.81
CA LEU A 929 -24.39 -5.40 13.45
C LEU A 929 -23.70 -4.28 14.22
N GLY A 930 -23.22 -3.27 13.49
CA GLY A 930 -22.54 -2.15 14.10
C GLY A 930 -22.86 -0.82 13.44
N GLY A 931 -23.46 0.09 14.21
CA GLY A 931 -23.82 1.39 13.68
C GLY A 931 -22.68 2.39 13.75
N ARG A 932 -22.01 2.62 12.62
CA ARG A 932 -20.90 3.55 12.57
C ARG A 932 -21.17 4.65 11.54
N ASN A 933 -20.12 5.09 10.86
CA ASN A 933 -20.23 6.14 9.84
C ASN A 933 -20.31 5.55 8.44
N ARG A 934 -21.18 4.55 8.26
CA ARG A 934 -21.33 3.93 6.95
C ARG A 934 -22.18 4.76 6.02
N THR A 935 -23.24 5.40 6.54
CA THR A 935 -24.10 6.23 5.71
C THR A 935 -23.53 7.62 5.46
N PHE A 936 -22.54 8.04 6.24
CA PHE A 936 -21.92 9.35 6.09
C PHE A 936 -20.46 9.30 5.68
N ILE A 937 -19.86 8.11 5.59
CA ILE A 937 -18.46 7.98 5.20
C ILE A 937 -18.37 7.08 3.98
N LYS A 938 -19.37 7.14 3.11
CA LYS A 938 -19.40 6.32 1.91
C LYS A 938 -18.99 7.17 0.70
N PRO A 939 -19.87 8.05 0.21
CA PRO A 939 -19.55 8.91 -0.95
C PRO A 939 -18.98 8.12 -2.13
N VAL A 940 -17.66 8.10 -2.23
CA VAL A 940 -16.94 7.40 -3.30
C VAL A 940 -17.41 7.92 -4.65
N ASP A 941 -17.25 9.23 -4.89
CA ASP A 941 -17.65 9.88 -6.13
C ASP A 941 -19.15 9.66 -6.42
N ASN A 942 -19.98 10.17 -5.51
CA ASN A 942 -21.43 10.05 -5.63
C ASN A 942 -22.05 11.29 -6.26
N LEU A 943 -21.92 12.44 -5.61
CA LEU A 943 -22.48 13.68 -6.13
C LEU A 943 -21.61 14.87 -5.77
N PRO A 972 -31.68 21.78 5.74
CA PRO A 972 -31.48 22.88 4.80
C PRO A 972 -32.49 24.00 4.99
N GLY A 973 -33.66 23.67 5.52
CA GLY A 973 -34.71 24.65 5.75
C GLY A 973 -34.98 24.89 7.22
N LEU A 974 -34.37 24.09 8.09
CA LEU A 974 -34.58 24.26 9.53
C LEU A 974 -33.86 25.49 10.06
N SER A 975 -32.59 25.65 9.70
CA SER A 975 -31.83 26.81 10.16
C SER A 975 -32.22 28.08 9.44
N ALA A 976 -32.55 28.00 8.15
CA ALA A 976 -32.94 29.18 7.40
C ALA A 976 -34.36 29.61 7.74
N ALA A 977 -35.28 28.65 7.87
CA ALA A 977 -36.66 28.98 8.20
C ALA A 977 -36.82 29.36 9.67
N PHE A 978 -36.12 28.65 10.56
CA PHE A 978 -36.21 28.96 11.98
C PHE A 978 -35.42 30.20 12.35
N SER A 979 -34.23 30.38 11.77
CA SER A 979 -33.43 31.55 12.06
C SER A 979 -33.96 32.80 11.35
N LEU A 980 -34.47 32.64 10.13
CA LEU A 980 -35.00 33.77 9.38
C LEU A 980 -36.43 34.10 9.77
N LEU A 981 -37.19 33.13 10.30
CA LEU A 981 -38.57 33.36 10.70
C LEU A 981 -38.73 33.60 12.20
N THR A 982 -37.71 33.28 13.00
CA THR A 982 -37.80 33.48 14.44
C THR A 982 -37.61 34.94 14.84
N ASP A 983 -36.97 35.75 14.00
CA ASP A 983 -36.75 37.16 14.29
C ASP A 983 -37.84 38.00 13.64
N PRO A 984 -37.50 38.76 12.57
CA PRO A 984 -38.48 39.61 11.88
C PRO A 984 -39.29 40.49 12.81
N ARG A 985 -38.61 41.21 13.70
CA ARG A 985 -39.28 42.09 14.65
C ARG A 985 -38.77 43.52 14.48
N PRO A 986 -38.70 44.30 15.58
CA PRO A 986 -38.23 45.69 15.50
C PRO A 986 -38.89 46.51 14.40
N ARG A 987 -38.28 46.51 13.22
CA ARG A 987 -38.82 47.25 12.08
C ARG A 987 -39.08 46.33 10.90
N ILE A 988 -38.57 46.70 9.73
CA ILE A 988 -38.74 45.90 8.52
C ILE A 988 -37.48 46.03 7.67
N HIS A 989 -37.14 44.95 6.97
CA HIS A 989 -35.96 44.91 6.11
C HIS A 989 -36.23 43.87 5.01
N TYR A 990 -37.14 44.20 4.10
CA TYR A 990 -37.51 43.34 2.99
C TYR A 990 -37.97 41.97 3.47
N ARG A 991 -37.02 41.06 3.69
CA ARG A 991 -37.30 39.70 4.14
C ARG A 991 -38.24 38.98 3.18
N ILE A 992 -37.83 38.94 1.91
CA ILE A 992 -38.60 38.29 0.86
C ILE A 992 -37.66 37.78 -0.22
N ASN A 993 -36.65 38.59 -0.56
CA ASN A 993 -35.70 38.18 -1.58
C ASN A 993 -34.78 37.07 -1.09
N SER A 994 -34.53 37.01 0.21
CA SER A 994 -33.67 35.96 0.76
C SER A 994 -34.39 34.61 0.79
N PHE A 995 -35.66 34.61 1.20
CA PHE A 995 -36.42 33.36 1.25
C PHE A 995 -36.85 32.91 -0.13
N LYS A 996 -37.24 33.85 -0.99
CA LYS A 996 -37.66 33.49 -2.34
C LYS A 996 -36.47 33.10 -3.21
N TYR A 997 -35.37 33.86 -3.13
CA TYR A 997 -34.19 33.53 -3.92
C TYR A 997 -33.46 32.31 -3.37
N ILE A 998 -33.48 32.14 -2.05
CA ILE A 998 -32.80 30.98 -1.45
C ILE A 998 -33.63 29.72 -1.65
N SER A 999 -34.96 29.83 -1.58
CA SER A 999 -35.81 28.66 -1.78
C SER A 999 -35.88 28.27 -3.25
N GLY A 1000 -36.02 29.25 -4.14
CA GLY A 1000 -36.10 28.94 -5.57
C GLY A 1000 -34.75 28.57 -6.15
N ILE A 1001 -33.68 29.23 -5.71
CA ILE A 1001 -32.35 28.93 -6.20
C ILE A 1001 -31.83 27.63 -5.60
N PHE A 1002 -32.18 27.37 -4.34
CA PHE A 1002 -31.73 26.15 -3.68
C PHE A 1002 -32.54 24.93 -4.14
N GLN A 1003 -33.85 25.11 -4.36
CA GLN A 1003 -34.67 23.99 -4.81
C GLN A 1003 -34.47 23.74 -6.30
N LEU A 1004 -34.37 24.79 -7.10
CA LEU A 1004 -34.16 24.62 -8.54
C LEU A 1004 -32.73 24.20 -8.85
N PHE A 1005 -31.76 24.70 -8.09
CA PHE A 1005 -30.38 24.34 -8.32
C PHE A 1005 -30.02 22.99 -7.68
N LEU A 1006 -30.72 22.61 -6.62
CA LEU A 1006 -30.45 21.35 -5.95
C LEU A 1006 -31.35 20.21 -6.43
N GLY A 1007 -32.42 20.52 -7.15
CA GLY A 1007 -33.33 19.51 -7.65
C GLY A 1007 -32.93 18.86 -8.95
N ALA A 1008 -31.81 19.27 -9.54
CA ALA A 1008 -31.33 18.70 -10.79
C ALA A 1008 -29.89 18.27 -10.63
N THR A 1009 -29.59 17.02 -10.99
CA THR A 1009 -28.25 16.47 -10.87
C THR A 1009 -27.98 15.64 -12.12
N GLN A 1010 -26.83 14.97 -12.14
CA GLN A 1010 -26.44 14.14 -13.26
C GLN A 1010 -25.57 13.00 -12.77
N LEU A 1011 -25.71 11.84 -13.41
CA LEU A 1011 -24.95 10.65 -13.05
C LEU A 1011 -24.78 9.80 -14.29
N PRO A 1012 -23.79 8.91 -14.30
CA PRO A 1012 -23.58 8.05 -15.48
C PRO A 1012 -23.29 6.61 -15.12
N ASP A 1013 -24.29 5.91 -14.58
CA ASP A 1013 -24.17 4.51 -14.17
C ASP A 1013 -23.02 4.32 -13.18
N ASP A 1014 -21.84 3.99 -13.69
CA ASP A 1014 -20.65 3.78 -12.88
C ASP A 1014 -20.89 2.72 -11.81
N TYR A 1015 -21.19 3.16 -10.58
CA TYR A 1015 -21.45 2.25 -9.47
C TYR A 1015 -22.45 2.89 -8.51
N ALA A 1016 -23.58 3.35 -9.04
CA ALA A 1016 -24.60 3.98 -8.22
C ALA A 1016 -25.65 2.99 -7.72
N ASN A 1017 -26.08 2.06 -8.58
CA ASN A 1017 -27.07 1.09 -8.17
C ASN A 1017 -26.47 0.02 -7.26
N ARG A 1018 -25.20 -0.30 -7.44
CA ARG A 1018 -24.55 -1.31 -6.60
C ARG A 1018 -24.24 -0.76 -5.21
N LEU A 1019 -23.73 0.46 -5.13
CA LEU A 1019 -23.41 1.05 -3.84
C LEU A 1019 -24.66 1.54 -3.11
N LYS A 1020 -25.63 2.08 -3.86
CA LYS A 1020 -26.86 2.56 -3.25
C LYS A 1020 -27.78 1.41 -2.86
N GLU A 1021 -27.91 0.41 -3.74
CA GLU A 1021 -28.77 -0.73 -3.43
C GLU A 1021 -28.12 -1.67 -2.43
N SER A 1022 -26.81 -1.90 -2.55
CA SER A 1022 -26.12 -2.78 -1.62
C SER A 1022 -25.91 -2.12 -0.27
N MET A 1023 -25.62 -0.82 -0.26
CA MET A 1023 -25.41 -0.10 1.00
C MET A 1023 -26.69 0.36 1.64
N ASP A 1024 -27.78 0.45 0.88
CA ASP A 1024 -29.08 0.87 1.41
C ASP A 1024 -30.07 -0.27 1.53
N ILE A 1025 -29.72 -1.48 1.10
CA ILE A 1025 -30.63 -2.61 1.19
C ILE A 1025 -30.69 -3.19 2.60
N ILE A 1026 -29.71 -2.91 3.45
CA ILE A 1026 -29.67 -3.42 4.81
C ILE A 1026 -30.62 -2.56 5.64
N LEU A 1027 -31.83 -3.07 5.88
CA LEU A 1027 -32.85 -2.36 6.65
C LEU A 1027 -33.05 -3.12 7.96
N GLU A 1028 -32.17 -2.85 8.92
CA GLU A 1028 -32.20 -3.48 10.23
C GLU A 1028 -31.67 -2.50 11.27
N ASP A 1029 -32.32 -1.35 11.39
CA ASP A 1029 -31.90 -0.33 12.35
C ASP A 1029 -32.42 -0.67 13.75
N THR A 1030 -31.68 -0.20 14.76
CA THR A 1030 -32.02 -0.43 16.16
C THR A 1030 -31.83 0.89 16.92
N ILE A 1031 -32.75 1.82 16.68
CA ILE A 1031 -32.74 3.14 17.31
C ILE A 1031 -31.43 3.85 17.02
N ALA A 1032 -30.89 4.54 18.02
CA ALA A 1032 -29.63 5.26 17.86
C ALA A 1032 -28.86 5.27 19.18
N PRO A 1033 -29.36 5.99 20.20
CA PRO A 1033 -28.68 6.05 21.50
C PRO A 1033 -27.20 6.36 21.41
N ASP A 1034 -26.37 5.60 22.13
CA ASP A 1034 -24.91 5.77 22.15
C ASP A 1034 -24.54 7.20 22.57
N GLU A 1035 -24.69 7.43 23.87
CA GLU A 1035 -24.38 8.73 24.46
C GLU A 1035 -22.87 8.89 24.60
N PRO A 1036 -22.28 8.36 25.68
CA PRO A 1036 -20.82 8.48 25.90
C PRO A 1036 -20.30 9.89 25.74
N LEU A 1037 -19.81 10.22 24.53
CA LEU A 1037 -19.27 11.53 24.20
C LEU A 1037 -18.10 11.82 25.15
N ASN A 1038 -18.11 12.90 25.91
CA ASN A 1038 -17.02 13.24 26.84
C ASN A 1038 -15.67 13.30 26.16
N SER A 1053 -4.41 17.04 31.79
CA SER A 1053 -3.80 18.04 30.92
C SER A 1053 -2.36 17.66 30.58
N GLN A 1054 -1.75 16.82 31.41
CA GLN A 1054 -0.38 16.39 31.19
C GLN A 1054 -0.27 15.29 30.14
N MET A 1055 -1.36 14.55 29.89
CA MET A 1055 -1.32 13.49 28.89
C MET A 1055 -1.35 14.06 27.47
N GLU A 1056 -2.07 15.17 27.27
CA GLU A 1056 -2.14 15.77 25.95
C GLU A 1056 -0.85 16.52 25.61
N LEU A 1057 -0.28 17.23 26.58
CA LEU A 1057 0.96 17.97 26.34
C LEU A 1057 2.16 17.03 26.30
N LEU A 1058 2.17 16.02 27.17
CA LEU A 1058 3.30 15.08 27.19
C LEU A 1058 3.24 14.11 26.03
N VAL A 1059 2.03 13.63 25.69
CA VAL A 1059 1.89 12.70 24.57
C VAL A 1059 2.01 13.43 23.24
N LYS A 1060 1.47 14.64 23.15
CA LYS A 1060 1.56 15.40 21.91
C LYS A 1060 2.95 15.98 21.69
N LEU A 1061 3.59 16.46 22.75
CA LEU A 1061 4.93 17.03 22.63
C LEU A 1061 5.98 15.93 22.48
N LEU A 1062 5.80 14.81 23.20
CA LEU A 1062 6.76 13.71 23.11
C LEU A 1062 6.59 12.93 21.81
N GLU A 1063 5.35 12.70 21.39
CA GLU A 1063 5.12 11.96 20.16
C GLU A 1063 5.40 12.83 18.93
N SER A 1064 5.00 14.10 18.96
CA SER A 1064 5.24 14.99 17.83
C SER A 1064 6.70 15.43 17.75
N ILE A 1065 7.37 15.60 18.89
CA ILE A 1065 8.76 16.02 18.88
C ILE A 1065 9.69 14.83 18.65
N PHE A 1066 9.33 13.65 19.15
CA PHE A 1066 10.15 12.46 18.99
C PHE A 1066 9.88 11.73 17.69
N TYR A 1067 8.71 11.94 17.07
CA TYR A 1067 8.35 11.28 15.82
C TYR A 1067 8.59 12.18 14.60
N ALA A 1068 9.50 13.15 14.72
CA ALA A 1068 9.80 14.05 13.62
C ALA A 1068 11.06 13.62 12.89
N GLN A 1072 18.49 18.60 11.84
CA GLN A 1072 17.81 19.70 11.16
C GLN A 1072 17.09 20.59 12.17
N GLU A 1073 16.04 21.27 11.71
CA GLU A 1073 15.28 22.15 12.60
C GLU A 1073 14.40 21.36 13.54
N VAL A 1074 13.88 20.21 13.09
CA VAL A 1074 13.03 19.39 13.95
C VAL A 1074 13.87 18.64 14.98
N ARG A 1075 15.04 18.15 14.57
CA ARG A 1075 15.91 17.44 15.50
C ARG A 1075 16.60 18.39 16.46
N GLU A 1076 17.01 19.57 15.98
CA GLU A 1076 17.67 20.54 16.85
C GLU A 1076 16.67 21.21 17.78
N GLU A 1077 15.48 21.52 17.28
CA GLU A 1077 14.46 22.15 18.12
C GLU A 1077 13.86 21.15 19.10
N SER A 1078 13.67 19.90 18.67
CA SER A 1078 13.11 18.89 19.56
C SER A 1078 14.13 18.43 20.59
N LYS A 1079 15.39 18.29 20.18
CA LYS A 1079 16.43 17.88 21.12
C LYS A 1079 16.79 19.01 22.08
N ALA A 1080 16.84 20.24 21.58
CA ALA A 1080 17.16 21.37 22.45
C ALA A 1080 16.00 21.71 23.37
N LEU A 1081 14.77 21.57 22.88
CA LEU A 1081 13.60 21.85 23.71
C LEU A 1081 13.36 20.75 24.73
N ILE A 1082 13.60 19.50 24.35
CA ILE A 1082 13.41 18.38 25.27
C ILE A 1082 14.53 18.36 26.31
N ARG A 1083 15.75 18.64 25.89
CA ARG A 1083 16.87 18.64 26.83
C ARG A 1083 16.81 19.86 27.75
N GLY A 1084 16.45 21.02 27.22
CA GLY A 1084 16.35 22.21 28.05
C GLY A 1084 15.14 22.17 28.97
N THR A 1085 14.03 21.61 28.49
CA THR A 1085 12.83 21.52 29.31
C THR A 1085 12.96 20.43 30.37
N CYS A 1086 13.59 19.30 30.03
CA CYS A 1086 13.77 18.22 30.99
C CYS A 1086 14.84 18.57 32.01
N ASN A 1087 15.94 19.18 31.56
CA ASN A 1087 17.00 19.55 32.49
C ASN A 1087 16.59 20.75 33.35
N HIS A 1088 15.87 21.70 32.76
CA HIS A 1088 15.42 22.87 33.53
C HIS A 1088 14.28 22.51 34.48
N PHE A 1089 13.42 21.57 34.07
CA PHE A 1089 12.30 21.17 34.93
C PHE A 1089 12.77 20.23 36.04
N ILE A 1090 13.73 19.34 35.74
CA ILE A 1090 14.24 18.43 36.76
C ILE A 1090 15.16 19.16 37.72
N LEU A 1091 16.01 20.05 37.18
CA LEU A 1091 16.93 20.79 38.05
C LEU A 1091 16.19 21.86 38.84
N LEU A 1092 15.19 22.50 38.23
CA LEU A 1092 14.43 23.52 38.91
C LEU A 1092 13.38 22.94 39.86
N TYR A 1093 12.95 21.70 39.63
CA TYR A 1093 11.96 21.04 40.47
C TYR A 1093 12.58 20.04 41.44
N PHE A 1094 13.89 19.85 41.39
CA PHE A 1094 14.57 18.91 42.29
C PHE A 1094 14.84 19.50 43.66
N ASN A 1095 14.58 20.79 43.86
CA ASN A 1095 14.80 21.46 45.14
C ASN A 1095 16.24 21.31 45.62
N LYS A 1096 17.15 22.03 45.00
CA LYS A 1096 18.57 21.96 45.36
C LYS A 1096 19.06 23.40 45.59
N MET A 1097 20.38 23.59 45.45
CA MET A 1097 21.04 24.88 45.64
C MET A 1097 20.74 25.45 47.04
N VAL A 1098 21.41 24.85 48.02
CA VAL A 1098 21.26 25.24 49.41
C VAL A 1098 22.29 26.32 49.74
N ILE A 1099 23.49 25.90 50.10
CA ILE A 1099 24.57 26.83 50.43
C ILE A 1099 25.91 26.23 50.02
N ASP A 1100 26.03 25.87 48.75
CA ASP A 1100 27.27 25.27 48.25
C ASP A 1100 28.30 26.36 47.98
N LYS A 1101 29.57 26.00 48.16
CA LYS A 1101 30.68 26.92 47.93
C LYS A 1101 31.31 26.78 46.56
N ARG A 1102 30.95 25.74 45.80
CA ARG A 1102 31.49 25.54 44.47
C ARG A 1102 30.65 26.27 43.44
N LYS A 1103 31.06 26.18 42.17
CA LYS A 1103 30.37 26.83 41.07
C LYS A 1103 29.48 25.81 40.37
N PHE A 1104 29.17 26.05 39.09
CA PHE A 1104 28.33 25.19 38.26
C PHE A 1104 26.97 24.98 38.92
N VAL A 1105 26.21 26.09 38.99
CA VAL A 1105 24.88 26.08 39.59
C VAL A 1105 24.00 27.09 38.86
N ARG A 1106 24.17 27.18 37.54
CA ARG A 1106 23.38 28.11 36.73
C ARG A 1106 22.77 27.41 35.54
N LYS A 1107 22.53 28.15 34.46
CA LYS A 1107 21.94 27.63 33.22
C LYS A 1107 20.59 26.97 33.50
N PHE A 1108 19.64 27.82 33.87
CA PHE A 1108 18.27 27.39 34.17
C PHE A 1108 17.23 27.98 33.25
N SER A 1109 17.38 29.25 32.86
CA SER A 1109 16.43 29.89 31.97
C SER A 1109 17.16 30.92 31.12
N VAL A 1110 16.69 31.10 29.89
CA VAL A 1110 17.28 32.04 28.96
C VAL A 1110 16.19 32.63 28.07
N ASP A 1111 15.28 31.77 27.61
CA ASP A 1111 14.20 32.22 26.75
C ASP A 1111 13.09 32.86 27.57
N ASN A 1112 12.44 33.86 26.98
CA ASN A 1112 11.35 34.56 27.64
C ASN A 1112 10.23 34.89 26.67
N LEU A 1119 -3.79 44.86 18.30
CA LEU A 1119 -3.40 44.39 16.96
C LEU A 1119 -3.82 42.95 16.75
N ASN A 1120 -4.18 42.26 17.83
CA ASN A 1120 -4.61 40.87 17.74
C ASN A 1120 -6.06 40.73 17.27
N GLU A 1121 -6.86 41.78 17.41
CA GLU A 1121 -8.25 41.69 16.98
C GLU A 1121 -8.37 41.77 15.46
N ASN A 1122 -7.51 42.57 14.81
CA ASN A 1122 -7.56 42.69 13.36
C ASN A 1122 -6.96 41.46 12.69
N CYS A 1123 -5.89 40.91 13.26
CA CYS A 1123 -5.26 39.73 12.67
C CYS A 1123 -6.05 38.47 12.99
N ILE A 1124 -6.62 38.38 14.19
CA ILE A 1124 -7.39 37.20 14.57
C ILE A 1124 -8.77 37.23 13.91
N PHE A 1125 -9.40 38.40 13.85
CA PHE A 1125 -10.72 38.49 13.22
C PHE A 1125 -10.61 38.45 11.71
N ASP A 1126 -9.59 39.10 11.14
CA ASP A 1126 -9.44 39.09 9.69
C ASP A 1126 -8.90 37.75 9.20
N ALA A 1127 -8.00 37.14 9.97
CA ALA A 1127 -7.45 35.85 9.57
C ALA A 1127 -8.43 34.72 9.82
N ILE A 1128 -9.20 34.79 10.91
CA ILE A 1128 -10.17 33.75 11.22
C ILE A 1128 -11.41 33.88 10.34
N ILE A 1129 -11.84 35.12 10.08
CA ILE A 1129 -13.02 35.34 9.26
C ILE A 1129 -12.69 35.13 7.78
N TYR A 1130 -11.52 35.60 7.35
CA TYR A 1130 -11.12 35.42 5.94
C TYR A 1130 -10.70 33.99 5.65
N ALA A 1131 -10.05 33.33 6.61
CA ALA A 1131 -9.61 31.96 6.42
C ALA A 1131 -10.72 30.94 6.69
N LEU A 1132 -11.72 31.30 7.48
CA LEU A 1132 -12.82 30.40 7.79
C LEU A 1132 -14.07 30.66 6.95
N SER A 1133 -14.17 31.83 6.31
CA SER A 1133 -15.32 32.17 5.50
C SER A 1133 -15.18 31.74 4.04
N SER A 1134 -14.07 31.09 3.68
CA SER A 1134 -13.86 30.64 2.32
C SER A 1134 -14.19 29.16 2.17
N SER A 1137 -7.47 22.57 4.52
CA SER A 1137 -6.27 22.34 5.30
C SER A 1137 -5.53 23.66 5.57
N ALA A 1138 -5.92 24.70 4.86
CA ALA A 1138 -5.29 26.01 5.03
C ALA A 1138 -5.79 26.75 6.25
N VAL A 1139 -6.96 26.37 6.79
CA VAL A 1139 -7.48 27.05 7.97
C VAL A 1139 -6.73 26.63 9.22
N ARG A 1140 -6.27 25.38 9.28
CA ARG A 1140 -5.53 24.93 10.46
C ARG A 1140 -4.10 25.47 10.46
N SER A 1141 -3.46 25.53 9.28
CA SER A 1141 -2.10 26.04 9.20
C SER A 1141 -2.09 27.56 9.29
N MET A 1142 -3.05 28.23 8.67
CA MET A 1142 -3.11 29.68 8.73
C MET A 1142 -3.59 30.18 10.08
N GLY A 1143 -4.61 29.53 10.64
CA GLY A 1143 -5.11 29.95 11.95
C GLY A 1143 -4.19 29.53 13.08
N LEU A 1144 -3.60 28.33 12.98
CA LEU A 1144 -2.70 27.87 14.03
C LEU A 1144 -1.36 28.57 13.94
N GLU A 1145 -0.87 28.83 12.72
CA GLU A 1145 0.41 29.52 12.55
C GLU A 1145 0.29 31.01 12.86
N SER A 1146 -0.81 31.64 12.43
CA SER A 1146 -0.99 33.06 12.70
C SER A 1146 -1.37 33.31 14.15
N VAL A 1147 -2.22 32.46 14.72
CA VAL A 1147 -2.63 32.64 16.12
C VAL A 1147 -1.50 32.23 17.05
N GLN A 1148 -0.74 31.19 16.69
CA GLN A 1148 0.37 30.76 17.54
C GLN A 1148 1.56 31.70 17.42
N LEU A 1149 1.83 32.22 16.24
CA LEU A 1149 2.95 33.15 16.06
C LEU A 1149 2.62 34.54 16.60
N ILE A 1150 1.39 35.00 16.40
CA ILE A 1150 1.00 36.31 16.90
C ILE A 1150 0.79 36.28 18.40
N TYR A 1151 0.18 35.21 18.92
CA TYR A 1151 -0.05 35.11 20.36
C TYR A 1151 1.23 34.77 21.11
N ASP A 1152 2.11 33.97 20.52
CA ASP A 1152 3.36 33.61 21.18
C ASP A 1152 4.42 34.69 21.03
N SER A 1153 4.36 35.47 19.96
CA SER A 1153 5.33 36.53 19.72
C SER A 1153 4.89 37.88 20.27
N CYS A 1154 3.59 38.08 20.48
CA CYS A 1154 3.07 39.34 21.00
C CYS A 1154 2.90 39.32 22.51
N VAL A 1155 3.03 38.18 23.16
CA VAL A 1155 2.88 38.08 24.60
C VAL A 1155 4.07 37.36 25.22
N PRO A 1169 -6.38 22.33 18.77
CA PRO A 1169 -4.94 22.50 18.62
C PRO A 1169 -4.20 21.17 18.48
N LEU A 1170 -4.72 20.12 19.13
CA LEU A 1170 -4.10 18.81 19.06
C LEU A 1170 -4.41 18.07 17.77
N ASN A 1171 -5.48 18.46 17.07
CA ASN A 1171 -5.84 17.79 15.81
C ASN A 1171 -4.93 18.22 14.66
N VAL A 1172 -4.46 19.46 14.66
CA VAL A 1172 -3.59 19.93 13.60
C VAL A 1172 -2.18 19.37 13.76
N MET A 1173 -1.67 19.35 14.99
CA MET A 1173 -0.33 18.84 15.23
C MET A 1173 -0.31 17.32 15.22
N CYS A 1174 -1.35 16.68 15.76
CA CYS A 1174 -1.40 15.22 15.77
C CYS A 1174 -1.75 14.66 14.41
N SER A 1175 -2.63 15.33 13.67
CA SER A 1175 -3.04 14.88 12.35
C SER A 1175 -2.08 15.33 11.24
N LYS A 1176 -1.29 16.38 11.49
CA LYS A 1176 -0.35 16.87 10.48
C LYS A 1176 1.10 16.46 10.76
N PHE A 1177 1.42 16.07 12.00
CA PHE A 1177 2.78 15.67 12.32
C PHE A 1177 3.11 14.26 11.84
N ILE A 1178 2.10 13.43 11.60
CA ILE A 1178 2.33 12.06 11.14
C ILE A 1178 2.48 12.04 9.63
N GLU A 1183 4.90 21.85 4.29
CA GLU A 1183 5.20 23.16 4.85
C GLU A 1183 4.42 23.39 6.15
N GLU A 1184 3.37 22.59 6.35
CA GLU A 1184 2.56 22.70 7.56
C GLU A 1184 3.17 21.88 8.68
N PRO A 1185 4.10 20.97 8.38
CA PRO A 1185 4.70 20.17 9.46
C PRO A 1185 5.70 20.95 10.29
N TYR A 1186 6.46 21.86 9.66
CA TYR A 1186 7.44 22.65 10.41
C TYR A 1186 6.76 23.73 11.24
N HIS A 1187 5.74 24.39 10.68
CA HIS A 1187 5.04 25.42 11.41
C HIS A 1187 4.10 24.83 12.46
N LYS A 1188 3.48 23.69 12.14
CA LYS A 1188 2.58 23.06 13.11
C LYS A 1188 3.35 22.37 14.22
N LYS A 1189 4.46 21.69 13.87
CA LYS A 1189 5.25 21.02 14.89
C LYS A 1189 6.06 22.01 15.71
N LEU A 1190 6.58 23.07 15.08
CA LEU A 1190 7.36 24.06 15.81
C LEU A 1190 6.46 24.96 16.65
N ALA A 1191 5.28 25.32 16.12
CA ALA A 1191 4.37 26.16 16.88
C ALA A 1191 3.68 25.37 17.99
N GLY A 1192 3.32 24.12 17.71
CA GLY A 1192 2.68 23.32 18.74
C GLY A 1192 3.65 22.85 19.81
N CYS A 1193 4.87 22.49 19.41
CA CYS A 1193 5.86 22.04 20.38
C CYS A 1193 6.44 23.21 21.17
N ILE A 1194 6.64 24.36 20.52
CA ILE A 1194 7.17 25.52 21.21
C ILE A 1194 6.11 26.15 22.09
N GLY A 1195 4.87 26.20 21.62
CA GLY A 1195 3.80 26.77 22.42
C GLY A 1195 3.36 25.86 23.56
N LEU A 1196 3.32 24.56 23.30
CA LEU A 1196 2.93 23.62 24.35
C LEU A 1196 4.05 23.42 25.36
N GLU A 1197 5.30 23.40 24.89
CA GLU A 1197 6.43 23.23 25.80
C GLU A 1197 6.70 24.50 26.60
N MET A 1198 6.60 25.67 25.95
CA MET A 1198 6.84 26.92 26.65
C MET A 1198 5.68 27.28 27.57
N MET A 1199 4.44 27.06 27.11
CA MET A 1199 3.27 27.37 27.94
C MET A 1199 3.08 26.34 29.05
N LEU A 1200 3.43 25.08 28.80
CA LEU A 1200 3.28 24.05 29.82
C LEU A 1200 4.46 23.99 30.77
N ASN A 1201 5.63 24.46 30.35
CA ASN A 1201 6.83 24.45 31.20
C ASN A 1201 7.13 25.79 31.84
N SER A 1202 6.46 26.87 31.39
CA SER A 1202 6.69 28.18 31.96
C SER A 1202 5.87 28.44 33.22
N LEU A 1203 4.95 27.55 33.57
CA LEU A 1203 4.13 27.72 34.76
C LEU A 1203 4.84 27.20 36.01
N ASN A 1211 6.62 14.14 37.06
CA ASN A 1211 6.24 14.19 35.66
C ASN A 1211 7.38 13.76 34.75
N ALA A 1212 8.51 13.38 35.36
CA ALA A 1212 9.66 12.94 34.59
C ALA A 1212 9.52 11.50 34.11
N ARG A 1213 8.71 10.69 34.80
CA ARG A 1213 8.52 9.30 34.40
C ARG A 1213 7.62 9.20 33.17
N GLN A 1214 6.61 10.07 33.08
CA GLN A 1214 5.71 10.04 31.94
C GLN A 1214 6.35 10.65 30.70
N LEU A 1215 7.10 11.74 30.86
CA LEU A 1215 7.76 12.37 29.73
C LEU A 1215 8.99 11.58 29.28
N GLU A 1216 9.75 11.04 30.24
CA GLU A 1216 10.94 10.28 29.89
C GLU A 1216 10.59 8.89 29.38
N ILE A 1217 9.59 8.25 29.99
CA ILE A 1217 9.20 6.92 29.55
C ILE A 1217 8.38 6.99 28.26
N ILE A 1218 7.52 8.00 28.14
CA ILE A 1218 6.72 8.13 26.92
C ILE A 1218 7.55 8.68 25.78
N ARG A 1219 8.55 9.51 26.07
CA ARG A 1219 9.41 10.07 25.03
C ARG A 1219 10.57 9.17 24.66
N ALA A 1220 10.97 8.26 25.55
CA ALA A 1220 12.07 7.35 25.28
C ALA A 1220 11.61 5.93 24.95
N LEU A 1221 10.34 5.61 25.17
CA LEU A 1221 9.81 4.28 24.89
C LEU A 1221 9.20 4.18 23.49
N PHE A 1222 9.17 5.26 22.73
CA PHE A 1222 8.61 5.24 21.38
C PHE A 1222 9.65 5.64 20.34
N CYS A 1234 14.72 5.18 15.68
CA CYS A 1234 15.39 4.52 16.79
C CYS A 1234 16.43 5.44 17.42
N GLU A 1235 16.70 6.57 16.76
CA GLU A 1235 17.68 7.52 17.28
C GLU A 1235 17.13 8.36 18.42
N VAL A 1236 15.81 8.51 18.52
CA VAL A 1236 15.23 9.31 19.60
C VAL A 1236 15.29 8.56 20.92
N THR A 1237 15.18 7.23 20.87
CA THR A 1237 15.24 6.45 22.11
C THR A 1237 16.66 6.35 22.64
N ASN A 1238 17.63 6.14 21.75
CA ASN A 1238 19.02 6.04 22.17
C ASN A 1238 19.60 7.41 22.51
N THR A 1239 19.22 8.44 21.76
CA THR A 1239 19.72 9.79 22.04
C THR A 1239 19.05 10.40 23.25
N ALA A 1240 17.73 10.22 23.39
CA ALA A 1240 17.02 10.78 24.53
C ALA A 1240 17.31 9.98 25.80
N LYS A 1241 17.41 8.65 25.67
CA LYS A 1241 17.70 7.81 26.83
C LYS A 1241 19.16 7.93 27.26
N ARG A 1242 20.08 8.03 26.30
CA ARG A 1242 21.49 8.16 26.63
C ARG A 1242 21.82 9.57 27.12
N LEU A 1243 21.21 10.59 26.52
CA LEU A 1243 21.47 11.96 26.95
C LEU A 1243 20.78 12.27 28.27
N ILE A 1244 19.54 11.79 28.45
CA ILE A 1244 18.82 12.04 29.70
C ILE A 1244 19.38 11.19 30.82
N LEU A 1245 19.80 9.95 30.51
CA LEU A 1245 20.35 9.09 31.55
C LEU A 1245 21.77 9.50 31.93
N ASN A 1246 22.57 9.92 30.94
CA ASN A 1246 23.93 10.35 31.22
C ASN A 1246 23.96 11.73 31.88
N SER A 1247 23.11 12.65 31.42
CA SER A 1247 23.07 13.98 32.01
C SER A 1247 22.40 13.98 33.38
N LEU A 1248 21.31 13.23 33.52
CA LEU A 1248 20.62 13.17 34.81
C LEU A 1248 21.38 12.31 35.82
N LYS A 1249 22.04 11.25 35.36
CA LYS A 1249 22.80 10.39 36.27
C LYS A 1249 24.18 10.93 36.57
N GLU A 1250 24.74 11.76 35.69
CA GLU A 1250 26.07 12.34 35.89
C GLU A 1250 26.04 13.76 36.42
N TRP A 1251 24.87 14.42 36.39
CA TRP A 1251 24.75 15.78 36.88
C TRP A 1251 24.48 15.85 38.38
N ASN A 1252 24.29 14.72 39.04
CA ASN A 1252 24.03 14.70 40.48
C ASN A 1252 25.30 14.39 41.27
N ASN A 1258 22.40 11.92 46.96
CA ASN A 1258 22.55 11.24 45.68
C ASN A 1258 21.69 9.98 45.62
N ASP A 1259 21.15 9.59 46.78
CA ASP A 1259 20.30 8.40 46.84
C ASP A 1259 18.89 8.65 46.36
N VAL A 1260 18.45 9.91 46.29
CA VAL A 1260 17.10 10.20 45.83
C VAL A 1260 17.02 10.05 44.31
N PHE A 1261 18.09 10.39 43.59
CA PHE A 1261 18.08 10.27 42.14
C PHE A 1261 18.21 8.81 41.71
N SER A 1262 19.06 8.04 42.40
CA SER A 1262 19.24 6.63 42.05
C SER A 1262 18.06 5.79 42.52
N SER A 1263 17.51 6.10 43.71
CA SER A 1263 16.38 5.34 44.21
C SER A 1263 15.08 5.71 43.50
N VAL A 1264 14.88 7.00 43.23
CA VAL A 1264 13.68 7.43 42.53
C VAL A 1264 13.75 7.08 41.05
N PHE A 1265 14.93 7.18 40.45
CA PHE A 1265 15.08 6.84 39.04
C PHE A 1265 15.05 5.33 38.82
N GLN A 1266 15.66 4.56 39.73
CA GLN A 1266 15.66 3.12 39.59
C GLN A 1266 14.30 2.52 39.95
N ASN A 1267 13.64 3.06 40.98
CA ASN A 1267 12.33 2.54 41.37
C ASN A 1267 11.24 2.98 40.40
N LEU A 1268 11.30 4.24 39.94
CA LEU A 1268 10.29 4.72 38.99
C LEU A 1268 10.52 4.15 37.60
N VAL A 1269 11.78 3.97 37.21
CA VAL A 1269 12.08 3.42 35.89
C VAL A 1269 11.84 1.92 35.87
N SER A 1270 12.14 1.23 36.97
CA SER A 1270 11.93 -0.22 37.03
C SER A 1270 10.45 -0.55 37.21
N SER A 1271 9.74 0.22 38.04
CA SER A 1271 8.33 -0.05 38.26
C SER A 1271 7.48 0.41 37.07
N LEU A 1272 7.81 1.57 36.50
CA LEU A 1272 7.07 2.08 35.35
C LEU A 1272 7.42 1.33 34.07
N ILE A 1273 8.66 0.88 33.93
CA ILE A 1273 9.06 0.15 32.73
C ILE A 1273 8.68 -1.32 32.84
N VAL A 1274 8.62 -1.86 34.06
CA VAL A 1274 8.27 -3.26 34.24
C VAL A 1274 6.77 -3.47 34.45
N ASP A 1275 6.03 -2.41 34.77
CA ASP A 1275 4.58 -2.53 34.99
C ASP A 1275 3.78 -2.48 33.71
N LEU A 1276 4.41 -2.15 32.57
CA LEU A 1276 3.71 -2.07 31.30
C LEU A 1276 4.02 -3.29 30.44
N GLU A 1281 1.42 -4.94 21.18
CA GLU A 1281 2.36 -5.86 21.79
C GLU A 1281 3.80 -5.39 21.64
N ILE A 1282 4.00 -4.39 20.77
CA ILE A 1282 5.34 -3.87 20.55
C ILE A 1282 5.73 -2.83 21.60
N VAL A 1283 4.77 -2.31 22.35
CA VAL A 1283 5.08 -1.31 23.37
C VAL A 1283 5.71 -1.98 24.60
N ARG A 1284 5.27 -3.20 24.92
CA ARG A 1284 5.83 -3.90 26.07
C ARG A 1284 7.21 -4.45 25.77
N ALA A 1285 7.40 -5.02 24.57
CA ALA A 1285 8.70 -5.56 24.20
C ALA A 1285 9.70 -4.45 23.87
N THR A 1286 9.23 -3.38 23.21
CA THR A 1286 10.13 -2.28 22.86
C THR A 1286 10.45 -1.42 24.08
N ALA A 1287 9.46 -1.17 24.93
CA ALA A 1287 9.70 -0.36 26.13
C ALA A 1287 10.45 -1.15 27.19
N GLN A 1288 10.11 -2.43 27.37
CA GLN A 1288 10.81 -3.24 28.36
C GLN A 1288 12.20 -3.62 27.90
N GLU A 1289 12.36 -3.93 26.61
CA GLU A 1289 13.68 -4.30 26.10
C GLU A 1289 14.58 -3.07 25.94
N ALA A 1290 14.02 -1.94 25.52
CA ALA A 1290 14.83 -0.73 25.36
C ALA A 1290 15.14 -0.09 26.71
N LEU A 1291 14.18 -0.08 27.63
CA LEU A 1291 14.42 0.50 28.95
C LEU A 1291 15.28 -0.40 29.81
N ARG A 1292 15.06 -1.72 29.74
CA ARG A 1292 15.85 -2.65 30.53
C ARG A 1292 17.25 -2.82 29.97
N THR A 1293 17.37 -2.92 28.64
CA THR A 1293 18.68 -3.07 28.02
C THR A 1293 19.47 -1.77 28.02
N LEU A 1294 18.80 -0.62 27.91
CA LEU A 1294 19.47 0.66 27.92
C LEU A 1294 19.71 1.21 29.31
N SER A 1295 18.96 0.74 30.31
CA SER A 1295 19.12 1.20 31.68
C SER A 1295 19.85 0.20 32.57
N GLU A 1296 20.01 -1.05 32.12
CA GLU A 1296 20.70 -2.07 32.90
C GLU A 1296 22.20 -2.07 32.67
N THR A 1297 22.71 -1.22 31.79
CA THR A 1297 24.14 -1.17 31.52
C THR A 1297 24.82 -0.11 32.37
N PRO A 1301 17.37 -6.55 43.26
CA PRO A 1301 16.40 -6.34 42.18
C PRO A 1301 16.37 -7.50 41.18
N ILE A 1302 16.62 -8.71 41.67
CA ILE A 1302 16.62 -9.86 40.77
C ILE A 1302 15.22 -10.45 40.64
N ALA A 1303 14.37 -10.25 41.64
CA ALA A 1303 13.00 -10.78 41.58
C ALA A 1303 12.12 -9.95 40.65
N THR A 1304 12.28 -8.62 40.67
CA THR A 1304 11.47 -7.78 39.80
C THR A 1304 11.94 -7.84 38.35
N MET A 1305 13.23 -8.04 38.12
CA MET A 1305 13.77 -8.12 36.78
C MET A 1305 13.78 -9.55 36.22
N ILE A 1306 13.65 -10.56 37.08
CA ILE A 1306 13.64 -11.94 36.64
C ILE A 1306 12.20 -12.43 36.54
N SER A 1307 11.31 -11.82 37.33
CA SER A 1307 9.91 -12.19 37.33
C SER A 1307 9.20 -11.62 36.11
N PRO A 1308 9.68 -10.48 35.58
CA PRO A 1308 9.02 -9.91 34.40
C PRO A 1308 9.33 -10.67 33.12
N CYS A 1309 10.51 -11.28 33.02
CA CYS A 1309 10.86 -12.02 31.81
C CYS A 1309 10.13 -13.35 31.75
N LYS A 1310 10.08 -14.08 32.87
CA LYS A 1310 9.38 -15.37 32.89
C LYS A 1310 7.87 -15.19 32.94
N HIS A 1311 7.40 -14.18 33.66
CA HIS A 1311 5.96 -13.94 33.75
C HIS A 1311 5.40 -13.32 32.48
N ILE A 1312 6.14 -12.37 31.89
CA ILE A 1312 5.68 -11.73 30.67
C ILE A 1312 5.90 -12.63 29.47
N LEU A 1313 7.01 -13.38 29.46
CA LEU A 1313 7.29 -14.28 28.34
C LEU A 1313 6.48 -15.56 28.42
N LEU A 1314 6.08 -15.97 29.62
CA LEU A 1314 5.30 -17.19 29.81
C LEU A 1314 3.80 -16.93 29.90
N ALA A 1315 3.38 -15.70 30.16
CA ALA A 1315 1.96 -15.37 30.26
C ALA A 1315 1.41 -15.04 28.88
N PRO A 1316 2.27 -14.82 27.88
CA PRO A 1316 1.83 -14.50 26.52
C PRO A 1316 1.76 -15.73 25.61
N PHE A 1327 11.39 -12.17 18.45
CA PHE A 1327 12.84 -12.07 18.54
C PHE A 1327 13.26 -11.27 19.77
N GLN A 1328 12.33 -10.48 20.30
CA GLN A 1328 12.61 -9.65 21.47
C GLN A 1328 12.61 -10.46 22.77
N MET A 1329 11.92 -11.60 22.79
CA MET A 1329 11.89 -12.41 24.00
C MET A 1329 13.19 -13.15 24.23
N GLN A 1330 13.86 -13.58 23.15
CA GLN A 1330 15.13 -14.28 23.29
C GLN A 1330 16.27 -13.33 23.64
N ILE A 1331 16.30 -12.16 22.99
CA ILE A 1331 17.36 -11.19 23.28
C ILE A 1331 17.13 -10.52 24.62
N GLY A 1332 15.88 -10.22 24.96
CA GLY A 1332 15.55 -9.58 26.22
C GLY A 1332 15.66 -10.52 27.40
N ASN A 1333 15.15 -11.74 27.25
CA ASN A 1333 15.21 -12.72 28.33
C ASN A 1333 16.61 -13.30 28.48
N ILE A 1334 17.30 -13.52 27.36
CA ILE A 1334 18.65 -14.08 27.41
C ILE A 1334 19.66 -13.02 27.85
N ASP A 1335 19.47 -11.78 27.40
CA ASP A 1335 20.38 -10.70 27.77
C ASP A 1335 20.14 -10.23 29.20
N ALA A 1336 18.86 -10.12 29.61
CA ALA A 1336 18.55 -9.69 30.96
C ALA A 1336 18.79 -10.79 31.98
N ILE A 1337 18.48 -12.03 31.62
CA ILE A 1337 18.69 -13.15 32.54
C ILE A 1337 20.16 -13.52 32.61
N THR A 1338 20.85 -13.51 31.47
CA THR A 1338 22.26 -13.85 31.45
C THR A 1338 23.15 -12.71 31.93
N PHE A 1339 22.69 -11.46 31.84
CA PHE A 1339 23.46 -10.31 32.28
C PHE A 1339 23.10 -9.84 33.68
N CYS A 1340 21.94 -10.24 34.20
CA CYS A 1340 21.51 -9.84 35.53
C CYS A 1340 22.03 -10.74 36.63
N MET A 1341 22.73 -11.82 36.28
CA MET A 1341 23.27 -12.75 37.26
C MET A 1341 24.73 -12.44 37.55
N GLU A 1352 17.38 -17.71 51.06
CA GLU A 1352 16.68 -16.80 50.16
C GLU A 1352 16.63 -17.35 48.74
N GLU A 1353 17.56 -18.27 48.43
CA GLU A 1353 17.60 -18.86 47.10
C GLU A 1353 16.56 -19.97 46.92
N LEU A 1354 16.01 -20.51 48.01
CA LEU A 1354 15.01 -21.56 47.89
C LEU A 1354 13.67 -21.03 47.44
N ASN A 1355 13.31 -19.81 47.84
CA ASN A 1355 12.03 -19.24 47.43
C ASN A 1355 12.05 -18.78 45.98
N ARG A 1356 13.13 -18.12 45.56
CA ARG A 1356 13.24 -17.65 44.18
C ARG A 1356 13.55 -18.80 43.22
N LEU A 1357 14.39 -19.74 43.64
CA LEU A 1357 14.73 -20.87 42.79
C LEU A 1357 13.61 -21.88 42.72
N VAL A 1358 12.92 -22.12 43.85
CA VAL A 1358 11.82 -23.08 43.86
C VAL A 1358 10.58 -22.48 43.23
N GLN A 1359 10.34 -21.19 43.45
CA GLN A 1359 9.16 -20.54 42.87
C GLN A 1359 9.35 -20.27 41.39
N GLU A 1360 10.54 -19.81 40.99
CA GLU A 1360 10.79 -19.54 39.58
C GLU A 1360 10.99 -20.82 38.78
N ALA A 1361 11.69 -21.80 39.36
CA ALA A 1361 11.93 -23.06 38.66
C ALA A 1361 10.69 -23.94 38.66
N LEU A 1362 9.91 -23.91 39.74
CA LEU A 1362 8.70 -24.72 39.81
C LEU A 1362 7.52 -24.06 39.13
N ALA A 1363 7.52 -22.73 39.03
CA ALA A 1363 6.44 -22.00 38.40
C ALA A 1363 6.73 -21.64 36.94
N LEU A 1364 7.98 -21.72 36.50
CA LEU A 1364 8.33 -21.39 35.12
C LEU A 1364 8.13 -22.56 34.17
N VAL A 1365 7.87 -23.76 34.69
CA VAL A 1365 7.67 -24.93 33.84
C VAL A 1365 6.18 -25.12 33.54
N SER A 1384 7.43 -24.05 23.26
CA SER A 1384 8.29 -25.08 23.84
C SER A 1384 9.69 -24.53 24.11
N GLU A 1385 9.98 -23.36 23.54
CA GLU A 1385 11.28 -22.73 23.72
C GLU A 1385 11.42 -22.03 25.06
N GLN A 1386 10.30 -21.71 25.71
CA GLN A 1386 10.37 -21.03 27.00
C GLN A 1386 10.80 -22.00 28.11
N LEU A 1387 10.38 -23.26 28.02
CA LEU A 1387 10.76 -24.24 29.03
C LEU A 1387 12.20 -24.69 28.87
N VAL A 1388 12.66 -24.86 27.62
CA VAL A 1388 14.03 -25.29 27.39
C VAL A 1388 14.99 -24.12 27.60
N ARG A 1389 14.59 -22.91 27.21
CA ARG A 1389 15.46 -21.75 27.39
C ARG A 1389 15.50 -21.29 28.85
N LEU A 1390 14.34 -21.27 29.52
CA LEU A 1390 14.32 -20.86 30.92
C LEU A 1390 14.89 -21.94 31.82
N ARG A 1391 14.63 -23.21 31.50
CA ARG A 1391 15.15 -24.31 32.31
C ARG A 1391 16.64 -24.53 32.07
N VAL A 1392 17.10 -24.36 30.83
CA VAL A 1392 18.50 -24.54 30.52
C VAL A 1392 19.32 -23.34 30.99
N VAL A 1393 18.77 -22.13 30.87
CA VAL A 1393 19.47 -20.94 31.31
C VAL A 1393 19.47 -20.83 32.83
N CYS A 1394 18.34 -21.15 33.46
CA CYS A 1394 18.27 -21.09 34.92
C CYS A 1394 19.02 -22.24 35.57
N ILE A 1395 18.97 -23.43 34.97
CA ILE A 1395 19.67 -24.58 35.52
C ILE A 1395 21.17 -24.47 35.27
N GLN A 1396 21.56 -23.95 34.11
CA GLN A 1396 22.98 -23.81 33.80
C GLN A 1396 23.61 -22.65 34.56
N LEU A 1397 22.88 -21.53 34.67
CA LEU A 1397 23.41 -20.37 35.38
C LEU A 1397 23.36 -20.58 36.89
N LEU A 1398 22.29 -21.18 37.40
CA LEU A 1398 22.17 -21.42 38.83
C LEU A 1398 23.05 -22.58 39.27
N SER A 1399 23.20 -23.61 38.44
CA SER A 1399 24.04 -24.75 38.77
C SER A 1399 25.52 -24.50 38.50
N LEU A 1400 25.84 -23.57 37.60
CA LEU A 1400 27.22 -23.26 37.28
C LEU A 1400 27.75 -22.01 37.98
N ALA A 1401 26.86 -21.20 38.55
CA ALA A 1401 27.25 -19.99 39.25
C ALA A 1401 27.58 -20.22 40.72
N ILE A 1402 27.44 -21.46 41.21
CA ILE A 1402 27.72 -21.76 42.59
C ILE A 1402 29.10 -22.41 42.73
N ARG A 1413 19.29 -28.12 48.52
CA ARG A 1413 17.95 -27.90 49.05
C ARG A 1413 16.90 -28.01 47.96
N SER A 1414 17.30 -28.53 46.79
CA SER A 1414 16.42 -28.71 45.67
C SER A 1414 15.75 -30.09 45.64
N ASN A 1415 16.04 -30.95 46.61
CA ASN A 1415 15.44 -32.27 46.64
C ASN A 1415 13.99 -32.22 47.12
N ILE A 1416 13.69 -31.35 48.08
CA ILE A 1416 12.32 -31.23 48.57
C ILE A 1416 11.45 -30.48 47.58
N ARG A 1417 12.00 -29.45 46.93
CA ARG A 1417 11.23 -28.68 45.96
C ARG A 1417 11.07 -29.45 44.65
N VAL A 1418 12.11 -30.16 44.21
CA VAL A 1418 12.03 -30.92 42.97
C VAL A 1418 11.21 -32.19 43.17
N LYS A 1419 11.33 -32.82 44.33
CA LYS A 1419 10.58 -34.04 44.60
C LYS A 1419 9.12 -33.74 44.92
N ILE A 1420 8.86 -32.67 45.66
CA ILE A 1420 7.49 -32.31 46.00
C ILE A 1420 6.78 -31.68 44.81
N LEU A 1421 7.49 -30.85 44.05
CA LEU A 1421 6.88 -30.21 42.89
C LEU A 1421 6.73 -31.19 41.72
N VAL A 1422 7.71 -32.08 41.54
CA VAL A 1422 7.64 -33.05 40.46
C VAL A 1422 6.68 -34.18 40.81
N VAL A 1423 6.61 -34.56 42.08
CA VAL A 1423 5.71 -35.63 42.50
C VAL A 1423 4.27 -35.12 42.57
N PHE A 1424 4.08 -33.89 43.06
CA PHE A 1424 2.74 -33.33 43.15
C PHE A 1424 2.21 -32.89 41.78
N PHE A 1425 3.08 -32.28 40.96
CA PHE A 1425 2.65 -31.84 39.64
C PHE A 1425 2.52 -33.01 38.67
N LYS A 1426 3.40 -34.00 38.79
CA LYS A 1426 3.35 -35.17 37.91
C LYS A 1426 2.33 -36.21 38.37
N SER A 1427 1.99 -36.23 39.66
CA SER A 1427 1.02 -37.19 40.18
C SER A 1427 -0.36 -36.60 40.37
N LEU A 1428 -0.50 -35.27 40.32
CA LEU A 1428 -1.81 -34.64 40.49
C LEU A 1428 -2.64 -34.66 39.21
N CYS A 1429 -2.02 -34.93 38.07
CA CYS A 1429 -2.75 -34.97 36.81
C CYS A 1429 -3.29 -36.37 36.52
N GLU A 1434 -4.52 -31.54 24.75
CA GLU A 1434 -3.71 -32.76 24.66
C GLU A 1434 -2.22 -32.41 24.67
N ILE A 1435 -1.90 -31.17 24.31
CA ILE A 1435 -0.51 -30.74 24.30
C ILE A 1435 -0.01 -30.32 25.67
N ILE A 1436 -0.92 -30.03 26.61
CA ILE A 1436 -0.49 -29.63 27.95
C ILE A 1436 -0.03 -30.83 28.76
N ARG A 1437 -0.67 -31.98 28.58
CA ARG A 1437 -0.28 -33.19 29.32
C ARG A 1437 0.99 -33.79 28.75
N ALA A 1438 1.11 -33.85 27.43
CA ALA A 1438 2.30 -34.42 26.81
C ALA A 1438 3.49 -33.47 26.88
N ALA A 1439 3.23 -32.17 26.70
CA ALA A 1439 4.32 -31.19 26.77
C ALA A 1439 4.75 -30.94 28.21
N HIS A 1440 3.80 -30.88 29.14
CA HIS A 1440 4.13 -30.65 30.53
C HIS A 1440 4.73 -31.90 31.17
N GLY A 1441 4.18 -33.07 30.85
CA GLY A 1441 4.70 -34.30 31.42
C GLY A 1441 6.04 -34.71 30.79
N GLY A 1442 6.14 -34.58 29.47
CA GLY A 1442 7.39 -34.94 28.81
C GLY A 1442 8.48 -33.92 29.02
N LEU A 1443 8.14 -32.64 28.97
CA LEU A 1443 9.13 -31.58 29.16
C LEU A 1443 9.50 -31.42 30.64
N LYS A 1444 8.55 -31.64 31.56
CA LYS A 1444 8.84 -31.51 32.97
C LYS A 1444 9.38 -32.80 33.58
N ALA A 1445 9.15 -33.94 32.95
CA ALA A 1445 9.63 -35.22 33.46
C ALA A 1445 10.86 -35.73 32.71
N VAL A 1446 11.18 -35.16 31.53
CA VAL A 1446 12.34 -35.60 30.77
C VAL A 1446 13.63 -34.94 31.23
N ILE A 1447 13.55 -33.94 32.08
CA ILE A 1447 14.74 -33.25 32.58
C ILE A 1447 15.37 -34.03 33.72
N PRO A 1454 11.01 -43.82 44.88
CA PRO A 1454 10.49 -43.05 43.74
C PRO A 1454 10.27 -43.92 42.52
N LYS A 1455 10.32 -45.23 42.69
CA LYS A 1455 10.12 -46.15 41.57
C LYS A 1455 8.65 -46.29 41.20
N GLU A 1456 7.75 -46.14 42.17
CA GLU A 1456 6.32 -46.25 41.88
C GLU A 1456 5.81 -45.04 41.12
N LEU A 1457 6.31 -43.85 41.45
CA LEU A 1457 5.86 -42.64 40.76
C LEU A 1457 6.47 -42.55 39.35
N LEU A 1458 7.71 -43.03 39.18
CA LEU A 1458 8.33 -42.98 37.87
C LEU A 1458 7.83 -44.09 36.95
N GLN A 1459 7.68 -45.30 37.50
CA GLN A 1459 7.20 -46.41 36.68
C GLN A 1459 5.70 -46.30 36.42
N ASN A 1460 4.92 -46.07 37.47
CA ASN A 1460 3.48 -45.93 37.29
C ASN A 1460 3.12 -44.60 36.64
N GLY A 1461 3.87 -43.54 36.92
CA GLY A 1461 3.59 -42.25 36.33
C GLY A 1461 4.14 -42.07 34.93
N LEU A 1462 5.16 -42.86 34.55
CA LEU A 1462 5.76 -42.77 33.23
C LEU A 1462 5.33 -43.90 32.30
N ARG A 1463 4.70 -44.95 32.83
CA ARG A 1463 4.24 -46.06 32.01
C ARG A 1463 3.00 -45.67 31.23
N PRO A 1464 2.20 -44.74 31.73
CA PRO A 1464 1.00 -44.33 30.99
C PRO A 1464 1.29 -43.48 29.77
N MET A 1465 2.40 -42.73 29.77
CA MET A 1465 2.74 -41.92 28.62
C MET A 1465 3.27 -42.77 27.47
N LEU A 1466 4.14 -43.73 27.78
CA LEU A 1466 4.69 -44.60 26.74
C LEU A 1466 3.68 -45.66 26.31
N MET A 1467 2.88 -46.18 27.25
CA MET A 1467 1.88 -47.18 26.89
C MET A 1467 0.70 -46.57 26.17
N ASN A 1468 0.22 -45.41 26.65
CA ASN A 1468 -0.91 -44.75 26.00
C ASN A 1468 -0.49 -44.07 24.70
N LEU A 1469 0.71 -43.49 24.67
CA LEU A 1469 1.17 -42.82 23.47
C LEU A 1469 1.67 -43.80 22.42
N SER A 1470 2.15 -44.97 22.85
CA SER A 1470 2.64 -45.98 21.92
C SER A 1470 1.58 -47.00 21.53
N ASP A 1471 0.51 -47.12 22.30
CA ASP A 1471 -0.57 -48.07 22.00
C ASP A 1471 -1.65 -47.47 21.12
N HIS A 1472 -1.52 -46.21 20.72
CA HIS A 1472 -2.51 -45.57 19.87
C HIS A 1472 -1.97 -45.34 18.47
N LEU A 1475 -0.10 -32.59 16.29
CA LEU A 1475 1.21 -32.43 16.93
C LEU A 1475 1.45 -33.56 17.92
N THR A 1476 0.70 -34.65 17.78
CA THR A 1476 0.87 -35.80 18.67
C THR A 1476 2.04 -36.68 18.29
N VAL A 1477 2.54 -36.58 17.05
CA VAL A 1477 3.66 -37.40 16.63
C VAL A 1477 4.96 -36.90 17.25
N ALA A 1478 5.12 -35.58 17.34
CA ALA A 1478 6.34 -35.03 17.92
C ALA A 1478 6.35 -35.18 19.44
N SER A 1479 5.18 -35.03 20.07
CA SER A 1479 5.10 -35.18 21.52
C SER A 1479 5.18 -36.64 21.94
N LEU A 1480 4.53 -37.54 21.18
CA LEU A 1480 4.57 -38.95 21.52
C LEU A 1480 5.91 -39.57 21.18
N GLU A 1481 6.50 -39.17 20.04
CA GLU A 1481 7.80 -39.70 19.65
C GLU A 1481 8.92 -39.12 20.50
N ALA A 1482 8.82 -37.84 20.85
CA ALA A 1482 9.84 -37.22 21.67
C ALA A 1482 9.73 -37.66 23.12
N LEU A 1483 8.50 -37.84 23.62
CA LEU A 1483 8.32 -38.28 24.99
C LEU A 1483 8.65 -39.76 25.15
N SER A 1484 8.27 -40.58 24.17
CA SER A 1484 8.57 -42.01 24.25
C SER A 1484 10.05 -42.28 23.99
N GLY A 1485 10.64 -41.56 23.03
CA GLY A 1485 12.06 -41.76 22.75
C GLY A 1485 12.96 -41.17 23.83
N LEU A 1486 12.56 -40.02 24.38
CA LEU A 1486 13.36 -39.39 25.43
C LEU A 1486 13.19 -40.11 26.75
N LEU A 1487 11.97 -40.55 27.07
CA LEU A 1487 11.75 -41.26 28.33
C LEU A 1487 12.31 -42.68 28.28
N LYS A 1488 12.14 -43.35 27.14
CA LYS A 1488 12.68 -44.71 27.01
C LYS A 1488 14.20 -44.70 26.85
N LEU A 1489 14.74 -43.70 26.17
CA LEU A 1489 16.19 -43.62 25.98
C LEU A 1489 16.89 -43.15 27.25
N PHE A 1490 16.28 -42.20 27.97
CA PHE A 1490 16.88 -41.69 29.21
C PHE A 1490 16.61 -42.59 30.40
N ILE A 1491 15.56 -43.43 30.34
CA ILE A 1491 15.25 -44.33 31.44
C ILE A 1491 15.70 -45.76 31.19
N SER A 1492 16.03 -46.11 29.94
CA SER A 1492 16.48 -47.47 29.63
C SER A 1492 17.93 -47.71 30.01
N TYR A 1493 18.72 -46.65 30.19
CA TYR A 1493 20.13 -46.77 30.54
C TYR A 1493 20.38 -46.39 32.00
N PHE A 1494 19.38 -46.58 32.86
CA PHE A 1494 19.51 -46.25 34.27
C PHE A 1494 20.02 -47.45 35.07
N VAL A 1496 14.99 -53.48 40.60
CA VAL A 1496 15.08 -54.33 39.42
C VAL A 1496 14.36 -55.65 39.66
N GLY A 1497 14.43 -56.55 38.68
CA GLY A 1497 13.79 -57.85 38.80
C GLY A 1497 12.56 -57.98 37.92
N ILE A 1498 11.44 -57.42 38.37
CA ILE A 1498 10.19 -57.49 37.62
C ILE A 1498 9.92 -56.12 37.01
N GLY A 1499 10.39 -55.07 37.65
CA GLY A 1499 10.19 -53.71 37.16
C GLY A 1499 11.05 -53.40 35.95
N SER A 1500 12.34 -53.73 36.02
CA SER A 1500 13.24 -53.46 34.91
C SER A 1500 12.95 -54.39 33.73
N LYS A 1501 12.65 -55.66 34.00
CA LYS A 1501 12.34 -56.60 32.93
C LYS A 1501 10.97 -56.30 32.33
N LEU A 1502 10.02 -55.87 33.15
CA LEU A 1502 8.69 -55.55 32.63
C LEU A 1502 8.71 -54.24 31.85
N LEU A 1503 9.52 -53.28 32.29
CA LEU A 1503 9.61 -52.00 31.58
C LEU A 1503 10.40 -52.16 30.28
N ASP A 1504 11.49 -52.92 30.31
CA ASP A 1504 12.28 -53.13 29.10
C ASP A 1504 11.53 -54.00 28.10
N HIS A 1505 10.85 -55.04 28.59
CA HIS A 1505 10.07 -55.89 27.70
C HIS A 1505 8.84 -55.17 27.17
N LEU A 1506 8.24 -54.28 27.97
CA LEU A 1506 7.08 -53.53 27.50
C LEU A 1506 7.48 -52.46 26.51
N LEU A 1507 8.65 -51.85 26.70
CA LEU A 1507 9.12 -50.83 25.75
C LEU A 1507 9.60 -51.47 24.45
N ALA A 1508 10.34 -52.58 24.55
CA ALA A 1508 10.81 -53.24 23.34
C ALA A 1508 9.66 -53.90 22.59
N TRP A 1509 8.68 -54.45 23.31
CA TRP A 1509 7.53 -55.04 22.66
C TRP A 1509 6.57 -53.98 22.14
N ALA A 1510 6.59 -52.78 22.72
CA ALA A 1510 5.73 -51.70 22.29
C ALA A 1510 6.34 -50.88 21.15
N GLN A 1511 7.66 -50.94 20.96
CA GLN A 1511 8.32 -50.21 19.89
C GLN A 1511 8.00 -50.86 18.55
N PRO A 1512 7.72 -52.16 18.52
CA PRO A 1512 7.40 -52.79 17.23
C PRO A 1512 6.04 -52.40 16.69
N ARG A 1513 5.07 -52.07 17.57
CA ARG A 1513 3.76 -51.66 17.09
C ARG A 1513 3.81 -50.28 16.45
N THR A 1514 4.67 -49.40 16.95
CA THR A 1514 4.81 -48.06 16.37
C THR A 1514 5.81 -48.02 15.22
N LEU A 1515 6.78 -48.94 15.20
CA LEU A 1515 7.77 -49.00 14.13
C LEU A 1515 7.36 -49.93 12.99
N GLN A 1516 6.29 -50.70 13.15
CA GLN A 1516 5.83 -51.62 12.12
C GLN A 1516 4.91 -50.96 11.10
N GLN A 1517 4.57 -49.68 11.29
CA GLN A 1517 3.69 -48.99 10.36
C GLN A 1517 4.45 -47.89 9.61
N SER A 1527 6.39 -39.65 9.22
CA SER A 1527 6.64 -38.50 10.09
C SER A 1527 7.28 -38.93 11.40
N THR A 1528 6.58 -39.81 12.13
CA THR A 1528 7.07 -40.31 13.41
C THR A 1528 7.96 -41.53 13.26
N VAL A 1529 8.15 -42.04 12.05
CA VAL A 1529 9.00 -43.22 11.86
C VAL A 1529 10.48 -42.84 11.93
N GLN A 1530 10.82 -41.59 11.61
CA GLN A 1530 12.20 -41.16 11.65
C GLN A 1530 12.67 -40.93 13.09
N ILE A 1531 11.85 -40.24 13.88
CA ILE A 1531 12.22 -39.97 15.28
C ILE A 1531 11.99 -41.21 16.14
N ILE A 1532 10.94 -41.98 15.84
CA ILE A 1532 10.65 -43.17 16.62
C ILE A 1532 11.63 -44.29 16.28
N VAL A 1533 11.93 -44.46 14.98
CA VAL A 1533 12.87 -45.50 14.58
C VAL A 1533 14.30 -45.09 14.87
N ALA A 1534 14.62 -43.80 14.79
CA ALA A 1534 15.97 -43.34 15.07
C ALA A 1534 16.25 -43.29 16.57
N ILE A 1535 15.28 -42.84 17.36
CA ILE A 1535 15.47 -42.77 18.81
C ILE A 1535 15.35 -44.16 19.43
N LEU A 1536 14.42 -44.97 18.94
CA LEU A 1536 14.25 -46.31 19.49
C LEU A 1536 15.36 -47.25 19.03
N ASP A 1537 15.78 -47.12 17.77
CA ASP A 1537 16.84 -47.97 17.24
C ASP A 1537 18.21 -47.52 17.72
N VAL A 1538 18.42 -46.21 17.90
CA VAL A 1538 19.70 -45.69 18.36
C VAL A 1538 19.75 -45.52 19.87
N PHE A 1539 18.67 -45.82 20.58
CA PHE A 1539 18.67 -45.67 22.04
C PHE A 1539 19.42 -46.81 22.71
N HIS A 1540 19.09 -48.05 22.35
CA HIS A 1540 19.75 -49.23 22.92
C HIS A 1540 20.85 -49.75 22.01
N LEU A 1541 21.79 -48.88 21.65
CA LEU A 1541 22.89 -49.25 20.78
C LEU A 1541 24.12 -49.64 21.60
N ALA A 1546 13.34 -64.10 20.11
CA ALA A 1546 13.84 -63.86 18.77
C ALA A 1546 12.70 -63.79 17.75
N HIS A 1547 11.48 -64.04 18.22
CA HIS A 1547 10.31 -64.01 17.35
C HIS A 1547 9.83 -62.60 17.08
N LYS A 1548 10.19 -61.62 17.92
CA LYS A 1548 9.76 -60.26 17.70
C LYS A 1548 10.54 -59.60 16.56
N PHE A 1549 11.82 -59.96 16.41
CA PHE A 1549 12.62 -59.38 15.35
C PHE A 1549 12.27 -60.00 13.99
N MET A 1550 12.02 -61.30 13.97
CA MET A 1550 11.66 -61.97 12.72
C MET A 1550 10.22 -61.69 12.32
N ASN A 1551 9.31 -61.62 13.29
CA ASN A 1551 7.92 -61.33 12.98
C ASN A 1551 7.70 -59.86 12.67
N ASP A 1552 8.35 -58.97 13.43
CA ASP A 1552 8.20 -57.55 13.17
C ASP A 1552 8.98 -57.12 11.93
N LEU A 1553 10.16 -57.70 11.72
CA LEU A 1553 10.95 -57.36 10.54
C LEU A 1553 10.36 -57.98 9.28
N MET A 1554 9.84 -59.20 9.39
CA MET A 1554 9.25 -59.86 8.22
C MET A 1554 7.89 -59.27 7.88
N ASN A 1555 7.08 -58.97 8.89
CA ASN A 1555 5.76 -58.39 8.65
C ASN A 1555 5.86 -56.92 8.23
N ALA A 1556 6.74 -56.16 8.88
CA ALA A 1556 6.89 -54.75 8.52
C ALA A 1556 7.63 -54.59 7.19
N LEU A 1557 8.61 -55.45 6.93
CA LEU A 1557 9.35 -55.37 5.67
C LEU A 1557 8.53 -55.90 4.51
N LEU A 1558 7.76 -56.97 4.73
CA LEU A 1558 6.94 -57.53 3.67
C LEU A 1558 5.71 -56.67 3.40
N TYR A 1559 5.08 -56.14 4.45
CA TYR A 1559 3.90 -55.30 4.27
C TYR A 1559 4.28 -53.92 3.76
N LEU A 1560 5.36 -53.34 4.28
CA LEU A 1560 5.78 -52.01 3.84
C LEU A 1560 6.44 -52.07 2.47
N GLU A 1561 7.17 -53.14 2.17
CA GLU A 1561 7.84 -53.26 0.88
C GLU A 1561 6.89 -53.77 -0.20
N ASN A 1562 5.85 -54.51 0.18
CA ASN A 1562 4.89 -55.04 -0.77
C ASN A 1562 3.65 -54.17 -0.93
N ASN A 1563 3.41 -53.25 0.00
CA ASN A 1563 2.25 -52.37 -0.06
C ASN A 1563 2.51 -51.08 -0.82
N LEU A 1564 3.70 -50.91 -1.39
CA LEU A 1564 4.04 -49.71 -2.13
C LEU A 1564 4.10 -49.98 -3.62
N PRO A 1571 7.73 -46.30 2.54
CA PRO A 1571 8.39 -47.60 2.39
C PRO A 1571 9.90 -47.51 2.52
N PHE A 1572 10.47 -46.35 2.18
CA PHE A 1572 11.91 -46.16 2.28
C PHE A 1572 12.37 -45.93 3.72
N ARG A 1573 11.53 -45.29 4.54
CA ARG A 1573 11.90 -45.02 5.93
C ARG A 1573 11.80 -46.28 6.80
N GLU A 1574 10.88 -47.19 6.48
CA GLU A 1574 10.72 -48.41 7.24
C GLU A 1574 11.84 -49.40 6.90
N PRO A 1575 12.16 -49.57 5.63
CA PRO A 1575 13.24 -50.51 5.27
C PRO A 1575 14.62 -49.92 5.53
N LEU A 1576 14.78 -48.62 5.30
CA LEU A 1576 16.06 -47.98 5.52
C LEU A 1576 16.33 -47.79 7.00
N ALA A 1577 15.31 -47.34 7.76
CA ALA A 1577 15.49 -47.13 9.18
C ALA A 1577 15.48 -48.44 9.96
N LYS A 1578 14.67 -49.40 9.53
CA LYS A 1578 14.62 -50.69 10.21
C LYS A 1578 15.78 -51.60 9.82
N PHE A 1579 16.32 -51.42 8.61
CA PHE A 1579 17.44 -52.24 8.17
C PHE A 1579 18.80 -51.59 8.41
N LEU A 1580 18.83 -50.28 8.64
CA LEU A 1580 20.08 -49.57 8.90
C LEU A 1580 20.50 -49.61 10.36
N ASP A 1581 19.67 -50.16 11.24
CA ASP A 1581 20.01 -50.24 12.66
C ASP A 1581 20.97 -51.40 12.95
N PRO A 1584 19.33 -60.55 -1.59
CA PRO A 1584 18.49 -60.68 -2.78
C PRO A 1584 17.27 -59.76 -2.74
N ASP A 1585 17.18 -58.94 -1.69
CA ASP A 1585 16.05 -58.03 -1.55
C ASP A 1585 16.23 -56.75 -2.38
N GLU A 1586 17.44 -56.44 -2.79
CA GLU A 1586 17.67 -55.22 -3.58
C GLU A 1586 17.21 -55.41 -5.02
N SER A 1587 17.40 -56.60 -5.59
CA SER A 1587 16.99 -56.84 -6.97
C SER A 1587 15.48 -57.02 -7.07
N PHE A 1588 14.88 -57.74 -6.12
CA PHE A 1588 13.43 -57.95 -6.14
C PHE A 1588 12.68 -56.70 -5.70
N GLU A 1589 13.21 -55.99 -4.70
CA GLU A 1589 12.54 -54.78 -4.23
C GLU A 1589 12.74 -53.61 -5.19
N TYR A 1590 13.95 -53.45 -5.72
CA TYR A 1590 14.21 -52.37 -6.66
C TYR A 1590 13.61 -52.65 -8.03
N PHE A 1591 13.69 -53.89 -8.49
CA PHE A 1591 13.15 -54.23 -9.80
C PHE A 1591 11.62 -54.33 -9.75
N PHE A 1592 11.07 -54.92 -8.69
CA PHE A 1592 9.63 -55.05 -8.57
C PHE A 1592 8.97 -53.73 -8.19
N ASN A 1593 9.63 -52.93 -7.37
CA ASN A 1593 9.09 -51.64 -6.96
C ASN A 1593 9.37 -50.52 -7.95
N GLU A 1594 10.38 -50.68 -8.81
CA GLU A 1594 10.72 -49.66 -9.80
C GLU A 1594 10.25 -50.00 -11.20
N PHE A 1595 9.92 -51.27 -11.47
CA PHE A 1595 9.45 -51.69 -12.78
C PHE A 1595 7.95 -51.54 -12.97
N SER A 1596 7.23 -51.12 -11.93
CA SER A 1596 5.79 -50.94 -12.03
C SER A 1596 5.43 -49.47 -12.25
N GLU A 1599 8.98 -41.11 -7.31
CA GLU A 1599 9.05 -41.65 -5.96
C GLU A 1599 9.93 -42.90 -5.92
N ILE A 1600 10.20 -43.47 -7.09
CA ILE A 1600 11.02 -44.67 -7.15
C ILE A 1600 12.52 -44.36 -7.06
N THR A 1601 12.92 -43.12 -7.38
CA THR A 1601 14.33 -42.77 -7.30
C THR A 1601 14.79 -42.57 -5.87
N THR A 1602 13.94 -41.97 -5.02
CA THR A 1602 14.30 -41.75 -3.63
C THR A 1602 14.23 -43.05 -2.82
N ARG A 1603 13.21 -43.87 -3.07
CA ARG A 1603 13.07 -45.12 -2.34
C ARG A 1603 14.05 -46.17 -2.85
N PHE A 1604 14.31 -46.21 -4.15
CA PHE A 1604 15.24 -47.19 -4.71
C PHE A 1604 16.69 -46.78 -4.47
N VAL A 1605 16.99 -45.49 -4.59
CA VAL A 1605 18.36 -45.03 -4.37
C VAL A 1605 18.67 -44.97 -2.88
N TYR A 1606 17.70 -44.54 -2.06
CA TYR A 1606 17.93 -44.46 -0.63
C TYR A 1606 17.88 -45.84 0.03
N PHE A 1607 16.93 -46.68 -0.37
CA PHE A 1607 16.83 -48.01 0.20
C PHE A 1607 17.89 -48.96 -0.34
N VAL A 1608 18.28 -48.79 -1.61
CA VAL A 1608 19.31 -49.65 -2.20
C VAL A 1608 20.73 -49.13 -1.97
N GLY A 1609 20.87 -47.85 -1.59
CA GLY A 1609 22.18 -47.28 -1.36
C GLY A 1609 22.48 -47.07 0.11
N LEU A 1610 21.45 -47.12 0.95
CA LEU A 1610 21.62 -46.94 2.38
C LEU A 1610 22.19 -48.17 3.08
N ASP A 1611 22.06 -49.35 2.47
CA ASP A 1611 22.57 -50.57 3.06
C ASP A 1611 24.07 -50.73 2.81
N SER A 1614 28.34 -57.81 -5.06
CA SER A 1614 27.70 -56.50 -5.03
C SER A 1614 27.86 -55.78 -6.36
N SER A 1615 28.54 -56.43 -7.31
CA SER A 1615 28.76 -55.84 -8.62
C SER A 1615 27.56 -56.00 -9.54
N LEU A 1616 26.72 -57.01 -9.31
CA LEU A 1616 25.54 -57.19 -10.16
C LEU A 1616 24.46 -56.17 -9.86
N ARG A 1617 24.24 -55.86 -8.58
CA ARG A 1617 23.22 -54.88 -8.23
C ARG A 1617 23.68 -53.46 -8.56
N ALA A 1618 24.96 -53.15 -8.35
CA ALA A 1618 25.46 -51.83 -8.66
C ALA A 1618 25.64 -51.62 -10.15
N LYS A 1619 26.05 -52.66 -10.87
CA LYS A 1619 26.25 -52.54 -12.32
C LYS A 1619 24.92 -52.58 -13.06
N VAL A 1620 24.00 -53.43 -12.63
CA VAL A 1620 22.69 -53.52 -13.29
C VAL A 1620 21.81 -52.35 -12.90
N LEU A 1621 21.85 -51.94 -11.63
CA LEU A 1621 21.04 -50.81 -11.19
C LEU A 1621 21.61 -49.48 -11.69
N GLU A 1622 22.94 -49.35 -11.66
CA GLU A 1622 23.59 -48.12 -12.12
C GLU A 1622 23.65 -48.04 -13.64
N SER A 1623 23.62 -49.17 -14.34
CA SER A 1623 23.68 -49.18 -15.79
C SER A 1623 22.30 -49.21 -16.45
N LEU A 1624 21.28 -49.70 -15.75
CA LEU A 1624 19.93 -49.76 -16.30
C LEU A 1624 19.26 -48.40 -16.21
N PRO A 1625 19.75 -47.51 -15.34
CA PRO A 1625 19.12 -46.18 -15.24
C PRO A 1625 19.46 -45.26 -16.40
N ARG A 1626 20.57 -45.49 -17.09
CA ARG A 1626 20.94 -44.64 -18.22
C ARG A 1626 20.07 -44.94 -19.44
N VAL A 1627 19.89 -46.22 -19.76
CA VAL A 1627 19.07 -46.59 -20.91
C VAL A 1627 17.59 -46.52 -20.57
N ARG A 1628 17.22 -46.91 -19.34
CA ARG A 1628 15.83 -46.87 -18.94
C ARG A 1628 15.36 -45.46 -18.62
N GLY A 1629 16.28 -44.58 -18.23
CA GLY A 1629 15.92 -43.21 -17.91
C GLY A 1629 16.16 -42.25 -19.08
N LEU A 1630 17.01 -42.65 -20.01
CA LEU A 1630 17.33 -41.83 -21.18
C LEU A 1630 16.65 -42.32 -22.45
N LEU A 1631 16.03 -43.49 -22.43
CA LEU A 1631 15.37 -44.02 -23.61
C LEU A 1631 14.03 -43.35 -23.90
N HIS A 1632 13.42 -42.72 -22.89
CA HIS A 1632 12.14 -42.06 -23.08
C HIS A 1632 12.33 -40.64 -23.63
N CYS A 1641 21.81 -33.14 -16.69
CA CYS A 1641 20.73 -33.82 -17.38
C CYS A 1641 20.30 -35.08 -16.64
N VAL A 1642 21.02 -36.18 -16.86
CA VAL A 1642 20.70 -37.43 -16.19
C VAL A 1642 21.17 -37.41 -14.75
N ARG A 1643 22.36 -36.86 -14.49
CA ARG A 1643 22.87 -36.79 -13.13
C ARG A 1643 22.18 -35.71 -12.32
N PHE A 1644 21.90 -34.56 -12.93
CA PHE A 1644 21.22 -33.47 -12.22
C PHE A 1644 19.74 -33.75 -12.05
N SER A 1645 19.12 -34.39 -13.05
CA SER A 1645 17.70 -34.69 -12.96
C SER A 1645 17.41 -35.96 -12.19
N ASN A 1646 18.38 -36.88 -12.09
CA ASN A 1646 18.21 -38.14 -11.37
C ASN A 1646 18.76 -38.05 -9.96
N LEU A 1647 20.04 -37.73 -9.82
CA LEU A 1647 20.73 -37.60 -8.53
C LEU A 1647 20.61 -38.90 -7.73
N VAL A 1648 21.38 -39.88 -8.17
CA VAL A 1648 21.39 -41.20 -7.53
C VAL A 1648 22.26 -41.13 -6.28
N ASP A 1649 21.70 -41.52 -5.14
CA ASP A 1649 22.41 -41.51 -3.88
C ASP A 1649 23.18 -42.80 -3.61
N LEU A 1650 22.98 -43.84 -4.42
CA LEU A 1650 23.69 -45.09 -4.22
C LEU A 1650 25.15 -45.01 -4.66
N CYS A 1651 25.43 -44.27 -5.74
CA CYS A 1651 26.81 -44.15 -6.21
C CYS A 1651 27.64 -43.22 -5.34
N GLU A 1652 27.01 -42.23 -4.71
CA GLU A 1652 27.72 -41.30 -3.85
C GLU A 1652 27.74 -41.71 -2.39
N SER A 1653 26.76 -42.51 -1.96
CA SER A 1653 26.69 -42.96 -0.57
C SER A 1653 27.20 -44.39 -0.38
N LEU A 1654 27.24 -45.19 -1.44
CA LEU A 1654 27.71 -46.56 -1.34
C LEU A 1654 29.17 -46.67 -1.72
N GLU A 1666 32.41 -49.03 -2.73
CA GLU A 1666 31.75 -49.50 -3.94
C GLU A 1666 32.09 -48.64 -5.15
N GLU A 1667 32.62 -47.44 -4.87
CA GLU A 1667 32.99 -46.53 -5.94
C GLU A 1667 34.32 -46.89 -6.59
N LEU A 1668 35.19 -47.61 -5.87
CA LEU A 1668 36.48 -47.99 -6.44
C LEU A 1668 36.34 -49.13 -7.44
N LEU A 1669 35.40 -50.05 -7.20
CA LEU A 1669 35.21 -51.16 -8.12
C LEU A 1669 34.49 -50.72 -9.39
N GLY A 1670 33.43 -49.91 -9.24
CA GLY A 1670 32.70 -49.44 -10.40
C GLY A 1670 33.44 -48.36 -11.16
N GLU A 1671 34.11 -47.46 -10.45
CA GLU A 1671 34.86 -46.39 -11.10
C GLU A 1671 36.17 -46.89 -11.68
N LEU A 1672 36.88 -47.77 -10.96
CA LEU A 1672 38.15 -48.29 -11.46
C LEU A 1672 37.91 -49.36 -12.53
N LEU A 1673 36.86 -50.16 -12.38
CA LEU A 1673 36.56 -51.20 -13.35
C LEU A 1673 35.80 -50.68 -14.56
N ASP A 1674 35.06 -49.57 -14.42
CA ASP A 1674 34.31 -48.99 -15.52
C ASP A 1674 35.01 -47.83 -16.20
N ALA A 1675 36.00 -47.22 -15.54
CA ALA A 1675 36.73 -46.11 -16.14
C ALA A 1675 37.79 -46.54 -17.14
N GLY A 1676 38.18 -47.81 -17.12
CA GLY A 1676 39.19 -48.31 -18.03
C GLY A 1676 38.68 -49.43 -18.93
N VAL A 1678 29.18 -41.34 -21.80
CA VAL A 1678 28.28 -41.92 -20.79
C VAL A 1678 28.97 -41.94 -19.43
N CYS A 1679 30.24 -42.35 -19.42
CA CYS A 1679 31.00 -42.42 -18.18
C CYS A 1679 31.55 -41.07 -17.75
N LEU A 1680 31.59 -40.09 -18.65
CA LEU A 1680 32.12 -38.77 -18.30
C LEU A 1680 31.11 -37.98 -17.47
N THR A 1681 29.81 -38.13 -17.75
CA THR A 1681 28.80 -37.41 -16.99
C THR A 1681 28.60 -38.02 -15.61
N LEU A 1682 28.54 -39.35 -15.52
CA LEU A 1682 28.35 -40.01 -14.24
C LEU A 1682 29.63 -39.98 -13.40
N LYS A 1683 30.78 -40.17 -14.03
CA LYS A 1683 32.03 -40.16 -13.30
C LYS A 1683 32.45 -38.74 -12.92
N ARG A 1684 32.28 -37.78 -13.83
CA ARG A 1684 32.65 -36.39 -13.54
C ARG A 1684 31.63 -35.72 -12.63
N SER A 1685 30.35 -36.05 -12.78
CA SER A 1685 29.33 -35.43 -11.95
C SER A 1685 29.19 -36.12 -10.60
N SER A 1686 29.53 -37.41 -10.52
CA SER A 1686 29.45 -38.16 -9.27
C SER A 1686 30.76 -38.20 -8.49
N ASN A 1687 31.88 -37.94 -9.16
CA ASN A 1687 33.17 -37.96 -8.47
C ASN A 1687 33.43 -36.69 -7.66
N VAL A 1688 32.73 -35.60 -7.97
CA VAL A 1688 32.92 -34.35 -7.25
C VAL A 1688 31.91 -34.24 -6.12
N PHE A 1694 39.47 -40.75 -0.41
CA PHE A 1694 39.00 -40.96 -1.77
C PHE A 1694 40.12 -40.72 -2.78
N GLN A 1695 41.35 -40.56 -2.27
CA GLN A 1695 42.49 -40.32 -3.14
C GLN A 1695 43.00 -41.59 -3.80
N VAL A 1696 42.69 -42.76 -3.25
CA VAL A 1696 43.14 -44.01 -3.86
C VAL A 1696 42.34 -44.32 -5.12
N ASP A 1697 41.05 -43.99 -5.12
CA ASP A 1697 40.22 -44.25 -6.30
C ASP A 1697 40.52 -43.26 -7.42
N GLN A 1698 40.71 -41.99 -7.08
CA GLN A 1698 41.02 -40.98 -8.10
C GLN A 1698 42.44 -41.12 -8.62
N GLY A 1699 43.39 -41.44 -7.73
CA GLY A 1699 44.77 -41.61 -8.13
C GLY A 1699 45.02 -42.90 -8.88
N PHE A 1700 44.44 -44.00 -8.39
CA PHE A 1700 44.62 -45.29 -9.05
C PHE A 1700 43.79 -45.38 -10.33
N GLU A 1701 42.58 -44.81 -10.31
CA GLU A 1701 41.74 -44.85 -11.50
C GLU A 1701 42.23 -43.87 -12.55
N THR A 1702 42.71 -42.70 -12.13
CA THR A 1702 43.20 -41.70 -13.07
C THR A 1702 44.57 -42.10 -13.61
N LEU A 1703 45.42 -42.69 -12.78
CA LEU A 1703 46.75 -43.11 -13.22
C LEU A 1703 46.66 -44.38 -14.07
N GLN A 1704 45.82 -45.33 -13.69
CA GLN A 1704 45.69 -46.56 -14.46
C GLN A 1704 44.91 -46.32 -15.75
N LEU A 1705 43.88 -45.48 -15.69
CA LEU A 1705 43.09 -45.19 -16.89
C LEU A 1705 43.85 -44.28 -17.84
N LEU A 1706 44.60 -43.32 -17.30
CA LEU A 1706 45.37 -42.41 -18.15
C LEU A 1706 46.60 -43.09 -18.72
N TYR A 1707 47.26 -43.95 -17.93
CA TYR A 1707 48.44 -44.65 -18.40
C TYR A 1707 48.07 -45.79 -19.36
N ILE A 1708 46.99 -46.51 -19.07
CA ILE A 1708 46.58 -47.60 -19.94
C ILE A 1708 45.93 -47.07 -21.21
N GLU A 1709 45.12 -46.01 -21.09
CA GLU A 1709 44.48 -45.43 -22.26
C GLU A 1709 45.45 -44.64 -23.11
N TYR A 1710 46.43 -43.98 -22.49
CA TYR A 1710 47.41 -43.19 -23.24
C TYR A 1710 48.57 -44.04 -23.76
N PHE A 1711 48.83 -45.19 -23.14
CA PHE A 1711 49.92 -46.06 -23.57
C PHE A 1711 49.43 -47.24 -24.40
N LYS A 1712 48.13 -47.51 -24.44
CA LYS A 1712 47.58 -48.61 -25.20
C LYS A 1712 47.15 -48.20 -26.61
N SER A 1713 47.46 -46.98 -27.01
CA SER A 1713 47.09 -46.50 -28.35
C SER A 1713 48.27 -46.61 -29.31
N LEU A 1716 39.07 -44.99 -34.06
CA LEU A 1716 40.07 -44.85 -33.02
C LEU A 1716 39.91 -43.54 -32.26
N GLY A 1717 39.07 -42.64 -32.80
CA GLY A 1717 38.84 -41.36 -32.16
C GLY A 1717 37.92 -41.42 -30.96
N HIS A 1718 37.09 -42.47 -30.85
CA HIS A 1718 36.19 -42.57 -29.72
C HIS A 1718 36.92 -42.98 -28.44
N GLU A 1719 37.97 -43.79 -28.56
CA GLU A 1719 38.73 -44.20 -27.38
C GLU A 1719 39.62 -43.08 -26.86
N LYS A 1720 40.26 -42.34 -27.77
CA LYS A 1720 41.14 -41.25 -27.35
C LYS A 1720 40.34 -40.02 -26.94
N VAL A 1721 39.23 -39.75 -27.64
CA VAL A 1721 38.42 -38.58 -27.29
C VAL A 1721 37.60 -38.85 -26.04
N PHE A 1722 37.07 -40.08 -25.91
CA PHE A 1722 36.28 -40.42 -24.73
C PHE A 1722 37.17 -40.64 -23.51
N ASN A 1723 38.35 -41.24 -23.72
CA ASN A 1723 39.25 -41.48 -22.60
C ASN A 1723 39.97 -40.19 -22.17
N PHE A 1724 40.35 -39.35 -23.13
CA PHE A 1724 41.02 -38.10 -22.79
C PHE A 1724 40.04 -37.06 -22.26
N ILE A 1725 38.83 -37.00 -22.84
CA ILE A 1725 37.84 -36.04 -22.38
C ILE A 1725 37.23 -36.49 -21.06
N ASP A 1726 37.03 -37.79 -20.90
CA ASP A 1726 36.46 -38.31 -19.65
C ASP A 1726 37.48 -38.30 -18.53
N LYS A 1727 38.74 -38.61 -18.83
CA LYS A 1727 39.77 -38.63 -17.80
C LYS A 1727 40.21 -37.22 -17.44
N ILE A 1728 40.30 -36.32 -18.42
CA ILE A 1728 40.71 -34.95 -18.16
C ILE A 1728 39.57 -34.17 -17.52
N SER A 1729 38.34 -34.36 -18.01
CA SER A 1729 37.20 -33.64 -17.45
C SER A 1729 36.79 -34.20 -16.10
N LYS A 1730 36.94 -35.52 -15.89
CA LYS A 1730 36.58 -36.14 -14.63
C LYS A 1730 37.67 -36.04 -13.58
N GLU A 1731 38.93 -35.93 -14.01
CA GLU A 1731 40.04 -35.82 -13.08
C GLU A 1731 40.48 -34.38 -12.83
N GLY A 1732 40.11 -33.45 -13.70
CA GLY A 1732 40.47 -32.05 -13.55
C GLY A 1732 39.47 -31.21 -12.78
N LEU A 1733 38.53 -31.83 -12.08
CA LEU A 1733 37.54 -31.08 -11.31
C LEU A 1733 37.71 -31.32 -9.81
N PHE A 1739 39.32 -27.43 -4.98
CA PHE A 1739 40.42 -27.67 -4.07
C PHE A 1739 41.24 -28.88 -4.50
N ASP A 1740 40.67 -29.68 -5.40
CA ASP A 1740 41.37 -30.87 -5.89
C ASP A 1740 42.42 -30.52 -6.92
N ASP A 1741 42.20 -29.47 -7.71
CA ASP A 1741 43.17 -29.09 -8.74
C ASP A 1741 44.38 -28.38 -8.14
N PHE A 1742 44.20 -27.59 -7.08
CA PHE A 1742 45.32 -26.90 -6.47
C PHE A 1742 46.17 -27.84 -5.62
N ILE A 1743 45.54 -28.81 -4.95
CA ILE A 1743 46.29 -29.75 -4.12
C ILE A 1743 46.82 -30.92 -4.93
N PHE A 1744 46.17 -31.26 -6.05
CA PHE A 1744 46.61 -32.37 -6.89
C PHE A 1744 47.54 -31.94 -8.01
N ASN A 1745 47.48 -30.67 -8.44
CA ASN A 1745 48.33 -30.18 -9.51
C ASN A 1745 49.67 -29.68 -9.01
N GLU A 1746 49.88 -29.60 -7.71
CA GLU A 1746 51.15 -29.14 -7.16
C GLU A 1746 51.98 -30.30 -6.63
N LYS A 1749 49.55 -30.23 -12.89
CA LYS A 1749 49.66 -29.19 -13.90
C LYS A 1749 50.70 -29.54 -14.96
N CYS A 1750 51.67 -30.36 -14.57
CA CYS A 1750 52.73 -30.77 -15.49
C CYS A 1750 52.26 -31.84 -16.48
N GLN A 1751 51.24 -32.63 -16.11
CA GLN A 1751 50.73 -33.68 -16.97
C GLN A 1751 49.61 -33.20 -17.89
N ASP A 1752 49.24 -31.92 -17.82
CA ASP A 1752 48.17 -31.38 -18.65
C ASP A 1752 48.64 -30.96 -20.04
N ILE A 1753 49.95 -30.94 -20.27
CA ILE A 1753 50.50 -30.55 -21.57
C ILE A 1753 50.40 -31.73 -22.53
N PRO A 1754 50.36 -32.96 -22.03
CA PRO A 1754 50.26 -34.12 -22.94
C PRO A 1754 48.85 -34.29 -23.50
N THR A 1755 47.84 -33.99 -22.68
CA THR A 1755 46.46 -34.12 -23.14
C THR A 1755 46.08 -32.98 -24.07
N VAL A 1756 46.51 -31.76 -23.76
CA VAL A 1756 46.20 -30.61 -24.62
C VAL A 1756 47.06 -30.62 -25.87
N GLN A 1757 48.31 -31.06 -25.75
CA GLN A 1757 49.20 -31.10 -26.91
C GLN A 1757 48.85 -32.27 -27.83
N GLN A 1758 48.58 -33.44 -27.27
CA GLN A 1758 48.24 -34.60 -28.08
C GLN A 1758 46.83 -34.50 -28.63
N THR A 1759 45.89 -33.98 -27.82
CA THR A 1759 44.51 -33.84 -28.28
C THR A 1759 44.37 -32.69 -29.26
N LEU A 1760 45.06 -31.57 -29.01
CA LEU A 1760 44.99 -30.43 -29.90
C LEU A 1760 45.78 -30.67 -31.19
N ASP A 1761 46.94 -31.33 -31.08
CA ASP A 1761 47.74 -31.60 -32.27
C ASP A 1761 47.14 -32.73 -33.11
N THR A 1762 46.62 -33.77 -32.46
CA THR A 1762 46.02 -34.88 -33.18
C THR A 1762 44.64 -34.51 -33.74
N ILE A 1763 43.85 -33.75 -32.97
CA ILE A 1763 42.53 -33.36 -33.44
C ILE A 1763 42.63 -32.25 -34.48
N ILE A 1764 43.56 -31.31 -34.28
CA ILE A 1764 43.71 -30.22 -35.25
C ILE A 1764 44.43 -30.70 -36.51
N ARG A 1765 45.36 -31.64 -36.38
CA ARG A 1765 46.07 -32.17 -37.53
C ARG A 1765 45.31 -33.27 -38.25
N MET A 1766 44.38 -33.93 -37.59
CA MET A 1766 43.60 -35.00 -38.19
C MET A 1766 42.18 -34.59 -38.53
N THR A 1767 41.73 -33.41 -38.11
CA THR A 1767 40.38 -32.94 -38.41
C THR A 1767 40.36 -32.21 -39.74
N PRO A 1768 41.52 -31.93 -40.33
CA PRO A 1768 41.53 -31.23 -41.62
C PRO A 1768 41.24 -32.11 -42.82
N GLN A 1769 41.25 -33.43 -42.66
CA GLN A 1769 40.98 -34.35 -43.75
C GLN A 1769 39.50 -34.74 -43.85
N VAL A 1770 38.65 -34.15 -43.02
CA VAL A 1770 37.22 -34.46 -43.05
C VAL A 1770 36.42 -33.19 -43.32
N LEU A 1773 30.98 -35.66 -36.61
CA LEU A 1773 32.42 -35.39 -36.58
C LEU A 1773 32.72 -34.15 -35.73
N ASP A 1774 31.73 -33.29 -35.58
CA ASP A 1774 31.89 -32.07 -34.80
C ASP A 1774 31.85 -32.32 -33.30
N ALA A 1775 31.28 -33.46 -32.86
CA ALA A 1775 31.22 -33.74 -31.44
C ALA A 1775 32.58 -34.16 -30.88
N ARG A 1776 33.44 -34.74 -31.71
CA ARG A 1776 34.76 -35.16 -31.25
C ARG A 1776 35.71 -33.96 -31.12
N VAL A 1777 35.68 -33.04 -32.10
CA VAL A 1777 36.55 -31.88 -32.05
C VAL A 1777 36.01 -30.85 -31.06
N TYR A 1778 34.69 -30.67 -31.03
CA TYR A 1778 34.09 -29.70 -30.12
C TYR A 1778 34.12 -30.21 -28.67
N LEU A 1779 33.80 -31.49 -28.47
CA LEU A 1779 33.83 -32.04 -27.12
C LEU A 1779 35.26 -32.27 -26.63
N TYR A 1780 36.18 -32.62 -27.54
CA TYR A 1780 37.56 -32.83 -27.15
C TYR A 1780 38.28 -31.52 -26.90
N LYS A 1781 38.02 -30.51 -27.74
CA LYS A 1781 38.67 -29.22 -27.56
C LYS A 1781 38.06 -28.44 -26.40
N ARG A 1782 36.73 -28.45 -26.28
CA ARG A 1782 36.09 -27.74 -25.18
C ARG A 1782 36.29 -28.46 -23.85
N ILE A 1783 36.25 -29.80 -23.86
CA ILE A 1783 36.46 -30.55 -22.64
C ILE A 1783 37.93 -30.64 -22.26
N PHE A 1784 38.84 -30.48 -23.22
CA PHE A 1784 40.27 -30.54 -22.96
C PHE A 1784 40.90 -29.17 -22.73
N LEU A 1785 40.19 -28.09 -23.07
CA LEU A 1785 40.72 -26.74 -22.89
C LEU A 1785 40.65 -26.35 -21.42
N PRO A 1786 39.77 -26.99 -20.63
CA PRO A 1786 39.68 -26.64 -19.20
C PRO A 1786 40.87 -27.11 -18.39
N ILE A 1787 41.55 -28.18 -18.82
CA ILE A 1787 42.71 -28.66 -18.08
C ILE A 1787 43.91 -27.75 -18.28
N CYS A 1788 44.14 -27.31 -19.51
CA CYS A 1788 45.26 -26.40 -19.79
C CYS A 1788 44.96 -24.98 -19.36
N ILE A 1789 43.70 -24.54 -19.49
CA ILE A 1789 43.35 -23.18 -19.09
C ILE A 1789 43.27 -23.07 -17.58
N TYR A 1790 42.66 -24.07 -16.92
CA TYR A 1790 42.55 -24.04 -15.46
C TYR A 1790 43.88 -24.36 -14.79
N GLU A 1791 44.66 -25.26 -15.38
CA GLU A 1791 45.96 -25.62 -14.81
C GLU A 1791 46.99 -24.51 -15.05
N SER A 1792 47.00 -23.92 -16.25
CA SER A 1792 47.94 -22.87 -16.55
C SER A 1792 47.55 -21.54 -15.91
N GLU A 1793 46.24 -21.31 -15.72
CA GLU A 1793 45.77 -20.07 -15.10
C GLU A 1793 45.66 -20.17 -13.59
N MET A 1794 45.68 -21.38 -13.02
CA MET A 1794 45.58 -21.57 -11.59
C MET A 1794 46.84 -22.14 -10.96
N HIS A 1795 47.83 -22.54 -11.78
CA HIS A 1795 49.07 -23.08 -11.24
C HIS A 1795 50.09 -22.02 -10.90
N GLY A 1796 49.82 -20.75 -11.21
CA GLY A 1796 50.75 -19.68 -10.92
C GLY A 1796 50.09 -18.50 -10.22
N LEU A 1809 57.89 -17.77 -15.76
CA LEU A 1809 58.53 -18.70 -16.67
C LEU A 1809 57.53 -19.70 -17.23
N PRO A 1810 56.44 -19.93 -16.49
CA PRO A 1810 55.43 -20.89 -16.97
C PRO A 1810 54.51 -20.32 -18.04
N ALA A 1811 54.36 -19.00 -18.13
CA ALA A 1811 53.49 -18.42 -19.15
C ALA A 1811 54.12 -18.47 -20.52
N TRP A 1812 55.44 -18.32 -20.61
CA TRP A 1812 56.11 -18.36 -21.91
C TRP A 1812 56.22 -19.79 -22.43
N LEU A 1813 56.54 -20.75 -21.57
CA LEU A 1813 56.65 -22.14 -22.00
C LEU A 1813 55.27 -22.77 -22.21
N LYS A 1814 54.31 -22.45 -21.34
CA LYS A 1814 52.97 -23.01 -21.49
C LYS A 1814 52.20 -22.35 -22.62
N SER A 1815 52.33 -21.03 -22.76
CA SER A 1815 51.63 -20.32 -23.82
C SER A 1815 52.31 -20.55 -25.18
N PHE A 1816 53.64 -20.58 -25.21
CA PHE A 1816 54.35 -20.81 -26.47
C PHE A 1816 54.28 -22.26 -26.91
N ASP A 1817 54.40 -23.19 -25.95
CA ASP A 1817 54.33 -24.61 -26.30
C ASP A 1817 52.90 -25.06 -26.57
N SER A 1818 51.94 -24.57 -25.79
CA SER A 1818 50.55 -24.95 -26.00
C SER A 1818 49.95 -24.23 -27.20
N ASP A 1819 50.34 -22.97 -27.43
CA ASP A 1819 49.82 -22.22 -28.56
C ASP A 1819 50.57 -22.51 -29.85
N VAL A 1820 51.80 -22.98 -29.77
CA VAL A 1820 52.58 -23.29 -30.97
C VAL A 1820 52.60 -24.79 -31.29
N TRP A 1821 52.20 -25.65 -30.36
CA TRP A 1821 52.21 -27.08 -30.60
C TRP A 1821 50.98 -27.54 -31.38
N LYS A 1822 49.94 -26.72 -31.47
CA LYS A 1822 48.73 -27.08 -32.19
C LYS A 1822 48.80 -26.61 -33.64
N ARG A 1838 41.31 -17.90 -22.90
CA ARG A 1838 42.70 -17.86 -22.48
C ARG A 1838 43.25 -16.44 -22.58
N TYR A 1839 42.55 -15.57 -23.29
CA TYR A 1839 42.99 -14.19 -23.44
C TYR A 1839 42.60 -13.33 -22.24
N ARG A 1840 41.54 -13.71 -21.52
CA ARG A 1840 41.12 -12.93 -20.36
C ARG A 1840 42.03 -13.15 -19.17
N LEU A 1841 42.51 -14.38 -18.98
CA LEU A 1841 43.40 -14.67 -17.86
C LEU A 1841 44.81 -14.13 -18.12
N GLU A 1842 45.31 -14.27 -19.35
CA GLU A 1842 46.64 -13.77 -19.66
C GLU A 1842 46.67 -12.26 -19.81
N LEU A 1843 45.63 -11.69 -20.42
CA LEU A 1843 45.57 -10.24 -20.60
C LEU A 1843 45.22 -9.53 -19.29
N MET A 1844 44.28 -10.09 -18.53
CA MET A 1844 43.90 -9.47 -17.26
C MET A 1844 44.94 -9.71 -16.18
N GLN A 1845 45.51 -10.91 -16.12
CA GLN A 1845 46.52 -11.21 -15.12
C GLN A 1845 47.86 -10.57 -15.46
N LEU A 1846 48.20 -10.52 -16.75
CA LEU A 1846 49.46 -9.92 -17.16
C LEU A 1846 49.39 -8.40 -17.28
N THR A 1847 48.20 -7.84 -17.49
CA THR A 1847 48.04 -6.41 -17.61
C THR A 1847 47.58 -5.74 -16.32
N ALA A 1848 47.00 -6.50 -15.38
CA ALA A 1848 46.54 -5.96 -14.11
C ALA A 1848 47.62 -5.95 -13.04
N LEU A 1849 48.81 -6.44 -13.34
CA LEU A 1849 49.90 -6.47 -12.37
C LEU A 1849 50.91 -5.36 -12.65
N LYS A 1852 60.43 -2.50 -6.68
CA LYS A 1852 59.72 -2.55 -7.94
C LYS A 1852 60.63 -3.06 -9.06
N GLY A 1853 61.92 -3.22 -8.74
CA GLY A 1853 62.88 -3.69 -9.73
C GLY A 1853 62.82 -5.17 -9.99
N ALA A 1854 62.22 -5.95 -9.09
CA ALA A 1854 62.12 -7.40 -9.25
C ALA A 1854 61.08 -7.73 -10.30
N PRO A 1855 59.98 -6.97 -10.38
CA PRO A 1855 58.96 -7.27 -11.38
C PRO A 1855 59.38 -6.85 -12.78
N THR A 1856 60.02 -5.68 -12.89
CA THR A 1856 60.47 -5.21 -14.20
C THR A 1856 61.69 -5.97 -14.68
N ALA A 1857 62.63 -6.26 -13.78
CA ALA A 1857 63.83 -6.99 -14.15
C ALA A 1857 63.53 -8.47 -14.39
N LEU A 1858 62.68 -9.06 -13.56
CA LEU A 1858 62.33 -10.47 -13.73
C LEU A 1858 61.40 -10.68 -14.92
N THR A 1859 60.44 -9.77 -15.12
CA THR A 1859 59.53 -9.91 -16.24
C THR A 1859 60.21 -9.55 -17.56
N ASP A 1860 61.07 -8.53 -17.56
CA ASP A 1860 61.76 -8.14 -18.78
C ASP A 1860 62.87 -9.13 -19.13
N MET A 1861 63.57 -9.64 -18.12
CA MET A 1861 64.64 -10.61 -18.38
C MET A 1861 64.08 -11.98 -18.73
N ARG A 1862 62.98 -12.38 -18.07
CA ARG A 1862 62.38 -13.67 -18.35
C ARG A 1862 61.62 -13.65 -19.68
N LYS A 1863 60.95 -12.54 -19.97
CA LYS A 1863 60.20 -12.45 -21.23
C LYS A 1863 61.13 -12.23 -22.40
N ASP A 1864 62.19 -11.42 -22.22
CA ASP A 1864 63.13 -11.18 -23.30
C ASP A 1864 64.04 -12.38 -23.52
N ILE A 1865 64.42 -13.07 -22.45
CA ILE A 1865 65.29 -14.24 -22.58
C ILE A 1865 64.50 -15.44 -23.08
N ILE A 1866 63.24 -15.57 -22.66
CA ILE A 1866 62.42 -16.69 -23.11
C ILE A 1866 61.93 -16.47 -24.53
N LYS A 1867 61.60 -15.22 -24.88
CA LYS A 1867 61.14 -14.94 -26.24
C LYS A 1867 62.30 -14.93 -27.23
N PHE A 1868 63.44 -14.36 -26.84
CA PHE A 1868 64.60 -14.33 -27.73
C PHE A 1868 65.26 -15.69 -27.82
N SER A 1869 65.25 -16.47 -26.74
CA SER A 1869 65.86 -17.79 -26.74
C SER A 1869 64.95 -18.87 -27.28
N TRP A 1870 63.63 -18.65 -27.25
CA TRP A 1870 62.67 -19.63 -27.75
C TRP A 1870 62.10 -19.27 -29.12
N ASN A 1871 62.34 -18.05 -29.60
CA ASN A 1871 61.84 -17.62 -30.90
C ASN A 1871 62.77 -17.99 -32.04
N TYR A 1872 63.94 -18.56 -31.75
CA TYR A 1872 64.88 -18.95 -32.79
C TYR A 1872 64.75 -20.43 -33.13
N LEU A 1875 53.69 -18.48 -35.39
CA LEU A 1875 53.96 -17.16 -35.95
C LEU A 1875 53.25 -16.07 -35.15
N ASP A 1876 52.07 -16.40 -34.63
CA ASP A 1876 51.28 -15.45 -33.86
C ASP A 1876 51.77 -15.31 -32.42
N ASP A 1877 52.58 -16.24 -31.93
CA ASP A 1877 53.07 -16.15 -30.56
C ASP A 1877 54.12 -15.05 -30.40
N ASN A 1878 54.99 -14.87 -31.41
CA ASN A 1878 56.01 -13.83 -31.31
C ASN A 1878 55.42 -12.44 -31.49
N THR A 1879 54.47 -12.29 -32.41
CA THR A 1879 53.85 -10.98 -32.64
C THR A 1879 52.88 -10.64 -31.52
N SER A 1880 52.14 -11.63 -31.01
CA SER A 1880 51.18 -11.36 -29.93
C SER A 1880 51.89 -11.16 -28.60
N LYS A 1881 52.91 -11.97 -28.32
CA LYS A 1881 53.63 -11.83 -27.06
C LYS A 1881 54.55 -10.61 -27.08
N GLN A 1882 55.17 -10.33 -28.22
CA GLN A 1882 56.06 -9.17 -28.31
C GLN A 1882 55.26 -7.87 -28.39
N ALA A 1883 54.12 -7.90 -29.08
CA ALA A 1883 53.31 -6.69 -29.19
C ALA A 1883 52.53 -6.43 -27.90
N ALA A 1884 52.07 -7.49 -27.24
CA ALA A 1884 51.34 -7.32 -25.99
C ALA A 1884 52.27 -6.99 -24.84
N TYR A 1885 53.44 -7.61 -24.80
CA TYR A 1885 54.40 -7.34 -23.73
C TYR A 1885 55.09 -6.00 -23.94
N VAL A 1886 55.39 -5.65 -25.18
CA VAL A 1886 56.05 -4.38 -25.46
C VAL A 1886 55.06 -3.23 -25.35
N VAL A 1887 53.81 -3.47 -25.75
CA VAL A 1887 52.79 -2.43 -25.66
C VAL A 1887 52.32 -2.24 -24.23
N THR A 1888 52.22 -3.33 -23.47
CA THR A 1888 51.79 -3.22 -22.08
C THR A 1888 52.91 -2.70 -21.19
N ALA A 1889 54.14 -3.12 -21.44
CA ALA A 1889 55.27 -2.65 -20.63
C ALA A 1889 55.66 -1.23 -21.01
N TYR A 1890 55.65 -0.91 -22.30
CA TYR A 1890 56.00 0.44 -22.73
C TYR A 1890 54.87 1.43 -22.46
N PHE A 1891 53.62 0.98 -22.55
CA PHE A 1891 52.48 1.87 -22.30
C PHE A 1891 52.14 1.98 -20.82
N ILE A 1892 52.52 0.98 -20.00
CA ILE A 1892 52.24 1.01 -18.58
C ILE A 1892 53.45 1.41 -17.75
N SER A 1893 54.64 1.45 -18.34
CA SER A 1893 55.85 1.83 -17.62
C SER A 1893 56.07 3.34 -17.57
N ARG A 1894 55.25 4.12 -18.26
CA ARG A 1894 55.39 5.57 -18.27
C ARG A 1894 54.45 6.21 -17.25
N THR A 1897 68.65 -1.13 -12.91
CA THR A 1897 67.82 -2.14 -13.55
C THR A 1897 67.70 -1.89 -15.05
N PRO A 1898 67.96 -0.65 -15.48
CA PRO A 1898 67.87 -0.34 -16.91
C PRO A 1898 69.05 -0.82 -17.73
N SER A 1899 70.17 -1.13 -17.10
CA SER A 1899 71.35 -1.60 -17.84
C SER A 1899 71.17 -3.02 -18.36
N GLU A 1900 70.53 -3.89 -17.57
CA GLU A 1900 70.31 -5.26 -18.00
C GLU A 1900 69.23 -5.36 -19.07
N LEU A 1901 68.15 -4.61 -18.92
CA LEU A 1901 67.07 -4.64 -19.91
C LEU A 1901 67.45 -3.89 -21.18
N THR A 1902 68.17 -2.78 -21.04
CA THR A 1902 68.58 -2.00 -22.22
C THR A 1902 69.74 -2.68 -22.94
N THR A 1903 70.70 -3.22 -22.20
CA THR A 1903 71.83 -3.89 -22.85
C THR A 1903 71.44 -5.25 -23.39
N ARG A 1904 70.60 -5.99 -22.67
CA ARG A 1904 70.16 -7.30 -23.13
C ARG A 1904 69.14 -7.19 -24.26
N ILE A 1905 68.23 -6.23 -24.16
CA ILE A 1905 67.22 -6.05 -25.20
C ILE A 1905 67.83 -5.40 -26.44
N PHE A 1906 68.78 -4.48 -26.25
CA PHE A 1906 69.42 -3.83 -27.39
C PHE A 1906 70.43 -4.74 -28.07
N VAL A 1907 71.17 -5.52 -27.28
CA VAL A 1907 72.16 -6.42 -27.87
C VAL A 1907 71.49 -7.65 -28.46
N ALA A 1908 70.43 -8.15 -27.81
CA ALA A 1908 69.73 -9.31 -28.33
C ALA A 1908 68.85 -8.96 -29.51
N LEU A 1909 68.16 -7.82 -29.43
CA LEU A 1909 67.29 -7.40 -30.54
C LEU A 1909 68.10 -6.85 -31.71
N LEU A 1910 69.23 -6.20 -31.42
CA LEU A 1910 70.07 -5.64 -32.47
C LEU A 1910 71.04 -6.66 -33.06
N ARG A 1911 71.35 -7.72 -32.31
CA ARG A 1911 72.28 -8.75 -32.77
C ARG A 1911 71.58 -10.01 -33.24
N CYS A 1912 70.30 -10.18 -32.92
CA CYS A 1912 69.54 -11.36 -33.33
C CYS A 1912 68.92 -11.22 -34.72
N HIS A 1913 69.07 -10.07 -35.37
CA HIS A 1913 68.50 -9.85 -36.68
C HIS A 1913 69.51 -10.18 -37.78
N ASP A 1916 56.27 -14.37 -45.64
CA ASP A 1916 57.47 -13.54 -45.58
C ASP A 1916 57.15 -12.15 -45.02
N THR A 1917 55.88 -11.75 -45.15
CA THR A 1917 55.45 -10.45 -44.64
C THR A 1917 55.26 -10.44 -43.13
N ARG A 1918 54.98 -11.62 -42.54
CA ARG A 1918 54.79 -11.69 -41.10
C ARG A 1918 56.09 -11.56 -40.34
N TYR A 1919 57.19 -12.08 -40.90
CA TYR A 1919 58.48 -11.98 -40.23
C TYR A 1919 59.08 -10.58 -40.34
N LEU A 1920 58.93 -9.95 -41.51
CA LEU A 1920 59.48 -8.61 -41.69
C LEU A 1920 58.58 -7.56 -41.03
N VAL A 1921 57.26 -7.75 -41.09
CA VAL A 1921 56.35 -6.79 -40.48
C VAL A 1921 56.33 -6.95 -38.96
N LYS A 1922 56.32 -8.20 -38.48
CA LYS A 1922 56.30 -8.42 -37.04
C LYS A 1922 57.66 -8.15 -36.41
N GLN A 1923 58.75 -8.51 -37.11
CA GLN A 1923 60.08 -8.27 -36.59
C GLN A 1923 60.47 -6.80 -36.69
N ALA A 1924 60.09 -6.14 -37.79
CA ALA A 1924 60.42 -4.73 -37.97
C ALA A 1924 59.53 -3.84 -37.11
N LEU A 1925 58.23 -4.17 -37.02
CA LEU A 1925 57.32 -3.36 -36.21
C LEU A 1925 57.52 -3.61 -34.72
N GLU A 1926 57.72 -4.88 -34.33
CA GLU A 1926 57.91 -5.21 -32.92
C GLU A 1926 59.31 -4.81 -32.45
N LEU A 1927 60.32 -4.99 -33.31
CA LEU A 1927 61.69 -4.64 -32.93
C LEU A 1927 61.98 -3.15 -33.08
N LEU A 1928 61.24 -2.45 -33.94
CA LEU A 1928 61.43 -1.03 -34.15
C LEU A 1928 60.45 -0.16 -33.37
N ALA A 1929 59.37 -0.76 -32.85
CA ALA A 1929 58.38 0.00 -32.09
C ALA A 1929 58.89 0.28 -30.68
N PRO A 1930 59.81 -0.54 -30.17
CA PRO A 1930 60.33 -0.32 -28.82
C PRO A 1930 61.56 0.58 -28.74
N VAL A 1931 61.98 1.18 -29.86
CA VAL A 1931 63.15 2.05 -29.83
C VAL A 1931 62.82 3.44 -29.33
N LEU A 1932 61.55 3.83 -29.34
CA LEU A 1932 61.12 5.14 -28.89
C LEU A 1932 60.69 5.15 -27.42
N SER A 1933 60.88 4.05 -26.71
CA SER A 1933 60.50 3.98 -25.30
C SER A 1933 61.73 3.96 -24.40
N PHE A 1974 76.08 5.02 -23.53
CA PHE A 1974 76.55 3.75 -24.08
C PHE A 1974 75.50 3.12 -24.98
N TYR A 1975 74.23 3.32 -24.63
CA TYR A 1975 73.12 2.76 -25.40
C TYR A 1975 72.75 3.72 -26.54
N PRO A 1976 73.24 4.96 -26.51
CA PRO A 1976 72.90 5.90 -27.58
C PRO A 1976 73.67 5.61 -28.86
N ALA A 1977 74.86 5.03 -28.73
CA ALA A 1977 75.67 4.71 -29.90
C ALA A 1977 75.13 3.50 -30.64
N ARG A 1978 74.83 2.42 -29.91
CA ARG A 1978 74.29 1.22 -30.54
C ARG A 1978 72.82 1.39 -30.92
N ASP A 1979 72.06 2.09 -30.08
CA ASP A 1979 70.64 2.30 -30.39
C ASP A 1979 70.45 3.32 -31.50
N HIS A 1980 71.25 4.38 -31.50
CA HIS A 1980 71.16 5.40 -32.54
C HIS A 1980 71.88 5.02 -33.82
N PHE A 1981 72.83 4.09 -33.74
CA PHE A 1981 73.59 3.64 -34.90
C PHE A 1981 73.09 2.32 -35.48
N ILE A 1982 72.25 1.60 -34.75
CA ILE A 1982 71.72 0.32 -35.22
C ILE A 1982 70.55 0.58 -36.17
N PRO A 1983 69.95 1.78 -36.13
CA PRO A 1983 68.82 2.04 -37.05
C PRO A 1983 69.26 2.28 -38.48
N ASN A 1984 70.49 2.73 -38.70
CA ASN A 1984 70.96 2.97 -40.06
C ASN A 1984 71.30 1.66 -40.76
N ILE A 1985 72.00 0.76 -40.07
CA ILE A 1985 72.34 -0.52 -40.68
C ILE A 1985 71.16 -1.48 -40.66
N ILE A 1986 70.32 -1.42 -39.63
CA ILE A 1986 69.16 -2.30 -39.56
C ILE A 1986 68.07 -1.83 -40.52
N THR A 1987 67.83 -0.52 -40.57
CA THR A 1987 66.79 0.00 -41.47
C THR A 1987 67.28 0.01 -42.92
N ALA A 1988 68.56 0.35 -43.14
CA ALA A 1988 69.09 0.37 -44.49
C ALA A 1988 69.33 -1.04 -45.02
N MET A 1989 69.68 -1.97 -44.15
CA MET A 1989 69.94 -3.35 -44.57
C MET A 1989 68.68 -4.21 -44.57
N GLY A 1990 67.63 -3.80 -43.86
CA GLY A 1990 66.40 -4.55 -43.82
C GLY A 1990 65.29 -3.94 -44.64
N LYS A 1991 65.50 -2.70 -45.09
CA LYS A 1991 64.49 -2.00 -45.90
C LYS A 1991 64.53 -2.41 -47.36
N LEU A 1992 65.62 -3.02 -47.81
CA LEU A 1992 65.74 -3.44 -49.21
C LEU A 1992 65.09 -4.81 -49.42
N GLN A 2003 54.36 -3.97 -49.95
CA GLN A 2003 55.70 -3.38 -49.96
C GLN A 2003 55.72 -2.05 -49.20
N GLN A 2004 54.54 -1.59 -48.79
CA GLN A 2004 54.43 -0.33 -48.07
C GLN A 2004 54.80 -0.46 -46.60
N LEU A 2005 54.81 -1.68 -46.06
CA LEU A 2005 55.16 -1.87 -44.66
C LEU A 2005 56.64 -1.67 -44.40
N ALA A 2006 57.49 -2.08 -45.34
CA ALA A 2006 58.93 -1.91 -45.16
C ALA A 2006 59.36 -0.46 -45.32
N ILE A 2007 58.80 0.25 -46.31
CA ILE A 2007 59.15 1.64 -46.52
C ILE A 2007 58.51 2.54 -45.46
N ASP A 2008 57.29 2.21 -45.04
CA ASP A 2008 56.62 3.02 -44.02
C ASP A 2008 57.21 2.78 -42.63
N LEU A 2009 57.46 1.52 -42.28
CA LEU A 2009 58.02 1.21 -40.97
C LEU A 2009 59.49 1.59 -40.91
N ALA A 2010 60.23 1.41 -42.01
CA ALA A 2010 61.65 1.76 -42.03
C ALA A 2010 61.85 3.28 -42.11
N GLU A 2011 60.99 3.97 -42.86
CA GLU A 2011 61.13 5.42 -42.99
C GLU A 2011 60.61 6.12 -41.74
N LEU A 2012 59.52 5.62 -41.16
CA LEU A 2012 58.97 6.24 -39.96
C LEU A 2012 59.80 5.90 -38.72
N ILE A 2013 60.28 4.66 -38.65
CA ILE A 2013 61.10 4.28 -37.50
C ILE A 2013 62.51 4.86 -37.61
N LEU A 2014 63.02 4.97 -38.85
CA LEU A 2014 64.35 5.53 -39.03
C LEU A 2014 64.34 7.05 -38.89
N LYS A 2015 63.27 7.70 -39.37
CA LYS A 2015 63.19 9.15 -39.26
C LYS A 2015 62.82 9.58 -37.85
N TRP A 2016 61.92 8.84 -37.20
CA TRP A 2016 61.52 9.18 -35.84
C TRP A 2016 62.59 8.80 -34.83
N GLU A 2017 63.23 7.63 -35.03
CA GLU A 2017 64.27 7.20 -34.11
C GLU A 2017 65.57 7.98 -34.34
N THR A 2018 65.86 8.32 -35.59
CA THR A 2018 67.07 9.07 -35.90
C THR A 2018 66.91 10.56 -35.64
N LYS A 2019 65.68 11.08 -35.72
CA LYS A 2019 65.43 12.48 -35.49
C LYS A 2019 65.00 12.79 -34.06
N LEU A 2020 64.59 11.78 -33.29
CA LEU A 2020 64.16 11.98 -31.91
C LEU A 2020 65.38 12.07 -31.00
N PRO A 2021 66.54 11.57 -31.43
CA PRO A 2021 67.73 11.63 -30.57
C PRO A 2021 68.51 12.94 -30.69
N LYS A 2022 68.12 13.83 -31.60
CA LYS A 2022 68.81 15.10 -31.79
C LYS A 2022 68.16 16.24 -31.00
N SER A 2023 67.19 15.94 -30.15
CA SER A 2023 66.51 16.95 -29.36
C SER A 2023 66.99 16.93 -27.91
N PHE A 2085 76.48 14.93 -39.64
CA PHE A 2085 76.00 13.73 -40.32
C PHE A 2085 74.48 13.76 -40.44
N ALA A 2086 73.87 14.81 -39.91
CA ALA A 2086 72.41 14.94 -39.95
C ALA A 2086 71.90 15.52 -41.28
N GLN A 2087 72.79 16.06 -42.11
CA GLN A 2087 72.36 16.63 -43.38
C GLN A 2087 72.01 15.55 -44.39
N ARG A 2088 72.76 14.44 -44.39
CA ARG A 2088 72.48 13.36 -45.32
C ARG A 2088 71.25 12.57 -44.91
N GLU A 2089 71.07 12.33 -43.61
CA GLU A 2089 69.91 11.58 -43.13
C GLU A 2089 68.65 12.43 -43.16
N ALA A 2090 68.77 13.72 -42.81
CA ALA A 2090 67.61 14.60 -42.82
C ALA A 2090 67.21 14.99 -44.24
N CYS A 2091 68.19 15.28 -45.09
CA CYS A 2091 67.89 15.66 -46.47
C CYS A 2091 67.49 14.46 -47.31
N VAL A 2092 68.14 13.31 -47.09
CA VAL A 2092 67.80 12.10 -47.85
C VAL A 2092 66.49 11.50 -47.35
N THR A 2093 66.26 11.56 -46.04
CA THR A 2093 65.02 11.01 -45.48
C THR A 2093 63.83 11.92 -45.76
N PHE A 2094 64.04 13.24 -45.68
CA PHE A 2094 62.94 14.18 -45.93
C PHE A 2094 62.64 14.30 -47.42
N LEU A 2095 63.69 14.34 -48.25
CA LEU A 2095 63.49 14.45 -49.69
C LEU A 2095 63.03 13.13 -50.30
N ILE A 2096 63.57 12.01 -49.83
CA ILE A 2096 63.18 10.71 -50.36
C ILE A 2096 61.80 10.31 -49.82
N ARG A 2097 61.53 10.60 -48.55
CA ARG A 2097 60.25 10.26 -47.96
C ARG A 2097 59.14 11.23 -48.35
N TYR A 2098 59.49 12.47 -48.69
CA TYR A 2098 58.50 13.47 -49.09
C TYR A 2098 58.34 13.61 -50.59
N ILE A 2099 59.29 13.08 -51.38
CA ILE A 2099 59.19 13.17 -52.83
C ILE A 2099 58.43 12.02 -53.44
N CYS A 2100 57.98 11.05 -52.65
CA CYS A 2100 57.23 9.92 -53.16
C CYS A 2100 55.73 10.16 -53.07
N GLU A 2108 47.57 4.56 -48.00
CA GLU A 2108 48.94 5.02 -48.13
C GLU A 2108 49.08 6.49 -47.73
N ASN A 2109 47.94 7.13 -47.46
CA ASN A 2109 47.95 8.53 -47.06
C ASN A 2109 48.36 8.71 -45.60
N GLU A 2110 48.12 7.70 -44.76
CA GLU A 2110 48.49 7.81 -43.35
C GLU A 2110 50.00 7.68 -43.15
N LEU A 2111 50.67 6.88 -43.97
CA LEU A 2111 52.11 6.73 -43.83
C LEU A 2111 52.86 7.95 -44.36
N GLY A 2112 52.43 8.47 -45.51
CA GLY A 2112 53.09 9.65 -46.06
C GLY A 2112 52.73 10.92 -45.32
N LYS A 2113 51.48 11.03 -44.88
CA LYS A 2113 51.05 12.22 -44.15
C LYS A 2113 51.55 12.22 -42.71
N ARG A 2114 51.55 11.05 -42.06
CA ARG A 2114 52.03 10.97 -40.69
C ARG A 2114 53.55 11.00 -40.64
N ALA A 2115 54.21 10.35 -41.59
CA ALA A 2115 55.67 10.34 -41.59
C ALA A 2115 56.22 11.67 -42.09
N LEU A 2116 55.58 12.26 -43.11
CA LEU A 2116 56.06 13.54 -43.63
C LEU A 2116 55.69 14.68 -42.69
N ASN A 2117 54.52 14.60 -42.04
CA ASN A 2117 54.11 15.65 -41.12
C ASN A 2117 54.85 15.55 -39.79
N ILE A 2118 55.09 14.33 -39.32
CA ILE A 2118 55.80 14.16 -38.05
C ILE A 2118 57.30 14.39 -38.23
N LEU A 2119 57.85 13.96 -39.38
CA LEU A 2119 59.27 14.17 -39.62
C LEU A 2119 59.58 15.61 -39.99
N TYR A 2120 58.73 16.22 -40.81
CA TYR A 2120 58.94 17.61 -41.21
C TYR A 2120 58.58 18.58 -40.09
N GLU A 2121 57.57 18.24 -39.28
CA GLU A 2121 57.16 19.10 -38.18
C GLU A 2121 57.98 18.88 -36.91
N LEU A 2122 58.60 17.71 -36.76
CA LEU A 2122 59.41 17.42 -35.58
C LEU A 2122 60.91 17.51 -35.85
N LEU A 2123 61.33 17.59 -37.12
CA LEU A 2123 62.74 17.69 -37.43
C LEU A 2123 63.31 19.09 -37.25
N GLY A 2124 62.45 20.10 -37.18
CA GLY A 2124 62.89 21.47 -37.00
C GLY A 2124 62.19 22.19 -35.87
N VAL A 2131 70.24 26.89 -44.13
CA VAL A 2131 70.59 26.69 -45.54
C VAL A 2131 69.78 25.55 -46.13
N THR A 2132 69.38 24.60 -45.27
CA THR A 2132 68.61 23.45 -45.72
C THR A 2132 67.13 23.78 -45.91
N VAL A 2133 66.64 24.88 -45.33
CA VAL A 2133 65.25 25.23 -45.49
C VAL A 2133 64.97 25.80 -46.88
N LYS A 2134 65.94 26.53 -47.46
CA LYS A 2134 65.74 27.10 -48.79
C LYS A 2134 65.85 26.03 -49.87
N LEU A 2135 66.83 25.12 -49.76
CA LEU A 2135 66.98 24.08 -50.76
C LEU A 2135 65.94 22.99 -50.60
N GLN A 2136 65.62 22.62 -49.36
CA GLN A 2136 64.62 21.58 -49.12
C GLN A 2136 63.20 22.10 -49.36
N PHE A 2137 62.91 23.33 -48.93
CA PHE A 2137 61.58 23.88 -49.14
C PHE A 2137 61.37 24.32 -50.59
N PHE A 2138 62.41 24.89 -51.22
CA PHE A 2138 62.29 25.33 -52.60
C PHE A 2138 62.33 24.15 -53.57
N GLU A 2139 63.18 23.15 -53.29
CA GLU A 2139 63.26 22.00 -54.16
C GLU A 2139 62.09 21.05 -53.96
N ARG A 2140 61.68 20.83 -52.71
CA ARG A 2140 60.56 19.94 -52.44
C ARG A 2140 59.23 20.59 -52.78
N PHE A 2141 59.10 21.90 -52.57
CA PHE A 2141 57.87 22.62 -52.87
C PHE A 2141 57.77 23.04 -54.33
N LEU A 2142 58.90 23.16 -55.03
CA LEU A 2142 58.90 23.56 -56.44
C LEU A 2142 59.07 22.38 -57.40
N MET A 2143 59.54 21.23 -56.90
CA MET A 2143 59.74 20.05 -57.73
C MET A 2143 58.52 19.15 -57.78
N SER A 2144 57.40 19.57 -57.19
CA SER A 2144 56.18 18.76 -57.19
C SER A 2144 55.45 18.87 -58.52
N LEU A 2152 48.44 13.98 -57.83
CA LEU A 2152 48.23 15.38 -57.49
C LEU A 2152 47.76 15.54 -56.05
N LEU A 2153 47.25 14.45 -55.47
CA LEU A 2153 46.78 14.48 -54.10
C LEU A 2153 47.93 14.40 -53.10
N GLY A 2154 49.03 13.74 -53.47
CA GLY A 2154 50.15 13.63 -52.55
C GLY A 2154 50.94 14.92 -52.42
N TYR A 2155 51.03 15.68 -53.51
CA TYR A 2155 51.76 16.94 -53.47
C TYR A 2155 50.97 18.02 -52.74
N CYS A 2156 49.65 18.09 -53.01
CA CYS A 2156 48.83 19.09 -52.35
C CYS A 2156 48.54 18.72 -50.89
N LEU A 2157 48.35 17.42 -50.63
CA LEU A 2157 48.07 16.99 -49.26
C LEU A 2157 49.33 16.99 -48.40
N ASN A 2158 50.46 16.53 -48.96
CA ASN A 2158 51.70 16.52 -48.19
C ASN A 2158 52.29 17.92 -48.08
N ALA A 2159 52.20 18.72 -49.14
CA ALA A 2159 52.74 20.07 -49.11
C ALA A 2159 51.85 20.99 -48.28
N LEU A 2160 50.53 20.81 -48.38
CA LEU A 2160 49.61 21.64 -47.62
C LEU A 2160 49.57 21.25 -46.15
N GLU A 2161 49.62 19.95 -45.86
CA GLU A 2161 49.60 19.50 -44.47
C GLU A 2161 50.94 19.73 -43.79
N VAL A 2162 52.04 19.48 -44.50
CA VAL A 2162 53.37 19.68 -43.92
C VAL A 2162 53.70 21.16 -43.83
N LEU A 2163 53.31 21.94 -44.84
CA LEU A 2163 53.58 23.36 -44.84
C LEU A 2163 52.61 24.15 -43.97
N ALA A 2164 51.43 23.58 -43.68
CA ALA A 2164 50.43 24.25 -42.86
C ALA A 2164 50.43 23.78 -41.41
N VAL A 2165 50.97 22.61 -41.13
CA VAL A 2165 50.99 22.11 -39.75
C VAL A 2165 52.07 22.79 -38.91
N ALA A 2166 53.08 23.37 -39.54
CA ALA A 2166 54.17 24.06 -38.84
C ALA A 2166 54.26 25.52 -39.26
N LEU A 2167 53.10 26.16 -39.39
CA LEU A 2167 53.06 27.57 -39.79
C LEU A 2167 52.92 28.48 -38.57
N THR A 2172 60.05 34.94 -48.73
CA THR A 2172 59.71 33.53 -48.67
C THR A 2172 58.20 33.34 -48.55
N THR A 2173 57.48 34.42 -48.22
CA THR A 2173 56.03 34.35 -48.08
C THR A 2173 55.31 34.37 -49.42
N TRP A 2174 55.97 34.85 -50.48
CA TRP A 2174 55.32 34.88 -51.79
C TRP A 2174 55.24 33.50 -52.42
N ILE A 2175 56.22 32.64 -52.17
CA ILE A 2175 56.20 31.29 -52.72
C ILE A 2175 55.21 30.41 -51.97
N ILE A 2176 55.11 30.58 -50.65
CA ILE A 2176 54.19 29.78 -49.86
C ILE A 2176 52.76 30.29 -50.03
N GLU A 2177 52.59 31.61 -50.14
CA GLU A 2177 51.25 32.16 -50.31
C GLU A 2177 50.73 31.95 -51.73
N ASN A 2178 51.60 32.15 -52.72
CA ASN A 2178 51.18 31.97 -54.11
C ASN A 2178 51.07 30.48 -54.46
N VAL A 2179 51.96 29.65 -53.91
CA VAL A 2179 51.91 28.22 -54.20
C VAL A 2179 50.77 27.58 -53.42
N SER A 2180 50.51 28.05 -52.20
CA SER A 2180 49.43 27.49 -51.40
C SER A 2180 48.06 27.96 -51.89
N TYR A 2181 47.95 29.23 -52.27
CA TYR A 2181 46.68 29.75 -52.75
C TYR A 2181 46.39 29.28 -54.16
N LEU A 2182 47.41 29.24 -55.03
CA LEU A 2182 47.21 28.79 -56.39
C LEU A 2182 47.04 27.27 -56.45
N GLN A 2183 47.78 26.54 -55.63
CA GLN A 2183 47.66 25.08 -55.62
C GLN A 2183 46.38 24.63 -54.93
N LYS A 2184 45.99 25.32 -53.86
CA LYS A 2184 44.77 24.96 -53.14
C LYS A 2184 43.52 25.40 -53.91
N LEU A 2185 43.56 26.58 -54.52
CA LEU A 2185 42.40 27.06 -55.28
C LEU A 2185 42.27 26.34 -56.62
N LEU A 2186 43.40 26.12 -57.31
CA LEU A 2186 43.37 25.42 -58.60
C LEU A 2186 43.15 23.92 -58.43
N GLU A 2187 43.69 23.33 -57.37
CA GLU A 2187 43.53 21.90 -57.16
C GLU A 2187 42.21 21.57 -56.46
N LYS A 2188 41.64 22.52 -55.71
CA LYS A 2188 40.38 22.31 -55.02
C LYS A 2188 39.18 22.84 -55.79
N CYS A 2189 39.39 23.70 -56.79
CA CYS A 2189 38.29 24.25 -57.57
C CYS A 2189 37.87 23.36 -58.73
N LEU A 2190 38.59 22.27 -58.98
CA LEU A 2190 38.25 21.37 -60.07
C LEU A 2190 37.44 20.18 -59.56
N ASN A 2194 35.43 13.16 -49.38
CA ASN A 2194 35.51 14.49 -49.96
C ASN A 2194 36.06 15.49 -48.94
N GLN A 2195 36.72 14.98 -47.92
CA GLN A 2195 37.30 15.82 -46.87
C GLN A 2195 38.68 16.36 -47.23
N ASP A 2196 39.29 15.87 -48.32
CA ASP A 2196 40.61 16.35 -48.71
C ASP A 2196 40.57 17.75 -49.30
N ILE A 2197 39.51 18.08 -50.05
CA ILE A 2197 39.39 19.41 -50.64
C ILE A 2197 39.03 20.44 -49.59
N GLN A 2198 38.16 20.07 -48.64
CA GLN A 2198 37.76 20.99 -47.59
C GLN A 2198 38.86 21.17 -46.55
N GLU A 2199 39.56 20.08 -46.22
CA GLU A 2199 40.64 20.17 -45.24
C GLU A 2199 41.88 20.82 -45.82
N ILE A 2200 42.21 20.50 -47.07
CA ILE A 2200 43.40 21.10 -47.70
C ILE A 2200 43.12 22.55 -48.09
N LEU A 2201 41.89 22.84 -48.54
CA LEU A 2201 41.57 24.20 -48.92
C LEU A 2201 41.37 25.09 -47.70
N GLN A 2202 40.76 24.55 -46.64
CA GLN A 2202 40.56 25.34 -45.43
C GLN A 2202 41.86 25.50 -44.64
N LYS A 2203 42.70 24.46 -44.62
CA LYS A 2203 43.96 24.55 -43.89
C LYS A 2203 44.98 25.38 -44.67
N VAL A 2204 45.00 25.25 -45.99
CA VAL A 2204 45.94 26.02 -46.81
C VAL A 2204 45.49 27.48 -46.90
N LEU A 2205 44.17 27.70 -46.98
CA LEU A 2205 43.66 29.07 -47.06
C LEU A 2205 43.76 29.78 -45.72
N GLY A 2206 43.44 29.08 -44.63
CA GLY A 2206 43.53 29.69 -43.31
C GLY A 2206 44.96 29.87 -42.84
N ILE A 2207 45.81 28.89 -43.14
CA ILE A 2207 47.22 29.00 -42.74
C ILE A 2207 47.97 29.97 -43.63
N ILE A 2208 47.63 30.03 -44.92
CA ILE A 2208 48.30 30.95 -45.82
C ILE A 2208 47.83 32.38 -45.60
N LEU A 2209 46.52 32.55 -45.36
CA LEU A 2209 45.99 33.89 -45.12
C LEU A 2209 46.37 34.40 -43.74
N GLU A 2210 46.31 33.55 -42.72
CA GLU A 2210 46.67 33.96 -41.37
C GLU A 2210 48.18 34.11 -41.20
N ALA A 2211 48.97 33.27 -41.87
CA ALA A 2211 50.42 33.36 -41.76
C ALA A 2211 50.99 34.44 -42.67
N ILE A 2212 50.32 34.75 -43.77
CA ILE A 2212 50.79 35.79 -44.69
C ILE A 2212 50.19 37.15 -44.40
N ASN A 2213 49.11 37.23 -43.63
CA ASN A 2213 48.47 38.49 -43.30
C ASN A 2213 48.97 39.08 -41.98
N LYS A 2214 50.04 38.53 -41.41
CA LYS A 2214 50.59 39.04 -40.16
C LYS A 2214 51.86 39.84 -40.41
N GLU A 2226 50.88 43.43 -53.65
CA GLU A 2226 50.83 42.00 -53.39
C GLU A 2226 49.51 41.60 -52.75
N VAL A 2227 48.77 42.60 -52.25
CA VAL A 2227 47.49 42.33 -51.61
C VAL A 2227 46.37 42.20 -52.63
N THR A 2228 46.57 42.66 -53.87
CA THR A 2228 45.52 42.56 -54.87
C THR A 2228 45.41 41.13 -55.41
N ASN A 2229 46.53 40.43 -55.51
CA ASN A 2229 46.50 39.05 -56.01
C ASN A 2229 45.97 38.09 -54.95
N PHE A 2230 46.36 38.28 -53.69
CA PHE A 2230 45.89 37.41 -52.63
C PHE A 2230 44.45 37.75 -52.22
N ILE A 2231 44.11 39.03 -52.23
CA ILE A 2231 42.75 39.43 -51.86
C ILE A 2231 41.77 39.14 -52.99
N SER A 2232 42.19 39.36 -54.24
CA SER A 2232 41.32 39.10 -55.38
C SER A 2232 41.21 37.60 -55.66
N LEU A 2233 42.31 36.87 -55.54
CA LEU A 2233 42.29 35.43 -55.79
C LEU A 2233 41.64 34.68 -54.63
N ILE A 2234 41.90 35.11 -53.39
CA ILE A 2234 41.30 34.44 -52.24
C ILE A 2234 39.84 34.82 -52.09
N VAL A 2235 39.49 36.06 -52.40
CA VAL A 2235 38.10 36.49 -52.29
C VAL A 2235 37.27 35.96 -53.44
N ASN A 2236 37.85 35.91 -54.65
CA ASN A 2236 37.11 35.40 -55.80
C ASN A 2236 37.03 33.87 -55.79
N ILE A 2237 38.10 33.20 -55.37
CA ILE A 2237 38.10 31.75 -55.32
C ILE A 2237 37.32 31.25 -54.11
N ILE A 2238 37.43 31.94 -52.97
CA ILE A 2238 36.69 31.53 -51.79
C ILE A 2238 35.22 31.92 -51.87
N GLY A 2239 34.92 33.02 -52.56
CA GLY A 2239 33.55 33.47 -52.69
C GLY A 2239 32.83 32.86 -53.88
N GLU A 2240 33.60 32.33 -54.84
CA GLU A 2240 33.04 31.72 -56.03
C GLU A 2240 33.13 30.19 -56.02
N ASP A 2241 33.93 29.61 -55.13
CA ASP A 2241 34.07 28.16 -55.05
C ASP A 2241 33.02 27.50 -54.17
N LEU A 2242 32.16 28.28 -53.51
CA LEU A 2242 31.14 27.73 -52.64
C LEU A 2242 29.84 27.50 -53.41
N THR A 2246 28.18 22.20 -43.37
CA THR A 2246 27.78 23.50 -43.90
C THR A 2246 28.28 24.64 -43.02
N SER A 2247 28.68 24.30 -41.80
CA SER A 2247 29.19 25.30 -40.87
C SER A 2247 30.62 25.73 -41.18
N VAL A 2248 31.38 24.90 -41.90
CA VAL A 2248 32.76 25.26 -42.22
C VAL A 2248 32.81 26.34 -43.29
N ALA A 2249 31.89 26.30 -44.26
CA ALA A 2249 31.87 27.31 -45.32
C ALA A 2249 31.34 28.65 -44.81
N ALA A 2250 30.30 28.62 -43.99
CA ALA A 2250 29.73 29.85 -43.46
C ALA A 2250 30.62 30.45 -42.37
N GLY A 2251 31.21 29.61 -41.53
CA GLY A 2251 32.07 30.08 -40.47
C GLY A 2251 33.44 30.52 -40.96
N VAL A 2252 34.02 29.74 -41.87
CA VAL A 2252 35.32 30.09 -42.41
C VAL A 2252 35.22 31.23 -43.41
N SER A 2253 34.16 31.24 -44.22
CA SER A 2253 33.99 32.31 -45.20
C SER A 2253 33.53 33.61 -44.53
N LEU A 2254 32.68 33.50 -43.51
CA LEU A 2254 32.20 34.69 -42.81
C LEU A 2254 33.25 35.24 -41.86
N CYS A 2255 33.99 34.37 -41.18
CA CYS A 2255 35.03 34.83 -40.26
C CYS A 2255 36.26 35.30 -41.01
N TRP A 2256 36.63 34.60 -42.08
CA TRP A 2256 37.81 35.00 -42.85
C TRP A 2256 37.51 36.21 -43.73
N THR A 2257 36.33 36.24 -44.34
CA THR A 2257 35.97 37.38 -45.20
C THR A 2257 35.59 38.60 -44.37
N LEU A 2258 34.97 38.40 -43.21
CA LEU A 2258 34.59 39.51 -42.34
C LEU A 2258 35.71 39.97 -41.43
N SER A 2259 36.71 39.14 -41.18
CA SER A 2259 37.83 39.49 -40.32
C SER A 2259 39.10 39.80 -41.09
N LEU A 2260 39.17 39.47 -42.38
CA LEU A 2260 40.34 39.73 -43.20
C LEU A 2260 40.21 41.01 -44.00
N TYR A 2261 39.28 41.89 -43.64
CA TYR A 2261 39.08 43.14 -44.35
C TYR A 2261 39.50 44.33 -43.49
N PRO A 2263 34.33 48.96 -38.38
CA PRO A 2263 32.94 48.67 -38.02
C PRO A 2263 32.06 48.44 -39.24
N ASN A 2264 32.43 49.04 -40.38
CA ASN A 2264 31.68 48.91 -41.62
C ASN A 2264 32.11 47.71 -42.45
N ALA A 2265 33.10 46.94 -42.00
CA ALA A 2265 33.55 45.78 -42.75
C ALA A 2265 32.56 44.62 -42.64
N LEU A 2266 32.00 44.41 -41.45
CA LEU A 2266 31.05 43.32 -41.26
C LEU A 2266 29.70 43.65 -41.87
N ASP A 2267 29.22 44.87 -41.69
CA ASP A 2267 27.93 45.25 -42.25
C ASP A 2267 28.03 45.44 -43.77
N SER A 2268 29.13 46.00 -44.25
CA SER A 2268 29.32 46.21 -45.68
C SER A 2268 29.74 44.94 -46.40
N LEU A 2269 30.27 43.94 -45.68
CA LEU A 2269 30.70 42.70 -46.29
C LEU A 2269 29.72 41.56 -46.06
N LEU A 2270 28.72 41.74 -45.20
CA LEU A 2270 27.73 40.70 -44.93
C LEU A 2270 26.76 40.59 -46.09
N PRO A 2271 26.57 41.67 -46.87
CA PRO A 2271 25.64 41.58 -48.01
C PRO A 2271 26.16 40.73 -49.15
N SER A 2272 27.48 40.65 -49.32
CA SER A 2272 28.05 39.84 -50.38
C SER A 2272 27.96 38.35 -50.06
N ILE A 2273 28.24 37.98 -48.81
CA ILE A 2273 28.17 36.57 -48.43
C ILE A 2273 26.72 36.13 -48.25
N MET A 2274 25.87 37.01 -47.71
CA MET A 2274 24.47 36.66 -47.52
C MET A 2274 23.73 36.63 -48.86
N ARG A 2275 23.95 37.64 -49.71
CA ARG A 2275 23.29 37.67 -51.00
C ARG A 2275 23.87 36.63 -51.96
N THR A 2276 25.18 36.36 -51.85
CA THR A 2276 25.78 35.36 -52.71
C THR A 2276 25.42 33.94 -52.28
N PHE A 2277 25.34 33.69 -50.98
CA PHE A 2277 24.99 32.37 -50.48
C PHE A 2277 23.49 32.10 -50.65
N ASN A 2278 22.65 33.09 -50.36
CA ASN A 2278 21.21 32.91 -50.49
C ASN A 2278 20.80 32.90 -51.97
N LYS A 2279 21.40 33.76 -52.78
CA LYS A 2279 21.08 33.78 -54.21
C LYS A 2279 21.67 32.59 -54.94
N LEU A 2280 22.84 32.12 -54.51
CA LEU A 2280 23.46 30.95 -55.15
C LEU A 2280 22.77 29.66 -54.73
N CYS A 2281 22.40 29.55 -53.46
CA CYS A 2281 21.73 28.34 -52.99
C CYS A 2281 20.29 28.29 -53.47
N ARG A 2282 19.59 29.42 -53.43
CA ARG A 2282 18.20 29.46 -53.89
C ARG A 2282 18.11 29.39 -55.40
N ASP A 2283 19.07 30.02 -56.11
CA ASP A 2283 19.07 29.99 -57.56
C ASP A 2283 19.68 28.70 -58.12
N HIS A 2284 20.42 27.96 -57.31
CA HIS A 2284 21.03 26.71 -57.76
C HIS A 2284 20.29 25.47 -57.28
N ILE A 2285 19.47 25.58 -56.25
CA ILE A 2285 18.72 24.44 -55.72
C ILE A 2285 17.27 24.43 -56.22
N ALA A 2286 16.88 25.38 -57.06
CA ALA A 2286 15.52 25.44 -57.57
C ALA A 2286 15.50 26.01 -58.98
N ILE A 2287 16.30 27.04 -59.23
CA ILE A 2287 16.40 27.70 -60.53
C ILE A 2287 15.02 28.19 -60.97
N SER A 2288 14.74 28.07 -62.27
CA SER A 2288 13.46 28.50 -62.85
C SER A 2288 13.19 29.97 -62.55
N LEU A 2289 14.21 30.80 -62.76
CA LEU A 2289 14.09 32.24 -62.52
C LEU A 2289 15.02 33.01 -63.44
N GLN A 2290 15.48 34.17 -62.98
CA GLN A 2290 16.38 35.01 -63.76
C GLN A 2290 17.46 35.65 -62.89
N GLY A 2291 17.87 34.96 -61.83
CA GLY A 2291 18.88 35.50 -60.94
C GLY A 2291 20.01 34.51 -60.69
N ASN A 2292 20.60 33.98 -61.76
CA ASN A 2292 21.69 33.02 -61.64
C ASN A 2292 23.06 33.65 -61.88
N GLN A 2293 23.12 34.85 -62.46
CA GLN A 2293 24.39 35.51 -62.73
C GLN A 2293 24.59 36.65 -61.75
N PRO A 2294 24.15 36.51 -60.50
CA PRO A 2294 24.33 37.59 -59.52
C PRO A 2294 25.67 37.58 -58.80
N GLN A 2295 26.48 36.54 -58.97
CA GLN A 2295 27.78 36.48 -58.30
C GLN A 2295 28.80 37.37 -58.99
N SER A 2296 28.77 37.44 -60.32
CA SER A 2296 29.72 38.27 -61.05
C SER A 2296 29.34 39.74 -61.00
N GLY A 2297 28.06 40.06 -60.84
CA GLY A 2297 27.62 41.43 -60.77
C GLY A 2297 27.50 41.95 -59.36
N ASP A 2298 27.39 41.04 -58.39
CA ASP A 2298 27.27 41.42 -56.99
C ASP A 2298 28.56 41.23 -56.20
N PHE A 2299 29.48 40.40 -56.68
CA PHE A 2299 30.73 40.16 -56.00
C PHE A 2299 31.84 41.10 -56.45
N ALA A 2300 31.56 42.04 -57.34
CA ALA A 2300 32.56 42.99 -57.83
C ALA A 2300 32.43 44.30 -57.06
N ASN A 2301 32.78 44.23 -55.78
CA ASN A 2301 32.71 45.40 -54.90
C ASN A 2301 33.86 45.52 -53.93
N ILE A 2302 34.65 44.47 -53.70
CA ILE A 2302 35.79 44.52 -52.78
C ILE A 2302 36.97 45.11 -53.54
N GLU A 2303 37.27 46.38 -53.30
CA GLU A 2303 38.39 47.05 -53.97
C GLU A 2303 39.65 46.97 -53.13
N LYS A 2307 27.50 58.69 -47.89
CA LYS A 2307 26.61 57.60 -47.51
C LYS A 2307 25.69 57.21 -48.65
N VAL A 2308 25.87 57.88 -49.79
CA VAL A 2308 25.04 57.58 -50.97
C VAL A 2308 25.52 56.34 -51.70
N THR A 2309 26.78 55.93 -51.51
CA THR A 2309 27.28 54.74 -52.20
C THR A 2309 26.74 53.47 -51.56
N THR A 2310 26.58 53.45 -50.24
CA THR A 2310 26.06 52.27 -49.57
C THR A 2310 24.56 52.11 -49.80
N ASN A 2311 23.81 53.21 -49.75
CA ASN A 2311 22.36 53.14 -49.96
C ASN A 2311 22.02 52.94 -51.44
N LEU A 2312 22.79 53.58 -52.33
CA LEU A 2312 22.52 53.43 -53.76
C LEU A 2312 23.01 52.09 -54.28
N LEU A 2313 24.18 51.64 -53.83
CA LEU A 2313 24.69 50.35 -54.29
C LEU A 2313 23.95 49.19 -53.63
N GLU A 2314 23.62 49.32 -52.34
CA GLU A 2314 22.90 48.26 -51.65
C GLU A 2314 21.44 48.21 -52.07
N LYS A 2315 20.82 49.37 -52.25
CA LYS A 2315 19.42 49.40 -52.67
C LYS A 2315 19.26 49.06 -54.15
N ILE A 2316 20.20 49.48 -54.98
CA ILE A 2316 20.12 49.18 -56.41
C ILE A 2316 20.52 47.73 -56.68
N LEU A 2317 21.52 47.23 -55.95
CA LEU A 2317 21.95 45.85 -56.15
C LEU A 2317 20.97 44.86 -55.53
N ASN A 2318 20.43 45.19 -54.35
CA ASN A 2318 19.48 44.30 -53.71
C ASN A 2318 18.11 44.38 -54.37
N LEU A 2319 17.67 45.58 -54.75
CA LEU A 2319 16.37 45.72 -55.39
C LEU A 2319 16.42 45.26 -56.84
N CYS A 2320 17.55 45.44 -57.52
CA CYS A 2320 17.69 45.02 -58.90
C CYS A 2320 18.10 43.56 -59.05
N ALA A 2321 18.67 42.96 -58.00
CA ALA A 2321 19.10 41.57 -58.05
C ALA A 2321 18.18 40.64 -57.27
N ALA A 2322 17.28 41.17 -56.46
CA ALA A 2322 16.36 40.37 -55.68
C ALA A 2322 15.09 40.00 -56.44
N ARG A 2323 14.92 40.52 -57.65
CA ARG A 2323 13.73 40.22 -58.45
C ARG A 2323 13.94 38.97 -59.30
N SER A 2326 11.82 26.28 -47.19
CA SER A 2326 13.17 26.81 -47.33
C SER A 2326 13.15 28.30 -47.65
N LEU A 2327 11.96 28.82 -47.96
CA LEU A 2327 11.82 30.23 -48.28
C LEU A 2327 11.76 31.12 -47.05
N ASP A 2328 11.51 30.55 -45.87
CA ASP A 2328 11.45 31.36 -44.65
C ASP A 2328 12.85 31.76 -44.19
N ASP A 2329 13.84 30.90 -44.39
CA ASP A 2329 15.21 31.22 -43.99
C ASP A 2329 15.85 32.20 -44.95
N GLN A 2330 15.60 32.04 -46.25
CA GLN A 2330 16.17 32.96 -47.23
C GLN A 2330 15.42 34.30 -47.25
N ARG A 2331 14.11 34.27 -47.05
CA ARG A 2331 13.34 35.50 -47.04
C ARG A 2331 13.52 36.26 -45.74
N ARG A 2332 13.57 35.54 -44.61
CA ARG A 2332 13.76 36.21 -43.32
C ARG A 2332 15.21 36.64 -43.14
N VAL A 2333 16.15 35.83 -43.60
CA VAL A 2333 17.57 36.18 -43.46
C VAL A 2333 17.94 37.27 -44.46
N PHE A 2334 17.37 37.22 -45.67
CA PHE A 2334 17.67 38.24 -46.67
C PHE A 2334 16.96 39.55 -46.35
N LEU A 2335 15.73 39.49 -45.85
CA LEU A 2335 15.01 40.71 -45.52
C LEU A 2335 15.53 41.33 -44.23
N SER A 2336 15.85 40.50 -43.23
CA SER A 2336 16.37 41.02 -41.97
C SER A 2336 17.82 41.50 -42.12
N LEU A 2337 18.64 40.76 -42.87
CA LEU A 2337 20.03 41.17 -43.07
C LEU A 2337 20.13 42.36 -44.02
N LEU A 2338 19.29 42.40 -45.05
CA LEU A 2338 19.32 43.52 -45.99
C LEU A 2338 18.71 44.78 -45.38
N ALA A 2339 17.63 44.62 -44.61
CA ALA A 2339 17.00 45.77 -43.98
C ALA A 2339 17.82 46.30 -42.80
N GLN A 2340 18.37 45.40 -42.00
CA GLN A 2340 19.17 45.82 -40.85
C GLN A 2340 20.53 46.36 -41.29
N LEU A 2341 21.17 45.69 -42.26
CA LEU A 2341 22.47 46.15 -42.73
C LEU A 2341 22.36 47.39 -43.61
N ILE A 2342 21.29 47.51 -44.40
CA ILE A 2342 21.12 48.67 -45.26
C ILE A 2342 20.52 49.85 -44.50
N ASP A 2343 19.80 49.61 -43.40
CA ASP A 2343 19.19 50.67 -42.62
C ASP A 2343 20.03 51.06 -41.40
N ARG A 2344 21.02 50.26 -41.03
CA ARG A 2344 21.86 50.54 -39.88
C ARG A 2344 23.08 51.38 -40.22
N SER A 2345 23.23 51.78 -41.48
CA SER A 2345 24.37 52.60 -41.90
C SER A 2345 24.02 54.08 -41.86
N LYS A 2348 18.00 61.72 -49.23
CA LYS A 2348 18.24 60.34 -49.65
C LYS A 2348 17.42 59.36 -48.80
N ASP A 2349 16.87 59.87 -47.70
CA ASP A 2349 16.07 59.02 -46.81
C ASP A 2349 14.65 58.82 -47.32
N MET A 2350 14.18 59.69 -48.21
CA MET A 2350 12.82 59.53 -48.73
C MET A 2350 12.73 58.39 -49.72
N LEU A 2351 13.79 58.16 -50.51
CA LEU A 2351 13.77 57.07 -51.48
C LEU A 2351 13.96 55.72 -50.79
N LEU A 2352 14.83 55.66 -49.79
CA LEU A 2352 15.06 54.41 -49.08
C LEU A 2352 13.91 54.09 -48.12
N LYS A 2353 13.35 55.11 -47.48
CA LYS A 2353 12.24 54.89 -46.56
C LYS A 2353 10.94 54.63 -47.30
N VAL A 2354 10.69 55.35 -48.40
CA VAL A 2354 9.47 55.14 -49.16
C VAL A 2354 9.56 53.87 -49.98
N ILE A 2355 10.75 53.56 -50.50
CA ILE A 2355 10.92 52.34 -51.30
C ILE A 2355 10.94 51.11 -50.40
N ASN A 2356 11.54 51.24 -49.21
CA ASN A 2356 11.59 50.11 -48.28
C ASN A 2356 10.24 49.88 -47.60
N ILE A 2357 9.53 50.96 -47.27
CA ILE A 2357 8.23 50.82 -46.63
C ILE A 2357 7.17 50.41 -47.63
N VAL A 2358 7.25 50.92 -48.85
CA VAL A 2358 6.27 50.57 -49.88
C VAL A 2358 6.54 49.16 -50.40
N THR A 2359 7.82 48.80 -50.55
CA THR A 2359 8.15 47.46 -51.04
C THR A 2359 7.92 46.41 -49.97
N GLU A 2360 8.23 46.74 -48.71
CA GLU A 2360 8.03 45.80 -47.63
C GLU A 2360 6.56 45.66 -47.26
N TRP A 2361 5.81 46.76 -47.29
CA TRP A 2361 4.39 46.70 -46.96
C TRP A 2361 3.59 46.10 -48.11
N ILE A 2362 3.93 46.43 -49.35
CA ILE A 2362 3.20 45.89 -50.50
C ILE A 2362 3.57 44.43 -50.72
N PHE A 2363 4.86 44.10 -50.58
CA PHE A 2363 5.29 42.72 -50.77
C PHE A 2363 4.89 41.81 -49.61
N LYS A 2364 4.87 42.35 -48.38
CA LYS A 2364 4.49 41.56 -47.23
C LYS A 2364 2.98 41.50 -47.03
N THR A 2365 2.24 42.48 -47.54
CA THR A 2365 0.79 42.51 -47.41
C THR A 2365 0.06 42.01 -48.65
N ASP A 2366 0.75 41.89 -49.78
CA ASP A 2366 0.13 41.41 -51.01
C ASP A 2366 0.22 39.90 -51.18
N PHE A 2367 0.76 39.19 -50.19
CA PHE A 2367 0.87 37.73 -50.27
C PHE A 2367 -0.27 37.06 -49.52
N THR A 2370 0.02 28.55 -46.30
CA THR A 2370 1.21 28.33 -45.48
C THR A 2370 2.22 29.45 -45.65
N THR A 2371 2.22 30.07 -46.83
CA THR A 2371 3.15 31.15 -47.12
C THR A 2371 2.68 32.49 -46.56
N LYS A 2372 1.40 32.60 -46.19
CA LYS A 2372 0.90 33.86 -45.66
C LYS A 2372 1.36 34.08 -44.22
N GLU A 2373 1.50 33.01 -43.44
CA GLU A 2373 1.95 33.17 -42.06
C GLU A 2373 3.44 33.45 -41.99
N LYS A 2374 4.24 32.78 -42.82
CA LYS A 2374 5.68 33.00 -42.82
C LYS A 2374 6.04 34.30 -43.51
N ALA A 2375 5.35 34.64 -44.60
CA ALA A 2375 5.64 35.89 -45.31
C ALA A 2375 5.10 37.08 -44.54
N GLY A 2376 3.90 36.98 -43.98
CA GLY A 2376 3.34 38.09 -43.22
C GLY A 2376 3.99 38.26 -41.87
N ILE A 2377 4.32 37.14 -41.21
CA ILE A 2377 4.96 37.22 -39.89
C ILE A 2377 6.43 37.62 -40.03
N LEU A 2378 7.10 37.10 -41.06
CA LEU A 2378 8.51 37.44 -41.26
C LEU A 2378 8.67 38.86 -41.80
N GLY A 2379 7.82 39.25 -42.75
CA GLY A 2379 7.91 40.59 -43.29
C GLY A 2379 7.40 41.66 -42.34
N LYS A 2380 6.32 41.35 -41.62
CA LYS A 2380 5.77 42.31 -40.67
C LYS A 2380 6.61 42.39 -39.40
N MET A 2381 7.14 41.25 -38.94
CA MET A 2381 7.96 41.25 -37.74
C MET A 2381 9.36 41.80 -38.02
N MET A 2382 9.94 41.45 -39.18
CA MET A 2382 11.26 41.95 -39.51
C MET A 2382 11.23 43.41 -39.94
N ILE A 2383 10.21 43.80 -40.70
CA ILE A 2383 10.10 45.19 -41.14
C ILE A 2383 9.63 46.09 -40.01
N PHE A 2384 8.76 45.59 -39.13
CA PHE A 2384 8.27 46.38 -38.02
C PHE A 2384 9.22 46.40 -36.83
N ASP A 2385 10.08 45.39 -36.71
CA ASP A 2385 11.04 45.31 -35.60
C ASP A 2385 12.44 45.75 -36.00
N LEU A 2386 12.72 45.87 -37.30
CA LEU A 2386 14.05 46.28 -37.76
C LEU A 2386 14.24 47.79 -37.71
N ARG A 2387 13.18 48.57 -37.53
CA ARG A 2387 13.29 50.02 -37.47
C ARG A 2387 13.70 50.48 -36.07
N PRO A 2390 -5.12 43.85 -42.12
CA PRO A 2390 -5.73 42.56 -42.40
C PRO A 2390 -5.03 41.41 -41.68
N GLU A 2391 -4.10 41.74 -40.78
CA GLU A 2391 -3.39 40.72 -40.03
C GLU A 2391 -4.20 40.14 -38.89
N LEU A 2392 -5.25 40.84 -38.43
CA LEU A 2392 -6.06 40.34 -37.34
C LEU A 2392 -6.95 39.18 -37.77
N SER A 2393 -7.47 39.23 -39.00
CA SER A 2393 -8.34 38.15 -39.48
C SER A 2393 -7.54 36.90 -39.82
N LYS A 2394 -6.37 37.07 -40.44
CA LYS A 2394 -5.54 35.92 -40.80
C LYS A 2394 -4.84 35.35 -39.58
N LYS A 2395 -4.39 36.20 -38.66
CA LYS A 2395 -3.72 35.71 -37.46
C LYS A 2395 -4.69 35.13 -36.45
N PHE A 2396 -5.86 35.76 -36.29
CA PHE A 2396 -6.84 35.25 -35.35
C PHE A 2396 -7.57 34.04 -35.90
N ASN A 2397 -7.87 34.04 -37.21
CA ASN A 2397 -8.55 32.91 -37.81
C ASN A 2397 -7.60 31.72 -38.01
N GLN A 2398 -6.35 32.00 -38.39
CA GLN A 2398 -5.39 30.93 -38.59
C GLN A 2398 -4.88 30.38 -37.26
N VAL A 2399 -4.71 31.25 -36.26
CA VAL A 2399 -4.24 30.80 -34.96
C VAL A 2399 -5.36 30.14 -34.18
N ILE A 2400 -6.59 30.61 -34.32
CA ILE A 2400 -7.72 30.02 -33.61
C ILE A 2400 -8.16 28.72 -34.28
N VAL A 2401 -8.12 28.68 -35.62
CA VAL A 2401 -8.52 27.47 -36.33
C VAL A 2401 -7.42 26.41 -36.25
N ASP A 2402 -6.15 26.83 -36.35
CA ASP A 2402 -5.05 25.87 -36.28
C ASP A 2402 -4.80 25.43 -34.85
N ILE A 2403 -5.01 26.31 -33.88
CA ILE A 2403 -4.79 25.93 -32.48
C ILE A 2403 -6.01 25.24 -31.87
N PHE A 2404 -7.19 25.46 -32.42
CA PHE A 2404 -8.42 24.85 -31.91
C PHE A 2404 -8.85 23.63 -32.71
N GLU A 2405 -8.29 23.42 -33.90
CA GLU A 2405 -8.63 22.28 -34.74
C GLU A 2405 -7.78 21.05 -34.46
N SER A 2406 -6.86 21.13 -33.50
CA SER A 2406 -6.00 19.99 -33.17
C SER A 2406 -6.54 19.24 -31.96
N LEU A 2409 5.21 23.78 -34.95
CA LEU A 2409 5.63 24.48 -33.74
C LEU A 2409 6.02 25.92 -34.03
N ALA A 2410 6.22 26.23 -35.31
CA ALA A 2410 6.60 27.57 -35.72
C ALA A 2410 5.42 28.53 -35.74
N HIS A 2411 4.19 28.03 -35.81
CA HIS A 2411 3.03 28.90 -35.83
C HIS A 2411 2.76 29.51 -34.46
N THR A 2412 3.01 28.77 -33.38
CA THR A 2412 2.79 29.28 -32.04
C THR A 2412 3.86 30.29 -31.64
N GLU A 2413 5.12 30.02 -31.97
CA GLU A 2413 6.19 30.94 -31.63
C GLU A 2413 6.21 32.15 -32.54
N LEU A 2414 5.92 31.96 -33.83
CA LEU A 2414 5.91 33.08 -34.76
C LEU A 2414 4.65 33.94 -34.58
N THR A 2415 3.50 33.30 -34.36
CA THR A 2415 2.27 34.06 -34.17
C THR A 2415 2.22 34.69 -32.78
N ALA A 2416 2.73 33.98 -31.77
CA ALA A 2416 2.71 34.54 -30.42
C ALA A 2416 3.78 35.61 -30.25
N ARG A 2417 4.95 35.41 -30.85
CA ARG A 2417 6.03 36.39 -30.74
C ARG A 2417 5.75 37.61 -31.62
N MET A 2418 5.23 37.40 -32.82
CA MET A 2418 4.94 38.52 -33.72
C MET A 2418 3.69 39.27 -33.27
N GLU A 2419 2.68 38.54 -32.79
CA GLU A 2419 1.46 39.19 -32.35
C GLU A 2419 1.66 39.87 -30.99
N THR A 2420 2.43 39.24 -30.10
CA THR A 2420 2.68 39.82 -28.79
C THR A 2420 3.67 40.98 -28.86
N ALA A 2421 4.71 40.83 -29.69
CA ALA A 2421 5.69 41.91 -29.82
C ALA A 2421 5.15 43.07 -30.66
N PHE A 2422 4.44 42.76 -31.74
CA PHE A 2422 3.87 43.81 -32.58
C PHE A 2422 2.67 44.47 -31.93
N LEU A 2423 1.86 43.72 -31.20
CA LEU A 2423 0.69 44.28 -30.54
C LEU A 2423 1.02 44.93 -29.20
N PHE A 2424 2.11 44.50 -28.55
CA PHE A 2424 2.50 45.08 -27.27
C PHE A 2424 3.58 46.16 -27.39
N GLY A 2425 4.26 46.23 -28.52
CA GLY A 2425 5.30 47.22 -28.75
C GLY A 2425 4.83 48.52 -29.37
N THR A 2426 3.52 48.78 -29.39
CA THR A 2426 3.00 50.01 -29.97
C THR A 2426 2.35 50.88 -28.90
N SER A 2429 -9.31 52.50 -30.80
CA SER A 2429 -9.51 51.94 -29.48
C SER A 2429 -10.11 50.53 -29.57
N ASP A 2430 -10.63 50.20 -30.75
CA ASP A 2430 -11.24 48.89 -30.96
C ASP A 2430 -10.21 47.80 -31.23
N VAL A 2431 -8.98 48.18 -31.60
CA VAL A 2431 -7.95 47.19 -31.88
C VAL A 2431 -7.42 46.59 -30.58
N SER A 2432 -7.37 47.39 -29.51
CA SER A 2432 -6.87 46.89 -28.24
C SER A 2432 -7.90 46.01 -27.54
N ILE A 2433 -9.18 46.38 -27.59
CA ILE A 2433 -10.22 45.59 -26.96
C ILE A 2433 -10.55 44.36 -27.79
N ARG A 2434 -10.52 44.50 -29.12
CA ARG A 2434 -10.81 43.35 -29.98
C ARG A 2434 -9.65 42.38 -30.04
N LYS A 2435 -8.42 42.89 -30.11
CA LYS A 2435 -7.25 42.02 -30.16
C LYS A 2435 -6.95 41.43 -28.78
N LYS A 2436 -7.16 42.22 -27.72
CA LYS A 2436 -6.89 41.72 -26.38
C LYS A 2436 -8.00 40.76 -25.92
N LEU A 2437 -9.25 41.06 -26.26
CA LEU A 2437 -10.35 40.20 -25.86
C LEU A 2437 -10.40 38.93 -26.71
N MET A 2438 -10.14 39.07 -28.01
CA MET A 2438 -10.16 37.90 -28.89
C MET A 2438 -8.93 37.03 -28.69
N SER A 2439 -7.78 37.66 -28.49
CA SER A 2439 -6.54 36.90 -28.28
C SER A 2439 -6.49 36.30 -26.88
N ILE A 2440 -6.99 37.02 -25.88
CA ILE A 2440 -6.97 36.50 -24.51
C ILE A 2440 -8.06 35.46 -24.31
N LEU A 2441 -9.22 35.66 -24.93
CA LEU A 2441 -10.31 34.69 -24.80
C LEU A 2441 -10.05 33.45 -25.65
N SER A 2442 -9.56 33.64 -26.87
CA SER A 2442 -9.29 32.49 -27.74
C SER A 2442 -8.02 31.76 -27.31
N ASP A 2443 -7.03 32.48 -26.79
CA ASP A 2443 -5.79 31.85 -26.35
C ASP A 2443 -5.88 31.31 -24.93
N SER A 2444 -6.79 31.82 -24.11
CA SER A 2444 -6.95 31.36 -22.74
C SER A 2444 -8.13 30.40 -22.57
N LEU A 2445 -9.03 30.32 -23.55
CA LEU A 2445 -10.18 29.44 -23.47
C LEU A 2445 -9.88 28.02 -23.97
N GLU A 2446 -8.67 27.76 -24.45
CA GLU A 2446 -8.31 26.44 -24.94
C GLU A 2446 -7.65 25.61 -23.85
N ILE A 2449 2.39 26.12 -24.97
CA ILE A 2449 1.25 26.86 -24.44
C ILE A 2449 1.73 27.85 -23.37
N ASP A 2450 2.95 27.64 -22.89
CA ASP A 2450 3.51 28.52 -21.86
C ASP A 2450 4.01 29.84 -22.44
N LYS A 2451 4.28 29.91 -23.74
CA LYS A 2451 4.75 31.15 -24.34
C LYS A 2451 3.65 32.20 -24.45
N ARG A 2452 2.41 31.78 -24.70
CA ARG A 2452 1.31 32.73 -24.82
C ARG A 2452 0.89 33.26 -23.46
N LEU A 2453 0.82 32.39 -22.45
CA LEU A 2453 0.44 32.82 -21.12
C LEU A 2453 1.56 33.59 -20.42
N PHE A 2454 2.81 33.15 -20.59
CA PHE A 2454 3.93 33.83 -19.97
C PHE A 2454 4.25 35.15 -20.67
N TYR A 2455 4.20 35.16 -22.00
CA TYR A 2455 4.49 36.38 -22.74
C TYR A 2455 3.33 37.36 -22.67
N ILE A 2456 2.09 36.87 -22.67
CA ILE A 2456 0.94 37.76 -22.59
C ILE A 2456 0.75 38.27 -21.17
N ILE A 2457 1.02 37.43 -20.17
CA ILE A 2457 0.87 37.86 -18.79
C ILE A 2457 2.02 38.76 -18.36
N LYS A 2458 3.24 38.45 -18.81
CA LYS A 2458 4.38 39.27 -18.46
C LYS A 2458 4.40 40.58 -19.24
N ASP A 2459 4.00 40.53 -20.51
CA ASP A 2459 3.97 41.73 -21.32
C ASP A 2459 2.78 42.62 -20.98
N GLN A 2460 1.64 42.00 -20.66
CA GLN A 2460 0.45 42.79 -20.31
C GLN A 2460 0.55 43.32 -18.88
N ASN A 2461 1.10 42.52 -17.96
CA ASN A 2461 1.23 42.98 -16.59
C ASN A 2461 2.39 43.95 -16.43
N TRP A 2462 3.51 43.69 -17.12
CA TRP A 2462 4.65 44.59 -17.03
C TRP A 2462 4.43 45.85 -17.84
N GLU A 2463 3.74 45.75 -18.97
CA GLU A 2463 3.47 46.91 -19.80
C GLU A 2463 2.26 47.71 -19.33
N TYR A 2464 1.34 47.08 -18.60
CA TYR A 2464 0.16 47.77 -18.09
C TYR A 2464 0.28 48.17 -16.63
N LEU A 2465 1.26 47.64 -15.90
CA LEU A 2465 1.45 47.98 -14.50
C LEU A 2465 2.31 49.22 -14.30
N SER A 2466 2.83 49.81 -15.37
CA SER A 2466 3.67 51.00 -15.26
C SER A 2466 2.83 52.26 -15.42
N PRO A 2469 -8.89 49.64 -19.61
CA PRO A 2469 -7.69 48.80 -19.68
C PRO A 2469 -7.62 47.79 -18.53
N TRP A 2470 -8.29 48.11 -17.41
CA TRP A 2470 -8.28 47.21 -16.27
C TRP A 2470 -9.22 46.03 -16.44
N LEU A 2471 -10.22 46.15 -17.33
CA LEU A 2471 -11.16 45.04 -17.54
C LEU A 2471 -10.53 43.90 -18.33
N ASN A 2472 -9.63 44.20 -19.26
CA ASN A 2472 -8.99 43.16 -20.05
C ASN A 2472 -7.93 42.42 -19.25
N GLN A 2473 -7.12 43.14 -18.48
CA GLN A 2473 -6.09 42.50 -17.68
C GLN A 2473 -6.67 41.84 -16.44
N ALA A 2474 -7.66 42.47 -15.81
CA ALA A 2474 -8.27 41.89 -14.62
C ALA A 2474 -9.20 40.74 -14.97
N LEU A 2475 -9.98 40.88 -16.04
CA LEU A 2475 -10.90 39.82 -16.44
C LEU A 2475 -10.15 38.67 -17.12
N GLN A 2476 -9.14 38.99 -17.94
CA GLN A 2476 -8.39 37.95 -18.62
C GLN A 2476 -7.43 37.24 -17.68
N LEU A 2477 -6.79 38.00 -16.78
CA LEU A 2477 -5.85 37.40 -15.83
C LEU A 2477 -6.58 36.67 -14.70
N LEU A 2478 -7.67 37.26 -14.18
CA LEU A 2478 -8.40 36.61 -13.11
C LEU A 2478 -9.26 35.47 -13.62
N TYR A 2479 -9.80 35.60 -14.84
CA TYR A 2479 -10.63 34.54 -15.42
C TYR A 2479 -9.81 33.49 -16.16
N GLY A 2480 -8.56 33.77 -16.48
CA GLY A 2480 -7.72 32.82 -17.19
C GLY A 2480 -6.66 32.19 -16.31
N SER A 2481 -6.39 32.81 -15.15
CA SER A 2481 -5.39 32.30 -14.24
C SER A 2481 -5.92 31.21 -13.32
N PHE A 2482 -7.24 30.97 -13.32
CA PHE A 2482 -7.82 29.94 -12.47
C PHE A 2482 -7.89 28.60 -13.20
N GLU A 2494 0.38 25.95 -13.32
CA GLU A 2494 0.20 26.21 -11.89
C GLU A 2494 1.36 27.01 -11.32
N ASN A 2495 2.57 26.76 -11.84
CA ASN A 2495 3.75 27.46 -11.37
C ASN A 2495 3.88 28.85 -11.99
N THR A 2496 3.20 29.12 -13.10
CA THR A 2496 3.25 30.41 -13.75
C THR A 2496 2.23 31.41 -13.21
N LEU A 2497 1.37 30.98 -12.28
CA LEU A 2497 0.35 31.85 -11.71
C LEU A 2497 0.87 32.69 -10.54
N SER A 2498 2.08 32.42 -10.06
CA SER A 2498 2.65 33.16 -8.96
C SER A 2498 3.26 34.47 -9.46
N PRO A 2499 3.59 34.55 -10.75
CA PRO A 2499 4.17 35.80 -11.27
C PRO A 2499 3.14 36.89 -11.44
N LEU A 2500 1.93 36.52 -11.84
CA LEU A 2500 0.87 37.50 -12.03
C LEU A 2500 0.31 37.98 -10.69
N GLN A 2501 0.12 37.07 -9.74
CA GLN A 2501 -0.40 37.45 -8.43
C GLN A 2501 0.65 38.13 -7.58
N SER A 2502 1.92 37.70 -7.70
CA SER A 2502 2.99 38.31 -6.92
C SER A 2502 3.40 39.65 -7.51
N ILE A 2503 3.51 39.74 -8.83
CA ILE A 2503 3.90 41.00 -9.46
C ILE A 2503 2.76 42.00 -9.44
N THR A 2504 1.52 41.52 -9.65
CA THR A 2504 0.36 42.41 -9.62
C THR A 2504 0.02 42.84 -8.21
N GLU A 2505 0.12 41.92 -7.24
CA GLU A 2505 -0.19 42.26 -5.86
C GLU A 2505 0.91 43.10 -5.22
N GLY A 2506 2.17 42.79 -5.52
CA GLY A 2506 3.29 43.54 -4.98
C GLY A 2506 3.47 44.89 -5.62
N LEU A 2507 3.32 44.95 -6.95
CA LEU A 2507 3.46 46.21 -7.66
C LEU A 2507 2.23 47.09 -7.48
N ALA A 2508 1.03 46.50 -7.50
CA ALA A 2508 -0.19 47.28 -7.32
C ALA A 2508 -0.39 47.69 -5.87
N ARG A 2509 -0.01 46.82 -4.93
CA ARG A 2509 -0.15 47.14 -3.51
C ARG A 2509 0.99 47.98 -2.97
N GLU A 2510 2.15 47.94 -3.63
CA GLU A 2510 3.31 48.72 -3.18
C GLU A 2510 3.51 50.00 -3.97
N LYS A 2511 2.86 50.14 -5.13
CA LYS A 2511 2.99 51.33 -5.95
C LYS A 2511 1.96 52.40 -5.61
N SER A 2512 1.11 52.17 -4.62
CA SER A 2512 0.10 53.14 -4.22
C SER A 2512 0.54 53.95 -3.00
N ILE A 2521 -11.87 52.40 -10.15
CA ILE A 2521 -12.15 51.11 -10.77
C ILE A 2521 -11.03 50.12 -10.45
N ILE A 2522 -9.87 50.65 -10.06
CA ILE A 2522 -8.74 49.80 -9.74
C ILE A 2522 -8.87 49.17 -8.35
N ASP A 2523 -9.65 49.77 -7.45
CA ASP A 2523 -9.80 49.22 -6.12
C ASP A 2523 -10.69 48.00 -6.12
N PHE A 2524 -11.71 47.95 -6.98
CA PHE A 2524 -12.59 46.80 -7.03
C PHE A 2524 -11.94 45.62 -7.74
N VAL A 2525 -11.20 45.89 -8.82
CA VAL A 2525 -10.54 44.81 -9.55
C VAL A 2525 -9.30 44.34 -8.80
N ALA A 2526 -8.58 45.26 -8.17
CA ALA A 2526 -7.37 44.88 -7.43
C ALA A 2526 -7.72 44.22 -6.10
N LYS A 2527 -8.70 44.76 -5.38
CA LYS A 2527 -9.10 44.17 -4.10
C LYS A 2527 -9.90 42.90 -4.29
N HIS A 2528 -10.76 42.86 -5.31
CA HIS A 2528 -11.56 41.67 -5.57
C HIS A 2528 -10.73 40.56 -6.21
N ASN A 2529 -9.83 40.92 -7.12
CA ASN A 2529 -8.99 39.93 -7.77
C ASN A 2529 -7.88 39.43 -6.85
N GLU A 2530 -7.28 40.33 -6.08
CA GLU A 2530 -6.21 39.94 -5.16
C GLU A 2530 -6.76 39.23 -3.93
N PHE A 2531 -7.88 39.71 -3.40
CA PHE A 2531 -8.47 39.08 -2.22
C PHE A 2531 -9.20 37.80 -2.57
N LEU A 2532 -9.83 37.75 -3.74
CA LEU A 2532 -10.54 36.55 -4.15
C LEU A 2532 -9.62 35.51 -4.76
N ASP A 2533 -8.48 35.94 -5.32
CA ASP A 2533 -7.51 35.03 -5.92
C ASP A 2533 -6.38 34.64 -4.98
N SER A 2534 -6.18 35.37 -3.88
CA SER A 2534 -5.13 35.08 -2.93
C SER A 2534 -5.56 34.10 -1.86
N VAL A 2535 -6.82 33.68 -1.85
CA VAL A 2535 -7.31 32.75 -0.85
C VAL A 2535 -7.31 31.32 -1.41
N ALA A 2540 2.33 28.74 -0.72
CA ALA A 2540 1.11 29.45 -0.34
C ALA A 2540 1.39 30.55 0.68
N GLY A 2541 2.65 30.62 1.12
CA GLY A 2541 3.04 31.62 2.10
C GLY A 2541 3.27 32.98 1.46
N ASP A 2542 3.68 33.02 0.19
CA ASP A 2542 3.92 34.29 -0.48
C ASP A 2542 2.61 34.96 -0.89
N ILE A 2543 1.60 34.16 -1.26
CA ILE A 2543 0.31 34.73 -1.66
C ILE A 2543 -0.54 35.12 -0.46
N LEU A 2544 -0.26 34.59 0.72
CA LEU A 2544 -1.02 34.91 1.92
C LEU A 2544 -0.28 35.83 2.87
N ASN A 2545 1.03 35.99 2.72
CA ASN A 2545 1.81 36.87 3.59
C ASN A 2545 1.63 38.31 3.17
N PRO A 2546 1.51 38.59 1.86
CA PRO A 2546 1.33 39.98 1.42
C PRO A 2546 -0.10 40.47 1.62
N LEU A 2547 -1.06 39.54 1.56
CA LEU A 2547 -2.46 39.92 1.74
C LEU A 2547 -2.77 40.18 3.21
N ILE A 2548 -2.17 39.39 4.10
CA ILE A 2548 -2.41 39.58 5.54
C ILE A 2548 -1.46 40.59 6.17
N ASP A 2549 -0.28 40.81 5.58
CA ASP A 2549 0.69 41.76 6.11
C ASP A 2549 0.60 43.13 5.46
N ILE A 2550 0.02 43.23 4.25
CA ILE A 2550 -0.10 44.50 3.57
C ILE A 2550 -1.45 45.17 3.81
N SER A 2551 -2.32 44.56 4.61
CA SER A 2551 -3.63 45.14 4.89
C SER A 2551 -3.66 45.75 6.29
N ALA A 2555 -13.57 48.27 17.04
CA ALA A 2555 -13.09 46.97 16.61
C ALA A 2555 -14.14 46.23 15.80
N GLU A 2556 -15.41 46.61 15.99
CA GLU A 2556 -16.51 45.98 15.27
C GLU A 2556 -16.66 46.52 13.85
N THR A 2557 -16.12 47.69 13.57
CA THR A 2557 -16.24 48.26 12.22
C THR A 2557 -15.30 47.56 11.24
N ILE A 2558 -14.10 47.17 11.70
CA ILE A 2558 -13.15 46.51 10.82
C ILE A 2558 -13.56 45.06 10.59
N HIS A 2559 -14.04 44.38 11.62
CA HIS A 2559 -14.45 42.99 11.47
C HIS A 2559 -15.80 42.88 10.76
N ASN A 2560 -16.73 43.79 11.05
CA ASN A 2560 -18.04 43.75 10.41
C ASN A 2560 -17.97 44.26 8.97
N ALA A 2561 -17.20 45.33 8.73
CA ALA A 2561 -17.07 45.87 7.39
C ALA A 2561 -16.17 45.03 6.52
N TRP A 2562 -15.08 44.51 7.08
CA TRP A 2562 -14.16 43.68 6.31
C TRP A 2562 -14.71 42.27 6.10
N VAL A 2563 -15.36 41.72 7.12
CA VAL A 2563 -15.92 40.37 6.99
C VAL A 2563 -17.22 40.39 6.20
N VAL A 2564 -18.02 41.45 6.33
CA VAL A 2564 -19.27 41.53 5.60
C VAL A 2564 -19.04 42.02 4.17
N VAL A 2565 -17.97 42.78 3.93
CA VAL A 2565 -17.67 43.30 2.61
C VAL A 2565 -16.69 42.43 1.84
N PHE A 2566 -15.98 41.52 2.52
CA PHE A 2566 -15.02 40.65 1.85
C PHE A 2566 -15.73 39.42 1.28
N PRO A 2567 -16.96 39.12 1.73
CA PRO A 2567 -17.67 37.96 1.19
C PRO A 2567 -18.42 38.23 -0.10
N VAL A 2568 -18.50 39.49 -0.55
CA VAL A 2568 -19.20 39.82 -1.78
C VAL A 2568 -18.28 39.84 -2.99
N ALA A 2569 -17.00 39.50 -2.81
CA ALA A 2569 -16.06 39.49 -3.94
C ALA A 2569 -15.76 38.06 -4.38
N SER A 2575 -26.48 34.20 -4.31
CA SER A 2575 -26.59 33.65 -2.96
C SER A 2575 -25.98 34.60 -1.94
N ARG A 2576 -25.58 34.04 -0.79
CA ARG A 2576 -24.96 34.80 0.30
C ARG A 2576 -25.88 35.93 0.76
N TYR A 2577 -27.12 35.57 1.11
CA TYR A 2577 -28.11 36.53 1.57
C TYR A 2577 -28.36 36.46 3.08
N GLU A 2578 -28.36 35.26 3.66
CA GLU A 2578 -28.58 35.15 5.10
C GLU A 2578 -27.37 35.61 5.89
N LEU A 2579 -26.17 35.41 5.36
CA LEU A 2579 -24.97 35.83 6.07
C LEU A 2579 -24.79 37.34 6.00
N GLU A 2580 -25.10 37.95 4.85
CA GLU A 2580 -24.97 39.40 4.70
C GLU A 2580 -26.11 40.13 5.38
N PHE A 2581 -27.32 39.57 5.33
CA PHE A 2581 -28.46 40.22 5.97
C PHE A 2581 -28.42 40.04 7.48
N THR A 2582 -28.09 38.83 7.94
CA THR A 2582 -28.02 38.58 9.39
C THR A 2582 -26.78 39.23 10.00
N ARG A 2583 -25.66 39.20 9.27
CA ARG A 2583 -24.43 39.81 9.79
C ARG A 2583 -24.51 41.33 9.72
N ALA A 2584 -25.14 41.87 8.68
CA ALA A 2584 -25.26 43.32 8.55
C ALA A 2584 -26.31 43.88 9.50
N LEU A 2585 -27.43 43.16 9.67
CA LEU A 2585 -28.48 43.62 10.57
C LEU A 2585 -28.09 43.42 12.03
N VAL A 2586 -27.47 42.29 12.35
CA VAL A 2586 -27.06 42.03 13.73
C VAL A 2586 -25.85 42.88 14.09
N LYS A 2587 -24.93 43.08 13.15
CA LYS A 2587 -23.75 43.89 13.42
C LYS A 2587 -24.10 45.38 13.46
N LEU A 2588 -25.01 45.82 12.59
CA LEU A 2588 -25.40 47.22 12.60
C LEU A 2588 -26.31 47.56 13.77
N LEU A 2589 -27.21 46.63 14.12
CA LEU A 2589 -28.11 46.88 15.25
C LEU A 2589 -27.39 46.73 16.59
N PHE A 2590 -26.52 45.73 16.71
CA PHE A 2590 -25.79 45.53 17.96
C PHE A 2590 -24.68 46.57 18.12
N LYS A 2591 -23.98 46.89 17.03
CA LYS A 2591 -22.91 47.89 17.10
C LYS A 2591 -23.45 49.31 17.21
N ASP A 2592 -24.59 49.58 16.57
CA ASP A 2592 -25.17 50.92 16.64
C ASP A 2592 -26.00 51.13 17.89
N TYR A 2593 -26.53 50.05 18.48
CA TYR A 2593 -27.34 50.14 19.69
C TYR A 2593 -26.54 49.90 20.96
N HIS A 2594 -25.36 49.29 20.86
CA HIS A 2594 -24.52 49.02 22.02
C HIS A 2594 -23.45 50.09 22.23
N ILE A 2595 -23.57 51.24 21.58
CA ILE A 2595 -22.60 52.31 21.73
C ILE A 2595 -23.05 53.30 22.81
N PRO A 2602 -17.30 43.97 23.21
CA PRO A 2602 -15.92 43.50 23.04
C PRO A 2602 -15.80 41.99 23.10
N ASN A 2603 -16.82 41.33 23.65
CA ASN A 2603 -16.82 39.87 23.76
C ASN A 2603 -17.25 39.18 22.47
N VAL A 2604 -17.84 39.91 21.53
CA VAL A 2604 -18.28 39.29 20.29
C VAL A 2604 -17.10 39.00 19.37
N ILE A 2605 -16.07 39.84 19.39
CA ILE A 2605 -14.90 39.62 18.54
C ILE A 2605 -14.03 38.50 19.09
N LYS A 2606 -13.82 38.48 20.40
CA LYS A 2606 -13.00 37.44 21.01
C LYS A 2606 -13.74 36.11 21.07
N SER A 2607 -15.04 36.13 21.36
CA SER A 2607 -15.82 34.90 21.43
C SER A 2607 -16.12 34.36 20.03
N LEU A 2608 -16.34 35.25 19.07
CA LEU A 2608 -16.64 34.80 17.71
C LEU A 2608 -15.38 34.37 16.98
N LEU A 2609 -14.27 35.11 17.16
CA LEU A 2609 -13.02 34.74 16.49
C LEU A 2609 -12.36 33.56 17.16
N ASP A 2610 -12.39 33.50 18.50
CA ASP A 2610 -11.78 32.39 19.20
C ASP A 2610 -12.66 31.15 19.16
N GLY A 2611 -13.98 31.31 19.29
CA GLY A 2611 -14.87 30.17 19.25
C GLY A 2611 -15.11 29.66 17.85
N VAL A 2612 -15.12 30.57 16.86
CA VAL A 2612 -15.34 30.16 15.48
C VAL A 2612 -14.03 29.75 14.82
N GLY A 2613 -12.90 30.27 15.31
CA GLY A 2613 -11.61 29.93 14.74
C GLY A 2613 -10.93 28.77 15.43
N LYS A 2614 -11.32 28.52 16.68
CA LYS A 2614 -10.73 27.42 17.44
C LYS A 2614 -11.28 26.06 17.04
N CYS A 2615 -12.45 26.01 16.40
CA CYS A 2615 -13.05 24.75 15.98
C CYS A 2615 -12.98 24.59 14.47
N PRO A 2622 -23.57 33.57 22.70
CA PRO A 2622 -24.18 34.43 21.68
C PRO A 2622 -23.37 34.45 20.39
N HIS A 2623 -22.05 34.62 20.51
CA HIS A 2623 -21.20 34.65 19.32
C HIS A 2623 -20.95 33.25 18.78
N LEU A 2624 -20.82 32.26 19.66
CA LEU A 2624 -20.58 30.89 19.21
C LEU A 2624 -21.81 30.28 18.56
N VAL A 2625 -23.01 30.63 19.06
CA VAL A 2625 -24.23 30.09 18.47
C VAL A 2625 -24.54 30.76 17.14
N LYS A 2626 -24.18 32.03 16.98
CA LYS A 2626 -24.43 32.73 15.73
C LYS A 2626 -23.39 32.39 14.67
N TYR A 2627 -22.12 32.30 15.07
CA TYR A 2627 -21.07 31.96 14.11
C TYR A 2627 -21.11 30.49 13.76
N LEU A 2628 -21.15 29.61 14.77
CA LEU A 2628 -21.20 28.17 14.51
C LEU A 2628 -22.57 27.75 13.99
N GLY A 2629 -23.63 28.43 14.41
CA GLY A 2629 -24.97 28.11 13.97
C GLY A 2629 -25.41 28.77 12.68
N SER A 2630 -24.64 29.76 12.20
CA SER A 2630 -24.97 30.46 10.97
C SER A 2630 -23.93 30.29 9.87
N ASN A 2631 -22.73 29.84 10.19
CA ASN A 2631 -21.67 29.64 9.21
C ASN A 2631 -21.61 28.22 8.67
N TYR A 2632 -22.64 27.41 8.93
CA TYR A 2632 -22.69 26.03 8.47
C TYR A 2632 -23.54 25.84 7.22
N ASN A 2633 -24.04 26.95 6.65
CA ASN A 2633 -24.87 26.90 5.43
C ASN A 2633 -26.10 26.03 5.66
N ALA A 2634 -26.75 26.23 6.82
CA ALA A 2634 -27.95 25.50 7.22
C ALA A 2634 -27.70 23.99 7.19
N TRP A 2635 -26.98 23.54 8.22
CA TRP A 2635 -26.64 22.14 8.38
C TRP A 2635 -27.54 21.50 9.44
N TYR A 2636 -27.20 20.28 9.84
CA TYR A 2636 -27.99 19.58 10.84
C TYR A 2636 -27.65 20.02 12.26
N GLY A 2637 -26.43 20.49 12.48
CA GLY A 2637 -26.00 20.93 13.80
C GLY A 2637 -26.41 22.34 14.18
N ALA A 2638 -27.06 23.07 13.28
CA ALA A 2638 -27.48 24.43 13.57
C ALA A 2638 -28.81 24.50 14.32
N ILE A 2639 -29.51 23.38 14.48
CA ILE A 2639 -30.78 23.40 15.20
C ILE A 2639 -30.55 23.54 16.70
N LYS A 2640 -29.43 23.05 17.21
CA LYS A 2640 -29.14 23.18 18.64
C LYS A 2640 -28.72 24.60 19.00
N LEU A 2641 -27.88 25.23 18.18
CA LEU A 2641 -27.45 26.59 18.46
C LEU A 2641 -28.54 27.60 18.14
N LEU A 2642 -29.26 27.40 17.04
CA LEU A 2642 -30.32 28.33 16.68
C LEU A 2642 -31.53 28.17 17.59
N GLU A 2643 -31.89 26.92 17.92
CA GLU A 2643 -33.03 26.70 18.80
C GLU A 2643 -32.69 27.04 20.26
N GLU A 2644 -31.45 26.78 20.68
CA GLU A 2644 -31.07 27.10 22.05
C GLU A 2644 -30.86 28.60 22.24
N LEU A 2645 -30.25 29.26 21.25
CA LEU A 2645 -30.03 30.70 21.36
C LEU A 2645 -31.31 31.48 21.14
N SER A 2646 -32.17 31.02 20.22
CA SER A 2646 -33.42 31.71 19.95
C SER A 2646 -34.51 31.33 20.95
N GLU A 2647 -34.35 30.24 21.68
CA GLU A 2647 -35.34 29.81 22.67
C GLU A 2647 -34.84 29.92 24.10
N GLY A 2648 -33.63 30.42 24.31
CA GLY A 2648 -33.11 30.57 25.66
C GLY A 2648 -33.70 31.72 26.44
N GLN A 2649 -34.29 32.69 25.75
CA GLN A 2649 -34.90 33.85 26.40
C GLN A 2649 -36.06 34.33 25.56
N GLY A 2650 -37.28 34.18 26.08
CA GLY A 2650 -38.46 34.60 25.36
C GLY A 2650 -39.46 35.32 26.23
N ILE A 2651 -40.08 34.59 27.18
CA ILE A 2651 -41.07 35.18 28.08
C ILE A 2651 -40.36 35.78 29.28
N ASP A 2652 -41.13 36.39 30.17
CA ASP A 2652 -40.60 37.02 31.39
C ASP A 2652 -39.55 38.07 31.06
N ASN A 2653 -39.87 38.92 30.08
CA ASN A 2653 -38.96 39.97 29.65
C ASN A 2653 -39.79 41.12 29.09
N GLN A 2654 -39.76 42.26 29.78
CA GLN A 2654 -40.50 43.44 29.38
C GLN A 2654 -41.99 43.15 29.24
N LYS A 2655 -42.49 43.16 28.01
CA LYS A 2655 -43.91 42.89 27.79
C LYS A 2655 -44.19 42.21 26.45
N ILE A 2656 -43.17 41.82 25.70
CA ILE A 2656 -43.36 41.17 24.40
C ILE A 2656 -43.31 39.67 24.62
N SER A 2657 -44.44 38.99 24.41
CA SER A 2657 -44.51 37.54 24.58
C SER A 2657 -45.25 36.81 23.48
N ASP A 2658 -46.07 37.49 22.67
CA ASP A 2658 -46.79 36.79 21.62
C ASP A 2658 -45.87 36.44 20.45
N ALA A 2659 -44.91 37.31 20.14
CA ALA A 2659 -43.98 37.03 19.05
C ALA A 2659 -42.95 35.99 19.45
N ASN A 2660 -42.48 36.03 20.69
CA ASN A 2660 -41.51 35.05 21.15
C ASN A 2660 -42.15 33.70 21.44
N GLN A 2661 -43.36 33.71 21.98
CA GLN A 2661 -44.06 32.46 22.27
C GLN A 2661 -44.61 31.81 21.01
N ASP A 2662 -45.20 32.61 20.11
CA ASP A 2662 -45.74 32.06 18.87
C ASP A 2662 -44.64 31.70 17.89
N ALA A 2663 -43.59 32.52 17.83
CA ALA A 2663 -42.48 32.24 16.91
C ALA A 2663 -41.61 31.10 17.44
N LEU A 2664 -41.41 31.04 18.76
CA LEU A 2664 -40.60 29.98 19.34
C LEU A 2664 -41.35 28.65 19.37
N LEU A 2665 -42.65 28.69 19.69
CA LEU A 2665 -43.44 27.46 19.73
C LEU A 2665 -43.76 26.95 18.32
N GLU A 2666 -44.11 27.86 17.41
CA GLU A 2666 -44.44 27.45 16.04
C GLU A 2666 -43.18 27.09 15.26
N VAL A 2667 -42.08 27.80 15.50
CA VAL A 2667 -40.83 27.51 14.79
C VAL A 2667 -40.07 26.36 15.42
N TYR A 2668 -40.31 26.07 16.70
CA TYR A 2668 -39.63 24.98 17.39
C TYR A 2668 -40.48 23.72 17.51
N MET A 2669 -41.76 23.78 17.18
CA MET A 2669 -42.66 22.64 17.26
C MET A 2669 -42.81 21.94 15.91
N SER A 2670 -41.71 21.81 15.16
CA SER A 2670 -41.75 21.16 13.85
C SER A 2670 -40.59 20.20 13.69
N LEU A 2671 -40.16 19.99 12.45
CA LEU A 2671 -39.03 19.08 12.11
C LEU A 2671 -39.39 17.69 12.62
N GLN A 2672 -38.45 16.99 13.27
CA GLN A 2672 -38.71 15.65 13.79
C GLN A 2672 -38.45 15.53 15.28
N GLU A 2673 -37.34 16.09 15.77
CA GLU A 2673 -37.02 16.02 17.19
C GLU A 2673 -37.87 17.04 17.95
N ASP A 2674 -38.79 16.55 18.77
CA ASP A 2674 -39.67 17.42 19.54
C ASP A 2674 -39.87 16.88 20.95
N ASP A 2675 -40.84 15.99 21.12
CA ASP A 2675 -41.16 15.38 22.40
C ASP A 2675 -41.46 16.44 23.46
N MET A 2676 -40.41 16.93 24.13
CA MET A 2676 -40.60 17.95 25.15
C MET A 2676 -40.99 19.29 24.55
N PHE A 2677 -40.52 19.58 23.34
CA PHE A 2677 -40.86 20.85 22.70
C PHE A 2677 -42.31 20.85 22.24
N TYR A 2678 -42.79 19.74 21.69
CA TYR A 2678 -44.18 19.65 21.25
C TYR A 2678 -45.14 19.51 22.42
N GLY A 2679 -44.75 18.76 23.45
CA GLY A 2679 -45.62 18.59 24.60
C GLY A 2679 -45.68 19.83 25.47
N THR A 2680 -44.53 20.46 25.72
CA THR A 2680 -44.50 21.66 26.54
C THR A 2680 -45.00 22.88 25.76
N TRP A 2681 -44.62 22.99 24.48
CA TRP A 2681 -45.07 24.13 23.68
C TRP A 2681 -46.53 23.98 23.28
N ARG A 2682 -47.03 22.76 23.18
CA ARG A 2682 -48.42 22.51 22.81
C ARG A 2682 -49.32 22.26 24.02
N ARG A 2683 -48.76 22.22 25.23
CA ARG A 2683 -49.54 21.99 26.44
C ARG A 2683 -49.34 23.06 27.51
N ARG A 2684 -48.44 24.02 27.28
CA ARG A 2684 -48.18 25.08 28.26
C ARG A 2684 -47.91 26.38 27.50
N ALA A 2685 -48.89 26.84 26.74
CA ALA A 2685 -48.78 28.08 25.97
C ALA A 2685 -50.16 28.67 25.80
N LYS A 2686 -50.33 29.89 26.30
CA LYS A 2686 -51.62 30.63 26.22
C LYS A 2686 -52.69 29.79 26.91
N TYR A 2687 -53.89 29.68 26.34
CA TYR A 2687 -54.94 28.89 26.97
C TYR A 2687 -54.81 27.41 26.61
N PHE A 2688 -54.59 27.12 25.33
CA PHE A 2688 -54.44 25.75 24.83
C PHE A 2688 -55.63 24.89 25.20
N GLU A 2689 -56.74 25.06 24.48
CA GLU A 2689 -57.94 24.28 24.76
C GLU A 2689 -57.80 22.85 24.28
N THR A 2690 -56.97 22.61 23.26
CA THR A 2690 -56.75 21.27 22.72
C THR A 2690 -55.51 20.61 23.31
N ASN A 2691 -55.05 21.07 24.47
CA ASN A 2691 -53.87 20.48 25.08
C ASN A 2691 -54.16 19.12 25.71
N ALA A 2692 -55.41 18.83 26.03
CA ALA A 2692 -55.75 17.54 26.63
C ALA A 2692 -55.69 16.42 25.60
N ALA A 2693 -56.39 16.59 24.48
CA ALA A 2693 -56.37 15.57 23.44
C ALA A 2693 -55.10 15.62 22.62
N LEU A 2694 -54.55 16.82 22.40
CA LEU A 2694 -53.31 16.95 21.63
C LEU A 2694 -52.10 16.48 22.43
N SER A 2695 -52.02 16.89 23.70
CA SER A 2695 -50.90 16.47 24.54
C SER A 2695 -51.05 15.04 25.04
N TYR A 2696 -52.27 14.58 25.24
CA TYR A 2696 -52.54 13.23 25.72
C TYR A 2696 -52.74 12.23 24.60
N GLU A 2697 -52.73 12.71 23.35
CA GLU A 2697 -52.92 11.83 22.20
C GLU A 2697 -51.73 10.89 22.02
N GLN A 2698 -50.80 11.27 21.15
CA GLN A 2698 -49.62 10.46 20.89
C GLN A 2698 -49.91 9.36 19.87
N ILE A 2699 -50.42 8.23 20.37
CA ILE A 2699 -50.75 7.09 19.51
C ILE A 2699 -52.04 7.34 18.74
N GLY A 2700 -52.91 8.18 19.30
CA GLY A 2700 -54.17 8.50 18.68
C GLY A 2700 -55.35 7.84 19.36
N ILE A 2701 -55.15 7.43 20.61
CA ILE A 2701 -56.20 6.78 21.38
C ILE A 2701 -57.36 7.73 21.64
N TRP A 2702 -57.11 8.76 22.43
CA TRP A 2702 -58.14 9.75 22.76
C TRP A 2702 -58.33 10.74 21.60
N ASP A 2703 -57.70 10.44 20.48
CA ASP A 2703 -57.79 11.30 19.30
C ASP A 2703 -59.17 11.21 18.64
N LYS A 2704 -59.90 10.12 18.94
CA LYS A 2704 -61.23 9.91 18.38
C LYS A 2704 -62.13 11.13 18.65
N ALA A 2705 -62.15 11.59 19.89
CA ALA A 2705 -62.95 12.75 20.27
C ALA A 2705 -62.21 14.02 19.90
N LEU A 2706 -61.06 14.24 20.51
CA LEU A 2706 -60.26 15.42 20.24
C LEU A 2706 -60.90 16.32 19.16
N GLN A 2707 -61.25 15.71 18.04
CA GLN A 2707 -61.86 16.44 16.93
C GLN A 2707 -63.12 17.15 17.40
N LEU A 2708 -63.97 16.41 18.12
CA LEU A 2708 -65.22 16.96 18.64
C LEU A 2708 -64.94 18.22 19.45
N TYR A 2709 -64.03 18.11 20.42
CA TYR A 2709 -63.67 19.25 21.26
C TYR A 2709 -63.26 20.46 20.41
N GLU A 2710 -62.34 20.23 19.47
CA GLU A 2710 -61.88 21.30 18.59
C GLU A 2710 -63.06 22.00 17.89
N ALA A 2711 -63.90 21.19 17.25
CA ALA A 2711 -65.07 21.71 16.54
C ALA A 2711 -65.93 22.56 17.46
N ALA A 2712 -66.22 22.02 18.65
CA ALA A 2712 -67.01 22.72 19.65
C ALA A 2712 -66.43 24.11 19.92
N GLN A 2713 -65.16 24.16 20.28
CA GLN A 2713 -64.51 25.45 20.57
C GLN A 2713 -64.67 26.43 19.39
N ILE A 2714 -64.38 25.94 18.20
CA ILE A 2714 -64.49 26.73 16.98
C ILE A 2714 -65.88 27.36 16.89
N LYS A 2715 -66.90 26.51 16.94
CA LYS A 2715 -68.29 26.96 16.86
C LYS A 2715 -68.58 28.03 17.92
N ALA A 2716 -68.14 27.76 19.14
CA ALA A 2716 -68.35 28.69 20.24
C ALA A 2716 -67.59 30.00 20.02
N ARG A 2717 -66.29 29.96 20.23
CA ARG A 2717 -65.46 31.14 20.05
C ARG A 2717 -65.61 32.07 21.25
N SER A 2718 -66.20 33.24 20.80
CA SER A 2718 -66.48 34.29 21.77
C SER A 2718 -65.33 34.51 22.75
N GLY A 2719 -64.20 34.97 22.24
CA GLY A 2719 -63.03 35.21 23.04
C GLY A 2719 -61.99 34.12 22.88
N VAL A 2720 -62.01 33.48 21.71
CA VAL A 2720 -61.07 32.40 21.41
C VAL A 2720 -59.69 32.96 21.08
N PHE A 2721 -58.68 32.09 21.13
CA PHE A 2721 -57.31 32.50 20.84
C PHE A 2721 -56.91 32.13 19.42
N PRO A 2722 -57.90 32.02 18.53
CA PRO A 2722 -57.65 31.68 17.14
C PRO A 2722 -56.82 30.41 17.01
N PHE A 2723 -55.50 30.56 16.94
CA PHE A 2723 -54.57 29.45 16.83
C PHE A 2723 -54.92 28.48 15.71
N GLY A 2724 -54.77 28.94 14.47
CA GLY A 2724 -55.05 28.13 13.30
C GLY A 2724 -54.30 26.81 13.35
N GLU A 2725 -53.02 26.88 13.72
CA GLU A 2725 -52.21 25.69 13.86
C GLU A 2725 -53.05 24.60 14.51
N SER A 2726 -53.75 24.97 15.58
CA SER A 2726 -54.64 24.03 16.28
C SER A 2726 -55.66 23.49 15.29
N GLU A 2727 -56.30 24.38 14.54
CA GLU A 2727 -57.28 23.93 13.54
C GLU A 2727 -56.69 22.87 12.57
N TYR A 2728 -55.52 23.18 12.02
CA TYR A 2728 -54.84 22.29 11.08
C TYR A 2728 -54.52 20.93 11.70
N SER A 2729 -54.09 20.97 12.96
CA SER A 2729 -53.75 19.76 13.71
C SER A 2729 -55.01 18.90 13.78
N LEU A 2730 -56.12 19.52 14.14
CA LEU A 2730 -57.39 18.83 14.20
C LEU A 2730 -57.68 18.13 12.86
N TRP A 2731 -57.55 18.88 11.77
CA TRP A 2731 -57.78 18.30 10.44
C TRP A 2731 -56.91 17.06 10.16
N GLU A 2732 -55.61 17.18 10.46
CA GLU A 2732 -54.66 16.09 10.24
C GLU A 2732 -55.09 14.86 11.05
N ASP A 2733 -55.47 15.09 12.30
CA ASP A 2733 -55.93 14.03 13.18
C ASP A 2733 -57.11 13.32 12.53
N HIS A 2734 -58.08 14.12 12.07
CA HIS A 2734 -59.24 13.59 11.38
C HIS A 2734 -58.83 12.64 10.25
N TRP A 2735 -57.95 13.10 9.36
CA TRP A 2735 -57.49 12.24 8.25
C TRP A 2735 -56.87 10.92 8.73
N ILE A 2736 -56.01 11.04 9.73
CA ILE A 2736 -55.34 9.88 10.31
C ILE A 2736 -56.39 8.87 10.76
N TYR A 2737 -57.37 9.35 11.52
CA TYR A 2737 -58.46 8.50 12.02
C TYR A 2737 -59.18 7.84 10.85
N CYS A 2738 -59.49 8.65 9.84
CA CYS A 2738 -60.13 8.17 8.64
C CYS A 2738 -59.09 7.71 7.61
N ALA A 2739 -57.89 7.39 8.09
CA ALA A 2739 -56.82 6.94 7.21
C ALA A 2739 -57.12 5.54 6.69
N GLU A 2740 -56.71 5.22 5.51
CA GLU A 2740 -56.96 3.93 4.89
C GLU A 2740 -58.45 3.54 4.83
N LYS A 2741 -58.93 2.93 5.91
CA LYS A 2741 -60.32 2.48 6.02
C LYS A 2741 -61.36 3.52 5.58
N LEU A 2742 -61.21 4.75 6.04
CA LEU A 2742 -62.15 5.81 5.70
C LEU A 2742 -61.68 6.66 4.52
N GLN A 2743 -61.26 6.02 3.45
CA GLN A 2743 -60.79 6.72 2.26
C GLN A 2743 -61.94 7.19 1.37
N HIS A 2744 -63.13 6.68 1.63
CA HIS A 2744 -64.31 7.04 0.84
C HIS A 2744 -64.48 8.55 0.77
N TRP A 2745 -64.70 9.19 1.91
CA TRP A 2745 -64.86 10.63 1.95
C TRP A 2745 -63.55 11.38 1.75
N GLU A 2746 -62.42 10.76 2.09
CA GLU A 2746 -61.13 11.42 1.92
C GLU A 2746 -60.84 11.75 0.46
N ILE A 2747 -61.33 10.91 -0.46
CA ILE A 2747 -61.16 11.19 -1.88
C ILE A 2747 -61.85 12.49 -2.25
N LEU A 2748 -62.93 12.85 -1.54
CA LEU A 2748 -63.59 14.12 -1.79
C LEU A 2748 -62.65 15.30 -1.54
N THR A 2749 -61.68 15.13 -0.64
CA THR A 2749 -60.69 16.17 -0.42
C THR A 2749 -59.89 16.47 -1.68
N GLU A 2750 -59.73 15.47 -2.56
CA GLU A 2750 -59.07 15.70 -3.83
C GLU A 2750 -59.82 16.70 -4.70
N LEU A 2751 -61.12 16.87 -4.47
CA LEU A 2751 -61.92 17.87 -5.18
C LEU A 2751 -61.85 19.24 -4.53
N ALA A 2752 -61.11 19.37 -3.43
CA ALA A 2752 -60.98 20.64 -2.73
C ALA A 2752 -59.71 20.68 -1.88
N LYS A 2753 -59.87 20.49 -0.58
CA LYS A 2753 -58.74 20.53 0.35
C LYS A 2753 -57.95 19.23 0.31
N HIS A 2754 -56.73 19.29 -0.21
CA HIS A 2754 -55.87 18.12 -0.31
C HIS A 2754 -55.08 18.12 -1.61
N GLU A 2755 -54.05 18.96 -1.66
CA GLU A 2755 -53.20 19.06 -2.85
C GLU A 2755 -52.31 17.82 -3.00
N GLY A 2756 -51.86 17.30 -1.86
CA GLY A 2756 -51.01 16.13 -1.86
C GLY A 2756 -51.62 14.94 -1.16
N PHE A 2757 -52.54 15.21 -0.23
CA PHE A 2757 -53.21 14.13 0.50
C PHE A 2757 -54.25 13.43 -0.36
N THR A 2758 -55.00 14.19 -1.16
CA THR A 2758 -56.02 13.58 -2.01
C THR A 2758 -55.39 12.88 -3.21
N ASP A 2759 -54.35 13.47 -3.79
CA ASP A 2759 -53.69 12.86 -4.94
C ASP A 2759 -52.81 11.69 -4.52
N LEU A 2760 -52.14 11.81 -3.38
CA LEU A 2760 -51.27 10.73 -2.91
C LEU A 2760 -52.08 9.59 -2.31
N LEU A 2761 -53.11 9.90 -1.53
CA LEU A 2761 -53.94 8.86 -0.92
C LEU A 2761 -54.87 8.23 -1.94
N LEU A 2762 -55.52 9.04 -2.78
CA LEU A 2762 -56.42 8.50 -3.78
C LEU A 2762 -55.68 7.87 -4.95
N GLU A 2763 -54.50 8.39 -5.30
CA GLU A 2763 -53.74 7.83 -6.41
C GLU A 2763 -52.90 6.64 -5.97
N CYS A 2764 -52.49 6.59 -4.69
CA CYS A 2764 -51.69 5.49 -4.18
C CYS A 2764 -52.53 4.36 -3.60
N GLY A 2765 -53.74 4.67 -3.14
CA GLY A 2765 -54.62 3.67 -2.56
C GLY A 2765 -55.44 2.88 -3.55
N TRP A 2766 -55.37 3.20 -4.84
CA TRP A 2766 -56.14 2.48 -5.85
C TRP A 2766 -55.86 3.06 -7.24
N ARG A 2767 -54.91 2.47 -7.95
CA ARG A 2767 -54.55 2.93 -9.28
C ARG A 2767 -55.39 2.16 -10.32
N GLY A 2768 -55.09 2.39 -11.60
CA GLY A 2768 -55.82 1.73 -12.66
C GLY A 2768 -54.91 1.15 -13.73
N ALA A 2769 -55.49 0.76 -14.86
CA ALA A 2769 -54.75 0.18 -15.97
C ALA A 2769 -54.56 1.16 -17.12
N ASP A 2770 -55.64 1.79 -17.59
CA ASP A 2770 -55.57 2.74 -18.68
C ASP A 2770 -55.90 4.14 -18.21
N TRP A 2771 -55.17 4.63 -17.20
CA TRP A 2771 -55.39 5.96 -16.64
C TRP A 2771 -54.18 6.82 -16.99
N ILE A 2772 -54.21 7.41 -18.18
CA ILE A 2772 -53.12 8.26 -18.64
C ILE A 2772 -53.29 9.70 -18.18
N ALA A 2773 -54.53 10.21 -18.21
CA ALA A 2773 -54.77 11.58 -17.78
C ALA A 2773 -54.71 11.71 -16.26
N ASP A 2774 -55.08 10.66 -15.53
CA ASP A 2774 -55.04 10.72 -14.07
C ASP A 2774 -53.62 10.59 -13.54
N ARG A 2775 -52.73 9.90 -14.26
CA ARG A 2775 -51.36 9.72 -13.83
C ARG A 2775 -50.41 10.76 -14.42
N GLU A 2776 -50.75 11.35 -15.57
CA GLU A 2776 -49.91 12.35 -16.20
C GLU A 2776 -50.06 13.69 -15.48
N PRO A 2777 -51.22 13.96 -14.87
CA PRO A 2777 -51.39 15.24 -14.17
C PRO A 2777 -50.66 15.27 -12.85
N LEU A 2778 -50.63 14.13 -12.16
CA LEU A 2778 -49.94 14.07 -10.87
C LEU A 2778 -48.43 14.06 -11.05
N GLU A 2779 -47.93 13.39 -12.08
CA GLU A 2779 -46.50 13.35 -12.33
C GLU A 2779 -46.00 14.65 -12.98
N GLN A 2780 -46.79 15.22 -13.88
CA GLN A 2780 -46.41 16.46 -14.55
C GLN A 2780 -46.68 17.70 -13.70
N SER A 2781 -47.53 17.57 -12.68
CA SER A 2781 -47.86 18.70 -11.81
C SER A 2781 -47.26 18.58 -10.42
N VAL A 2782 -46.76 17.41 -10.04
CA VAL A 2782 -46.17 17.22 -8.72
C VAL A 2782 -44.66 17.12 -8.86
N LYS A 2783 -44.12 17.72 -9.92
CA LYS A 2783 -42.67 17.70 -10.17
C LYS A 2783 -42.32 18.99 -10.92
N THR A 2784 -41.93 20.02 -10.15
CA THR A 2784 -41.56 21.30 -10.71
C THR A 2784 -40.24 21.85 -10.20
N VAL A 2785 -39.68 21.31 -9.13
CA VAL A 2785 -38.41 21.78 -8.58
C VAL A 2785 -37.44 20.63 -8.31
N MET A 2786 -37.84 19.58 -7.57
CA MET A 2786 -39.15 19.37 -6.96
C MET A 2786 -39.08 19.54 -5.45
N ASP A 2787 -37.87 19.88 -4.95
CA ASP A 2787 -37.61 20.08 -3.52
C ASP A 2787 -37.98 18.83 -2.73
N ILE A 2788 -37.10 17.84 -2.84
CA ILE A 2788 -37.28 16.56 -2.14
C ILE A 2788 -36.61 16.64 -0.78
N PRO A 2789 -37.35 16.91 0.29
CA PRO A 2789 -36.72 16.99 1.62
C PRO A 2789 -37.52 16.45 2.81
N THR A 2790 -38.86 16.51 2.93
CA THR A 2790 -39.92 16.93 2.00
C THR A 2790 -39.98 16.10 0.71
N PRO A 2791 -39.72 14.79 0.83
CA PRO A 2791 -39.74 13.94 -0.37
C PRO A 2791 -41.08 13.25 -0.55
N ARG A 2792 -42.16 13.88 -0.07
CA ARG A 2792 -43.49 13.28 -0.21
C ARG A 2792 -44.00 13.41 -1.64
N ARG A 2793 -43.88 14.59 -2.23
CA ARG A 2793 -44.33 14.79 -3.60
C ARG A 2793 -43.39 14.11 -4.61
N GLN A 2794 -42.09 14.09 -4.32
CA GLN A 2794 -41.15 13.45 -5.22
C GLN A 2794 -41.23 11.93 -5.13
N ILE A 2795 -41.46 11.41 -3.92
CA ILE A 2795 -41.57 9.96 -3.74
C ILE A 2795 -42.91 9.46 -4.26
N PHE A 2796 -43.97 10.24 -4.05
CA PHE A 2796 -45.29 9.83 -4.54
C PHE A 2796 -45.39 9.98 -6.05
N GLN A 2797 -44.80 11.05 -6.60
CA GLN A 2797 -44.84 11.24 -8.05
C GLN A 2797 -43.90 10.27 -8.76
N THR A 2798 -42.76 9.96 -8.14
CA THR A 2798 -41.82 9.03 -8.77
C THR A 2798 -42.32 7.59 -8.65
N PHE A 2799 -42.91 7.23 -7.52
CA PHE A 2799 -43.43 5.88 -7.35
C PHE A 2799 -44.71 5.68 -8.16
N LEU A 2800 -45.58 6.68 -8.19
CA LEU A 2800 -46.82 6.56 -8.97
C LEU A 2800 -46.55 6.66 -10.46
N ALA A 2801 -45.54 7.44 -10.86
CA ALA A 2801 -45.21 7.55 -12.28
C ALA A 2801 -44.41 6.38 -12.78
N LEU A 2802 -43.56 5.79 -11.94
CA LEU A 2802 -42.75 4.64 -12.34
C LEU A 2802 -43.46 3.32 -12.14
N GLN A 2803 -44.51 3.28 -11.31
CA GLN A 2803 -45.25 2.06 -11.07
C GLN A 2803 -46.32 1.88 -12.14
N GLY A 2804 -47.10 0.81 -12.00
CA GLY A 2804 -48.16 0.52 -12.95
C GLY A 2804 -47.66 -0.19 -14.21
N PHE A 2805 -48.03 -1.45 -14.37
CA PHE A 2805 -47.62 -2.23 -15.54
C PHE A 2805 -48.50 -1.84 -16.71
N SER A 2806 -47.96 -1.00 -17.60
CA SER A 2806 -48.69 -0.55 -18.78
C SER A 2806 -48.32 -1.30 -20.05
N GLN A 2807 -47.19 -2.00 -20.05
CA GLN A 2807 -46.73 -2.77 -21.21
C GLN A 2807 -46.60 -1.88 -22.45
N GLN A 2808 -45.84 -0.80 -22.31
CA GLN A 2808 -45.64 0.14 -23.42
C GLN A 2808 -44.25 -0.03 -24.02
N LYS A 2809 -43.89 -1.27 -24.36
CA LYS A 2809 -42.59 -1.59 -24.95
C LYS A 2809 -41.45 -1.10 -24.08
N ASP A 2810 -41.04 0.16 -24.25
CA ASP A 2810 -39.95 0.75 -23.50
C ASP A 2810 -40.42 1.47 -22.25
N THR A 2811 -41.48 0.96 -21.60
CA THR A 2811 -41.98 1.61 -20.39
C THR A 2811 -41.06 1.35 -19.21
N LEU A 2812 -40.72 0.08 -18.96
CA LEU A 2812 -39.84 -0.25 -17.86
C LEU A 2812 -38.39 0.14 -18.16
N GLN A 2813 -37.99 0.11 -19.43
CA GLN A 2813 -36.63 0.49 -19.78
C GLN A 2813 -36.45 2.01 -19.75
N ASP A 2814 -37.44 2.76 -20.24
CA ASP A 2814 -37.34 4.21 -20.23
C ASP A 2814 -37.57 4.78 -18.84
N VAL A 2815 -38.53 4.22 -18.10
CA VAL A 2815 -38.80 4.71 -16.74
C VAL A 2815 -37.69 4.27 -15.79
N SER A 2816 -37.17 3.05 -15.97
CA SER A 2816 -36.10 2.55 -15.12
C SER A 2816 -34.72 3.04 -15.54
N ARG A 2817 -34.60 3.61 -16.74
CA ARG A 2817 -33.32 4.12 -17.22
C ARG A 2817 -33.21 5.63 -17.16
N LEU A 2818 -34.34 6.35 -17.17
CA LEU A 2818 -34.30 7.81 -17.12
C LEU A 2818 -33.99 8.29 -15.71
N CYS A 2819 -34.76 7.84 -14.72
CA CYS A 2819 -34.56 8.24 -13.34
C CYS A 2819 -34.29 6.99 -12.52
N ASP A 2820 -35.26 6.49 -11.76
CA ASP A 2820 -35.10 5.29 -10.94
C ASP A 2820 -33.94 5.42 -9.97
N GLU A 2821 -32.72 5.17 -10.46
CA GLU A 2821 -31.55 5.27 -9.59
C GLU A 2821 -31.22 6.71 -9.24
N GLY A 2822 -31.51 7.64 -10.14
CA GLY A 2822 -31.23 9.04 -9.87
C GLY A 2822 -31.98 9.57 -8.66
N ILE A 2823 -33.21 9.09 -8.46
CA ILE A 2823 -33.98 9.48 -7.29
C ILE A 2823 -33.28 9.03 -6.01
N GLN A 2824 -32.50 7.95 -6.08
CA GLN A 2824 -31.72 7.53 -4.92
C GLN A 2824 -30.72 8.59 -4.48
N LEU A 2825 -30.29 9.44 -5.42
CA LEU A 2825 -29.41 10.56 -5.05
C LEU A 2825 -30.09 11.49 -4.07
N THR A 2826 -31.42 11.59 -4.14
CA THR A 2826 -32.15 12.41 -3.17
C THR A 2826 -31.95 11.88 -1.75
N LEU A 2827 -31.72 10.58 -1.60
CA LEU A 2827 -31.44 10.02 -0.28
C LEU A 2827 -30.18 10.63 0.32
N ARG A 2828 -29.25 11.10 -0.52
CA ARG A 2828 -28.07 11.78 -0.02
C ARG A 2828 -28.44 13.03 0.76
N LYS A 2829 -29.56 13.66 0.40
CA LYS A 2829 -30.03 14.82 1.16
C LYS A 2829 -30.33 14.45 2.61
N TRP A 2830 -30.71 13.20 2.86
CA TRP A 2830 -30.92 12.75 4.24
C TRP A 2830 -29.64 12.85 5.06
N ASN A 2831 -28.48 12.77 4.40
CA ASN A 2831 -27.22 12.95 5.11
C ASN A 2831 -27.09 14.35 5.70
N ALA A 2832 -27.82 15.32 5.16
CA ALA A 2832 -27.83 16.67 5.72
C ALA A 2832 -28.84 16.84 6.85
N LEU A 2833 -29.62 15.80 7.16
CA LEU A 2833 -30.61 15.87 8.22
C LEU A 2833 -30.91 14.48 8.76
N PRO A 2834 -29.96 13.87 9.59
CA PRO A 2834 -30.20 12.52 10.15
C PRO A 2834 -31.20 12.52 11.30
N GLN A 2835 -32.49 12.46 10.93
CA GLN A 2835 -33.56 12.46 11.92
C GLN A 2835 -34.75 11.71 11.31
N ARG A 2836 -34.99 10.49 11.79
CA ARG A 2836 -34.18 9.88 12.82
C ARG A 2836 -33.65 8.52 12.39
N VAL A 2837 -32.33 8.42 12.25
CA VAL A 2837 -31.65 7.19 11.84
C VAL A 2837 -32.18 6.75 10.49
N THR A 2838 -33.17 5.84 10.51
CA THR A 2838 -33.75 5.33 9.28
C THR A 2838 -34.73 6.34 8.69
N ARG A 2839 -35.97 6.32 9.19
CA ARG A 2839 -37.03 7.23 8.73
C ARG A 2839 -37.24 7.11 7.22
N ALA A 2840 -36.50 7.91 6.45
CA ALA A 2840 -36.62 7.88 5.00
C ALA A 2840 -35.90 6.71 4.36
N HIS A 2841 -35.02 6.02 5.08
CA HIS A 2841 -34.30 4.89 4.51
C HIS A 2841 -35.21 3.68 4.35
N ILE A 2842 -36.18 3.49 5.25
CA ILE A 2842 -37.08 2.35 5.15
C ILE A 2842 -38.10 2.58 4.03
N GLY A 2843 -38.58 3.81 3.88
CA GLY A 2843 -39.54 4.09 2.84
C GLY A 2843 -38.91 4.17 1.46
N LEU A 2844 -37.72 4.77 1.38
CA LEU A 2844 -37.03 4.87 0.09
C LEU A 2844 -36.43 3.54 -0.33
N LEU A 2845 -35.85 2.80 0.62
CA LEU A 2845 -35.25 1.51 0.30
C LEU A 2845 -36.34 0.46 0.06
N HIS A 2846 -37.42 0.50 0.84
CA HIS A 2846 -38.50 -0.46 0.66
C HIS A 2846 -39.31 -0.15 -0.58
N THR A 2847 -39.49 1.13 -0.89
CA THR A 2847 -40.26 1.52 -2.08
C THR A 2847 -39.45 1.30 -3.34
N PHE A 2848 -38.15 1.58 -3.29
CA PHE A 2848 -37.31 1.40 -4.47
C PHE A 2848 -37.01 -0.08 -4.71
N GLN A 2849 -36.76 -0.84 -3.63
CA GLN A 2849 -36.49 -2.27 -3.79
C GLN A 2849 -37.76 -3.03 -4.13
N GLN A 2850 -38.89 -2.65 -3.52
CA GLN A 2850 -40.15 -3.33 -3.82
C GLN A 2850 -40.67 -2.95 -5.19
N TYR A 2851 -40.47 -1.70 -5.61
CA TYR A 2851 -40.92 -1.28 -6.93
C TYR A 2851 -40.03 -1.83 -8.03
N VAL A 2852 -38.72 -1.90 -7.78
CA VAL A 2852 -37.80 -2.43 -8.78
C VAL A 2852 -37.94 -3.95 -8.87
N GLU A 2853 -38.10 -4.62 -7.73
CA GLU A 2853 -38.24 -6.07 -7.75
C GLU A 2853 -39.61 -6.48 -8.30
N LEU A 2854 -40.66 -5.74 -7.96
CA LEU A 2854 -41.99 -6.05 -8.47
C LEU A 2854 -42.12 -5.70 -9.94
N MET A 2855 -41.47 -4.61 -10.38
CA MET A 2855 -41.54 -4.23 -11.79
C MET A 2855 -40.67 -5.15 -12.65
N GLU A 2856 -39.51 -5.57 -12.13
CA GLU A 2856 -38.65 -6.47 -12.89
C GLU A 2856 -39.22 -7.88 -12.92
N ALA A 2857 -39.75 -8.36 -11.80
CA ALA A 2857 -40.33 -9.70 -11.77
C ALA A 2857 -41.65 -9.75 -12.54
N SER A 2858 -42.45 -8.70 -12.44
CA SER A 2858 -43.72 -8.65 -13.18
C SER A 2858 -43.49 -8.44 -14.66
N GLN A 2859 -42.44 -7.70 -15.04
CA GLN A 2859 -42.15 -7.47 -16.45
C GLN A 2859 -41.50 -8.69 -17.08
N VAL A 2860 -40.64 -9.38 -16.35
CA VAL A 2860 -39.99 -10.57 -16.90
C VAL A 2860 -40.98 -11.73 -16.94
N TYR A 2861 -41.75 -11.93 -15.88
CA TYR A 2861 -42.74 -13.01 -15.86
C TYR A 2861 -43.88 -12.73 -16.82
N SER A 2862 -44.29 -11.47 -16.93
CA SER A 2862 -45.36 -11.09 -17.86
C SER A 2862 -44.89 -11.03 -19.30
N SER A 2863 -43.58 -10.90 -19.53
CA SER A 2863 -43.03 -10.83 -20.88
C SER A 2863 -42.53 -12.18 -21.38
N LEU A 2864 -42.26 -13.14 -20.49
CA LEU A 2864 -41.79 -14.46 -20.87
C LEU A 2864 -42.92 -15.45 -21.09
N VAL A 2865 -44.10 -14.97 -21.49
CA VAL A 2865 -45.28 -15.80 -21.75
C VAL A 2865 -45.66 -16.58 -20.50
N THR A 2866 -46.47 -17.63 -20.68
CA THR A 2866 -46.91 -18.45 -19.56
C THR A 2866 -47.39 -19.81 -20.04
N THR A 2867 -48.73 -20.00 -20.05
CA THR A 2867 -49.39 -21.22 -20.49
C THR A 2867 -48.61 -21.90 -21.59
N ASN A 2868 -48.23 -21.13 -22.61
CA ASN A 2868 -47.12 -21.53 -23.46
C ASN A 2868 -45.90 -21.77 -22.58
N ALA A 2869 -45.79 -23.01 -22.08
CA ALA A 2869 -44.71 -23.55 -21.24
C ALA A 2869 -44.98 -23.28 -19.77
N GLN A 2870 -46.23 -22.92 -19.44
CA GLN A 2870 -46.67 -22.75 -18.05
C GLN A 2870 -45.75 -21.80 -17.28
N ASN A 2871 -45.17 -20.82 -17.98
CA ASN A 2871 -44.27 -19.83 -17.40
C ASN A 2871 -43.03 -20.46 -16.78
N LEU A 2872 -42.73 -21.71 -17.14
CA LEU A 2872 -41.56 -22.44 -16.63
C LEU A 2872 -41.55 -22.46 -15.10
N ASP A 2873 -40.45 -21.97 -14.52
CA ASP A 2873 -40.32 -21.92 -13.07
C ASP A 2873 -39.37 -20.80 -12.66
N VAL A 2874 -38.26 -21.16 -12.01
CA VAL A 2874 -37.25 -20.21 -11.56
C VAL A 2874 -37.88 -19.15 -10.66
N LYS A 2875 -38.39 -18.08 -11.25
CA LYS A 2875 -39.02 -16.99 -10.49
C LYS A 2875 -40.42 -17.44 -10.09
N SER A 2876 -40.46 -18.28 -9.05
CA SER A 2876 -41.73 -18.79 -8.54
C SER A 2876 -41.60 -19.19 -7.07
N GLN A 2877 -40.98 -20.34 -6.82
CA GLN A 2877 -40.79 -20.80 -5.45
C GLN A 2877 -39.68 -20.04 -4.75
N GLU A 2878 -38.58 -19.77 -5.45
CA GLU A 2878 -37.46 -19.04 -4.86
C GLU A 2878 -37.75 -17.55 -4.78
N LEU A 2879 -38.38 -16.99 -5.82
CA LEU A 2879 -38.69 -15.56 -5.81
C LEU A 2879 -39.87 -15.26 -4.90
N LYS A 2880 -40.89 -16.12 -4.90
CA LYS A 2880 -42.06 -15.91 -4.06
C LYS A 2880 -41.76 -16.28 -2.60
N ARG A 2881 -40.95 -17.31 -2.38
CA ARG A 2881 -40.61 -17.70 -1.01
C ARG A 2881 -39.57 -16.78 -0.39
N VAL A 2882 -38.58 -16.36 -1.18
CA VAL A 2882 -37.55 -15.46 -0.67
C VAL A 2882 -38.06 -14.04 -0.57
N LEU A 2883 -38.83 -13.59 -1.57
CA LEU A 2883 -39.37 -12.24 -1.54
C LEU A 2883 -40.51 -12.11 -0.54
N GLN A 2884 -41.38 -13.13 -0.47
CA GLN A 2884 -42.50 -13.09 0.46
C GLN A 2884 -42.04 -13.36 1.90
N ALA A 2885 -41.07 -14.26 2.07
CA ALA A 2885 -40.57 -14.55 3.41
C ALA A 2885 -39.67 -13.45 3.94
N TRP A 2886 -38.79 -12.92 3.09
CA TRP A 2886 -37.89 -11.85 3.51
C TRP A 2886 -38.61 -10.52 3.63
N ARG A 2887 -39.51 -10.22 2.69
CA ARG A 2887 -40.25 -8.96 2.74
C ARG A 2887 -41.35 -8.99 3.80
N GLU A 2888 -42.05 -10.13 3.93
CA GLU A 2888 -43.11 -10.24 4.93
C GLU A 2888 -42.55 -10.45 6.33
N ARG A 2889 -41.42 -11.13 6.46
CA ARG A 2889 -40.82 -11.38 7.76
C ARG A 2889 -39.89 -10.27 8.22
N LEU A 2890 -39.34 -9.49 7.29
CA LEU A 2890 -38.44 -8.40 7.64
C LEU A 2890 -39.23 -7.11 7.84
N PRO A 2891 -39.78 -6.89 9.04
CA PRO A 2891 -40.56 -5.66 9.27
C PRO A 2891 -39.99 -4.84 10.41
N ASN A 2892 -40.86 -4.19 11.18
CA ASN A 2892 -40.43 -3.37 12.29
C ASN A 2892 -40.84 -3.99 13.63
N ASP A 2896 -47.13 0.65 11.41
CA ASP A 2896 -48.30 1.51 11.30
C ASP A 2896 -48.47 2.01 9.87
N ILE A 2897 -47.71 3.06 9.53
CA ILE A 2897 -47.80 3.62 8.18
C ILE A 2897 -46.94 2.83 7.20
N ASN A 2898 -45.87 2.18 7.68
CA ASN A 2898 -45.01 1.40 6.81
C ASN A 2898 -45.66 0.07 6.42
N ILE A 2899 -46.40 -0.54 7.35
CA ILE A 2899 -47.04 -1.82 7.06
C ILE A 2899 -48.27 -1.62 6.18
N TRP A 2900 -49.05 -0.56 6.45
CA TRP A 2900 -50.24 -0.31 5.66
C TRP A 2900 -49.89 0.30 4.30
N ASN A 2901 -48.90 1.20 4.27
CA ASN A 2901 -48.51 1.81 3.00
C ASN A 2901 -47.69 0.86 2.14
N ASP A 2902 -46.79 0.10 2.76
CA ASP A 2902 -45.97 -0.85 1.99
C ASP A 2902 -46.77 -2.08 1.61
N LEU A 2903 -47.61 -2.59 2.52
CA LEU A 2903 -48.41 -3.77 2.21
C LEU A 2903 -49.58 -3.45 1.31
N VAL A 2904 -50.18 -2.26 1.45
CA VAL A 2904 -51.31 -1.89 0.61
C VAL A 2904 -50.84 -1.35 -0.74
N THR A 2905 -49.67 -0.72 -0.78
CA THR A 2905 -49.15 -0.17 -2.03
C THR A 2905 -48.31 -1.17 -2.80
N TRP A 2906 -47.77 -2.19 -2.14
CA TRP A 2906 -46.94 -3.20 -2.79
C TRP A 2906 -47.75 -4.44 -3.19
N ARG A 2907 -49.07 -4.36 -3.14
CA ARG A 2907 -49.93 -5.48 -3.51
C ARG A 2907 -50.45 -5.39 -4.93
N GLN A 2908 -49.75 -4.66 -5.80
CA GLN A 2908 -50.15 -4.51 -7.19
C GLN A 2908 -49.66 -5.64 -8.09
N HIS A 2909 -48.83 -6.53 -7.56
CA HIS A 2909 -48.32 -7.64 -8.36
C HIS A 2909 -49.31 -8.80 -8.48
N VAL A 2910 -50.36 -8.83 -7.66
CA VAL A 2910 -51.32 -9.92 -7.75
C VAL A 2910 -52.28 -9.71 -8.92
N PHE A 2911 -52.55 -8.45 -9.28
CA PHE A 2911 -53.45 -8.19 -10.40
C PHE A 2911 -52.80 -8.50 -11.74
N GLY A 2912 -51.52 -8.18 -11.90
CA GLY A 2912 -50.84 -8.46 -13.15
C GLY A 2912 -50.54 -9.91 -13.37
N VAL A 2913 -50.19 -10.64 -12.31
CA VAL A 2913 -49.89 -12.06 -12.43
C VAL A 2913 -51.13 -12.95 -12.34
N ILE A 2914 -52.19 -12.47 -11.69
CA ILE A 2914 -53.41 -13.27 -11.57
C ILE A 2914 -54.40 -12.96 -12.68
N ASN A 2915 -54.38 -11.74 -13.24
CA ASN A 2915 -55.30 -11.37 -14.30
C ASN A 2915 -54.89 -11.94 -15.66
N ARG A 2916 -53.62 -12.31 -15.82
CA ARG A 2916 -53.13 -12.86 -17.07
C ARG A 2916 -52.87 -14.36 -16.99
N VAL A 2917 -53.65 -15.07 -16.17
CA VAL A 2917 -53.49 -16.50 -16.00
C VAL A 2917 -54.16 -17.25 -17.15
N SER A 2936 -52.07 -19.79 -7.83
CA SER A 2936 -51.92 -20.25 -6.45
C SER A 2936 -51.12 -19.24 -5.63
N TYR A 2937 -50.29 -18.44 -6.32
CA TYR A 2937 -49.48 -17.45 -5.64
C TYR A 2937 -50.26 -16.22 -5.23
N ALA A 2938 -51.37 -15.91 -5.91
CA ALA A 2938 -52.16 -14.75 -5.56
C ALA A 2938 -52.97 -14.98 -4.29
N TYR A 2939 -53.49 -16.20 -4.10
CA TYR A 2939 -54.28 -16.50 -2.91
C TYR A 2939 -53.39 -16.65 -1.68
N ARG A 2940 -52.26 -17.35 -1.82
CA ARG A 2940 -51.35 -17.53 -0.69
C ARG A 2940 -50.58 -16.26 -0.37
N GLY A 2941 -50.15 -15.53 -1.40
CA GLY A 2941 -49.40 -14.30 -1.19
C GLY A 2941 -50.28 -13.15 -0.74
N TYR A 2942 -51.46 -13.02 -1.35
CA TYR A 2942 -52.37 -11.95 -0.99
C TYR A 2942 -53.09 -12.24 0.33
N HIS A 2943 -53.48 -13.51 0.55
CA HIS A 2943 -54.17 -13.87 1.79
C HIS A 2943 -53.20 -13.95 2.96
N GLU A 2944 -51.97 -14.44 2.71
CA GLU A 2944 -50.99 -14.56 3.78
C GLU A 2944 -50.28 -13.23 4.05
N MET A 2945 -50.15 -12.39 3.03
CA MET A 2945 -49.48 -11.09 3.20
C MET A 2945 -50.44 -9.97 3.58
N ALA A 2946 -51.72 -10.11 3.27
CA ALA A 2946 -52.70 -9.08 3.60
C ALA A 2946 -53.19 -9.18 5.04
N TRP A 2947 -52.91 -10.27 5.74
CA TRP A 2947 -53.33 -10.46 7.12
C TRP A 2947 -52.34 -9.89 8.13
N VAL A 2948 -51.20 -9.37 7.67
CA VAL A 2948 -50.22 -8.81 8.59
C VAL A 2948 -50.61 -7.42 9.08
N ILE A 2949 -51.44 -6.71 8.33
CA ILE A 2949 -51.85 -5.37 8.75
C ILE A 2949 -52.88 -5.43 9.87
N ASN A 2950 -53.76 -6.45 9.85
CA ASN A 2950 -54.77 -6.57 10.91
C ASN A 2950 -54.16 -7.08 12.21
N ARG A 2951 -53.27 -8.08 12.12
CA ARG A 2951 -52.65 -8.61 13.34
C ARG A 2951 -51.57 -7.68 13.87
N PHE A 2952 -50.79 -7.06 12.98
CA PHE A 2952 -49.74 -6.15 13.41
C PHE A 2952 -50.30 -4.82 13.88
N ALA A 2953 -51.29 -4.28 13.16
CA ALA A 2953 -51.88 -3.01 13.54
C ALA A 2953 -52.82 -3.17 14.74
N HIS A 2954 -53.61 -4.26 14.76
CA HIS A 2954 -54.51 -4.48 15.88
C HIS A 2954 -53.80 -4.96 17.13
N VAL A 2955 -52.73 -5.74 16.96
CA VAL A 2955 -51.98 -6.24 18.12
C VAL A 2955 -50.95 -5.23 18.60
N ALA A 2956 -50.47 -4.36 17.72
CA ALA A 2956 -49.47 -3.36 18.09
C ALA A 2956 -50.08 -2.01 18.45
N ARG A 2957 -51.31 -1.74 18.02
CA ARG A 2957 -51.98 -0.48 18.33
C ARG A 2957 -52.75 -0.51 19.64
N LYS A 2958 -52.80 -1.66 20.31
CA LYS A 2958 -53.52 -1.77 21.57
C LYS A 2958 -52.64 -1.34 22.75
N VAL A 2964 -58.79 2.08 20.52
CA VAL A 2964 -59.84 1.07 20.60
C VAL A 2964 -60.54 0.93 19.26
N CYS A 2965 -60.43 1.95 18.42
CA CYS A 2965 -61.05 1.95 17.10
C CYS A 2965 -60.19 1.28 16.05
N ILE A 2966 -58.95 0.93 16.36
CA ILE A 2966 -58.08 0.29 15.38
C ILE A 2966 -58.45 -1.18 15.22
N ASN A 2967 -58.63 -1.89 16.34
CA ASN A 2967 -58.99 -3.30 16.27
C ASN A 2967 -60.46 -3.51 15.92
N GLN A 2968 -61.32 -2.54 16.24
CA GLN A 2968 -62.73 -2.66 15.93
C GLN A 2968 -63.10 -2.07 14.58
N LEU A 2969 -62.28 -1.16 14.03
CA LEU A 2969 -62.54 -0.56 12.74
C LEU A 2969 -61.65 -1.09 11.62
N THR A 2970 -60.51 -1.68 11.95
CA THR A 2970 -59.60 -2.22 10.95
C THR A 2970 -59.90 -3.66 10.58
N LYS A 2971 -60.90 -4.28 11.21
CA LYS A 2971 -61.24 -5.67 10.92
C LYS A 2971 -62.63 -5.75 10.28
N ALA A 2983 -68.29 -24.21 0.00
CA ALA A 2983 -67.78 -24.16 1.37
C ALA A 2983 -66.37 -23.57 1.40
N PHE A 2984 -65.90 -23.11 0.24
CA PHE A 2984 -64.56 -22.54 0.17
C PHE A 2984 -64.52 -21.10 0.67
N LEU A 2985 -65.62 -20.37 0.53
CA LEU A 2985 -65.67 -18.98 0.99
C LEU A 2985 -65.92 -18.86 2.49
N LYS A 2986 -66.41 -19.92 3.13
CA LYS A 2986 -66.66 -19.87 4.57
C LYS A 2986 -65.37 -19.98 5.38
N LEU A 2987 -64.41 -20.75 4.89
CA LEU A 2987 -63.15 -20.90 5.61
C LEU A 2987 -62.27 -19.67 5.45
N ARG A 2988 -62.18 -19.13 4.22
CA ARG A 2988 -61.37 -17.94 4.00
C ARG A 2988 -62.06 -16.68 4.51
N GLU A 2989 -63.37 -16.58 4.34
CA GLU A 2989 -64.10 -15.41 4.81
C GLU A 2989 -64.29 -15.43 6.32
N GLN A 2990 -64.47 -16.60 6.92
CA GLN A 2990 -64.67 -16.72 8.35
C GLN A 2990 -63.36 -16.85 9.12
N ALA A 2991 -62.26 -17.21 8.44
CA ALA A 2991 -60.96 -17.35 9.09
C ALA A 2991 -59.98 -16.25 8.75
N LYS A 2992 -60.24 -15.47 7.70
CA LYS A 2992 -59.34 -14.38 7.33
C LYS A 2992 -59.47 -13.16 8.22
N CYS A 2993 -60.60 -13.00 8.90
CA CYS A 2993 -60.81 -11.86 9.78
C CYS A 2993 -60.20 -12.11 11.16
N SER A 2999 -72.28 -12.46 24.62
CA SER A 2999 -71.63 -13.78 24.60
C SER A 2999 -72.22 -14.65 23.49
N GLU A 3000 -73.48 -14.40 23.14
CA GLU A 3000 -74.14 -15.17 22.10
C GLU A 3000 -73.78 -14.69 20.71
N LEU A 3001 -73.33 -13.42 20.58
CA LEU A 3001 -72.96 -12.90 19.28
C LEU A 3001 -71.58 -13.41 18.84
N ASN A 3002 -70.68 -13.60 19.80
CA ASN A 3002 -69.34 -14.08 19.46
C ASN A 3002 -69.36 -15.58 19.17
N THR A 3003 -70.07 -16.35 19.99
CA THR A 3003 -70.13 -17.80 19.77
C THR A 3003 -71.07 -18.14 18.61
N GLY A 3004 -72.17 -17.41 18.49
CA GLY A 3004 -73.10 -17.68 17.40
C GLY A 3004 -72.61 -17.15 16.07
N LEU A 3005 -72.04 -15.94 16.07
CA LEU A 3005 -71.54 -15.36 14.82
C LEU A 3005 -70.19 -15.95 14.42
N ASP A 3006 -69.37 -16.34 15.40
CA ASP A 3006 -68.07 -16.92 15.07
C ASP A 3006 -68.15 -18.43 14.85
N VAL A 3007 -69.16 -19.09 15.42
CA VAL A 3007 -69.32 -20.53 15.26
C VAL A 3007 -70.33 -20.89 14.17
N ILE A 3008 -71.23 -19.97 13.80
CA ILE A 3008 -72.22 -20.26 12.76
C ILE A 3008 -71.68 -20.04 11.36
N SER A 3009 -70.53 -19.39 11.22
CA SER A 3009 -69.94 -19.14 9.91
C SER A 3009 -68.73 -20.04 9.68
N ALA A 3017 -58.27 -26.80 16.72
CA ALA A 3017 -59.40 -26.23 15.98
C ALA A 3017 -59.70 -24.82 16.45
N THR A 3018 -60.33 -24.03 15.57
CA THR A 3018 -60.67 -22.65 15.91
C THR A 3018 -61.90 -22.55 16.80
N GLN A 3019 -62.74 -23.58 16.83
CA GLN A 3019 -63.94 -23.53 17.66
C GLN A 3019 -63.61 -23.72 19.14
N GLN A 3020 -62.64 -24.57 19.46
CA GLN A 3020 -62.26 -24.79 20.84
C GLN A 3020 -61.46 -23.62 21.41
N LYS A 3021 -60.53 -23.09 20.62
CA LYS A 3021 -59.72 -21.96 21.08
C LYS A 3021 -60.52 -20.66 21.07
N ALA A 3022 -61.37 -20.47 20.06
CA ALA A 3022 -62.18 -19.25 19.98
C ALA A 3022 -63.33 -19.28 20.97
N GLU A 3023 -63.98 -20.43 21.13
CA GLU A 3023 -65.10 -20.53 22.07
C GLU A 3023 -64.62 -20.60 23.52
N PHE A 3024 -63.52 -21.32 23.76
CA PHE A 3024 -63.00 -21.43 25.12
C PHE A 3024 -62.27 -20.15 25.53
N PHE A 3025 -61.51 -19.56 24.61
CA PHE A 3025 -60.79 -18.33 24.93
C PHE A 3025 -61.73 -17.13 24.99
N THR A 3026 -62.72 -17.09 24.09
CA THR A 3026 -63.66 -15.98 24.09
C THR A 3026 -64.68 -16.10 25.22
N LEU A 3027 -65.15 -17.31 25.49
CA LEU A 3027 -66.13 -17.51 26.57
C LEU A 3027 -65.47 -17.42 27.94
N LYS A 3028 -64.26 -18.00 28.08
CA LYS A 3028 -63.58 -17.95 29.37
C LYS A 3028 -62.97 -16.58 29.63
N GLY A 3029 -62.36 -15.98 28.61
CA GLY A 3029 -61.77 -14.66 28.78
C GLY A 3029 -62.80 -13.55 28.85
N MET A 3030 -63.90 -13.69 28.11
CA MET A 3030 -64.95 -12.68 28.12
C MET A 3030 -65.98 -12.89 29.22
N PHE A 3031 -66.07 -14.10 29.79
CA PHE A 3031 -67.02 -14.40 30.85
C PHE A 3031 -66.35 -14.58 32.20
N LEU A 3032 -65.01 -14.56 32.26
CA LEU A 3032 -64.31 -14.74 33.53
C LEU A 3032 -64.33 -13.48 34.39
N ALA A 3033 -64.59 -12.31 33.80
CA ALA A 3033 -64.62 -11.06 34.55
C ALA A 3033 -65.69 -10.17 33.92
N LYS A 3034 -66.80 -9.90 34.62
CA LYS A 3034 -67.19 -10.37 35.97
C LYS A 3034 -66.16 -10.07 37.07
N LEU A 3035 -66.00 -11.02 38.00
CA LEU A 3035 -65.06 -10.85 39.10
C LEU A 3035 -64.42 -12.18 39.46
N ASN A 3036 -65.22 -13.11 39.97
CA ASN A 3036 -64.73 -14.42 40.36
C ASN A 3036 -64.92 -15.39 39.20
N ALA A 3037 -64.91 -16.70 39.48
CA ALA A 3037 -65.08 -17.71 38.44
C ALA A 3037 -65.84 -18.91 38.98
N LYS A 3038 -65.24 -19.61 39.94
CA LYS A 3038 -65.84 -20.79 40.56
C LYS A 3038 -66.18 -21.85 39.51
N ASP A 3039 -67.41 -21.81 39.01
CA ASP A 3039 -67.88 -22.75 38.00
C ASP A 3039 -67.95 -22.01 36.65
N GLU A 3040 -69.09 -22.04 35.95
CA GLU A 3040 -69.26 -21.36 34.66
C GLU A 3040 -68.20 -21.82 33.66
N ALA A 3041 -67.03 -21.19 33.69
CA ALA A 3041 -65.94 -21.52 32.77
C ALA A 3041 -65.09 -22.68 33.28
N ASN A 3042 -65.44 -23.29 34.40
CA ASN A 3042 -64.66 -24.40 34.92
C ASN A 3042 -64.92 -25.68 34.13
N GLN A 3043 -66.18 -25.99 33.86
CA GLN A 3043 -66.51 -27.19 33.10
C GLN A 3043 -66.16 -27.02 31.63
N ALA A 3044 -66.35 -25.82 31.08
CA ALA A 3044 -66.03 -25.57 29.69
C ALA A 3044 -64.53 -25.48 29.47
N PHE A 3045 -63.80 -24.87 30.40
CA PHE A 3045 -62.36 -24.75 30.26
C PHE A 3045 -61.65 -26.07 30.56
N ALA A 3046 -62.11 -26.81 31.57
CA ALA A 3046 -61.50 -28.09 31.91
C ALA A 3046 -61.88 -29.17 30.90
N THR A 3047 -63.15 -29.19 30.47
CA THR A 3047 -63.58 -30.20 29.51
C THR A 3047 -63.06 -29.88 28.10
N ALA A 3048 -63.04 -28.59 27.74
CA ALA A 3048 -62.55 -28.20 26.43
C ALA A 3048 -61.03 -28.18 26.34
N VAL A 3049 -60.34 -28.04 27.47
CA VAL A 3049 -58.88 -28.03 27.49
C VAL A 3049 -58.27 -29.37 27.90
N GLN A 3050 -59.08 -30.30 28.39
CA GLN A 3050 -58.60 -31.61 28.80
C GLN A 3050 -58.67 -32.65 27.69
N ILE A 3051 -58.87 -32.22 26.44
CA ILE A 3051 -58.95 -33.13 25.31
C ILE A 3051 -58.33 -32.47 24.08
N ASP A 3052 -58.95 -32.69 22.92
CA ASP A 3052 -58.49 -32.14 21.63
C ASP A 3052 -57.06 -32.63 21.39
N LEU A 3053 -56.16 -31.78 20.93
CA LEU A 3053 -54.77 -32.18 20.68
C LEU A 3053 -53.82 -31.01 20.91
N ASN A 3054 -53.48 -30.30 19.84
CA ASN A 3054 -52.57 -29.17 19.93
C ASN A 3054 -53.34 -27.91 20.33
N LEU A 3055 -52.81 -27.18 21.32
CA LEU A 3055 -53.43 -25.95 21.80
C LEU A 3055 -52.35 -25.07 22.37
N PRO A 3056 -52.57 -23.75 22.39
CA PRO A 3056 -51.55 -22.85 22.95
C PRO A 3056 -52.10 -21.95 24.05
N LYS A 3057 -53.08 -21.11 23.70
CA LYS A 3057 -53.68 -20.21 24.68
C LYS A 3057 -54.68 -20.91 25.60
N ALA A 3058 -55.16 -22.10 25.21
CA ALA A 3058 -56.12 -22.81 26.05
C ALA A 3058 -55.45 -23.42 27.27
N TRP A 3059 -54.17 -23.80 27.16
CA TRP A 3059 -53.47 -24.39 28.29
C TRP A 3059 -53.08 -23.33 29.32
N ALA A 3060 -52.69 -22.14 28.85
CA ALA A 3060 -52.30 -21.08 29.78
C ALA A 3060 -53.52 -20.37 30.34
N GLU A 3061 -54.47 -20.00 29.48
CA GLU A 3061 -55.67 -19.32 29.95
C GLU A 3061 -56.60 -20.28 30.68
N TRP A 3062 -56.96 -21.39 30.03
CA TRP A 3062 -57.84 -22.37 30.66
C TRP A 3062 -57.12 -23.14 31.75
N GLY A 3063 -55.82 -23.35 31.60
CA GLY A 3063 -55.05 -24.07 32.61
C GLY A 3063 -54.78 -23.25 33.85
N PHE A 3064 -54.45 -21.97 33.67
CA PHE A 3064 -54.19 -21.10 34.80
C PHE A 3064 -55.49 -20.64 35.47
N PHE A 3065 -56.50 -20.31 34.67
CA PHE A 3065 -57.77 -19.88 35.24
C PHE A 3065 -58.53 -21.05 35.85
N ASN A 3066 -58.53 -22.20 35.18
CA ASN A 3066 -59.21 -23.37 35.71
C ASN A 3066 -58.44 -23.99 36.87
N ASP A 3067 -57.12 -23.95 36.83
CA ASP A 3067 -56.31 -24.52 37.91
C ASP A 3067 -56.32 -23.61 39.14
N ARG A 3068 -56.29 -22.29 38.94
CA ARG A 3068 -56.31 -21.37 40.07
C ARG A 3068 -57.71 -21.23 40.65
N ARG A 3069 -58.73 -21.10 39.80
CA ARG A 3069 -60.09 -20.97 40.29
C ARG A 3069 -60.61 -22.29 40.85
N PHE A 3070 -60.26 -23.41 40.21
CA PHE A 3070 -60.70 -24.71 40.69
C PHE A 3070 -59.91 -25.17 41.91
N LYS A 3071 -58.61 -24.85 41.95
CA LYS A 3071 -57.76 -25.23 43.06
C LYS A 3071 -57.77 -24.21 44.19
N GLU A 3072 -58.49 -23.09 44.04
CA GLU A 3072 -58.55 -22.08 45.08
C GLU A 3072 -59.48 -22.48 46.22
N ASN A 3073 -60.33 -23.48 46.03
CA ASN A 3073 -61.25 -23.92 47.06
C ASN A 3073 -60.57 -24.96 47.95
N PRO A 3074 -59.43 -25.53 47.51
CA PRO A 3074 -58.72 -26.54 48.32
C PRO A 3074 -59.61 -27.66 48.84
N GLU A 3075 -60.07 -28.51 47.94
CA GLU A 3075 -60.94 -29.63 48.31
C GLU A 3075 -60.46 -30.87 47.55
N GLU A 3076 -61.30 -31.90 47.51
CA GLU A 3076 -60.94 -33.13 46.81
C GLU A 3076 -61.03 -32.95 45.29
N ILE A 3077 -62.12 -32.33 44.82
CA ILE A 3077 -62.29 -32.12 43.38
C ILE A 3077 -61.19 -31.22 42.84
N PHE A 3078 -60.66 -30.32 43.67
CA PHE A 3078 -59.55 -29.48 43.25
C PHE A 3078 -58.33 -30.30 42.86
N HIS A 3079 -58.19 -31.50 43.44
CA HIS A 3079 -57.11 -32.38 43.05
C HIS A 3079 -57.20 -32.76 41.57
N ALA A 3080 -58.42 -32.83 41.03
CA ALA A 3080 -58.58 -33.10 39.61
C ALA A 3080 -57.94 -32.00 38.77
N LYS A 3081 -57.88 -30.78 39.29
CA LYS A 3081 -57.19 -29.71 38.59
C LYS A 3081 -55.72 -30.02 38.35
N ASN A 3082 -55.12 -30.88 39.19
CA ASN A 3082 -53.75 -31.29 38.94
C ASN A 3082 -53.60 -32.00 37.60
N ALA A 3083 -54.66 -32.68 37.14
CA ALA A 3083 -54.63 -33.30 35.83
C ALA A 3083 -54.47 -32.26 34.73
N ILE A 3084 -54.97 -31.04 34.96
CA ILE A 3084 -54.78 -29.95 33.99
C ILE A 3084 -53.30 -29.64 33.82
N SER A 3085 -52.49 -29.93 34.84
CA SER A 3085 -51.05 -29.74 34.70
C SER A 3085 -50.48 -30.61 33.59
N CYS A 3086 -51.10 -31.75 33.30
CA CYS A 3086 -50.67 -32.58 32.18
C CYS A 3086 -50.80 -31.82 30.86
N TYR A 3087 -51.77 -30.91 30.76
CA TYR A 3087 -51.89 -30.10 29.55
C TYR A 3087 -50.66 -29.23 29.35
N LEU A 3088 -49.95 -28.89 30.43
CA LEU A 3088 -48.71 -28.14 30.31
C LEU A 3088 -47.68 -28.91 29.48
N GLN A 3089 -47.76 -30.24 29.49
CA GLN A 3089 -46.87 -31.04 28.64
C GLN A 3089 -47.06 -30.71 27.16
N ALA A 3090 -48.29 -30.32 26.77
CA ALA A 3090 -48.53 -29.91 25.40
C ALA A 3090 -47.74 -28.67 25.03
N ALA A 3091 -47.33 -27.87 26.01
CA ALA A 3091 -46.49 -26.70 25.78
C ALA A 3091 -45.00 -27.04 25.80
N GLY A 3092 -44.64 -28.33 25.90
CA GLY A 3092 -43.25 -28.71 25.92
C GLY A 3092 -42.54 -28.57 24.58
N LEU A 3093 -43.30 -28.52 23.48
CA LEU A 3093 -42.73 -28.37 22.15
C LEU A 3093 -43.20 -27.10 21.46
N TYR A 3094 -43.63 -26.10 22.23
CA TYR A 3094 -44.10 -24.85 21.65
C TYR A 3094 -43.15 -23.71 21.98
N LYS A 3095 -41.86 -23.91 21.70
CA LYS A 3095 -40.80 -22.92 21.94
C LYS A 3095 -40.80 -22.60 23.44
N ASP A 3096 -40.61 -21.34 23.83
CA ASP A 3096 -40.60 -20.96 25.24
C ASP A 3096 -41.06 -19.52 25.41
N GLY A 3097 -40.12 -18.61 25.62
CA GLY A 3097 -40.44 -17.20 25.80
C GLY A 3097 -40.73 -16.86 27.25
N LYS A 3098 -40.82 -15.54 27.49
CA LYS A 3098 -41.10 -15.07 28.84
C LYS A 3098 -42.45 -15.55 29.35
N THR A 3099 -43.43 -15.69 28.44
CA THR A 3099 -44.73 -16.22 28.84
C THR A 3099 -44.61 -17.65 29.38
N ARG A 3100 -43.60 -18.39 28.93
CA ARG A 3100 -43.37 -19.73 29.47
C ARG A 3100 -43.07 -19.68 30.97
N LYS A 3101 -42.50 -18.57 31.44
CA LYS A 3101 -42.28 -18.42 32.88
C LYS A 3101 -43.59 -18.46 33.65
N LEU A 3102 -44.69 -18.01 33.02
CA LEU A 3102 -45.99 -18.10 33.68
C LEU A 3102 -46.37 -19.55 33.97
N LEU A 3103 -45.86 -20.50 33.18
CA LEU A 3103 -46.11 -21.91 33.46
C LEU A 3103 -45.55 -22.30 34.82
N CYS A 3104 -44.50 -21.62 35.29
CA CYS A 3104 -43.99 -21.88 36.63
C CYS A 3104 -45.03 -21.61 37.70
N ARG A 3105 -45.95 -20.68 37.44
CA ARG A 3105 -47.04 -20.44 38.38
C ARG A 3105 -47.91 -21.67 38.55
N ILE A 3106 -47.98 -22.53 37.52
CA ILE A 3106 -48.73 -23.78 37.63
C ILE A 3106 -48.13 -24.65 38.73
N LEU A 3107 -46.83 -24.52 38.99
CA LEU A 3107 -46.22 -25.26 40.09
C LEU A 3107 -46.84 -24.90 41.43
N TRP A 3108 -47.35 -23.67 41.56
CA TRP A 3108 -48.06 -23.28 42.78
C TRP A 3108 -49.28 -24.14 43.00
N LEU A 3109 -49.89 -24.65 41.93
CA LEU A 3109 -51.03 -25.56 42.08
C LEU A 3109 -50.63 -26.83 42.80
N ILE A 3110 -49.35 -27.21 42.72
CA ILE A 3110 -48.88 -28.37 43.47
C ILE A 3110 -49.04 -28.15 44.96
N SER A 3111 -48.98 -26.90 45.41
CA SER A 3111 -49.22 -26.59 46.82
C SER A 3111 -50.63 -26.96 47.25
N LEU A 3112 -51.57 -27.04 46.32
CA LEU A 3112 -52.92 -27.47 46.61
C LEU A 3112 -53.11 -28.97 46.48
N ASP A 3113 -52.04 -29.71 46.22
CA ASP A 3113 -52.12 -31.16 46.06
C ASP A 3113 -51.98 -31.83 47.43
N ASP A 3114 -51.74 -33.14 47.43
CA ASP A 3114 -51.59 -33.89 48.67
C ASP A 3114 -50.17 -33.80 49.18
N ALA A 3115 -49.53 -34.95 49.38
CA ALA A 3115 -48.15 -35.00 49.86
C ALA A 3115 -47.17 -34.78 48.72
N ALA A 3116 -46.53 -35.86 48.27
CA ALA A 3116 -45.56 -35.78 47.18
C ALA A 3116 -45.99 -36.54 45.94
N GLY A 3117 -47.16 -37.17 45.95
CA GLY A 3117 -47.63 -37.91 44.80
C GLY A 3117 -48.30 -37.04 43.77
N SER A 3118 -49.56 -37.35 43.43
CA SER A 3118 -50.34 -36.61 42.46
C SER A 3118 -49.63 -36.54 41.12
N LEU A 3119 -48.81 -35.50 40.92
CA LEU A 3119 -48.06 -35.30 39.68
C LEU A 3119 -46.64 -35.80 39.80
N ALA A 3120 -46.43 -36.97 40.42
CA ALA A 3120 -45.09 -37.52 40.56
C ALA A 3120 -44.59 -38.10 39.24
N LYS A 3121 -45.40 -38.93 38.59
CA LYS A 3121 -44.99 -39.51 37.32
C LYS A 3121 -45.06 -38.50 36.18
N THR A 3122 -46.02 -37.58 36.23
CA THR A 3122 -46.13 -36.57 35.19
C THR A 3122 -45.09 -35.48 35.34
N PHE A 3123 -44.80 -35.07 36.58
CA PHE A 3123 -43.80 -34.05 36.81
C PHE A 3123 -42.39 -34.60 36.66
N GLU A 3124 -42.14 -35.82 37.15
CA GLU A 3124 -40.81 -36.41 37.02
C GLU A 3124 -40.54 -36.89 35.62
N ASP A 3125 -41.53 -37.51 34.97
CA ASP A 3125 -41.34 -37.99 33.60
C ASP A 3125 -41.36 -36.86 32.60
N HIS A 3126 -42.25 -35.88 32.78
CA HIS A 3126 -42.31 -34.75 31.85
C HIS A 3126 -41.15 -33.79 32.06
N HIS A 3127 -40.75 -33.58 33.32
CA HIS A 3127 -39.64 -32.67 33.62
C HIS A 3127 -38.28 -33.33 33.40
N GLY A 3128 -38.19 -34.65 33.48
CA GLY A 3128 -36.93 -35.34 33.28
C GLY A 3128 -36.75 -35.82 31.85
N GLU A 3129 -37.84 -35.96 31.12
CA GLU A 3129 -37.80 -36.41 29.73
C GLU A 3129 -37.62 -35.27 28.74
N SER A 3130 -37.62 -34.02 29.20
CA SER A 3130 -37.44 -32.87 28.32
C SER A 3130 -36.18 -32.11 28.70
N PRO A 3131 -36.11 -30.80 28.42
CA PRO A 3131 -34.92 -30.03 28.78
C PRO A 3131 -35.12 -29.19 30.02
N VAL A 3132 -34.21 -28.24 30.26
CA VAL A 3132 -34.32 -27.38 31.43
C VAL A 3132 -35.31 -26.24 31.17
N TRP A 3133 -35.06 -25.47 30.12
CA TRP A 3133 -35.91 -24.33 29.74
C TRP A 3133 -36.07 -23.35 30.89
N TYR A 3134 -37.11 -23.55 31.71
CA TYR A 3134 -37.38 -22.67 32.85
C TYR A 3134 -36.74 -23.17 34.13
N TRP A 3135 -35.91 -24.22 34.06
CA TRP A 3135 -35.25 -24.77 35.24
C TRP A 3135 -33.78 -24.36 35.33
N ILE A 3136 -33.35 -23.40 34.51
CA ILE A 3136 -31.96 -22.94 34.53
C ILE A 3136 -31.92 -21.46 34.18
N THR A 3137 -32.78 -21.04 33.26
CA THR A 3137 -32.82 -19.64 32.85
C THR A 3137 -33.58 -18.77 33.85
N PHE A 3138 -34.51 -19.36 34.61
CA PHE A 3138 -35.27 -18.59 35.59
C PHE A 3138 -34.46 -18.37 36.86
N VAL A 3139 -34.22 -19.44 37.62
CA VAL A 3139 -33.46 -19.40 38.87
C VAL A 3139 -34.10 -18.41 39.83
N PRO A 3140 -33.30 -17.52 40.46
CA PRO A 3140 -33.86 -16.53 41.41
C PRO A 3140 -34.80 -17.14 42.44
N GLN A 3141 -36.10 -17.08 42.19
CA GLN A 3141 -37.07 -17.64 43.12
C GLN A 3141 -36.86 -19.13 43.34
N LEU A 3142 -36.44 -19.85 42.29
CA LEU A 3142 -36.15 -21.27 42.42
C LEU A 3142 -35.02 -21.54 43.41
N LEU A 3143 -34.15 -20.55 43.63
CA LEU A 3143 -33.08 -20.67 44.61
C LEU A 3143 -33.52 -20.29 46.01
N THR A 3144 -34.77 -19.90 46.19
CA THR A 3144 -35.28 -19.51 47.51
C THR A 3144 -36.06 -20.63 48.20
N SER A 3145 -36.61 -21.58 47.45
CA SER A 3145 -37.37 -22.69 48.03
C SER A 3145 -36.39 -23.72 48.56
N LEU A 3146 -36.10 -23.65 49.86
CA LEU A 3146 -35.18 -24.59 50.49
C LEU A 3146 -35.62 -25.09 51.85
N SER A 3147 -36.46 -24.35 52.59
CA SER A 3147 -36.91 -24.80 53.89
C SER A 3147 -38.07 -25.78 53.81
N HIS A 3148 -38.76 -25.87 52.67
CA HIS A 3148 -39.88 -26.77 52.51
C HIS A 3148 -39.42 -28.09 51.90
N LYS A 3149 -40.34 -28.79 51.23
CA LYS A 3149 -40.03 -30.07 50.59
C LYS A 3149 -39.62 -29.83 49.13
N GLU A 3150 -38.41 -29.30 48.98
CA GLU A 3150 -37.85 -29.00 47.66
C GLU A 3150 -36.52 -29.71 47.44
N ALA A 3151 -36.23 -30.75 48.21
CA ALA A 3151 -34.98 -31.49 48.06
C ALA A 3151 -35.03 -32.53 46.96
N LYS A 3152 -36.22 -32.81 46.41
CA LYS A 3152 -36.35 -33.80 45.35
C LYS A 3152 -37.25 -33.28 44.23
N ILE A 3153 -38.14 -34.14 43.72
CA ILE A 3153 -39.09 -33.79 42.68
C ILE A 3153 -38.36 -33.31 41.43
N VAL A 3154 -38.10 -32.00 41.36
CA VAL A 3154 -37.44 -31.40 40.20
C VAL A 3154 -35.98 -31.17 40.50
N ARG A 3155 -35.48 -31.76 41.58
CA ARG A 3155 -34.07 -31.60 41.93
C ARG A 3155 -33.19 -32.48 41.05
N HIS A 3156 -33.65 -33.68 40.71
CA HIS A 3156 -32.87 -34.56 39.86
C HIS A 3156 -32.89 -34.10 38.40
N ILE A 3157 -34.05 -33.63 37.93
CA ILE A 3157 -34.15 -33.17 36.55
C ILE A 3157 -33.50 -31.79 36.40
N LEU A 3158 -33.61 -30.94 37.42
CA LEU A 3158 -33.01 -29.62 37.35
C LEU A 3158 -31.51 -29.67 37.56
N ILE A 3159 -31.04 -30.56 38.45
CA ILE A 3159 -29.61 -30.68 38.69
C ILE A 3159 -28.93 -31.46 37.57
N GLN A 3160 -29.59 -32.50 37.05
CA GLN A 3160 -29.01 -33.28 35.98
C GLN A 3160 -29.09 -32.55 34.64
N ILE A 3161 -30.19 -31.85 34.38
CA ILE A 3161 -30.34 -31.13 33.13
C ILE A 3161 -29.54 -29.84 33.16
N ALA A 3162 -29.52 -29.15 34.31
CA ALA A 3162 -28.76 -27.90 34.42
C ALA A 3162 -27.27 -28.16 34.59
N LYS A 3163 -26.88 -29.33 35.08
CA LYS A 3163 -25.48 -29.67 35.27
C LYS A 3163 -24.90 -30.53 34.15
N SER A 3164 -25.75 -31.08 33.28
CA SER A 3164 -25.30 -31.91 32.17
C SER A 3164 -26.02 -31.57 30.87
N TYR A 3165 -26.57 -30.36 30.76
CA TYR A 3165 -27.27 -29.95 29.55
C TYR A 3165 -27.11 -28.45 29.34
N PRO A 3166 -27.09 -27.66 30.41
CA PRO A 3166 -26.95 -26.20 30.27
C PRO A 3166 -25.50 -25.71 30.25
N GLN A 3167 -24.53 -26.61 30.30
CA GLN A 3167 -23.10 -26.26 30.29
C GLN A 3167 -22.83 -25.38 31.51
N SER A 3168 -22.17 -24.24 31.35
CA SER A 3168 -21.89 -23.35 32.47
C SER A 3168 -23.12 -22.51 32.76
N LEU A 3169 -23.87 -22.88 33.80
CA LEU A 3169 -25.07 -22.16 34.17
C LEU A 3169 -25.32 -22.24 35.67
N HIS A 3170 -24.96 -23.37 36.28
CA HIS A 3170 -25.13 -23.58 37.70
C HIS A 3170 -23.89 -23.24 38.51
N PHE A 3171 -22.86 -22.69 37.87
CA PHE A 3171 -21.64 -22.33 38.59
C PHE A 3171 -21.82 -21.06 39.41
N GLN A 3172 -22.55 -20.08 38.88
CA GLN A 3172 -22.77 -18.84 39.62
C GLN A 3172 -23.79 -19.03 40.73
N LEU A 3173 -24.87 -19.79 40.47
CA LEU A 3173 -25.88 -20.01 41.49
C LEU A 3173 -25.41 -21.02 42.54
N ARG A 3174 -24.70 -22.05 42.12
CA ARG A 3174 -24.20 -23.05 43.06
C ARG A 3174 -23.02 -22.53 43.86
N THR A 3175 -22.10 -21.81 43.20
CA THR A 3175 -20.93 -21.29 43.90
C THR A 3175 -21.29 -20.07 44.74
N THR A 3176 -22.15 -19.20 44.23
CA THR A 3176 -22.56 -18.01 44.99
C THR A 3176 -23.54 -18.36 46.10
N LYS A 3177 -24.48 -19.26 45.83
CA LYS A 3177 -25.46 -19.64 46.84
C LYS A 3177 -24.85 -20.59 47.86
N GLU A 3178 -23.95 -21.48 47.44
CA GLU A 3178 -23.32 -22.41 48.36
C GLU A 3178 -22.17 -21.78 49.12
N ASP A 3179 -21.52 -20.78 48.54
CA ASP A 3179 -20.39 -20.10 49.17
C ASP A 3179 -20.79 -18.82 49.89
N TYR A 3180 -22.01 -18.32 49.66
CA TYR A 3180 -22.44 -17.09 50.32
C TYR A 3180 -22.88 -17.36 51.76
N GLN A 3181 -23.79 -18.31 51.95
CA GLN A 3181 -24.27 -18.64 53.28
C GLN A 3181 -23.40 -19.72 53.93
N THR A 3276 -30.64 -28.28 64.16
CA THR A 3276 -29.35 -28.30 63.48
C THR A 3276 -29.54 -28.58 61.99
N THR A 3277 -30.63 -28.04 61.43
CA THR A 3277 -30.90 -28.24 60.00
C THR A 3277 -30.03 -27.36 59.13
N ASP A 3278 -29.63 -26.18 59.62
CA ASP A 3278 -28.79 -25.29 58.83
C ASP A 3278 -27.36 -25.82 58.73
N SER A 3279 -26.85 -26.40 59.80
CA SER A 3279 -25.50 -26.95 59.79
C SER A 3279 -25.41 -28.29 59.07
N ARG A 3280 -26.54 -28.99 58.90
CA ARG A 3280 -26.55 -30.27 58.22
C ARG A 3280 -27.02 -30.19 56.77
N GLN A 3281 -27.71 -29.11 56.40
CA GLN A 3281 -28.20 -28.95 55.03
C GLN A 3281 -27.04 -28.60 54.11
N PRO A 3282 -26.07 -27.81 54.59
CA PRO A 3282 -24.93 -27.47 53.71
C PRO A 3282 -24.00 -28.63 53.46
N TRP A 3283 -23.86 -29.55 54.41
CA TRP A 3283 -22.99 -30.71 54.21
C TRP A 3283 -23.63 -31.73 53.27
N GLN A 3284 -24.94 -31.94 53.39
CA GLN A 3284 -25.62 -32.89 52.51
C GLN A 3284 -25.83 -32.31 51.12
N ASP A 3285 -26.18 -31.02 51.04
CA ASP A 3285 -26.39 -30.41 49.73
C ASP A 3285 -25.06 -30.18 49.01
N VAL A 3286 -24.05 -29.71 49.74
CA VAL A 3286 -22.75 -29.48 49.12
C VAL A 3286 -22.04 -30.80 48.84
N GLU A 3287 -22.30 -31.83 49.65
CA GLU A 3287 -21.68 -33.13 49.41
C GLU A 3287 -22.35 -33.87 48.26
N GLU A 3288 -23.68 -33.79 48.16
CA GLU A 3288 -24.39 -34.46 47.08
C GLU A 3288 -24.19 -33.72 45.76
N ILE A 3289 -24.23 -32.38 45.80
CA ILE A 3289 -24.04 -31.60 44.58
C ILE A 3289 -22.57 -31.65 44.14
N MET A 3290 -21.65 -31.59 45.10
CA MET A 3290 -20.23 -31.66 44.75
C MET A 3290 -19.82 -33.06 44.32
N GLY A 3291 -20.47 -34.09 44.86
CA GLY A 3291 -20.16 -35.45 44.47
C GLY A 3291 -20.77 -35.84 43.16
N ILE A 3292 -22.03 -35.47 42.94
CA ILE A 3292 -22.69 -35.79 41.68
C ILE A 3292 -22.14 -34.93 40.55
N LEU A 3293 -21.83 -33.67 40.84
CA LEU A 3293 -21.26 -32.80 39.81
C LEU A 3293 -19.80 -33.13 39.54
N LYS A 3294 -19.02 -33.35 40.60
CA LYS A 3294 -17.61 -33.71 40.43
C LYS A 3294 -17.48 -35.05 39.72
N THR A 3295 -18.34 -36.01 40.07
CA THR A 3295 -18.36 -37.30 39.37
C THR A 3295 -19.09 -37.22 38.04
N ALA A 3296 -19.71 -36.09 37.73
CA ALA A 3296 -20.43 -35.91 36.47
C ALA A 3296 -19.56 -35.30 35.39
N TYR A 3297 -18.90 -34.18 35.69
CA TYR A 3297 -18.04 -33.54 34.70
C TYR A 3297 -16.64 -34.15 34.77
N PRO A 3298 -15.74 -33.64 35.63
CA PRO A 3298 -14.41 -34.26 35.70
C PRO A 3298 -13.80 -34.37 37.10
N LEU A 3299 -13.56 -33.33 37.93
CA LEU A 3299 -13.66 -31.86 37.81
C LEU A 3299 -14.95 -31.26 37.25
N LEU A 3300 -15.88 -30.97 38.18
CA LEU A 3300 -17.10 -30.27 37.81
C LEU A 3300 -16.79 -28.87 37.30
N ALA A 3301 -16.21 -28.02 38.17
CA ALA A 3301 -15.86 -26.64 37.82
C ALA A 3301 -14.53 -26.31 38.50
N LEU A 3302 -13.44 -26.79 37.92
CA LEU A 3302 -12.12 -26.52 38.49
C LEU A 3302 -11.69 -25.08 38.24
N SER A 3303 -11.97 -24.55 37.05
CA SER A 3303 -11.59 -23.17 36.75
C SER A 3303 -12.49 -22.18 37.48
N LEU A 3304 -13.78 -22.51 37.62
CA LEU A 3304 -14.69 -21.62 38.33
C LEU A 3304 -14.49 -21.69 39.84
N GLU A 3305 -14.18 -22.87 40.36
CA GLU A 3305 -13.96 -23.02 41.80
C GLU A 3305 -12.60 -22.46 42.22
N SER A 3306 -11.57 -22.72 41.41
CA SER A 3306 -10.24 -22.21 41.74
C SER A 3306 -10.13 -20.71 41.45
N LEU A 3307 -10.70 -20.25 40.34
CA LEU A 3307 -10.63 -18.82 40.02
C LEU A 3307 -11.57 -18.01 40.91
N VAL A 3308 -12.75 -18.55 41.21
CA VAL A 3308 -13.69 -17.84 42.08
C VAL A 3308 -13.24 -17.90 43.53
N ASP A 3309 -12.64 -19.00 43.97
CA ASP A 3309 -12.17 -19.10 45.34
C ASP A 3309 -10.89 -18.31 45.56
N GLN A 3310 -9.97 -18.35 44.60
CA GLN A 3310 -8.72 -17.60 44.74
C GLN A 3310 -8.93 -16.11 44.52
N LEU A 3311 -9.74 -15.75 43.54
CA LEU A 3311 -10.00 -14.33 43.27
C LEU A 3311 -10.94 -13.73 44.30
N ASN A 3312 -11.94 -14.48 44.74
CA ASN A 3312 -12.87 -13.97 45.73
C ASN A 3312 -12.31 -14.04 47.15
N GLN A 3313 -11.36 -14.95 47.39
CA GLN A 3313 -10.74 -15.10 48.70
C GLN A 3313 -9.36 -14.47 48.77
N ARG A 3314 -8.89 -13.83 47.70
CA ARG A 3314 -7.59 -13.19 47.67
C ARG A 3314 -7.61 -11.77 48.22
N PHE A 3315 -8.77 -11.27 48.65
CA PHE A 3315 -8.89 -9.93 49.18
C PHE A 3315 -8.64 -9.85 50.69
N LYS A 3316 -8.30 -10.97 51.32
CA LYS A 3316 -8.04 -10.96 52.76
C LYS A 3316 -6.67 -10.38 53.09
N CYS A 3317 -5.67 -10.68 52.27
CA CYS A 3317 -4.32 -10.18 52.49
C CYS A 3317 -4.14 -8.92 51.65
N ASN A 3318 -4.20 -7.77 52.31
CA ASN A 3318 -4.05 -6.46 51.67
C ASN A 3318 -5.08 -6.25 50.56
N ALA A 3319 -6.26 -5.71 50.84
CA ALA A 3319 -6.77 -5.22 52.14
C ALA A 3319 -5.86 -4.21 52.86
N ASP A 3320 -5.34 -3.25 52.09
CA ASP A 3320 -4.45 -2.23 52.63
C ASP A 3320 -4.81 -0.90 51.95
N GLU A 3321 -3.90 0.07 52.05
CA GLU A 3321 -4.11 1.38 51.44
C GLU A 3321 -2.98 1.60 50.44
N ASP A 3322 -2.19 2.66 50.60
CA ASP A 3322 -1.09 2.93 49.68
C ASP A 3322 0.09 3.55 50.41
N ALA A 3323 0.65 4.62 49.86
CA ALA A 3323 1.79 5.31 50.46
C ALA A 3323 1.40 6.61 51.14
N TYR A 3324 0.41 7.32 50.60
CA TYR A 3324 -0.01 8.59 51.21
C TYR A 3324 -0.82 8.34 52.49
N ARG A 3325 -1.66 7.30 52.50
CA ARG A 3325 -2.46 7.01 53.68
C ARG A 3325 -1.61 6.38 54.78
N LEU A 3326 -0.66 5.52 54.39
CA LEU A 3326 0.20 4.89 55.39
C LEU A 3326 1.27 5.85 55.91
N VAL A 3327 1.83 6.68 55.03
CA VAL A 3327 2.85 7.63 55.45
C VAL A 3327 2.22 8.79 56.21
N ILE A 3328 1.04 9.25 55.77
CA ILE A 3328 0.38 10.34 56.47
C ILE A 3328 -0.26 9.88 57.77
N VAL A 3329 -0.78 8.64 57.81
CA VAL A 3329 -1.39 8.13 59.03
C VAL A 3329 -0.32 7.73 60.03
N LEU A 3330 0.78 7.15 59.56
CA LEU A 3330 1.86 6.75 60.46
C LEU A 3330 2.65 7.95 60.95
N TYR A 3331 2.96 8.89 60.06
CA TYR A 3331 3.71 10.07 60.46
C TYR A 3331 2.85 11.04 61.28
N ASN A 3332 1.58 11.19 60.90
CA ASN A 3332 0.69 12.08 61.65
C ASN A 3332 0.28 11.48 62.99
N ASP A 3333 0.04 10.16 63.02
CA ASP A 3333 -0.35 9.52 64.26
C ASP A 3333 0.84 9.36 65.21
N GLY A 3334 2.01 9.04 64.68
CA GLY A 3334 3.20 8.87 65.49
C GLY A 3334 3.78 10.20 65.96
N VAL A 3335 3.79 11.19 65.07
CA VAL A 3335 4.33 12.50 65.43
C VAL A 3335 3.34 13.26 66.30
N GLN A 3336 2.04 13.17 65.98
CA GLN A 3336 1.03 13.87 66.76
C GLN A 3336 0.77 13.18 68.10
N GLN A 3337 0.90 11.86 68.16
CA GLN A 3337 0.68 11.12 69.39
C GLN A 3337 1.94 11.03 70.26
N MET A 3338 3.13 11.19 69.67
CA MET A 3338 4.37 11.12 70.42
C MET A 3338 4.99 12.48 70.70
N ASN A 3339 4.54 13.53 70.00
CA ASN A 3339 5.06 14.88 70.19
C ASN A 3339 4.24 15.69 71.18
N ARG A 3340 3.30 15.06 71.88
CA ARG A 3340 2.47 15.77 72.84
C ARG A 3340 2.77 15.29 74.27
N PRO A 3351 18.43 13.78 63.32
CA PRO A 3351 17.70 13.44 62.10
C PRO A 3351 17.48 11.93 61.94
N ALA A 3352 17.44 11.21 63.07
CA ALA A 3352 17.24 9.77 63.02
C ALA A 3352 15.77 9.41 62.80
N ALA A 3353 14.85 10.18 63.39
CA ALA A 3353 13.44 9.91 63.25
C ALA A 3353 12.87 10.46 61.95
N THR A 3354 13.58 11.38 61.29
CA THR A 3354 13.09 11.97 60.04
C THR A 3354 13.42 11.11 58.82
N GLU A 3355 14.27 10.10 58.97
CA GLU A 3355 14.64 9.23 57.85
C GLU A 3355 13.64 8.11 57.61
N ALA A 3356 12.70 7.88 58.54
CA ALA A 3356 11.72 6.82 58.35
C ALA A 3356 10.60 7.24 57.41
N SER A 3357 10.18 8.51 57.47
CA SER A 3357 9.12 8.97 56.60
C SER A 3357 9.62 9.29 55.19
N ILE A 3358 10.89 9.64 55.06
CA ILE A 3358 11.44 9.95 53.74
C ILE A 3358 11.75 8.68 52.96
N SER A 3359 12.08 7.59 53.65
CA SER A 3359 12.38 6.34 52.95
C SER A 3359 11.12 5.59 52.53
N ARG A 3360 10.01 5.81 53.23
CA ARG A 3360 8.76 5.15 52.90
C ARG A 3360 7.79 6.04 52.14
N PHE A 3361 7.95 7.36 52.19
CA PHE A 3361 7.09 8.29 51.50
C PHE A 3361 7.63 8.70 50.14
N ALA A 3362 8.71 8.07 49.68
CA ALA A 3362 9.31 8.39 48.38
C ALA A 3362 8.68 7.50 47.32
N ASP A 3363 7.55 7.96 46.77
CA ASP A 3363 6.84 7.20 45.74
C ASP A 3363 6.30 8.12 44.66
N SER A 3364 6.93 9.28 44.45
CA SER A 3364 6.52 10.26 43.45
C SER A 3364 5.07 10.70 43.66
N VAL A 3365 4.74 11.00 44.91
CA VAL A 3365 3.39 11.43 45.27
C VAL A 3365 3.46 12.38 46.46
N LEU A 3366 4.63 12.99 46.67
CA LEU A 3366 4.86 13.92 47.77
C LEU A 3366 5.46 15.20 47.22
N PRO A 3367 4.66 16.01 46.52
CA PRO A 3367 5.20 17.26 45.96
C PRO A 3367 4.36 18.47 46.33
N LYS A 3368 4.94 19.41 47.06
CA LYS A 3368 6.33 19.31 47.49
C LYS A 3368 6.42 18.95 48.97
N ASN A 3369 5.78 17.83 49.34
CA ASN A 3369 5.81 17.41 50.75
C ASN A 3369 7.17 16.81 51.12
N ILE A 3370 7.80 16.11 50.19
CA ILE A 3370 9.11 15.52 50.47
C ILE A 3370 10.20 16.58 50.42
N ARG A 3371 10.08 17.54 49.51
CA ARG A 3371 11.08 18.60 49.40
C ARG A 3371 10.93 19.62 50.52
N GLU A 3372 9.70 19.98 50.88
CA GLU A 3372 9.49 20.94 51.96
C GLU A 3372 9.70 20.31 53.32
N VAL A 3373 9.25 19.07 53.51
CA VAL A 3373 9.42 18.41 54.79
C VAL A 3373 10.87 17.96 54.98
N PHE A 3374 11.51 17.50 53.91
CA PHE A 3374 12.90 17.07 54.00
C PHE A 3374 13.86 18.25 54.09
N GLU A 3375 13.56 19.34 53.35
CA GLU A 3375 14.43 20.51 53.38
C GLU A 3375 14.23 21.31 54.66
N GLN A 3376 12.97 21.46 55.11
CA GLN A 3376 12.71 22.21 56.33
C GLN A 3376 13.07 21.42 57.57
N ASP A 3377 12.78 20.11 57.58
CA ASP A 3377 13.10 19.28 58.73
C ASP A 3377 14.59 18.97 58.79
N ILE A 3378 15.22 18.75 57.63
CA ILE A 3378 16.65 18.44 57.63
C ILE A 3378 17.48 19.71 57.80
N ILE A 3379 16.97 20.86 57.35
CA ILE A 3379 17.70 22.11 57.48
C ILE A 3379 17.45 22.81 58.81
N ALA A 3380 16.31 22.54 59.45
CA ALA A 3380 15.95 23.15 60.73
C ALA A 3380 15.83 22.03 61.76
N CYS A 3381 16.97 21.56 62.26
CA CYS A 3381 17.03 20.49 63.26
C CYS A 3381 17.85 20.92 64.45
N ASN A 3382 17.71 22.19 64.86
CA ASN A 3382 18.45 22.71 66.00
C ASN A 3382 17.63 23.79 66.70
N PRO A 3383 18.29 24.74 67.38
CA PRO A 3383 17.57 25.82 68.08
C PRO A 3383 16.44 25.33 68.97
N ASN A 3384 15.30 26.01 68.94
CA ASN A 3384 14.15 25.63 69.76
C ASN A 3384 12.85 25.93 69.02
N LEU A 3385 12.66 27.19 68.62
CA LEU A 3385 11.45 27.59 67.92
C LEU A 3385 11.46 27.14 66.46
N GLU A 3386 12.65 27.01 65.86
CA GLU A 3386 12.73 26.58 64.47
C GLU A 3386 12.41 25.10 64.31
N THR A 3387 12.72 24.29 65.32
CA THR A 3387 12.44 22.86 65.24
C THR A 3387 10.96 22.57 65.45
N TYR A 3388 10.33 23.26 66.41
CA TYR A 3388 8.92 23.04 66.66
C TYR A 3388 8.04 23.72 65.62
N ILE A 3389 8.43 24.90 65.17
CA ILE A 3389 7.66 25.62 64.16
C ILE A 3389 7.86 25.00 62.78
N SER A 3390 9.10 24.64 62.45
CA SER A 3390 9.37 24.04 61.14
C SER A 3390 8.88 22.60 61.10
N LYS A 3391 8.98 21.88 62.21
CA LYS A 3391 8.53 20.49 62.25
C LYS A 3391 7.01 20.41 62.33
N LEU A 3392 6.38 21.30 63.08
CA LEU A 3392 4.92 21.30 63.20
C LEU A 3392 4.26 21.85 61.94
N ARG A 3393 4.82 22.93 61.38
CA ARG A 3393 4.24 23.52 60.17
C ARG A 3393 4.55 22.68 58.94
N LYS A 3394 5.77 22.16 58.83
CA LYS A 3394 6.13 21.34 57.68
C LYS A 3394 5.50 19.95 57.77
N TRP A 3395 5.41 19.39 58.98
CA TRP A 3395 4.81 18.07 59.14
C TRP A 3395 3.28 18.14 59.04
N ARG A 3396 2.69 19.21 59.57
CA ARG A 3396 1.23 19.35 59.51
C ARG A 3396 0.77 19.76 58.12
N ASP A 3397 1.49 20.68 57.48
CA ASP A 3397 1.11 21.13 56.15
C ASP A 3397 1.46 20.09 55.09
N CYS A 3398 2.62 19.46 55.22
CA CYS A 3398 3.03 18.44 54.25
C CYS A 3398 2.26 17.14 54.45
N LEU A 3399 2.02 16.75 55.71
CA LEU A 3399 1.29 15.52 55.98
C LEU A 3399 -0.21 15.69 55.80
N GLU A 3400 -0.73 16.90 55.99
CA GLU A 3400 -2.15 17.16 55.84
C GLU A 3400 -2.53 17.61 54.43
N GLU A 3401 -1.57 18.12 53.65
CA GLU A 3401 -1.84 18.57 52.30
C GLU A 3401 -1.76 17.45 51.27
N LYS A 3402 -1.34 16.25 51.67
CA LYS A 3402 -1.24 15.12 50.75
C LYS A 3402 -2.11 13.94 51.19
N LEU A 3403 -3.13 14.20 52.01
CA LEU A 3403 -4.02 13.14 52.48
C LEU A 3403 -5.48 13.58 52.40
N GLY A 3408 -6.20 4.85 48.37
CA GLY A 3408 -5.68 5.45 47.15
C GLY A 3408 -5.31 4.43 46.09
N LYS A 3409 -4.00 4.24 45.89
CA LYS A 3409 -3.52 3.29 44.90
C LYS A 3409 -3.61 1.87 45.45
N ALA A 3410 -3.49 0.90 44.54
CA ALA A 3410 -3.54 -0.51 44.89
C ALA A 3410 -2.65 -1.29 43.95
N ASP A 3411 -1.64 -1.96 44.50
CA ASP A 3411 -0.69 -2.75 43.72
C ASP A 3411 -0.90 -4.23 44.07
N LEU A 3412 -1.46 -4.98 43.12
CA LEU A 3412 -1.71 -6.39 43.34
C LEU A 3412 -0.48 -7.26 43.09
N GLU A 3413 0.52 -6.74 42.37
CA GLU A 3413 1.73 -7.51 42.09
C GLU A 3413 2.66 -7.60 43.29
N ARG A 3414 2.57 -6.65 44.22
CA ARG A 3414 3.42 -6.65 45.42
C ARG A 3414 2.62 -6.88 46.70
N VAL A 3415 1.42 -7.43 46.58
CA VAL A 3415 0.57 -7.69 47.74
C VAL A 3415 -0.29 -8.92 47.48
N SER A 3416 -0.99 -8.93 46.35
CA SER A 3416 -1.85 -10.05 45.98
C SER A 3416 -1.04 -11.13 45.26
N LEU A 3417 -0.53 -10.81 44.08
CA LEU A 3417 0.28 -11.74 43.27
C LEU A 3417 -0.49 -13.03 42.99
N HIS A 3418 -1.72 -12.87 42.49
CA HIS A 3418 -2.57 -14.01 42.17
C HIS A 3418 -3.06 -13.93 40.73
N LEU A 3419 -3.20 -12.71 40.20
CA LEU A 3419 -3.66 -12.53 38.83
C LEU A 3419 -2.69 -13.15 37.84
N SER A 3420 -1.38 -13.00 38.09
CA SER A 3420 -0.34 -13.54 37.23
C SER A 3420 -0.66 -14.97 36.81
N LEU A 3421 -0.22 -15.95 37.64
CA LEU A 3421 -0.46 -17.37 37.42
C LEU A 3421 -1.95 -17.66 37.29
N PHE A 3422 -2.78 -16.95 38.03
CA PHE A 3422 -4.06 -16.63 37.43
C PHE A 3422 -3.73 -15.89 36.13
N HIS A 3423 -2.74 -16.43 35.38
CA HIS A 3423 -2.05 -16.04 34.13
C HIS A 3423 -3.09 -15.76 33.11
N HIS A 3424 -4.17 -15.29 33.67
CA HIS A 3424 -5.48 -15.82 33.27
C HIS A 3424 -5.47 -17.36 33.40
N GLN A 3425 -4.70 -17.92 34.35
CA GLN A 3425 -4.62 -19.35 34.58
C GLN A 3425 -4.20 -20.10 33.30
N LYS A 3426 -3.23 -19.53 32.60
CA LYS A 3426 -2.71 -20.10 31.35
C LYS A 3426 -3.82 -20.32 30.33
N PHE A 3427 -4.65 -19.29 30.16
CA PHE A 3427 -5.78 -19.29 29.23
C PHE A 3427 -6.72 -20.46 29.53
N GLU A 3428 -7.47 -20.30 30.62
CA GLU A 3428 -8.41 -21.31 31.05
C GLU A 3428 -9.68 -21.26 30.20
N ASP A 3429 -10.44 -22.35 30.23
CA ASP A 3429 -11.69 -22.46 29.47
C ASP A 3429 -12.86 -22.02 30.36
N ILE A 3430 -12.93 -20.70 30.57
CA ILE A 3430 -13.97 -20.10 31.38
C ILE A 3430 -14.38 -18.77 30.75
N GLU A 3431 -15.63 -18.41 30.94
CA GLU A 3431 -16.15 -17.16 30.39
C GLU A 3431 -15.82 -15.99 31.32
N ILE A 3432 -16.12 -14.79 30.85
CA ILE A 3432 -15.87 -13.57 31.61
C ILE A 3432 -16.97 -13.39 32.64
N PRO A 3433 -16.73 -12.65 33.72
CA PRO A 3433 -17.77 -12.45 34.74
C PRO A 3433 -18.73 -11.35 34.33
N GLY A 3434 -20.01 -11.72 34.16
CA GLY A 3434 -21.01 -10.76 33.76
C GLY A 3434 -21.70 -11.12 32.46
N GLN A 3435 -20.92 -11.60 31.49
CA GLN A 3435 -21.45 -11.99 30.19
C GLN A 3435 -21.55 -13.51 30.05
N TYR A 3436 -22.01 -14.19 31.10
CA TYR A 3436 -22.16 -15.65 31.09
C TYR A 3436 -23.49 -15.98 31.76
N LEU A 3437 -24.53 -16.11 30.94
CA LEU A 3437 -25.88 -16.44 31.42
C LEU A 3437 -26.46 -17.55 30.56
N LEU A 3438 -27.63 -18.03 30.99
CA LEU A 3438 -28.31 -19.10 30.28
C LEU A 3438 -29.25 -18.60 29.20
N HIS A 3439 -29.68 -17.34 29.27
CA HIS A 3439 -30.58 -16.75 28.28
C HIS A 3439 -29.94 -15.61 27.52
N LYS A 3440 -29.39 -14.62 28.21
CA LYS A 3440 -28.76 -13.48 27.56
C LYS A 3440 -27.34 -13.86 27.13
N ASP A 3441 -27.05 -13.66 25.83
CA ASP A 3441 -25.74 -13.97 25.25
C ASP A 3441 -25.36 -15.43 25.48
N ASN A 3442 -26.30 -16.32 25.16
CA ASN A 3442 -26.10 -17.75 25.32
C ASN A 3442 -25.66 -18.37 23.99
N ASN A 3443 -24.76 -19.34 24.07
CA ASN A 3443 -24.22 -20.04 22.90
C ASN A 3443 -23.60 -19.05 21.91
N ASN A 3444 -22.75 -18.18 22.44
CA ASN A 3444 -22.06 -17.19 21.61
C ASN A 3444 -20.56 -17.38 21.67
N HIS A 3445 -19.80 -16.30 21.48
CA HIS A 3445 -18.34 -16.35 21.50
C HIS A 3445 -17.87 -16.26 22.94
N PHE A 3446 -17.90 -17.41 23.62
CA PHE A 3446 -17.48 -17.50 25.01
C PHE A 3446 -15.98 -17.78 25.05
N ILE A 3447 -15.20 -16.73 25.32
CA ILE A 3447 -13.75 -16.86 25.38
C ILE A 3447 -13.27 -16.47 26.77
N LYS A 3448 -11.96 -16.49 26.98
CA LYS A 3448 -11.36 -16.15 28.26
C LYS A 3448 -11.01 -14.66 28.30
N ILE A 3449 -10.83 -14.15 29.51
CA ILE A 3449 -10.48 -12.76 29.75
C ILE A 3449 -9.03 -12.69 30.19
N GLU A 3450 -8.26 -11.80 29.57
CA GLU A 3450 -6.85 -11.63 29.90
C GLU A 3450 -6.62 -10.67 31.06
N ARG A 3451 -7.66 -10.01 31.54
CA ARG A 3451 -7.58 -9.05 32.67
C ARG A 3451 -6.61 -7.94 32.26
N PHE A 3452 -5.77 -7.45 33.16
CA PHE A 3452 -4.82 -6.40 32.84
C PHE A 3452 -3.56 -6.52 33.68
N LEU A 3453 -3.05 -5.39 34.18
CA LEU A 3453 -1.85 -5.38 35.00
C LEU A 3453 -2.22 -5.50 36.47
N PRO A 3454 -1.60 -4.72 37.35
CA PRO A 3454 -1.93 -4.79 38.77
C PRO A 3454 -2.14 -3.44 39.40
N THR A 3455 -2.05 -2.38 38.60
CA THR A 3455 -2.24 -1.01 39.07
C THR A 3455 -3.73 -0.71 39.13
N LEU A 3456 -4.35 -1.10 40.24
CA LEU A 3456 -5.77 -0.90 40.47
C LEU A 3456 -5.97 0.33 41.34
N ASP A 3457 -6.71 1.30 40.82
CA ASP A 3457 -6.99 2.54 41.54
C ASP A 3457 -8.40 2.53 42.10
N LEU A 3458 -8.58 3.21 43.22
CA LEU A 3458 -9.89 3.28 43.86
C LEU A 3458 -10.75 4.35 43.21
N VAL A 3459 -12.06 4.24 43.43
CA VAL A 3459 -13.02 5.19 42.87
C VAL A 3459 -13.10 6.42 43.77
N ARG A 3460 -12.32 7.45 43.46
CA ARG A 3460 -12.26 8.69 44.22
C ARG A 3460 -11.95 8.43 45.68
N GLY A 3461 -12.98 8.31 46.51
CA GLY A 3461 -12.79 8.06 47.93
C GLY A 3461 -14.01 8.41 48.77
N SER A 3462 -15.00 7.51 48.79
CA SER A 3462 -16.21 7.74 49.55
C SER A 3462 -16.12 7.06 50.91
N ASN A 3463 -17.24 6.50 51.38
CA ASN A 3463 -17.27 5.82 52.67
C ASN A 3463 -16.61 4.45 52.64
N GLY A 3464 -16.51 3.83 51.45
CA GLY A 3464 -15.90 2.52 51.33
C GLY A 3464 -14.89 2.49 50.21
N CYS A 3465 -13.91 1.61 50.37
CA CYS A 3465 -12.84 1.44 49.38
C CYS A 3465 -13.39 0.64 48.21
N TYR A 3466 -13.74 1.33 47.12
CA TYR A 3466 -14.28 0.70 45.92
C TYR A 3466 -13.11 0.26 45.05
N LYS A 3467 -12.75 -1.02 45.13
CA LYS A 3467 -11.65 -1.57 44.34
C LYS A 3467 -12.14 -1.81 42.92
N ARG A 3468 -11.84 -0.86 42.03
CA ARG A 3468 -12.25 -0.95 40.63
C ARG A 3468 -11.16 -1.69 39.86
N MET A 3469 -11.42 -2.95 39.52
CA MET A 3469 -10.46 -3.76 38.79
C MET A 3469 -10.58 -3.50 37.29
N THR A 3470 -9.74 -4.15 36.51
CA THR A 3470 -9.73 -4.02 35.06
C THR A 3470 -9.74 -5.40 34.43
N ILE A 3471 -10.69 -5.63 33.53
CA ILE A 3471 -10.81 -6.91 32.84
C ILE A 3471 -10.61 -6.71 31.35
N ARG A 3472 -9.35 -6.59 30.92
CA ARG A 3472 -9.04 -6.39 29.51
C ARG A 3472 -9.16 -7.70 28.75
N GLY A 3473 -10.02 -7.73 27.74
CA GLY A 3473 -10.21 -8.92 26.95
C GLY A 3473 -9.86 -8.73 25.48
N ASN A 3474 -8.72 -9.27 25.06
CA ASN A 3474 -8.28 -9.12 23.67
C ASN A 3474 -9.18 -9.85 22.69
N ASP A 3475 -9.93 -10.86 23.16
CA ASP A 3475 -10.85 -11.61 22.30
C ASP A 3475 -12.22 -10.94 22.21
N GLY A 3476 -12.32 -9.66 22.50
CA GLY A 3476 -13.59 -8.96 22.45
C GLY A 3476 -14.26 -8.84 23.81
N SER A 3477 -13.48 -8.54 24.83
CA SER A 3477 -14.01 -8.41 26.19
C SER A 3477 -13.22 -7.37 26.97
N LEU A 3478 -12.93 -6.24 26.34
CA LEU A 3478 -12.18 -5.17 26.99
C LEU A 3478 -13.13 -4.36 27.87
N HIS A 3479 -13.09 -4.62 29.17
CA HIS A 3479 -13.96 -3.93 30.11
C HIS A 3479 -13.30 -3.84 31.48
N PRO A 3480 -14.07 -3.65 32.55
CA PRO A 3480 -13.47 -3.57 33.89
C PRO A 3480 -14.36 -4.16 34.96
N PHE A 3481 -13.97 -4.00 36.23
CA PHE A 3481 -14.73 -4.52 37.35
C PHE A 3481 -14.72 -3.49 38.48
N ALA A 3482 -15.47 -3.79 39.54
CA ALA A 3482 -15.55 -2.91 40.69
C ALA A 3482 -15.81 -3.75 41.93
N VAL A 3483 -15.62 -3.13 43.09
CA VAL A 3483 -15.82 -3.79 44.38
C VAL A 3483 -16.22 -2.73 45.40
N GLN A 3484 -17.32 -2.98 46.09
CA GLN A 3484 -17.84 -2.06 47.10
C GLN A 3484 -17.50 -2.54 48.51
N PHE A 3485 -16.24 -2.94 48.72
CA PHE A 3485 -15.75 -3.43 49.99
C PHE A 3485 -16.57 -4.62 50.48
N PRO A 3486 -16.92 -4.66 51.76
CA PRO A 3486 -17.73 -5.79 52.27
C PRO A 3486 -18.72 -5.36 53.34
N ALA A 3487 -19.78 -4.68 52.93
CA ALA A 3487 -20.80 -4.20 53.86
C ALA A 3487 -22.13 -4.12 53.13
N ALA A 3488 -23.20 -4.47 53.84
CA ALA A 3488 -24.55 -4.43 53.27
C ALA A 3488 -25.54 -4.19 54.39
N ARG A 3489 -26.79 -3.90 53.98
CA ARG A 3489 -27.85 -3.64 54.96
C ARG A 3489 -28.36 -4.95 55.57
N HIS A 3490 -29.10 -5.73 54.79
CA HIS A 3490 -29.65 -7.01 55.24
C HIS A 3490 -28.75 -8.18 54.88
N CYS A 3491 -27.43 -7.97 54.83
CA CYS A 3491 -26.44 -9.01 54.50
C CYS A 3491 -26.78 -9.57 53.12
N ARG A 3492 -26.55 -10.88 52.92
CA ARG A 3492 -26.81 -11.50 51.63
C ARG A 3492 -28.27 -11.40 51.24
N ARG A 3493 -29.18 -11.40 52.22
CA ARG A 3493 -30.60 -11.23 51.93
C ARG A 3493 -30.87 -9.90 51.26
N GLU A 3494 -30.07 -8.88 51.55
CA GLU A 3494 -30.21 -7.60 50.87
C GLU A 3494 -30.01 -7.73 49.37
N GLU A 3495 -29.16 -8.67 48.95
CA GLU A 3495 -28.98 -8.92 47.52
C GLU A 3495 -30.27 -9.38 46.87
N ARG A 3496 -31.16 -10.01 47.64
CA ARG A 3496 -32.46 -10.39 47.11
C ARG A 3496 -33.25 -9.17 46.64
N ILE A 3497 -33.02 -8.01 47.26
CA ILE A 3497 -33.66 -6.78 46.80
C ILE A 3497 -33.26 -6.46 45.37
N PHE A 3498 -32.02 -6.80 44.99
CA PHE A 3498 -31.60 -6.60 43.61
C PHE A 3498 -32.44 -7.44 42.65
N GLN A 3499 -32.98 -8.56 43.12
CA GLN A 3499 -33.87 -9.36 42.29
C GLN A 3499 -35.10 -8.58 41.87
N LEU A 3500 -35.50 -7.58 42.68
CA LEU A 3500 -36.61 -6.72 42.28
C LEU A 3500 -36.31 -5.98 40.99
N PHE A 3501 -35.03 -5.63 40.76
CA PHE A 3501 -34.65 -5.01 39.50
C PHE A 3501 -34.93 -5.93 38.32
N ARG A 3502 -34.86 -7.24 38.54
CA ARG A 3502 -35.19 -8.19 37.47
C ARG A 3502 -36.65 -8.04 37.03
N ILE A 3503 -37.51 -7.53 37.92
CA ILE A 3503 -38.90 -7.26 37.53
C ILE A 3503 -38.95 -6.24 36.41
N PHE A 3504 -37.99 -5.31 36.37
CA PHE A 3504 -37.93 -4.36 35.27
C PHE A 3504 -37.73 -5.07 33.93
N ASP A 3505 -37.02 -6.21 33.95
CA ASP A 3505 -36.86 -6.99 32.73
C ASP A 3505 -38.20 -7.47 32.19
N ASP A 3506 -39.19 -7.63 33.08
CA ASP A 3506 -40.54 -8.00 32.61
C ASP A 3506 -41.11 -6.94 31.70
N ALA A 3507 -40.71 -5.68 31.87
CA ALA A 3507 -41.14 -4.63 30.95
C ALA A 3507 -40.70 -4.91 29.53
N LEU A 3508 -39.55 -5.59 29.35
CA LEU A 3508 -39.11 -5.97 28.03
C LEU A 3508 -40.08 -6.92 27.35
N SER A 3509 -40.90 -7.65 28.13
CA SER A 3509 -41.92 -8.52 27.58
C SER A 3509 -43.24 -7.80 27.31
N ARG A 3510 -43.30 -6.49 27.57
CA ARG A 3510 -44.50 -5.69 27.35
C ARG A 3510 -44.07 -4.25 27.03
N LYS A 3511 -43.45 -4.09 25.85
CA LYS A 3511 -42.98 -2.78 25.40
C LYS A 3511 -43.00 -2.79 23.87
N VAL A 3512 -44.20 -2.56 23.30
CA VAL A 3512 -44.34 -2.54 21.86
C VAL A 3512 -43.82 -1.23 21.27
N GLN A 3513 -43.85 -0.14 22.06
CA GLN A 3513 -43.38 1.15 21.60
C GLN A 3513 -42.43 1.85 22.56
N SER A 3514 -42.42 1.48 23.85
CA SER A 3514 -41.52 2.14 24.79
C SER A 3514 -40.08 1.66 24.62
N ARG A 3515 -39.90 0.43 24.14
CA ARG A 3515 -38.55 -0.09 23.95
C ARG A 3515 -37.88 0.54 22.74
N ARG A 3516 -38.64 0.86 21.70
CA ARG A 3516 -38.10 1.47 20.49
C ARG A 3516 -38.11 2.99 20.54
N ARG A 3517 -39.04 3.58 21.31
CA ARG A 3517 -39.13 5.02 21.42
C ARG A 3517 -38.36 5.59 22.60
N ASN A 3518 -38.09 4.77 23.63
CA ASN A 3518 -37.35 5.20 24.81
C ASN A 3518 -35.93 4.65 24.85
N ILE A 3519 -35.43 4.14 23.72
CA ILE A 3519 -34.09 3.59 23.62
C ILE A 3519 -33.90 2.47 24.65
N SER A 3520 -34.89 1.59 24.75
CA SER A 3520 -34.88 0.45 25.69
C SER A 3520 -34.75 1.02 27.10
N LEU A 3521 -33.89 0.46 27.94
CA LEU A 3521 -33.71 0.93 29.30
C LEU A 3521 -32.28 0.66 29.73
N THR A 3522 -31.89 1.28 30.85
CA THR A 3522 -30.55 1.13 31.38
C THR A 3522 -30.46 -0.15 32.21
N LEU A 3523 -29.44 -0.96 31.94
CA LEU A 3523 -29.23 -2.21 32.65
C LEU A 3523 -27.74 -2.53 32.65
N PRO A 3524 -27.22 -3.15 33.70
CA PRO A 3524 -25.79 -3.49 33.73
C PRO A 3524 -25.53 -4.91 34.15
N ILE A 3525 -24.26 -5.26 34.37
CA ILE A 3525 -23.86 -6.59 34.77
C ILE A 3525 -23.11 -6.47 36.10
N ALA A 3526 -23.71 -6.98 37.17
CA ALA A 3526 -23.12 -6.93 38.50
C ALA A 3526 -23.13 -8.34 39.09
N VAL A 3527 -21.95 -8.96 39.15
CA VAL A 3527 -21.79 -10.31 39.67
C VAL A 3527 -21.40 -10.20 41.14
N PRO A 3528 -22.30 -10.43 42.09
CA PRO A 3528 -21.93 -10.33 43.51
C PRO A 3528 -21.22 -11.59 43.98
N LEU A 3529 -20.12 -11.39 44.71
CA LEU A 3529 -19.32 -12.49 45.23
C LEU A 3529 -19.48 -12.59 46.74
N SER A 3530 -19.41 -13.82 47.24
CA SER A 3530 -19.55 -14.13 48.66
C SER A 3530 -20.87 -13.61 49.21
N PRO A 3531 -20.88 -13.06 50.42
CA PRO A 3531 -22.14 -12.54 50.97
C PRO A 3531 -22.10 -11.04 51.19
N HIS A 3532 -20.99 -10.41 50.79
CA HIS A 3532 -20.88 -8.96 50.96
C HIS A 3532 -20.12 -8.29 49.82
N ILE A 3533 -19.66 -9.03 48.80
CA ILE A 3533 -18.93 -8.46 47.69
C ILE A 3533 -19.87 -8.29 46.50
N ARG A 3534 -19.62 -7.26 45.72
CA ARG A 3534 -20.43 -6.94 44.54
C ARG A 3534 -19.53 -6.53 43.40
N ILE A 3535 -19.74 -7.13 42.23
CA ILE A 3535 -18.94 -6.83 41.05
C ILE A 3535 -19.74 -5.97 40.10
N LEU A 3536 -19.68 -4.66 40.26
CA LEU A 3536 -20.40 -3.73 39.41
C LEU A 3536 -19.60 -3.42 38.15
N ASN A 3537 -20.29 -2.92 37.14
CA ASN A 3537 -19.69 -2.58 35.87
C ASN A 3537 -19.60 -1.05 35.75
N ASP A 3538 -18.39 -0.54 35.57
CA ASP A 3538 -18.13 0.89 35.46
C ASP A 3538 -17.55 1.16 34.07
N ASP A 3539 -18.34 1.83 33.23
CA ASP A 3539 -17.87 2.14 31.87
C ASP A 3539 -17.03 3.40 31.85
N LYS A 3540 -17.39 4.41 32.66
CA LYS A 3540 -16.65 5.67 32.74
C LYS A 3540 -16.67 6.13 34.20
N ARG A 3541 -15.85 5.48 35.01
CA ARG A 3541 -15.72 5.77 36.45
C ARG A 3541 -17.10 5.57 37.10
N TYR A 3542 -17.37 6.34 38.15
CA TYR A 3542 -18.65 6.25 38.85
C TYR A 3542 -18.90 7.55 39.60
N THR A 3543 -20.09 8.12 39.42
CA THR A 3543 -20.45 9.36 40.09
C THR A 3543 -21.97 9.39 40.27
N THR A 3544 -22.40 9.83 41.45
CA THR A 3544 -23.83 9.90 41.75
C THR A 3544 -24.26 11.35 41.97
N LEU A 3545 -25.22 11.57 42.86
CA LEU A 3545 -25.73 12.90 43.14
C LEU A 3545 -24.96 13.56 44.29
N MET A 3546 -24.75 12.82 45.39
CA MET A 3546 -24.03 13.38 46.53
C MET A 3546 -22.54 13.46 46.28
N GLY A 3547 -21.98 12.55 45.48
CA GLY A 3547 -20.55 12.59 45.21
C GLY A 3547 -20.18 13.71 44.24
N ILE A 3548 -20.93 13.83 43.15
CA ILE A 3548 -20.65 14.88 42.18
C ILE A 3548 -21.13 16.23 42.67
N TYR A 3549 -22.23 16.27 43.42
CA TYR A 3549 -22.75 17.54 43.93
C TYR A 3549 -21.92 18.04 45.11
N GLU A 3550 -21.58 17.15 46.05
CA GLU A 3550 -20.78 17.56 47.19
C GLU A 3550 -19.32 17.75 46.83
N GLU A 3551 -18.78 16.89 45.96
CA GLU A 3551 -17.39 17.03 45.55
C GLU A 3551 -17.19 18.17 44.57
N PHE A 3552 -18.12 18.34 43.63
CA PHE A 3552 -18.00 19.43 42.66
C PHE A 3552 -18.42 20.77 43.24
N CYS A 3553 -19.35 20.78 44.20
CA CYS A 3553 -19.80 22.01 44.81
C CYS A 3553 -18.96 22.43 46.01
N ARG A 3554 -18.28 21.48 46.66
CA ARG A 3554 -17.45 21.76 47.81
C ARG A 3554 -15.99 21.98 47.45
N ARG A 3555 -15.67 22.08 46.16
CA ARG A 3555 -14.29 22.29 45.73
C ARG A 3555 -14.03 23.76 45.45
N LYS A 3556 -13.28 24.05 44.39
CA LYS A 3556 -12.94 25.41 44.00
C LYS A 3556 -12.25 26.16 45.13
N GLY A 3557 -13.03 26.85 45.95
CA GLY A 3557 -12.50 27.61 47.07
C GLY A 3557 -12.34 26.76 48.32
N GLN A 3558 -12.15 27.43 49.44
CA GLN A 3558 -11.98 26.78 50.73
C GLN A 3558 -13.35 26.35 51.25
N SER A 3559 -13.70 25.09 51.00
CA SER A 3559 -14.98 24.55 51.43
C SER A 3559 -14.81 23.09 51.78
N ARG A 3560 -15.50 22.66 52.84
CA ARG A 3560 -15.43 21.27 53.29
C ARG A 3560 -16.73 20.84 53.95
N ASP A 3561 -17.16 21.58 54.97
CA ASP A 3561 -18.40 21.29 55.71
C ASP A 3561 -19.16 22.62 55.87
N GLU A 3562 -19.83 23.03 54.80
CA GLU A 3562 -20.60 24.27 54.82
C GLU A 3562 -22.06 23.99 54.52
N PRO A 3563 -22.73 24.84 53.70
CA PRO A 3563 -24.14 24.63 53.35
C PRO A 3563 -25.03 24.37 54.55
N PHE A 3564 -25.21 23.10 54.91
CA PHE A 3564 -26.06 22.76 56.05
C PHE A 3564 -25.37 23.05 57.38
N ALA A 3565 -24.05 22.85 57.45
CA ALA A 3565 -23.33 23.09 58.69
C ALA A 3565 -23.14 24.60 58.93
N TYR A 3566 -22.77 25.35 57.89
CA TYR A 3566 -22.57 26.77 58.04
C TYR A 3566 -23.90 27.53 58.13
N THR A 3567 -24.91 27.09 57.37
CA THR A 3567 -26.21 27.75 57.41
C THR A 3567 -26.99 27.37 58.66
N ILE A 3568 -26.91 26.11 59.09
CA ILE A 3568 -27.62 25.68 60.28
C ILE A 3568 -26.90 26.15 61.53
N GLN A 3569 -25.58 26.17 61.51
CA GLN A 3569 -24.82 26.62 62.67
C GLN A 3569 -24.83 28.13 62.81
N LYS A 3570 -24.73 28.85 61.69
CA LYS A 3570 -24.75 30.31 61.74
C LYS A 3570 -26.17 30.84 61.94
N LEU A 3571 -27.15 30.23 61.29
CA LEU A 3571 -28.53 30.67 61.44
C LEU A 3571 -29.13 30.23 62.77
N ARG A 3572 -28.75 29.04 63.25
CA ARG A 3572 -29.27 28.53 64.51
C ARG A 3572 -28.46 29.02 65.71
N ALA A 3573 -27.23 29.49 65.49
CA ALA A 3573 -26.39 29.99 66.57
C ALA A 3573 -26.16 31.49 66.50
N ALA A 3574 -26.76 32.18 65.53
CA ALA A 3574 -26.58 33.63 65.41
C ALA A 3574 -27.38 34.40 66.44
N PHE A 3575 -28.46 33.82 66.96
CA PHE A 3575 -29.30 34.48 67.96
C PHE A 3575 -28.93 33.97 69.36
N ASP A 3576 -29.73 34.35 70.34
CA ASP A 3576 -29.48 33.94 71.72
C ASP A 3576 -30.04 32.54 71.95
N PRO A 3577 -29.23 31.58 72.38
CA PRO A 3577 -29.76 30.23 72.61
C PRO A 3577 -30.50 30.11 73.93
N ARG A 3578 -31.84 30.12 73.86
CA ARG A 3578 -32.66 30.03 75.06
C ARG A 3578 -34.01 29.35 74.82
N LEU A 3579 -34.81 29.77 73.82
CA LEU A 3579 -34.54 30.86 72.88
C LEU A 3579 -35.33 32.12 73.27
N PRO A 3580 -36.13 32.02 74.34
CA PRO A 3580 -36.92 33.16 74.82
C PRO A 3580 -37.73 33.85 73.72
N LYS A 3581 -38.90 33.33 73.39
CA LYS A 3581 -39.44 32.14 74.06
C LYS A 3581 -39.99 31.15 73.04
N PRO A 3582 -40.17 31.60 71.80
CA PRO A 3582 -40.72 30.71 70.77
C PRO A 3582 -40.11 30.87 69.37
N ASP A 3583 -39.94 32.07 68.81
CA ASP A 3583 -40.24 33.37 69.42
C ASP A 3583 -41.58 34.00 68.96
N ILE A 3584 -41.89 34.09 67.67
CA ILE A 3584 -41.12 33.58 66.53
C ILE A 3584 -40.35 34.75 65.88
N VAL A 3585 -39.18 34.57 65.24
CA VAL A 3585 -38.42 33.31 65.01
C VAL A 3585 -39.18 32.25 64.23
N SER A 3586 -39.63 32.61 63.03
CA SER A 3586 -40.37 31.72 62.15
C SER A 3586 -39.62 31.53 60.85
N VAL A 3587 -39.48 30.29 60.40
CA VAL A 3587 -40.02 29.14 61.12
C VAL A 3587 -38.98 28.01 61.30
N ARG A 3588 -38.35 27.40 60.27
CA ARG A 3588 -38.53 27.46 58.80
C ARG A 3588 -38.77 28.82 58.14
N ALA A 3589 -39.74 28.87 57.22
CA ALA A 3589 -40.14 30.09 56.55
C ALA A 3589 -38.96 30.87 56.00
N GLU A 3590 -38.77 32.11 56.49
CA GLU A 3590 -37.65 32.92 56.05
C GLU A 3590 -36.32 32.32 56.50
N VAL A 3591 -36.29 31.68 57.66
CA VAL A 3591 -35.07 31.02 58.12
C VAL A 3591 -34.77 29.80 57.25
N LEU A 3592 -35.82 29.15 56.72
CA LEU A 3592 -35.60 28.04 55.80
C LEU A 3592 -35.10 28.53 54.44
N ALA A 3593 -35.67 29.64 53.96
CA ALA A 3593 -35.25 30.17 52.66
C ALA A 3593 -33.86 30.80 52.74
N SER A 3594 -33.45 31.26 53.92
CA SER A 3594 -32.13 31.86 54.09
C SER A 3594 -31.08 30.87 54.57
N ILE A 3595 -31.49 29.72 55.10
CA ILE A 3595 -30.57 28.70 55.59
C ILE A 3595 -30.76 27.38 54.84
N GLN A 3596 -31.37 27.43 53.66
CA GLN A 3596 -31.61 26.22 52.88
C GLN A 3596 -31.53 26.52 51.38
N SER A 3597 -32.10 27.65 50.97
CA SER A 3597 -32.11 28.07 49.57
C SER A 3597 -31.00 29.07 49.26
N THR A 3598 -29.86 28.96 49.94
CA THR A 3598 -28.73 29.86 49.73
C THR A 3598 -27.90 29.33 48.56
N LEU A 3599 -28.39 29.58 47.36
CA LEU A 3599 -27.75 29.14 46.09
C LEU A 3599 -27.63 27.62 46.14
N VAL A 3600 -26.55 27.05 45.60
CA VAL A 3600 -26.31 25.61 45.59
C VAL A 3600 -27.47 24.91 44.89
N PRO A 3601 -28.00 25.47 43.79
CA PRO A 3601 -29.12 24.81 43.11
C PRO A 3601 -29.11 25.05 41.61
N SER A 3602 -29.53 26.25 41.19
CA SER A 3602 -29.54 26.58 39.78
C SER A 3602 -28.16 26.89 39.24
N THR A 3603 -27.24 27.36 40.10
CA THR A 3603 -25.90 27.68 39.64
C THR A 3603 -25.05 26.41 39.45
N LEU A 3604 -25.25 25.41 40.30
CA LEU A 3604 -24.48 24.18 40.17
C LEU A 3604 -25.01 23.30 39.04
N LEU A 3605 -26.34 23.19 38.92
CA LEU A 3605 -26.91 22.39 37.85
C LEU A 3605 -26.83 23.10 36.50
N LYS A 3606 -27.06 24.41 36.48
CA LYS A 3606 -26.99 25.16 35.23
C LYS A 3606 -25.55 25.37 34.78
N ASP A 3607 -24.64 25.66 35.72
CA ASP A 3607 -23.25 25.86 35.37
C ASP A 3607 -22.54 24.55 35.07
N TYR A 3608 -22.89 23.49 35.80
CA TYR A 3608 -22.26 22.19 35.57
C TYR A 3608 -22.82 21.51 34.33
N TYR A 3609 -24.14 21.56 34.15
CA TYR A 3609 -24.75 20.93 32.98
C TYR A 3609 -24.52 21.75 31.72
N THR A 3610 -24.54 23.08 31.83
CA THR A 3610 -24.30 23.92 30.66
C THR A 3610 -22.82 24.01 30.31
N GLU A 3611 -21.95 24.05 31.33
CA GLU A 3611 -20.52 24.13 31.09
C GLU A 3611 -19.89 22.78 30.78
N LYS A 3612 -20.55 21.69 31.17
CA LYS A 3612 -20.01 20.35 30.91
C LYS A 3612 -20.19 19.93 29.46
N PHE A 3613 -21.10 20.55 28.72
CA PHE A 3613 -21.34 20.23 27.33
C PHE A 3613 -20.57 21.18 26.42
N SER A 3614 -20.16 20.65 25.26
CA SER A 3614 -19.42 21.44 24.29
C SER A 3614 -19.98 21.38 22.87
N ASN A 3615 -20.93 20.50 22.60
CA ASN A 3615 -21.52 20.38 21.27
C ASN A 3615 -22.96 19.90 21.43
N TYR A 3616 -23.58 19.55 20.29
CA TYR A 3616 -24.97 19.08 20.31
C TYR A 3616 -25.09 17.65 20.83
N GLU A 3617 -24.04 16.83 20.69
CA GLU A 3617 -24.10 15.46 21.16
C GLU A 3617 -24.06 15.40 22.69
N ASN A 3618 -23.30 16.29 23.31
CA ASN A 3618 -23.21 16.31 24.77
C ASN A 3618 -24.47 16.89 25.40
N TYR A 3619 -25.07 17.91 24.78
CA TYR A 3619 -26.28 18.51 25.31
C TYR A 3619 -27.50 17.62 25.06
N TRP A 3620 -27.60 17.05 23.85
CA TRP A 3620 -28.73 16.19 23.54
C TRP A 3620 -28.61 14.85 24.26
N LEU A 3621 -27.41 14.28 24.31
CA LEU A 3621 -27.22 13.01 25.00
C LEU A 3621 -27.29 13.18 26.51
N PHE A 3622 -26.81 14.30 27.04
CA PHE A 3622 -26.87 14.54 28.48
C PHE A 3622 -28.28 14.90 28.93
N ARG A 3623 -29.01 15.66 28.12
CA ARG A 3623 -30.38 16.03 28.48
C ARG A 3623 -31.34 14.86 28.29
N LYS A 3624 -31.21 14.12 27.19
CA LYS A 3624 -32.08 12.98 26.95
C LYS A 3624 -31.74 11.82 27.88
N GLN A 3625 -30.44 11.59 28.13
CA GLN A 3625 -30.05 10.51 29.03
C GLN A 3625 -30.32 10.85 30.48
N PHE A 3626 -30.20 12.13 30.85
CA PHE A 3626 -30.49 12.54 32.22
C PHE A 3626 -31.98 12.59 32.50
N THR A 3627 -32.76 13.06 31.53
CA THR A 3627 -34.21 13.13 31.71
C THR A 3627 -34.84 11.75 31.63
N ALA A 3628 -34.40 10.93 30.67
CA ALA A 3628 -34.96 9.59 30.55
C ALA A 3628 -34.46 8.68 31.67
N GLN A 3629 -33.21 8.83 32.07
CA GLN A 3629 -32.68 8.02 33.16
C GLN A 3629 -33.23 8.44 34.52
N TYR A 3630 -33.45 9.75 34.70
CA TYR A 3630 -34.00 10.22 35.97
C TYR A 3630 -35.50 9.95 36.07
N ALA A 3631 -36.23 10.09 34.97
CA ALA A 3631 -37.66 9.83 34.98
C ALA A 3631 -37.95 8.34 35.04
N SER A 3632 -37.20 7.54 34.26
CA SER A 3632 -37.42 6.10 34.27
C SER A 3632 -36.88 5.46 35.54
N PHE A 3633 -35.77 6.00 36.07
CA PHE A 3633 -35.20 5.45 37.30
C PHE A 3633 -35.99 5.89 38.52
N ILE A 3634 -36.52 7.11 38.52
CA ILE A 3634 -37.30 7.59 39.65
C ILE A 3634 -38.70 6.99 39.64
N PHE A 3635 -39.33 6.91 38.46
CA PHE A 3635 -40.66 6.33 38.37
C PHE A 3635 -40.63 4.82 38.49
N MET A 3636 -39.57 4.18 38.02
CA MET A 3636 -39.44 2.73 38.11
C MET A 3636 -38.83 2.26 39.42
N THR A 3637 -38.15 3.14 40.15
CA THR A 3637 -37.53 2.80 41.41
C THR A 3637 -38.23 3.40 42.62
N TYR A 3638 -39.23 4.26 42.40
CA TYR A 3638 -39.96 4.90 43.50
C TYR A 3638 -41.22 4.13 43.88
N ILE A 3639 -41.14 2.79 43.92
CA ILE A 3639 -42.29 1.97 44.28
C ILE A 3639 -41.81 0.73 45.03
N MET A 3640 -42.75 -0.11 45.45
CA MET A 3640 -42.45 -1.34 46.18
C MET A 3640 -41.64 -1.05 47.45
N CYS A 3641 -42.09 -0.03 48.19
CA CYS A 3641 -41.45 0.39 49.44
C CYS A 3641 -39.98 0.74 49.21
N ILE A 3642 -39.76 1.72 48.34
CA ILE A 3642 -38.41 2.17 48.01
C ILE A 3642 -38.46 3.64 47.59
N ASN A 3643 -39.51 4.34 48.02
CA ASN A 3643 -39.67 5.77 47.69
C ASN A 3643 -38.90 6.60 48.72
N SER A 3644 -37.60 6.74 48.47
CA SER A 3644 -36.71 7.49 49.33
C SER A 3644 -36.38 8.82 48.67
N ARG A 3645 -36.68 9.92 49.36
CA ARG A 3645 -36.43 11.26 48.85
C ARG A 3645 -35.03 11.76 49.17
N GLN A 3646 -34.24 11.01 49.93
CA GLN A 3646 -32.89 11.42 50.28
C GLN A 3646 -31.89 10.81 49.31
N PRO A 3647 -30.62 10.71 49.68
CA PRO A 3647 -29.62 10.14 48.77
C PRO A 3647 -29.44 8.64 48.98
N GLN A 3648 -28.33 8.10 48.48
CA GLN A 3648 -28.01 6.67 48.61
C GLN A 3648 -29.12 5.81 48.02
N LYS A 3649 -29.53 6.13 46.79
CA LYS A 3649 -30.57 5.39 46.12
C LYS A 3649 -30.30 5.30 44.62
N ILE A 3650 -30.90 6.19 43.84
CA ILE A 3650 -30.72 6.21 42.38
C ILE A 3650 -29.39 6.91 42.10
N HIS A 3651 -28.35 6.13 41.83
CA HIS A 3651 -27.02 6.67 41.56
C HIS A 3651 -26.82 6.80 40.04
N ILE A 3652 -25.66 7.33 39.67
CA ILE A 3652 -25.32 7.53 38.26
C ILE A 3652 -23.84 7.25 38.06
N ASN A 3653 -23.32 7.63 36.89
CA ASN A 3653 -21.91 7.42 36.59
C ASN A 3653 -21.24 8.73 36.20
N GLU A 3654 -20.97 8.91 34.91
CA GLU A 3654 -20.33 10.14 34.42
C GLU A 3654 -20.70 10.39 32.97
N GLY A 3655 -20.13 9.60 32.06
CA GLY A 3655 -20.42 9.77 30.65
C GLY A 3655 -21.77 9.22 30.23
N SER A 3656 -22.26 8.18 30.92
CA SER A 3656 -23.55 7.57 30.61
C SER A 3656 -24.64 8.05 31.57
N GLY A 3657 -24.44 7.83 32.87
CA GLY A 3657 -25.43 8.25 33.85
C GLY A 3657 -26.12 7.08 34.53
N ASN A 3658 -27.33 6.77 34.08
CA ASN A 3658 -28.14 5.68 34.62
C ASN A 3658 -28.39 5.94 36.11
N ILE A 3659 -28.47 4.90 36.91
CA ILE A 3659 -28.71 5.04 38.34
C ILE A 3659 -28.14 3.82 39.07
N TRP A 3660 -27.45 2.96 38.34
CA TRP A 3660 -26.87 1.76 38.94
C TRP A 3660 -25.61 2.13 39.71
N THR A 3661 -25.51 1.62 40.94
CA THR A 3661 -24.36 1.89 41.79
C THR A 3661 -23.44 0.68 41.87
N SER A 3676 -47.00 -4.21 63.83
CA SER A 3676 -48.32 -4.30 63.23
C SER A 3676 -49.41 -4.16 64.27
N THR A 3677 -50.63 -4.56 63.91
CA THR A 3677 -51.77 -4.50 64.82
C THR A 3677 -52.01 -5.83 65.50
N ALA A 3678 -52.82 -6.68 64.88
CA ALA A 3678 -53.13 -8.00 65.42
C ALA A 3678 -53.34 -8.96 64.26
N TYR A 3679 -53.98 -10.10 64.53
CA TYR A 3679 -54.23 -11.09 63.49
C TYR A 3679 -55.55 -10.80 62.79
N ASN A 3680 -56.66 -11.13 63.45
CA ASN A 3680 -58.01 -10.92 62.91
C ASN A 3680 -58.18 -11.63 61.56
N ASN A 3681 -57.89 -12.93 61.55
CA ASN A 3681 -58.02 -13.72 60.33
C ASN A 3681 -59.46 -14.13 60.09
N SER A 3682 -59.79 -14.35 58.82
CA SER A 3682 -61.14 -14.74 58.41
C SER A 3682 -61.25 -16.24 58.17
N THR A 3683 -60.36 -17.03 58.77
CA THR A 3683 -60.37 -18.48 58.63
C THR A 3683 -60.31 -18.90 57.16
N LEU A 3684 -61.48 -19.10 56.56
CA LEU A 3684 -61.54 -19.50 55.15
C LEU A 3684 -62.81 -18.96 54.50
N ASP A 3685 -63.36 -19.71 53.53
CA ASP A 3685 -64.56 -19.34 52.80
C ASP A 3685 -64.40 -17.98 52.14
N PRO A 3686 -65.14 -16.96 52.59
CA PRO A 3686 -65.00 -15.64 51.97
C PRO A 3686 -63.80 -14.89 52.52
N ALA A 3687 -63.06 -14.25 51.60
CA ALA A 3687 -61.88 -13.49 51.93
C ALA A 3687 -61.88 -12.14 51.22
N VAL A 3688 -63.06 -11.53 51.11
CA VAL A 3688 -63.21 -10.24 50.44
C VAL A 3688 -63.75 -9.23 51.44
N LYS A 3689 -63.43 -9.41 52.72
CA LYS A 3689 -63.88 -8.50 53.77
C LYS A 3689 -62.83 -8.21 54.83
N ALA A 3690 -61.61 -8.72 54.69
CA ALA A 3690 -60.56 -8.48 55.67
C ALA A 3690 -59.64 -7.36 55.18
N GLY A 3691 -60.22 -6.16 55.11
CA GLY A 3691 -59.48 -5.00 54.65
C GLY A 3691 -59.20 -4.00 55.76
N ALA A 3692 -58.30 -4.36 56.66
CA ALA A 3692 -57.93 -3.48 57.77
C ALA A 3692 -56.96 -2.42 57.30
N PRO A 3693 -57.41 -1.18 57.11
CA PRO A 3693 -56.50 -0.12 56.66
C PRO A 3693 -56.05 0.78 57.80
N ILE A 3694 -54.87 0.52 58.35
CA ILE A 3694 -54.34 1.32 59.44
C ILE A 3694 -53.64 2.55 58.88
N PHE A 3695 -53.91 3.70 59.49
CA PHE A 3695 -53.32 4.98 59.09
C PHE A 3695 -52.76 5.65 60.34
N TYR A 3696 -51.48 5.37 60.64
CA TYR A 3696 -50.82 5.94 61.80
C TYR A 3696 -49.39 6.31 61.40
N ASN A 3697 -49.06 7.60 61.52
CA ASN A 3697 -47.74 8.08 61.17
C ASN A 3697 -46.79 7.83 62.34
N THR A 3698 -45.68 7.13 62.06
CA THR A 3698 -44.69 6.82 63.08
C THR A 3698 -43.31 6.77 62.43
N GLU A 3699 -42.35 7.44 63.06
CA GLU A 3699 -40.97 7.50 62.57
C GLU A 3699 -40.91 8.01 61.15
N SER A 3700 -40.71 7.11 60.19
CA SER A 3700 -40.63 7.44 58.77
C SER A 3700 -39.55 8.49 58.51
N VAL A 3701 -39.97 9.75 58.35
CA VAL A 3701 -39.06 10.87 58.09
C VAL A 3701 -38.23 10.59 56.84
N PRO A 3702 -36.92 10.92 56.87
CA PRO A 3702 -36.06 10.66 55.69
C PRO A 3702 -36.64 11.18 54.38
N PHE A 3703 -36.92 12.49 54.32
CA PHE A 3703 -37.49 13.12 53.14
C PHE A 3703 -37.04 14.59 53.14
N ARG A 3704 -35.75 14.80 52.89
CA ARG A 3704 -35.18 16.14 52.85
C ARG A 3704 -34.03 16.23 51.86
N LEU A 3705 -33.01 17.02 52.18
CA LEU A 3705 -31.82 17.21 51.35
C LEU A 3705 -32.30 17.76 50.00
N THR A 3706 -31.89 17.17 48.88
CA THR A 3706 -32.31 17.66 47.57
C THR A 3706 -33.45 16.81 47.04
N PRO A 3707 -34.54 17.40 46.51
CA PRO A 3707 -35.04 18.76 46.23
C PRO A 3707 -34.00 19.68 45.58
N ASN A 3708 -33.82 20.87 46.17
CA ASN A 3708 -32.87 21.87 45.67
C ASN A 3708 -33.14 22.20 44.21
N ILE A 3709 -32.48 21.49 43.29
CA ILE A 3709 -32.66 21.72 41.86
C ILE A 3709 -33.55 20.64 41.28
N GLN A 3710 -34.64 20.31 41.99
CA GLN A 3710 -35.55 19.28 41.51
C GLN A 3710 -36.43 19.80 40.38
N LYS A 3711 -36.90 21.04 40.47
CA LYS A 3711 -37.74 21.64 39.46
C LYS A 3711 -36.95 22.35 38.37
N PHE A 3712 -35.63 22.43 38.50
CA PHE A 3712 -34.78 23.07 37.51
C PHE A 3712 -33.70 22.18 36.95
N ILE A 3713 -33.58 20.94 37.45
CA ILE A 3713 -32.55 20.03 36.95
C ILE A 3713 -32.94 19.41 35.60
N GLY A 3714 -34.22 19.38 35.27
CA GLY A 3714 -34.67 18.81 34.01
C GLY A 3714 -34.97 19.86 32.96
N GLU A 3715 -36.25 20.03 32.66
CA GLU A 3715 -36.68 21.01 31.65
C GLU A 3715 -38.07 21.50 32.04
N ALA A 3716 -38.13 22.69 32.64
CA ALA A 3716 -39.38 23.31 33.07
C ALA A 3716 -40.15 22.38 34.03
N GLY A 3717 -39.45 21.89 35.04
CA GLY A 3717 -40.05 21.00 36.02
C GLY A 3717 -40.22 19.59 35.50
N LEU A 3718 -41.47 19.19 35.26
CA LEU A 3718 -41.76 17.84 34.77
C LEU A 3718 -42.51 17.90 33.44
N GLU A 3719 -41.95 18.62 32.47
CA GLU A 3719 -42.59 18.74 31.16
C GLU A 3719 -42.37 17.48 30.33
N GLY A 3720 -41.12 17.11 30.09
CA GLY A 3720 -40.81 15.93 29.31
C GLY A 3720 -40.88 14.61 30.07
N ILE A 3721 -40.98 14.67 31.40
CA ILE A 3721 -41.06 13.45 32.20
C ILE A 3721 -42.49 12.93 32.35
N LEU A 3722 -43.50 13.75 32.05
CA LEU A 3722 -44.88 13.32 32.18
C LEU A 3722 -45.29 12.40 31.04
N SER A 3723 -44.69 12.54 29.87
CA SER A 3723 -45.04 11.69 28.73
C SER A 3723 -44.43 10.30 28.88
N VAL A 3724 -43.15 10.22 29.21
CA VAL A 3724 -42.51 8.92 29.38
C VAL A 3724 -42.90 8.27 30.71
N TYR A 3725 -43.11 9.08 31.75
CA TYR A 3725 -43.48 8.52 33.04
C TYR A 3725 -44.96 8.13 33.08
N ILE A 3726 -45.83 8.95 32.50
CA ILE A 3726 -47.26 8.64 32.49
C ILE A 3726 -47.56 7.58 31.44
N LEU A 3727 -46.86 7.62 30.30
CA LEU A 3727 -47.10 6.64 29.25
C LEU A 3727 -46.46 5.30 29.58
N VAL A 3728 -45.25 5.31 30.13
CA VAL A 3728 -44.58 4.06 30.48
C VAL A 3728 -45.15 3.48 31.77
N ILE A 3729 -45.56 4.33 32.71
CA ILE A 3729 -46.10 3.83 33.96
C ILE A 3729 -47.57 3.46 33.82
N ALA A 3730 -48.30 4.15 32.94
CA ALA A 3730 -49.72 3.87 32.73
C ALA A 3730 -49.97 2.89 31.59
N ASN A 3731 -48.94 2.57 30.80
CA ASN A 3731 -49.12 1.63 29.70
C ASN A 3731 -49.18 0.18 30.16
N SER A 3732 -48.65 -0.12 31.34
CA SER A 3732 -48.66 -1.48 31.88
C SER A 3732 -49.73 -1.58 32.97
N LEU A 3733 -49.56 -2.55 33.87
CA LEU A 3733 -50.50 -2.79 34.98
C LEU A 3733 -51.92 -3.00 34.48
N SER A 3734 -52.06 -3.81 33.43
CA SER A 3734 -53.38 -4.10 32.85
C SER A 3734 -53.39 -5.49 32.23
N ASP A 3735 -52.30 -5.87 31.56
CA ASP A 3735 -52.21 -7.17 30.92
C ASP A 3735 -50.76 -7.63 30.94
N SER A 3736 -50.54 -8.88 30.55
CA SER A 3736 -49.21 -9.49 30.49
C SER A 3736 -48.53 -9.43 31.85
N GLU A 3737 -49.22 -9.93 32.88
CA GLU A 3737 -48.68 -9.93 34.23
C GLU A 3737 -47.66 -11.06 34.42
N PHE A 3738 -48.11 -12.31 34.25
CA PHE A 3738 -47.25 -13.48 34.40
C PHE A 3738 -46.57 -13.51 35.75
N ASP A 3739 -45.39 -12.92 35.85
CA ASP A 3739 -44.64 -12.89 37.11
C ASP A 3739 -45.25 -11.83 38.01
N MET A 3740 -46.03 -12.27 39.00
CA MET A 3740 -46.67 -11.36 39.94
C MET A 3740 -46.85 -12.02 41.29
N GLU A 3741 -47.58 -13.14 41.33
CA GLU A 3741 -47.80 -13.83 42.60
C GLU A 3741 -46.57 -14.60 43.04
N GLN A 3742 -45.73 -15.05 42.10
CA GLN A 3742 -44.53 -15.79 42.46
C GLN A 3742 -43.44 -14.86 42.98
N TYR A 3743 -43.23 -13.73 42.30
CA TYR A 3743 -42.21 -12.77 42.74
C TYR A 3743 -42.69 -11.98 43.95
N LEU A 3744 -43.97 -11.62 43.98
CA LEU A 3744 -44.50 -10.84 45.11
C LEU A 3744 -44.68 -11.71 46.34
N SER A 3745 -45.21 -12.92 46.17
CA SER A 3745 -45.42 -13.82 47.31
C SER A 3745 -44.10 -14.44 47.78
N LEU A 3746 -43.22 -14.80 46.84
CA LEU A 3746 -41.94 -15.40 47.22
C LEU A 3746 -40.97 -14.36 47.73
N PHE A 3747 -41.01 -13.13 47.20
CA PHE A 3747 -40.10 -12.08 47.65
C PHE A 3747 -40.62 -11.37 48.90
N VAL A 3748 -41.94 -11.33 49.09
CA VAL A 3748 -42.51 -10.67 50.25
C VAL A 3748 -42.77 -11.63 51.41
N ARG A 3749 -42.86 -12.93 51.14
CA ARG A 3749 -43.10 -13.93 52.17
C ARG A 3749 -41.84 -14.76 52.34
N ASP A 3750 -41.31 -14.81 53.56
CA ASP A 3750 -41.90 -14.08 54.68
C ASP A 3750 -41.12 -12.81 55.00
N GLU A 3751 -41.36 -12.24 56.17
CA GLU A 3751 -40.68 -11.03 56.58
C GLU A 3751 -39.27 -11.34 57.07
N VAL A 3752 -38.35 -10.41 56.82
CA VAL A 3752 -36.95 -10.53 57.22
C VAL A 3752 -36.61 -9.35 58.13
N ILE A 3753 -36.17 -9.65 59.34
CA ILE A 3753 -36.01 -11.03 59.80
C ILE A 3753 -37.09 -11.38 60.82
N SER A 3754 -36.70 -12.17 61.83
CA SER A 3754 -37.60 -12.61 62.90
C SER A 3754 -38.81 -13.34 62.33
N TRP A 3755 -38.55 -14.57 61.90
CA TRP A 3755 -39.59 -15.43 61.32
C TRP A 3755 -40.42 -16.00 62.45
N PHE A 3756 -41.46 -15.26 62.84
CA PHE A 3756 -42.35 -15.70 63.91
C PHE A 3756 -43.80 -15.35 63.59
N ALA A 3757 -44.09 -14.06 63.45
CA ALA A 3757 -45.45 -13.63 63.14
C ALA A 3757 -45.80 -13.91 61.67
N GLN A 3758 -44.85 -13.69 60.76
CA GLN A 3758 -45.12 -13.93 59.35
C GLN A 3758 -45.11 -15.42 59.02
N GLN A 3759 -44.16 -16.17 59.59
CA GLN A 3759 -44.10 -17.61 59.34
C GLN A 3759 -45.17 -18.38 60.08
N HIS A 3760 -45.53 -17.92 61.28
CA HIS A 3760 -46.55 -18.59 62.08
C HIS A 3760 -47.96 -18.12 61.76
N ARG A 3761 -48.12 -16.94 61.16
CA ARG A 3761 -49.44 -16.42 60.81
C ARG A 3761 -49.76 -16.52 59.33
N ALA A 3762 -48.76 -16.63 58.47
CA ALA A 3762 -48.97 -16.72 57.02
C ALA A 3762 -49.12 -18.16 56.54
N SER A 3763 -49.05 -19.14 57.43
CA SER A 3763 -49.18 -20.55 57.07
C SER A 3763 -50.62 -20.99 57.36
N ALA A 3764 -51.51 -20.70 56.41
CA ALA A 3764 -52.92 -21.04 56.52
C ALA A 3764 -53.26 -22.13 55.50
N GLN A 3765 -54.56 -22.31 55.26
CA GLN A 3765 -55.05 -23.31 54.31
C GLN A 3765 -56.19 -22.72 53.50
N THR A 3766 -55.98 -21.54 52.94
CA THR A 3766 -56.99 -20.86 52.13
C THR A 3766 -56.34 -20.44 50.81
N ASN A 3767 -56.90 -19.42 50.18
CA ASN A 3767 -56.38 -18.92 48.91
C ASN A 3767 -55.31 -17.86 49.14
N GLN A 3768 -55.66 -16.60 48.93
CA GLN A 3768 -54.74 -15.50 49.12
C GLN A 3768 -54.79 -14.99 50.56
N LEU A 3769 -53.64 -14.49 51.04
CA LEU A 3769 -53.52 -13.97 52.39
C LEU A 3769 -53.27 -12.46 52.39
N ARG A 3770 -53.81 -11.76 51.40
CA ARG A 3770 -53.68 -10.30 51.26
C ARG A 3770 -52.18 -9.99 51.16
N GLU A 3771 -51.65 -9.08 51.99
CA GLU A 3771 -50.24 -8.71 51.96
C GLU A 3771 -49.80 -8.25 50.58
N ILE A 3772 -49.35 -9.20 49.74
CA ILE A 3772 -48.91 -8.84 48.40
C ILE A 3772 -50.10 -8.55 47.50
N VAL A 3773 -51.21 -9.25 47.70
CA VAL A 3773 -52.40 -9.01 46.88
C VAL A 3773 -53.09 -7.71 47.28
N ARG A 3774 -53.11 -7.42 48.58
CA ARG A 3774 -53.74 -6.19 49.05
C ARG A 3774 -52.88 -4.97 48.80
N VAL A 3775 -51.55 -5.11 48.94
CA VAL A 3775 -50.66 -3.99 48.72
C VAL A 3775 -50.47 -3.74 47.22
N ASN A 3776 -50.35 -4.80 46.43
CA ASN A 3776 -50.18 -4.64 44.99
C ASN A 3776 -51.49 -4.26 44.32
N VAL A 3777 -52.61 -4.86 44.75
CA VAL A 3777 -53.90 -4.53 44.15
C VAL A 3777 -54.38 -3.17 44.62
N GLU A 3778 -54.11 -2.82 45.88
CA GLU A 3778 -54.54 -1.52 46.40
C GLU A 3778 -53.65 -0.39 45.88
N LEU A 3779 -52.35 -0.63 45.77
CA LEU A 3779 -51.44 0.40 45.27
C LEU A 3779 -51.54 0.56 43.76
N LEU A 3780 -51.64 -0.56 43.03
CA LEU A 3780 -51.75 -0.50 41.58
C LEU A 3780 -53.14 -0.05 41.14
N THR A 3781 -54.19 -0.55 41.81
CA THR A 3781 -55.54 -0.16 41.45
C THR A 3781 -55.87 1.24 41.93
N LYS A 3782 -55.38 1.63 43.11
CA LYS A 3782 -55.65 2.96 43.63
C LYS A 3782 -54.74 4.02 42.99
N ARG A 3783 -53.56 3.61 42.52
CA ARG A 3783 -52.64 4.55 41.90
C ARG A 3783 -52.78 4.61 40.38
N VAL A 3784 -53.39 3.60 39.77
CA VAL A 3784 -53.57 3.56 38.32
C VAL A 3784 -55.06 3.58 38.00
N LEU A 3785 -55.73 4.67 38.36
CA LEU A 3785 -57.16 4.81 38.10
C LEU A 3785 -57.47 6.26 37.75
N GLN A 3786 -58.10 6.48 36.61
CA GLN A 3786 -58.49 5.39 35.72
C GLN A 3786 -57.85 5.54 34.34
N LEU A 3787 -58.50 4.98 33.33
CA LEU A 3787 -58.00 5.05 31.95
C LEU A 3787 -59.06 5.41 30.92
N ASN A 3788 -60.34 5.23 31.22
CA ASN A 3788 -61.40 5.55 30.27
C ASN A 3788 -62.59 6.12 31.04
N HIS A 3789 -63.35 6.97 30.35
CA HIS A 3789 -64.52 7.60 30.95
C HIS A 3789 -65.58 7.89 29.89
N ILE A 3790 -66.34 8.97 30.09
CA ILE A 3790 -67.39 9.36 29.15
C ILE A 3790 -66.79 10.25 28.08
N PRO A 3791 -66.30 11.44 28.43
CA PRO A 3791 -65.71 12.32 27.41
C PRO A 3791 -64.19 12.36 27.49
N ASN A 3792 -63.58 11.20 27.71
CA ASN A 3792 -62.12 11.05 27.80
C ASN A 3792 -61.56 11.96 28.90
N SER A 3793 -62.08 11.78 30.11
CA SER A 3793 -61.68 12.55 31.29
C SER A 3793 -61.25 11.56 32.37
N GLN A 3794 -60.03 11.04 32.23
CA GLN A 3794 -59.47 10.09 33.17
C GLN A 3794 -58.35 10.73 33.97
N ASN A 3795 -58.14 10.24 35.18
CA ASN A 3795 -57.10 10.76 36.06
C ASN A 3795 -55.74 10.24 35.62
N VAL A 3796 -54.77 11.15 35.50
CA VAL A 3796 -53.40 10.84 35.09
C VAL A 3796 -53.41 10.18 33.71
N ALA A 3797 -53.31 10.96 32.61
CA ALA A 3797 -53.16 12.42 32.53
C ALA A 3797 -52.00 13.00 33.36
N THR A 3798 -52.23 14.17 33.97
CA THR A 3798 -51.23 14.84 34.78
C THR A 3798 -51.61 14.86 36.26
N GLN A 3799 -52.43 13.91 36.71
CA GLN A 3799 -52.82 13.88 38.11
C GLN A 3799 -51.69 13.35 38.99
N PHE A 3800 -50.89 12.42 38.47
CA PHE A 3800 -49.79 11.87 39.25
C PHE A 3800 -48.61 12.83 39.30
N VAL A 3801 -48.34 13.53 38.18
CA VAL A 3801 -47.22 14.47 38.17
C VAL A 3801 -47.61 15.77 38.88
N LEU A 3802 -48.86 16.21 38.73
CA LEU A 3802 -49.29 17.44 39.39
C LEU A 3802 -49.53 17.21 40.88
N ASN A 3803 -50.10 16.06 41.25
CA ASN A 3803 -50.34 15.77 42.65
C ASN A 3803 -49.06 15.37 43.36
N LEU A 3804 -48.16 14.67 42.67
CA LEU A 3804 -46.90 14.27 43.28
C LEU A 3804 -45.91 15.43 43.36
N ILE A 3805 -45.86 16.26 42.31
CA ILE A 3805 -44.94 17.40 42.32
C ILE A 3805 -45.47 18.50 43.22
N SER A 3806 -46.79 18.74 43.18
CA SER A 3806 -47.37 19.78 44.03
C SER A 3806 -47.48 19.34 45.48
N GLN A 3807 -47.61 18.04 45.72
CA GLN A 3807 -47.71 17.50 47.07
C GLN A 3807 -46.38 16.95 47.59
N ALA A 3808 -45.30 17.09 46.83
CA ALA A 3808 -43.99 16.62 47.25
C ALA A 3808 -42.86 17.62 47.04
N VAL A 3809 -43.12 18.73 46.35
CA VAL A 3809 -42.09 19.74 46.11
C VAL A 3809 -42.58 21.10 46.56
N ASN A 3810 -42.58 21.33 47.87
CA ASN A 3810 -43.04 22.61 48.42
C ASN A 3810 -42.32 22.90 49.73
N PRO A 3811 -42.97 23.56 50.68
CA PRO A 3811 -42.30 23.85 51.96
C PRO A 3811 -42.77 22.94 53.09
N ARG A 3812 -44.08 22.90 53.32
CA ARG A 3812 -44.61 22.05 54.38
C ARG A 3812 -44.57 20.58 53.99
N ASN A 3813 -44.70 20.26 52.71
CA ASN A 3813 -44.65 18.87 52.28
C ASN A 3813 -43.23 18.33 52.31
N LEU A 3814 -42.24 19.16 51.97
CA LEU A 3814 -40.85 18.72 52.00
C LEU A 3814 -40.23 18.83 53.38
N ALA A 3815 -40.75 19.70 54.24
CA ALA A 3815 -40.21 19.86 55.58
C ALA A 3815 -40.94 19.02 56.62
N TYR A 3816 -42.18 18.61 56.35
CA TYR A 3816 -42.97 17.80 57.27
C TYR A 3816 -42.93 16.32 56.92
N THR A 3817 -42.04 15.91 56.03
CA THR A 3817 -41.90 14.51 55.59
C THR A 3817 -43.24 14.06 55.00
N ASP A 3818 -43.68 12.83 55.29
CA ASP A 3818 -44.95 12.29 54.80
C ASP A 3818 -45.02 12.35 53.27
N SER A 3819 -44.01 11.75 52.62
CA SER A 3819 -43.95 11.73 51.18
C SER A 3819 -44.88 10.67 50.61
N ALA A 3820 -44.48 9.40 50.70
CA ALA A 3820 -45.27 8.28 50.20
C ALA A 3820 -46.05 7.60 51.32
N TRP A 3821 -46.62 8.39 52.24
CA TRP A 3821 -47.39 7.88 53.36
C TRP A 3821 -46.58 6.88 54.19
N MET A 3822 -45.43 7.36 54.66
CA MET A 3822 -44.51 6.57 55.48
C MET A 3822 -44.09 5.29 54.76
N ALA A 3823 -43.56 5.46 53.55
CA ALA A 3823 -43.07 4.39 52.68
C ALA A 3823 -44.15 3.38 52.30
N TYR A 3824 -45.43 3.74 52.54
CA TYR A 3824 -46.68 3.06 52.14
C TYR A 3824 -47.48 2.54 53.33
N LEU A 3825 -46.95 1.69 54.22
CA LEU A 3825 -45.59 1.13 54.20
C LEU A 3825 -45.57 -0.27 53.59
#